data_1AP8
#
_entry.id   1AP8
#
_cell.length_a   1.000
_cell.length_b   1.000
_cell.length_c   1.000
_cell.angle_alpha   90.00
_cell.angle_beta   90.00
_cell.angle_gamma   90.00
#
_symmetry.space_group_name_H-M   'P 1'
#
loop_
_entity.id
_entity.type
_entity.pdbx_description
1 polymer 'TRANSLATION INITIATION FACTOR EIF4E'
2 non-polymer "7N-METHYL-8-HYDROGUANOSINE-5'-DIPHOSPHATE"
#
_entity_poly.entity_id   1
_entity_poly.type   'polypeptide(L)'
_entity_poly.pdbx_seq_one_letter_code
;MSVEEVSKKFEENVSVDDTTATPKTVLSDSAHFDVKHPLNTKWTLWYTKPAVDKSESWSDLLRPVTSFQTVEEFWAIIQN
IPEPHELPLKSDYHVFRNDVRPEWEDEANAKGGKWSFQLRGKGADIDELWLRTLLAVIGETIDEDDSQINGVVLSIRKGG
NKFALWTKSEDKEPLLRIGGKFKQVLKLTDDGHLEFFPHSSANGRHPQPSITL
;
_entity_poly.pdbx_strand_id   A
#
# COMPACT_ATOMS: atom_id res chain seq x y z
N MET A 1 -50.10 -6.19 6.22
CA MET A 1 -50.37 -5.80 4.81
C MET A 1 -49.43 -4.68 4.37
N SER A 2 -49.67 -4.07 3.24
CA SER A 2 -48.79 -2.97 2.76
C SER A 2 -49.51 -1.62 2.87
N VAL A 3 -49.11 -0.80 3.80
CA VAL A 3 -49.78 0.52 3.96
C VAL A 3 -48.73 1.63 4.11
N GLU A 4 -48.92 2.73 3.45
CA GLU A 4 -47.93 3.85 3.56
C GLU A 4 -48.66 5.20 3.47
N GLU A 5 -48.33 6.11 4.35
CA GLU A 5 -49.01 7.44 4.32
C GLU A 5 -48.80 8.11 2.96
N VAL A 6 -49.32 9.30 2.79
CA VAL A 6 -49.15 10.00 1.49
C VAL A 6 -48.82 11.47 1.72
N SER A 7 -47.67 11.76 2.26
CA SER A 7 -47.28 13.17 2.50
C SER A 7 -46.05 13.54 1.68
N LYS A 8 -44.98 12.80 1.82
CA LYS A 8 -43.76 13.11 1.04
C LYS A 8 -43.20 14.48 1.43
N LYS A 9 -41.92 14.56 1.70
CA LYS A 9 -41.33 15.86 2.10
C LYS A 9 -40.29 16.30 1.06
N PHE A 10 -40.71 16.92 0.00
CA PHE A 10 -39.75 17.37 -1.05
C PHE A 10 -39.45 18.86 -0.90
N GLU A 11 -38.52 19.21 -0.04
CA GLU A 11 -38.19 20.65 0.15
C GLU A 11 -36.75 20.80 0.66
N GLU A 12 -35.82 20.16 0.01
CA GLU A 12 -34.40 20.27 0.46
C GLU A 12 -33.52 20.79 -0.68
N ASN A 13 -33.89 21.89 -1.28
CA ASN A 13 -33.08 22.44 -2.40
C ASN A 13 -31.85 23.18 -1.85
N VAL A 14 -30.74 22.51 -1.76
CA VAL A 14 -29.52 23.18 -1.24
C VAL A 14 -28.31 22.87 -2.13
N SER A 15 -28.47 23.04 -3.42
CA SER A 15 -27.33 22.76 -4.35
C SER A 15 -26.19 23.75 -4.10
N VAL A 16 -26.48 25.01 -4.10
CA VAL A 16 -25.40 26.02 -3.87
C VAL A 16 -25.78 26.94 -2.70
N ASP A 17 -26.75 26.54 -1.92
CA ASP A 17 -27.16 27.40 -0.76
C ASP A 17 -26.57 26.85 0.54
N ASP A 18 -25.35 26.39 0.50
CA ASP A 18 -24.72 25.86 1.74
C ASP A 18 -25.59 24.75 2.33
N THR A 19 -25.06 23.98 3.23
CA THR A 19 -25.86 22.88 3.86
C THR A 19 -26.68 23.43 5.03
N THR A 20 -27.83 23.98 4.75
CA THR A 20 -28.68 24.53 5.84
C THR A 20 -29.13 23.40 6.78
N ALA A 21 -28.93 22.18 6.38
CA ALA A 21 -29.33 21.04 7.26
C ALA A 21 -28.39 20.92 8.45
N THR A 22 -28.29 21.95 9.25
CA THR A 22 -27.38 21.89 10.44
C THR A 22 -28.02 21.04 11.54
N PRO A 23 -29.16 21.48 12.00
CA PRO A 23 -29.88 20.75 13.08
C PRO A 23 -30.48 19.45 12.53
N LYS A 24 -30.52 19.29 11.23
CA LYS A 24 -31.09 18.06 10.65
C LYS A 24 -29.99 17.23 9.98
N THR A 25 -29.41 16.30 10.69
CA THR A 25 -28.33 15.46 10.10
C THR A 25 -28.69 13.98 10.21
N VAL A 26 -28.11 13.15 9.39
CA VAL A 26 -28.41 11.70 9.46
C VAL A 26 -27.43 10.99 10.41
N LEU A 27 -26.36 11.66 10.77
CA LEU A 27 -25.38 11.03 11.69
C LEU A 27 -24.31 12.05 12.11
N SER A 28 -24.55 12.77 13.17
CA SER A 28 -23.55 13.77 13.63
C SER A 28 -22.40 13.09 14.37
N ASP A 29 -21.62 12.29 13.68
CA ASP A 29 -20.49 11.60 14.35
C ASP A 29 -19.25 11.62 13.47
N SER A 30 -18.10 11.92 14.03
CA SER A 30 -16.86 11.96 13.21
C SER A 30 -15.63 11.79 14.12
N ALA A 31 -15.48 10.65 14.72
CA ALA A 31 -14.30 10.44 15.62
C ALA A 31 -13.01 10.84 14.90
N HIS A 32 -12.54 10.02 13.99
CA HIS A 32 -11.29 10.37 13.27
C HIS A 32 -10.19 10.77 14.25
N PHE A 33 -9.26 11.58 13.83
CA PHE A 33 -8.16 12.01 14.74
C PHE A 33 -7.53 10.80 15.43
N ASP A 34 -7.09 9.83 14.67
CA ASP A 34 -6.47 8.63 15.29
C ASP A 34 -4.95 8.68 15.13
N VAL A 35 -4.44 8.21 14.03
CA VAL A 35 -2.95 8.23 13.80
C VAL A 35 -2.22 7.47 14.93
N LYS A 36 -2.93 6.73 15.72
CA LYS A 36 -2.28 5.96 16.82
C LYS A 36 -2.33 4.46 16.51
N HIS A 37 -2.96 4.10 15.44
CA HIS A 37 -3.07 2.66 15.05
C HIS A 37 -4.12 2.53 13.94
N PRO A 38 -5.33 2.94 14.23
CA PRO A 38 -6.40 2.89 13.21
C PRO A 38 -6.31 4.12 12.30
N LEU A 39 -6.28 3.94 11.01
CA LEU A 39 -6.21 5.12 10.10
C LEU A 39 -7.62 5.53 9.66
N ASN A 40 -8.01 5.19 8.47
CA ASN A 40 -9.37 5.56 8.01
C ASN A 40 -9.70 4.84 6.70
N THR A 41 -9.07 3.71 6.45
CA THR A 41 -9.36 2.97 5.19
C THR A 41 -9.38 1.46 5.44
N LYS A 42 -9.91 0.73 4.52
CA LYS A 42 -9.95 -0.75 4.65
C LYS A 42 -8.90 -1.38 3.74
N TRP A 43 -8.10 -2.27 4.25
CA TRP A 43 -7.06 -2.91 3.40
C TRP A 43 -6.80 -4.33 3.87
N THR A 44 -6.97 -5.29 2.99
CA THR A 44 -6.73 -6.70 3.37
C THR A 44 -5.24 -7.00 3.27
N LEU A 45 -4.81 -8.07 3.86
CA LEU A 45 -3.38 -8.39 3.86
C LEU A 45 -3.12 -9.76 3.22
N TRP A 46 -2.80 -9.78 1.95
CA TRP A 46 -2.52 -11.08 1.27
C TRP A 46 -1.02 -11.20 0.98
N TYR A 47 -0.34 -12.11 1.62
CA TYR A 47 1.12 -12.25 1.35
C TYR A 47 1.43 -13.64 0.80
N THR A 48 2.41 -13.74 -0.06
CA THR A 48 2.76 -15.06 -0.64
C THR A 48 4.14 -15.49 -0.12
N LYS A 49 4.22 -16.69 0.38
CA LYS A 49 5.53 -17.18 0.92
C LYS A 49 6.18 -18.16 -0.06
N PRO A 50 5.56 -19.30 -0.25
CA PRO A 50 6.13 -20.31 -1.16
C PRO A 50 5.95 -19.89 -2.63
N ALA A 51 6.03 -20.83 -3.53
CA ALA A 51 5.88 -20.51 -4.97
C ALA A 51 5.66 -21.80 -5.76
N VAL A 52 5.18 -22.80 -5.09
CA VAL A 52 4.93 -24.11 -5.74
C VAL A 52 3.85 -24.03 -6.82
N ASP A 53 3.26 -22.87 -7.00
CA ASP A 53 2.18 -22.72 -8.02
C ASP A 53 2.53 -23.55 -9.26
N LYS A 54 3.78 -23.72 -9.51
CA LYS A 54 4.20 -24.54 -10.68
C LYS A 54 3.35 -25.79 -10.74
N SER A 55 3.11 -26.36 -9.59
CA SER A 55 2.29 -27.60 -9.51
C SER A 55 1.09 -27.33 -8.60
N GLU A 56 1.18 -26.32 -7.77
CA GLU A 56 0.04 -26.00 -6.86
C GLU A 56 -0.79 -24.87 -7.48
N SER A 57 -0.72 -23.68 -6.95
CA SER A 57 -1.50 -22.56 -7.53
C SER A 57 -1.07 -21.25 -6.89
N TRP A 58 -0.76 -20.26 -7.69
CA TRP A 58 -0.36 -18.96 -7.11
C TRP A 58 -1.38 -18.56 -6.05
N SER A 59 -2.60 -19.02 -6.21
CA SER A 59 -3.66 -18.69 -5.22
C SER A 59 -3.60 -19.69 -4.05
N ASP A 60 -2.93 -20.79 -4.25
CA ASP A 60 -2.82 -21.79 -3.16
C ASP A 60 -1.73 -21.37 -2.19
N LEU A 61 -0.87 -20.49 -2.63
CA LEU A 61 0.22 -20.00 -1.75
C LEU A 61 -0.21 -18.70 -1.09
N LEU A 62 -0.44 -17.71 -1.89
CA LEU A 62 -0.89 -16.39 -1.34
C LEU A 62 -1.85 -16.59 -0.18
N ARG A 63 -1.52 -16.06 0.97
CA ARG A 63 -2.42 -16.21 2.15
C ARG A 63 -3.09 -14.88 2.45
N PRO A 64 -4.36 -14.79 2.11
CA PRO A 64 -5.12 -13.56 2.37
C PRO A 64 -5.51 -13.50 3.84
N VAL A 65 -5.23 -12.41 4.50
CA VAL A 65 -5.55 -12.35 5.95
C VAL A 65 -5.85 -10.91 6.42
N THR A 66 -5.29 -10.55 7.56
CA THR A 66 -5.49 -9.20 8.17
C THR A 66 -6.12 -8.17 7.23
N SER A 67 -7.33 -7.79 7.53
CA SER A 67 -8.01 -6.75 6.72
C SER A 67 -8.57 -5.70 7.67
N PHE A 68 -7.78 -4.71 7.97
CA PHE A 68 -8.24 -3.68 8.94
C PHE A 68 -7.97 -2.26 8.43
N GLN A 69 -8.23 -1.29 9.27
CA GLN A 69 -8.00 0.13 8.90
C GLN A 69 -7.03 0.75 9.90
N THR A 70 -5.96 0.07 10.18
CA THR A 70 -4.98 0.59 11.15
C THR A 70 -3.56 0.36 10.65
N VAL A 71 -2.60 0.49 11.51
CA VAL A 71 -1.19 0.28 11.09
C VAL A 71 -0.56 -0.83 11.94
N GLU A 72 -1.05 -1.02 13.13
CA GLU A 72 -0.49 -2.09 14.00
C GLU A 72 -0.46 -3.43 13.25
N GLU A 73 -1.56 -3.81 12.65
CA GLU A 73 -1.58 -5.10 11.90
C GLU A 73 -0.51 -5.08 10.80
N PHE A 74 -0.66 -4.21 9.84
CA PHE A 74 0.36 -4.14 8.75
C PHE A 74 1.75 -4.16 9.38
N TRP A 75 1.96 -3.36 10.38
CA TRP A 75 3.28 -3.32 11.06
C TRP A 75 3.65 -4.74 11.50
N ALA A 76 2.66 -5.55 11.77
CA ALA A 76 2.94 -6.94 12.19
C ALA A 76 3.72 -7.65 11.09
N ILE A 77 3.18 -7.70 9.90
CA ILE A 77 3.92 -8.36 8.79
C ILE A 77 5.34 -7.81 8.75
N ILE A 78 5.51 -6.57 9.13
CA ILE A 78 6.88 -5.97 9.14
C ILE A 78 7.59 -6.36 10.43
N GLN A 79 6.85 -6.55 11.48
CA GLN A 79 7.48 -6.95 12.78
C GLN A 79 8.43 -8.10 12.53
N ASN A 80 8.11 -8.93 11.58
CA ASN A 80 9.00 -10.09 11.26
C ASN A 80 10.24 -9.61 10.52
N ILE A 81 10.22 -8.36 10.11
CA ILE A 81 11.35 -7.78 9.35
C ILE A 81 12.01 -8.83 8.44
N PRO A 82 11.19 -9.53 7.67
CA PRO A 82 11.71 -10.56 6.75
C PRO A 82 11.95 -9.94 5.37
N GLU A 83 11.41 -8.78 5.16
CA GLU A 83 11.56 -8.09 3.86
C GLU A 83 12.94 -7.45 3.70
N PRO A 84 13.43 -6.82 4.74
CA PRO A 84 14.76 -6.17 4.65
C PRO A 84 15.86 -7.23 4.54
N HIS A 85 15.76 -8.10 3.58
CA HIS A 85 16.78 -9.16 3.42
C HIS A 85 16.81 -10.05 4.66
N GLU A 86 15.67 -10.53 5.08
CA GLU A 86 15.62 -11.38 6.29
C GLU A 86 14.82 -12.66 6.01
N LEU A 87 14.25 -12.77 4.85
CA LEU A 87 13.45 -13.99 4.54
C LEU A 87 14.07 -14.74 3.35
N PRO A 88 13.39 -15.78 2.92
CA PRO A 88 13.88 -16.58 1.78
C PRO A 88 13.58 -15.86 0.45
N LEU A 89 13.79 -14.57 0.40
CA LEU A 89 13.53 -13.79 -0.85
C LEU A 89 12.31 -14.34 -1.59
N LYS A 90 12.23 -14.06 -2.87
CA LYS A 90 11.07 -14.55 -3.66
C LYS A 90 9.77 -14.30 -2.92
N SER A 91 9.77 -13.34 -2.06
CA SER A 91 8.54 -13.02 -1.27
C SER A 91 7.56 -12.18 -2.09
N ASP A 92 6.36 -12.04 -1.61
CA ASP A 92 5.35 -11.21 -2.35
C ASP A 92 4.20 -10.81 -1.42
N TYR A 93 4.26 -9.65 -0.82
CA TYR A 93 3.15 -9.23 0.08
C TYR A 93 2.17 -8.32 -0.67
N HIS A 94 0.92 -8.35 -0.31
CA HIS A 94 -0.08 -7.49 -1.02
C HIS A 94 -1.15 -6.98 -0.05
N VAL A 95 -1.43 -5.71 -0.07
CA VAL A 95 -2.47 -5.15 0.84
C VAL A 95 -3.21 -4.01 0.14
N PHE A 96 -4.52 -3.98 0.20
CA PHE A 96 -5.26 -2.89 -0.49
C PHE A 96 -6.78 -3.07 -0.40
N ARG A 97 -7.52 -2.17 -1.01
CA ARG A 97 -9.01 -2.23 -0.97
C ARG A 97 -9.61 -0.88 -1.39
N ASN A 98 -8.85 0.17 -1.29
CA ASN A 98 -9.35 1.53 -1.65
C ASN A 98 -10.35 1.47 -2.80
N ASP A 99 -9.89 1.19 -3.98
CA ASP A 99 -10.82 1.16 -5.15
C ASP A 99 -10.91 -0.25 -5.75
N VAL A 100 -9.88 -1.04 -5.64
CA VAL A 100 -9.93 -2.40 -6.20
C VAL A 100 -9.48 -3.40 -5.13
N ARG A 101 -8.58 -4.33 -5.45
CA ARG A 101 -8.04 -5.35 -4.44
C ARG A 101 -8.33 -6.83 -4.82
N PRO A 102 -8.55 -7.13 -6.08
CA PRO A 102 -8.80 -8.53 -6.44
C PRO A 102 -7.46 -9.28 -6.42
N GLU A 103 -6.44 -8.67 -6.98
CA GLU A 103 -5.08 -9.32 -7.00
C GLU A 103 -4.24 -8.72 -8.13
N TRP A 104 -2.97 -8.98 -8.15
CA TRP A 104 -2.12 -8.43 -9.26
C TRP A 104 -2.78 -8.73 -10.61
N GLU A 105 -3.70 -9.66 -10.63
CA GLU A 105 -4.37 -10.03 -11.90
C GLU A 105 -5.51 -9.05 -12.20
N ASP A 106 -6.05 -8.40 -11.19
CA ASP A 106 -7.15 -7.45 -11.43
C ASP A 106 -6.89 -6.15 -10.65
N GLU A 107 -5.99 -6.16 -9.69
CA GLU A 107 -5.70 -4.91 -8.96
C GLU A 107 -5.39 -3.84 -9.98
N ALA A 108 -4.84 -4.25 -11.09
CA ALA A 108 -4.55 -3.30 -12.18
C ALA A 108 -5.88 -2.95 -12.84
N ASN A 109 -6.77 -3.91 -12.90
CA ASN A 109 -8.12 -3.65 -13.46
C ASN A 109 -8.69 -2.45 -12.74
N ALA A 110 -8.21 -2.23 -11.53
CA ALA A 110 -8.67 -1.08 -10.74
C ALA A 110 -8.68 0.18 -11.59
N LYS A 111 -7.89 0.16 -12.65
CA LYS A 111 -7.78 1.32 -13.62
C LYS A 111 -6.65 2.24 -13.20
N GLY A 112 -5.57 1.67 -12.75
CA GLY A 112 -4.41 2.50 -12.33
C GLY A 112 -3.14 2.04 -13.04
N GLY A 113 -2.37 1.19 -12.40
CA GLY A 113 -1.10 0.70 -13.03
C GLY A 113 -0.29 -0.08 -11.99
N LYS A 114 0.81 -0.67 -12.38
CA LYS A 114 1.63 -1.44 -11.40
C LYS A 114 3.08 -0.95 -11.40
N TRP A 115 3.43 -0.10 -10.47
CA TRP A 115 4.83 0.41 -10.43
C TRP A 115 5.71 -0.55 -9.62
N SER A 116 6.72 -1.10 -10.24
CA SER A 116 7.61 -2.04 -9.51
C SER A 116 9.01 -1.44 -9.33
N PHE A 117 9.79 -1.99 -8.44
CA PHE A 117 11.16 -1.45 -8.22
C PHE A 117 12.11 -2.60 -7.88
N GLN A 118 12.89 -3.05 -8.82
CA GLN A 118 13.83 -4.18 -8.56
C GLN A 118 15.12 -3.66 -7.93
N LEU A 119 15.36 -4.00 -6.69
CA LEU A 119 16.61 -3.54 -6.02
C LEU A 119 17.66 -4.64 -6.03
N ARG A 120 18.91 -4.28 -6.09
CA ARG A 120 19.99 -5.30 -6.10
C ARG A 120 20.88 -5.13 -4.85
N GLY A 121 21.53 -4.01 -4.72
CA GLY A 121 22.40 -3.79 -3.54
C GLY A 121 21.63 -4.13 -2.27
N LYS A 122 22.29 -4.73 -1.30
CA LYS A 122 21.59 -5.10 -0.04
C LYS A 122 21.77 -4.00 1.01
N GLY A 123 20.71 -3.57 1.63
CA GLY A 123 20.82 -2.51 2.66
C GLY A 123 20.51 -3.12 4.04
N ALA A 124 19.78 -4.20 4.06
CA ALA A 124 19.42 -4.87 5.36
C ALA A 124 18.32 -4.10 6.09
N ASP A 125 18.00 -2.92 5.65
CA ASP A 125 16.92 -2.13 6.33
C ASP A 125 16.23 -1.19 5.35
N ILE A 126 15.98 -1.65 4.15
CA ILE A 126 15.31 -0.78 3.15
C ILE A 126 13.81 -1.10 3.08
N ASP A 127 13.46 -2.35 3.18
CA ASP A 127 12.02 -2.73 3.11
C ASP A 127 11.26 -2.19 4.32
N GLU A 128 11.94 -1.72 5.33
CA GLU A 128 11.23 -1.19 6.52
C GLU A 128 10.82 0.26 6.27
N LEU A 129 11.66 1.00 5.59
CA LEU A 129 11.35 2.43 5.32
C LEU A 129 10.41 2.53 4.10
N TRP A 130 10.64 1.73 3.10
CA TRP A 130 9.76 1.78 1.91
C TRP A 130 8.36 1.29 2.30
N LEU A 131 8.29 0.39 3.23
CA LEU A 131 6.96 -0.12 3.68
C LEU A 131 6.25 0.96 4.48
N ARG A 132 6.89 1.50 5.48
CA ARG A 132 6.24 2.58 6.27
C ARG A 132 5.63 3.58 5.31
N THR A 133 6.18 3.66 4.12
CA THR A 133 5.63 4.61 3.12
C THR A 133 4.46 3.97 2.39
N LEU A 134 4.50 2.68 2.17
CA LEU A 134 3.37 2.01 1.46
C LEU A 134 2.22 1.78 2.44
N LEU A 135 2.48 1.07 3.50
CA LEU A 135 1.40 0.83 4.50
C LEU A 135 0.78 2.16 4.94
N ALA A 136 1.59 3.18 5.04
CA ALA A 136 1.05 4.50 5.46
C ALA A 136 0.26 5.14 4.30
N VAL A 137 0.70 4.95 3.10
CA VAL A 137 0.00 5.53 1.92
C VAL A 137 -1.46 5.04 1.85
N ILE A 138 -1.75 3.87 2.34
CA ILE A 138 -3.15 3.37 2.29
C ILE A 138 -4.09 4.41 2.88
N GLY A 139 -3.71 4.99 3.99
CA GLY A 139 -4.56 6.03 4.62
C GLY A 139 -3.70 6.90 5.52
N GLU A 140 -3.41 6.45 6.71
CA GLU A 140 -2.58 7.24 7.65
C GLU A 140 -2.85 8.73 7.48
N THR A 141 -4.07 9.04 7.15
CA THR A 141 -4.45 10.47 6.95
C THR A 141 -3.33 11.20 6.20
N ILE A 142 -2.60 10.51 5.37
CA ILE A 142 -1.49 11.15 4.62
C ILE A 142 -2.06 12.05 3.52
N ASP A 143 -3.11 11.63 2.86
CA ASP A 143 -3.70 12.45 1.78
C ASP A 143 -2.69 12.63 0.63
N GLU A 144 -3.17 12.93 -0.55
CA GLU A 144 -2.25 13.12 -1.71
C GLU A 144 -1.60 11.78 -2.09
N ASP A 145 -2.29 10.69 -1.88
CA ASP A 145 -1.72 9.37 -2.24
C ASP A 145 -2.67 8.25 -1.82
N ASP A 146 -3.22 8.33 -0.65
CA ASP A 146 -4.15 7.27 -0.17
C ASP A 146 -5.52 7.42 -0.86
N SER A 147 -5.64 8.40 -1.72
CA SER A 147 -6.95 8.59 -2.42
C SER A 147 -6.77 8.41 -3.93
N GLN A 148 -5.66 8.83 -4.47
CA GLN A 148 -5.44 8.67 -5.93
C GLN A 148 -4.95 7.25 -6.24
N ILE A 149 -4.41 6.58 -5.27
CA ILE A 149 -3.92 5.19 -5.49
C ILE A 149 -4.99 4.18 -5.08
N ASN A 150 -4.78 2.92 -5.36
CA ASN A 150 -5.80 1.89 -4.97
C ASN A 150 -5.18 0.86 -4.03
N GLY A 151 -3.96 0.47 -4.27
CA GLY A 151 -3.35 -0.55 -3.38
C GLY A 151 -1.84 -0.64 -3.62
N VAL A 152 -1.15 -1.31 -2.74
CA VAL A 152 0.32 -1.47 -2.91
C VAL A 152 0.71 -2.94 -2.79
N VAL A 153 1.95 -3.25 -3.05
CA VAL A 153 2.41 -4.65 -2.97
C VAL A 153 3.93 -4.70 -2.76
N LEU A 154 4.43 -5.83 -2.35
CA LEU A 154 5.90 -5.98 -2.13
C LEU A 154 6.32 -7.37 -2.58
N SER A 155 7.52 -7.54 -3.07
CA SER A 155 7.94 -8.91 -3.50
C SER A 155 9.46 -9.01 -3.60
N ILE A 156 10.04 -9.94 -2.91
CA ILE A 156 11.52 -10.10 -2.98
C ILE A 156 11.87 -11.23 -3.95
N ARG A 157 13.11 -11.32 -4.35
CA ARG A 157 13.51 -12.40 -5.29
C ARG A 157 15.00 -12.72 -5.11
N LYS A 158 15.48 -13.75 -5.75
CA LYS A 158 16.91 -14.11 -5.61
C LYS A 158 17.80 -12.87 -5.74
N GLY A 159 18.35 -12.40 -4.65
CA GLY A 159 19.22 -11.20 -4.71
C GLY A 159 18.58 -10.14 -5.61
N GLY A 160 17.33 -9.85 -5.39
CA GLY A 160 16.64 -8.83 -6.24
C GLY A 160 15.29 -8.47 -5.62
N ASN A 161 15.28 -7.65 -4.61
CA ASN A 161 13.99 -7.27 -3.98
C ASN A 161 13.13 -6.52 -4.99
N LYS A 162 11.84 -6.56 -4.84
CA LYS A 162 10.97 -5.85 -5.81
C LYS A 162 9.67 -5.42 -5.14
N PHE A 163 9.40 -4.15 -5.10
CA PHE A 163 8.15 -3.68 -4.47
C PHE A 163 7.14 -3.32 -5.57
N ALA A 164 5.91 -3.15 -5.24
CA ALA A 164 4.90 -2.82 -6.28
C ALA A 164 3.89 -1.80 -5.76
N LEU A 165 3.59 -0.80 -6.54
CA LEU A 165 2.60 0.23 -6.12
C LEU A 165 1.42 0.19 -7.09
N TRP A 166 0.24 -0.08 -6.61
CA TRP A 166 -0.93 -0.16 -7.54
C TRP A 166 -1.80 1.08 -7.41
N THR A 167 -1.77 1.88 -8.43
CA THR A 167 -2.57 3.13 -8.42
C THR A 167 -4.02 2.84 -8.77
N LYS A 168 -4.88 3.76 -8.47
CA LYS A 168 -6.32 3.58 -8.76
C LYS A 168 -6.69 4.29 -10.07
N SER A 169 -5.82 5.16 -10.55
CA SER A 169 -6.10 5.93 -11.83
C SER A 169 -5.40 7.30 -11.84
N GLU A 170 -4.70 7.64 -10.79
CA GLU A 170 -4.02 8.98 -10.73
C GLU A 170 -3.37 9.36 -12.07
N ASP A 171 -3.14 8.40 -12.96
CA ASP A 171 -2.51 8.70 -14.29
C ASP A 171 -0.99 8.55 -14.19
N LYS A 172 -0.40 7.98 -15.18
CA LYS A 172 1.08 7.79 -15.18
C LYS A 172 1.81 9.11 -14.97
N GLU A 173 1.19 10.21 -15.26
CA GLU A 173 1.89 11.50 -15.06
C GLU A 173 2.40 11.58 -13.62
N PRO A 174 1.48 11.60 -12.70
CA PRO A 174 1.85 11.63 -11.27
C PRO A 174 2.59 10.34 -10.89
N LEU A 175 2.56 9.33 -11.72
CA LEU A 175 3.30 8.09 -11.39
C LEU A 175 4.77 8.27 -11.75
N LEU A 176 5.06 8.57 -12.98
CA LEU A 176 6.47 8.79 -13.35
C LEU A 176 7.10 9.73 -12.33
N ARG A 177 6.27 10.54 -11.72
CA ARG A 177 6.79 11.47 -10.68
C ARG A 177 6.93 10.73 -9.36
N ILE A 178 5.90 10.04 -8.95
CA ILE A 178 5.99 9.27 -7.67
C ILE A 178 7.02 8.14 -7.84
N GLY A 179 6.85 7.31 -8.82
CA GLY A 179 7.83 6.21 -9.03
C GLY A 179 9.24 6.76 -8.91
N GLY A 180 9.50 7.89 -9.54
CA GLY A 180 10.86 8.48 -9.45
C GLY A 180 11.27 8.57 -7.97
N LYS A 181 10.48 9.23 -7.17
CA LYS A 181 10.82 9.33 -5.73
C LYS A 181 10.83 7.93 -5.09
N PHE A 182 9.74 7.22 -5.20
CA PHE A 182 9.69 5.85 -4.62
C PHE A 182 10.90 5.03 -5.10
N LYS A 183 11.44 5.39 -6.23
CA LYS A 183 12.62 4.65 -6.75
C LYS A 183 13.85 4.95 -5.87
N GLN A 184 13.95 6.15 -5.39
CA GLN A 184 15.12 6.50 -4.53
C GLN A 184 14.90 6.02 -3.11
N VAL A 185 13.71 6.12 -2.61
CA VAL A 185 13.44 5.64 -1.22
C VAL A 185 14.07 4.27 -1.01
N LEU A 186 14.15 3.49 -2.05
CA LEU A 186 14.77 2.14 -1.93
C LEU A 186 16.24 2.30 -1.57
N LYS A 187 16.75 3.49 -1.65
CA LYS A 187 18.18 3.72 -1.32
C LYS A 187 19.06 3.06 -2.38
N LEU A 188 18.65 3.09 -3.61
CA LEU A 188 19.45 2.46 -4.68
C LEU A 188 20.28 3.51 -5.43
N THR A 189 20.84 3.15 -6.55
CA THR A 189 21.66 4.10 -7.34
C THR A 189 22.34 3.38 -8.51
N ASP A 190 22.61 2.11 -8.35
CA ASP A 190 23.27 1.34 -9.45
C ASP A 190 22.74 1.76 -10.81
N ASP A 191 21.48 2.10 -10.91
CA ASP A 191 20.92 2.51 -12.21
C ASP A 191 19.44 2.88 -12.07
N GLY A 192 19.06 3.43 -10.95
CA GLY A 192 17.63 3.81 -10.75
C GLY A 192 16.72 2.68 -11.23
N HIS A 193 17.21 1.47 -11.21
CA HIS A 193 16.39 0.31 -11.67
C HIS A 193 14.95 0.46 -11.18
N LEU A 194 14.02 0.00 -11.95
CA LEU A 194 12.59 0.11 -11.57
C LEU A 194 11.71 -0.38 -12.72
N GLU A 195 10.44 -0.53 -12.50
CA GLU A 195 9.56 -0.99 -13.60
C GLU A 195 8.23 -0.23 -13.58
N PHE A 196 7.79 0.25 -14.70
CA PHE A 196 6.51 0.99 -14.76
C PHE A 196 5.57 0.30 -15.75
N PHE A 197 4.48 -0.25 -15.27
CA PHE A 197 3.54 -0.96 -16.18
C PHE A 197 2.09 -0.69 -15.78
N PRO A 198 1.28 -0.38 -16.75
CA PRO A 198 -0.15 -0.13 -16.51
C PRO A 198 -0.91 -1.46 -16.45
N HIS A 199 -2.11 -1.46 -15.93
CA HIS A 199 -2.88 -2.73 -15.86
C HIS A 199 -2.80 -3.47 -17.19
N SER A 200 -2.55 -2.76 -18.26
CA SER A 200 -2.44 -3.43 -19.59
C SER A 200 -1.44 -4.58 -19.54
N SER A 201 -0.59 -4.60 -18.55
CA SER A 201 0.41 -5.70 -18.46
C SER A 201 -0.22 -6.95 -17.85
N ALA A 202 -1.01 -6.78 -16.82
CA ALA A 202 -1.66 -7.95 -16.18
C ALA A 202 -2.98 -8.28 -16.89
N ASN A 203 -3.03 -8.12 -18.18
CA ASN A 203 -4.28 -8.42 -18.94
C ASN A 203 -4.06 -8.20 -20.44
N GLY A 204 -2.86 -8.40 -20.90
CA GLY A 204 -2.59 -8.19 -22.36
C GLY A 204 -1.71 -6.95 -22.53
N ARG A 205 -0.42 -7.09 -22.38
CA ARG A 205 0.49 -5.93 -22.54
C ARG A 205 0.69 -5.61 -24.02
N HIS A 206 -0.37 -5.42 -24.75
CA HIS A 206 -0.24 -5.11 -26.21
C HIS A 206 0.54 -3.81 -26.40
N PRO A 207 0.01 -2.75 -25.85
CA PRO A 207 0.67 -1.42 -25.96
C PRO A 207 1.92 -1.37 -25.09
N GLN A 208 2.55 -0.23 -25.01
CA GLN A 208 3.78 -0.10 -24.18
C GLN A 208 3.41 0.28 -22.74
N PRO A 209 4.15 -0.25 -21.80
CA PRO A 209 3.90 0.04 -20.38
C PRO A 209 4.35 1.47 -20.03
N SER A 210 5.55 1.62 -19.53
CA SER A 210 6.04 2.98 -19.19
C SER A 210 7.57 3.00 -19.27
N ILE A 211 8.23 2.18 -18.49
CA ILE A 211 9.72 2.17 -18.56
C ILE A 211 10.27 1.03 -17.71
N THR A 212 11.56 0.85 -17.73
CA THR A 212 12.16 -0.24 -16.92
C THR A 212 13.65 0.04 -16.72
N LEU A 213 13.99 0.55 -15.58
CA LEU A 213 15.43 0.85 -15.31
C LEU A 213 16.18 -0.43 -14.93
N MET A 1 -14.49 -3.94 60.75
CA MET A 1 -13.09 -3.46 60.79
C MET A 1 -13.03 -1.95 60.55
N SER A 2 -12.00 -1.30 61.03
CA SER A 2 -11.90 0.17 60.82
C SER A 2 -11.00 0.48 59.61
N VAL A 3 -10.47 -0.54 58.99
CA VAL A 3 -9.59 -0.31 57.82
C VAL A 3 -10.09 -1.14 56.62
N GLU A 4 -11.37 -1.14 56.38
CA GLU A 4 -11.91 -1.93 55.22
C GLU A 4 -12.22 -0.99 54.06
N GLU A 5 -11.84 0.25 54.16
CA GLU A 5 -12.12 1.21 53.05
C GLU A 5 -10.82 1.90 52.62
N VAL A 6 -10.64 2.12 51.35
CA VAL A 6 -9.41 2.80 50.87
C VAL A 6 -9.47 4.29 51.18
N SER A 7 -8.98 5.12 50.30
CA SER A 7 -9.02 6.59 50.54
C SER A 7 -9.42 7.33 49.26
N LYS A 8 -9.16 8.60 49.18
CA LYS A 8 -9.54 9.38 47.96
C LYS A 8 -8.44 10.38 47.62
N LYS A 9 -7.83 10.98 48.60
CA LYS A 9 -6.74 11.97 48.32
C LYS A 9 -5.51 11.24 47.78
N PHE A 10 -5.60 10.70 46.59
CA PHE A 10 -4.43 9.98 46.00
C PHE A 10 -4.43 10.16 44.48
N GLU A 11 -3.73 11.15 43.99
CA GLU A 11 -3.69 11.37 42.51
C GLU A 11 -2.24 11.47 42.03
N GLU A 12 -2.01 11.39 40.75
CA GLU A 12 -0.62 11.48 40.23
C GLU A 12 -0.57 12.38 38.99
N ASN A 13 0.55 12.46 38.34
CA ASN A 13 0.65 13.32 37.12
C ASN A 13 0.15 14.74 37.44
N VAL A 14 1.05 15.63 37.78
CA VAL A 14 0.63 17.02 38.10
C VAL A 14 1.63 18.02 37.49
N SER A 15 2.05 17.79 36.28
CA SER A 15 3.02 18.72 35.64
C SER A 15 2.41 20.13 35.53
N VAL A 16 1.21 20.23 35.03
CA VAL A 16 0.56 21.56 34.90
C VAL A 16 -0.96 21.43 34.99
N ASP A 17 -1.45 20.74 35.99
CA ASP A 17 -2.93 20.57 36.13
C ASP A 17 -3.51 19.96 34.85
N ASP A 18 -4.78 19.65 34.86
CA ASP A 18 -5.42 19.07 33.64
C ASP A 18 -6.60 19.92 33.20
N THR A 19 -7.17 19.62 32.06
CA THR A 19 -8.33 20.42 31.58
C THR A 19 -7.99 21.91 31.58
N THR A 20 -6.99 22.31 30.85
CA THR A 20 -6.62 23.75 30.82
C THR A 20 -5.72 24.04 29.61
N ALA A 21 -6.28 23.98 28.43
CA ALA A 21 -5.45 24.24 27.21
C ALA A 21 -6.35 24.42 25.98
N THR A 22 -7.44 25.12 26.14
CA THR A 22 -8.36 25.31 24.97
C THR A 22 -7.57 25.77 23.75
N PRO A 23 -6.89 26.87 23.90
CA PRO A 23 -6.07 27.42 22.79
C PRO A 23 -4.82 26.57 22.56
N LYS A 24 -4.02 26.40 23.57
CA LYS A 24 -2.79 25.58 23.42
C LYS A 24 -3.15 24.08 23.40
N THR A 25 -3.80 23.63 22.36
CA THR A 25 -4.17 22.20 22.28
C THR A 25 -2.95 21.34 21.95
N VAL A 26 -2.00 21.28 22.84
CA VAL A 26 -0.78 20.47 22.58
C VAL A 26 -0.61 19.41 23.68
N LEU A 27 -0.70 18.16 23.33
CA LEU A 27 -0.54 17.08 24.35
C LEU A 27 -0.55 15.71 23.69
N SER A 28 -1.70 15.28 23.22
CA SER A 28 -1.78 13.95 22.55
C SER A 28 -1.12 14.00 21.17
N ASP A 29 -0.79 15.18 20.71
CA ASP A 29 -0.13 15.30 19.37
C ASP A 29 -0.87 14.43 18.34
N SER A 30 -2.13 14.21 18.54
CA SER A 30 -2.91 13.36 17.58
C SER A 30 -4.00 14.20 16.91
N ALA A 31 -3.66 14.93 15.89
CA ALA A 31 -4.69 15.75 15.20
C ALA A 31 -4.96 15.21 13.80
N HIS A 32 -6.21 15.04 13.44
CA HIS A 32 -6.54 14.51 12.09
C HIS A 32 -5.88 13.14 11.89
N PHE A 33 -5.44 12.86 10.68
CA PHE A 33 -4.79 11.54 10.42
C PHE A 33 -3.39 11.51 11.03
N ASP A 34 -2.86 10.34 11.28
CA ASP A 34 -1.50 10.25 11.88
C ASP A 34 -0.93 8.85 11.69
N VAL A 35 -1.43 8.09 10.74
CA VAL A 35 -0.90 6.72 10.52
C VAL A 35 -1.01 5.90 11.81
N LYS A 36 -1.80 6.35 12.74
CA LYS A 36 -1.97 5.61 14.02
C LYS A 36 -3.35 5.89 14.60
N HIS A 37 -4.33 5.98 13.75
CA HIS A 37 -5.72 6.26 14.24
C HIS A 37 -6.56 4.98 14.25
N PRO A 38 -7.66 5.05 14.93
CA PRO A 38 -8.57 3.89 15.03
C PRO A 38 -9.34 3.66 13.72
N LEU A 39 -8.85 2.79 12.87
CA LEU A 39 -9.53 2.50 11.60
C LEU A 39 -10.08 3.76 10.94
N ASN A 40 -9.40 4.18 9.94
CA ASN A 40 -9.84 5.37 9.15
C ASN A 40 -9.90 4.97 7.68
N THR A 41 -9.76 3.69 7.42
CA THR A 41 -9.78 3.18 6.02
C THR A 41 -10.09 1.69 6.03
N LYS A 42 -10.15 1.07 4.89
CA LYS A 42 -10.43 -0.40 4.84
C LYS A 42 -9.37 -1.10 3.99
N TRP A 43 -8.81 -2.19 4.46
CA TRP A 43 -7.76 -2.88 3.64
C TRP A 43 -7.58 -4.34 4.07
N THR A 44 -6.96 -5.11 3.23
CA THR A 44 -6.73 -6.55 3.55
C THR A 44 -5.26 -6.91 3.34
N LEU A 45 -4.82 -8.02 3.86
CA LEU A 45 -3.39 -8.39 3.74
C LEU A 45 -3.22 -9.78 3.08
N TRP A 46 -2.70 -9.84 1.88
CA TRP A 46 -2.51 -11.16 1.23
C TRP A 46 -1.02 -11.37 0.96
N TYR A 47 -0.36 -12.25 1.68
CA TYR A 47 1.09 -12.45 1.44
C TYR A 47 1.35 -13.83 0.82
N THR A 48 2.47 -13.99 0.16
CA THR A 48 2.80 -15.29 -0.49
C THR A 48 4.28 -15.61 -0.35
N LYS A 49 4.69 -16.76 -0.82
CA LYS A 49 6.14 -17.13 -0.73
C LYS A 49 6.53 -18.08 -1.88
N PRO A 50 5.98 -19.27 -1.85
CA PRO A 50 6.29 -20.27 -2.92
C PRO A 50 5.66 -19.86 -4.25
N ALA A 51 5.44 -20.78 -5.15
CA ALA A 51 4.83 -20.44 -6.47
C ALA A 51 4.98 -21.56 -7.51
N VAL A 52 5.77 -22.57 -7.22
CA VAL A 52 5.97 -23.68 -8.21
C VAL A 52 4.65 -24.01 -8.93
N ASP A 53 3.57 -24.01 -8.20
CA ASP A 53 2.24 -24.31 -8.82
C ASP A 53 2.11 -25.80 -9.18
N LYS A 54 3.14 -26.57 -8.96
CA LYS A 54 3.05 -28.03 -9.27
C LYS A 54 2.01 -28.65 -8.36
N SER A 55 1.98 -28.19 -7.16
CA SER A 55 1.00 -28.68 -6.16
C SER A 55 0.68 -27.54 -5.19
N GLU A 56 1.06 -26.35 -5.57
CA GLU A 56 0.82 -25.17 -4.72
C GLU A 56 0.57 -23.96 -5.65
N SER A 57 -0.67 -23.68 -5.89
CA SER A 57 -1.04 -22.57 -6.81
C SER A 57 -0.96 -21.21 -6.13
N TRP A 58 -0.68 -20.18 -6.87
CA TRP A 58 -0.62 -18.84 -6.23
C TRP A 58 -1.82 -18.66 -5.32
N SER A 59 -2.90 -19.32 -5.62
CA SER A 59 -4.11 -19.22 -4.77
C SER A 59 -3.94 -20.12 -3.53
N ASP A 60 -3.09 -21.11 -3.63
CA ASP A 60 -2.86 -22.01 -2.46
C ASP A 60 -1.71 -21.47 -1.62
N LEU A 61 -0.88 -20.66 -2.21
CA LEU A 61 0.28 -20.09 -1.45
C LEU A 61 -0.12 -18.78 -0.81
N LEU A 62 -0.41 -17.81 -1.62
CA LEU A 62 -0.80 -16.51 -1.10
C LEU A 62 -2.00 -16.70 -0.17
N ARG A 63 -1.93 -16.17 1.01
CA ARG A 63 -3.06 -16.32 1.95
C ARG A 63 -3.65 -14.95 2.29
N PRO A 64 -4.93 -14.81 2.07
CA PRO A 64 -5.61 -13.54 2.36
C PRO A 64 -5.88 -13.45 3.86
N VAL A 65 -5.45 -12.40 4.51
CA VAL A 65 -5.67 -12.33 5.98
C VAL A 65 -5.85 -10.89 6.49
N THR A 66 -5.21 -10.58 7.58
CA THR A 66 -5.29 -9.23 8.24
C THR A 66 -5.99 -8.18 7.39
N SER A 67 -7.23 -7.92 7.68
CA SER A 67 -7.96 -6.87 6.95
C SER A 67 -8.42 -5.85 7.97
N PHE A 68 -7.54 -4.98 8.31
CA PHE A 68 -7.86 -3.93 9.32
C PHE A 68 -8.36 -2.69 8.60
N GLN A 69 -8.56 -1.62 9.31
CA GLN A 69 -9.05 -0.39 8.65
C GLN A 69 -8.01 0.73 8.79
N THR A 70 -7.02 0.54 9.60
CA THR A 70 -5.98 1.57 9.78
C THR A 70 -4.63 1.05 9.25
N VAL A 71 -3.59 1.14 10.02
CA VAL A 71 -2.26 0.66 9.54
C VAL A 71 -1.55 -0.18 10.61
N GLU A 72 -1.94 -0.05 11.85
CA GLU A 72 -1.28 -0.84 12.93
C GLU A 72 -1.02 -2.27 12.47
N GLU A 73 -2.04 -2.95 12.02
CA GLU A 73 -1.85 -4.35 11.55
C GLU A 73 -0.78 -4.39 10.44
N PHE A 74 -0.84 -3.47 9.53
CA PHE A 74 0.17 -3.45 8.44
C PHE A 74 1.57 -3.52 9.06
N TRP A 75 1.82 -2.70 10.04
CA TRP A 75 3.15 -2.72 10.70
C TRP A 75 3.45 -4.15 11.17
N ALA A 76 2.42 -4.89 11.47
CA ALA A 76 2.61 -6.29 11.93
C ALA A 76 3.37 -7.07 10.84
N ILE A 77 2.79 -7.16 9.67
CA ILE A 77 3.50 -7.89 8.59
C ILE A 77 4.95 -7.42 8.53
N ILE A 78 5.19 -6.17 8.86
CA ILE A 78 6.58 -5.66 8.85
C ILE A 78 7.29 -6.11 10.13
N GLN A 79 6.57 -6.22 11.21
CA GLN A 79 7.19 -6.68 12.48
C GLN A 79 8.02 -7.93 12.22
N ASN A 80 7.64 -8.69 11.23
CA ASN A 80 8.39 -9.94 10.89
C ASN A 80 9.69 -9.58 10.18
N ILE A 81 9.79 -8.36 9.75
CA ILE A 81 11.00 -7.89 9.02
C ILE A 81 11.63 -9.02 8.21
N PRO A 82 10.83 -9.68 7.40
CA PRO A 82 11.34 -10.79 6.55
C PRO A 82 11.79 -10.24 5.21
N GLU A 83 11.30 -9.09 4.87
CA GLU A 83 11.66 -8.45 3.57
C GLU A 83 13.06 -7.80 3.62
N PRO A 84 13.34 -7.10 4.69
CA PRO A 84 14.66 -6.43 4.81
C PRO A 84 15.78 -7.47 4.93
N HIS A 85 15.86 -8.37 3.97
CA HIS A 85 16.92 -9.41 4.00
C HIS A 85 16.66 -10.39 5.15
N GLU A 86 15.46 -10.91 5.22
CA GLU A 86 15.13 -11.85 6.32
C GLU A 86 14.24 -12.98 5.81
N LEU A 87 13.97 -13.01 4.53
CA LEU A 87 13.10 -14.08 3.99
C LEU A 87 13.83 -14.83 2.86
N PRO A 88 13.39 -16.03 2.61
CA PRO A 88 14.01 -16.86 1.53
C PRO A 88 13.68 -16.30 0.15
N LEU A 89 13.93 -15.03 -0.05
CA LEU A 89 13.63 -14.39 -1.36
C LEU A 89 12.36 -14.95 -2.00
N LYS A 90 12.17 -14.70 -3.26
CA LYS A 90 10.95 -15.20 -3.96
C LYS A 90 9.72 -14.84 -3.14
N SER A 91 9.85 -13.88 -2.28
CA SER A 91 8.68 -13.49 -1.43
C SER A 91 7.67 -12.67 -2.23
N ASP A 92 6.50 -12.50 -1.69
CA ASP A 92 5.44 -11.71 -2.39
C ASP A 92 4.35 -11.29 -1.40
N TYR A 93 4.44 -10.11 -0.84
CA TYR A 93 3.38 -9.68 0.12
C TYR A 93 2.76 -8.36 -0.34
N HIS A 94 1.47 -8.20 -0.19
CA HIS A 94 0.84 -6.94 -0.64
C HIS A 94 -0.49 -6.68 0.08
N VAL A 95 -0.85 -5.44 0.20
CA VAL A 95 -2.13 -5.08 0.88
C VAL A 95 -2.91 -4.07 0.02
N PHE A 96 -4.21 -4.10 0.08
CA PHE A 96 -5.00 -3.14 -0.74
C PHE A 96 -6.19 -2.60 0.04
N ARG A 97 -7.17 -2.05 -0.65
CA ARG A 97 -8.35 -1.51 0.06
C ARG A 97 -9.63 -1.80 -0.74
N ASN A 98 -10.70 -1.12 -0.41
CA ASN A 98 -11.99 -1.34 -1.13
C ASN A 98 -11.86 -1.00 -2.62
N ASP A 99 -10.89 -0.19 -2.95
CA ASP A 99 -10.70 0.20 -4.38
C ASP A 99 -10.98 -0.98 -5.31
N VAL A 100 -10.48 -2.13 -4.97
CA VAL A 100 -10.71 -3.32 -5.81
C VAL A 100 -11.07 -4.51 -4.93
N ARG A 101 -10.44 -5.65 -5.08
CA ARG A 101 -10.81 -6.80 -4.20
C ARG A 101 -10.13 -8.12 -4.56
N PRO A 102 -10.21 -8.50 -5.81
CA PRO A 102 -9.62 -9.79 -6.25
C PRO A 102 -8.12 -9.92 -5.97
N GLU A 103 -7.25 -9.34 -6.78
CA GLU A 103 -5.78 -9.52 -6.48
C GLU A 103 -4.92 -8.94 -7.59
N TRP A 104 -3.64 -9.09 -7.51
CA TRP A 104 -2.75 -8.54 -8.59
C TRP A 104 -3.32 -8.93 -9.96
N GLU A 105 -4.15 -9.94 -10.00
CA GLU A 105 -4.74 -10.37 -11.30
C GLU A 105 -5.93 -9.46 -11.63
N ASP A 106 -6.40 -8.72 -10.66
CA ASP A 106 -7.54 -7.79 -10.91
C ASP A 106 -7.37 -6.52 -10.06
N GLU A 107 -6.78 -6.63 -8.90
CA GLU A 107 -6.53 -5.42 -8.06
C GLU A 107 -6.00 -4.33 -8.97
N ALA A 108 -5.34 -4.73 -10.01
CA ALA A 108 -4.79 -3.77 -10.99
C ALA A 108 -5.92 -3.26 -11.88
N ASN A 109 -6.79 -4.15 -12.30
CA ASN A 109 -7.95 -3.72 -13.14
C ASN A 109 -8.56 -2.50 -12.47
N ALA A 110 -8.43 -2.43 -11.19
CA ALA A 110 -8.99 -1.31 -10.40
C ALA A 110 -8.04 -0.11 -10.41
N LYS A 111 -6.93 -0.21 -9.72
CA LYS A 111 -5.98 0.93 -9.69
C LYS A 111 -5.54 1.31 -11.12
N GLY A 112 -5.34 0.34 -11.97
CA GLY A 112 -4.96 0.66 -13.37
C GLY A 112 -3.43 0.80 -13.55
N GLY A 113 -2.72 1.31 -12.57
CA GLY A 113 -1.24 1.49 -12.75
C GLY A 113 -0.46 0.54 -11.85
N LYS A 114 0.52 -0.16 -12.39
CA LYS A 114 1.33 -1.09 -11.55
C LYS A 114 2.81 -0.67 -11.57
N TRP A 115 3.26 0.00 -10.55
CA TRP A 115 4.68 0.42 -10.51
C TRP A 115 5.51 -0.57 -9.69
N SER A 116 6.67 -0.94 -10.16
CA SER A 116 7.50 -1.91 -9.39
C SER A 116 8.98 -1.48 -9.40
N PHE A 117 9.80 -2.14 -8.63
CA PHE A 117 11.24 -1.78 -8.59
C PHE A 117 12.08 -3.04 -8.39
N GLN A 118 13.00 -3.30 -9.29
CA GLN A 118 13.85 -4.51 -9.15
C GLN A 118 15.22 -4.13 -8.59
N LEU A 119 15.49 -4.48 -7.35
CA LEU A 119 16.81 -4.13 -6.76
C LEU A 119 17.62 -5.41 -6.49
N ARG A 120 18.92 -5.28 -6.41
CA ARG A 120 19.77 -6.47 -6.15
C ARG A 120 20.97 -6.09 -5.28
N GLY A 121 20.72 -5.52 -4.14
CA GLY A 121 21.85 -5.11 -3.25
C GLY A 121 21.73 -5.84 -1.90
N LYS A 122 20.88 -5.35 -1.03
CA LYS A 122 20.73 -6.01 0.29
C LYS A 122 19.40 -5.59 0.93
N GLY A 123 19.21 -5.90 2.19
CA GLY A 123 17.93 -5.52 2.87
C GLY A 123 18.21 -5.21 4.34
N ALA A 124 19.39 -4.74 4.64
CA ALA A 124 19.72 -4.42 6.07
C ALA A 124 18.56 -3.68 6.73
N ASP A 125 18.08 -2.65 6.10
CA ASP A 125 16.95 -1.87 6.68
C ASP A 125 16.26 -1.06 5.57
N ILE A 126 16.41 -1.50 4.35
CA ILE A 126 15.79 -0.77 3.21
C ILE A 126 14.30 -1.08 3.13
N ASP A 127 13.93 -2.32 3.28
CA ASP A 127 12.49 -2.69 3.20
C ASP A 127 11.72 -2.11 4.40
N GLU A 128 12.41 -1.62 5.39
CA GLU A 128 11.69 -1.05 6.57
C GLU A 128 11.33 0.40 6.28
N LEU A 129 12.21 1.11 5.61
CA LEU A 129 11.95 2.53 5.30
C LEU A 129 10.97 2.63 4.12
N TRP A 130 11.16 1.82 3.12
CA TRP A 130 10.24 1.86 1.96
C TRP A 130 8.84 1.44 2.40
N LEU A 131 8.78 0.53 3.33
CA LEU A 131 7.45 0.07 3.83
C LEU A 131 6.80 1.19 4.65
N ARG A 132 7.52 1.72 5.60
CA ARG A 132 6.94 2.83 6.41
C ARG A 132 6.26 3.82 5.47
N THR A 133 6.74 3.89 4.26
CA THR A 133 6.11 4.81 3.27
C THR A 133 4.89 4.15 2.63
N LEU A 134 4.91 2.86 2.48
CA LEU A 134 3.74 2.16 1.87
C LEU A 134 2.63 2.00 2.91
N LEU A 135 2.95 1.43 4.05
CA LEU A 135 1.90 1.24 5.10
C LEU A 135 1.32 2.61 5.48
N ALA A 136 2.12 3.64 5.48
CA ALA A 136 1.60 4.98 5.83
C ALA A 136 0.72 5.50 4.70
N VAL A 137 1.04 5.15 3.50
CA VAL A 137 0.25 5.64 2.33
C VAL A 137 -1.14 4.97 2.27
N ILE A 138 -1.32 3.87 2.97
CA ILE A 138 -2.65 3.20 2.93
C ILE A 138 -3.58 3.84 3.96
N GLY A 139 -3.01 4.41 4.97
CA GLY A 139 -3.84 5.07 6.02
C GLY A 139 -4.29 6.45 5.54
N GLU A 140 -4.84 6.53 4.36
CA GLU A 140 -5.30 7.84 3.84
C GLU A 140 -4.23 8.91 4.05
N THR A 141 -3.04 8.67 3.58
CA THR A 141 -1.95 9.68 3.74
C THR A 141 -2.50 11.06 3.41
N ILE A 142 -3.39 11.13 2.45
CA ILE A 142 -3.99 12.45 2.05
C ILE A 142 -3.00 13.28 1.21
N ASP A 143 -1.74 12.92 1.21
CA ASP A 143 -0.75 13.70 0.41
C ASP A 143 0.37 12.78 -0.07
N GLU A 144 1.53 13.33 -0.33
CA GLU A 144 2.67 12.50 -0.81
C GLU A 144 2.39 11.96 -2.21
N ASP A 145 1.44 12.54 -2.89
CA ASP A 145 1.11 12.08 -4.28
C ASP A 145 0.52 10.67 -4.23
N ASP A 146 0.26 10.16 -3.05
CA ASP A 146 -0.32 8.79 -2.95
C ASP A 146 -1.80 8.88 -2.58
N SER A 147 -2.51 9.80 -3.17
CA SER A 147 -3.96 9.94 -2.87
C SER A 147 -4.81 9.29 -3.97
N GLN A 148 -5.94 8.75 -3.62
CA GLN A 148 -6.82 8.09 -4.63
C GLN A 148 -6.18 6.77 -5.09
N ILE A 149 -5.06 6.41 -4.52
CA ILE A 149 -4.40 5.13 -4.91
C ILE A 149 -5.21 3.95 -4.37
N ASN A 150 -4.78 2.73 -4.62
CA ASN A 150 -5.57 1.57 -4.12
C ASN A 150 -4.72 0.72 -3.18
N GLY A 151 -3.49 0.44 -3.52
CA GLY A 151 -2.66 -0.38 -2.62
C GLY A 151 -1.27 -0.63 -3.24
N VAL A 152 -0.41 -1.27 -2.49
CA VAL A 152 0.96 -1.55 -3.01
C VAL A 152 1.28 -3.05 -2.90
N VAL A 153 2.41 -3.46 -3.39
CA VAL A 153 2.78 -4.91 -3.33
C VAL A 153 4.28 -5.07 -3.07
N LEU A 154 4.68 -6.21 -2.59
CA LEU A 154 6.13 -6.46 -2.33
C LEU A 154 6.48 -7.89 -2.75
N SER A 155 7.62 -8.10 -3.34
CA SER A 155 7.96 -9.50 -3.75
C SER A 155 9.45 -9.65 -4.01
N ILE A 156 10.10 -10.52 -3.30
CA ILE A 156 11.55 -10.72 -3.54
C ILE A 156 11.76 -11.90 -4.50
N ARG A 157 12.90 -11.97 -5.14
CA ARG A 157 13.16 -13.10 -6.09
C ARG A 157 14.53 -12.92 -6.75
N LYS A 158 15.45 -12.29 -6.08
CA LYS A 158 16.80 -12.09 -6.69
C LYS A 158 17.84 -11.83 -5.60
N GLY A 159 18.90 -11.14 -5.92
CA GLY A 159 19.95 -10.86 -4.90
C GLY A 159 19.47 -9.72 -3.99
N GLY A 160 18.29 -9.20 -4.25
CA GLY A 160 17.78 -8.09 -3.39
C GLY A 160 16.28 -8.28 -3.17
N ASN A 161 15.47 -7.73 -4.03
CA ASN A 161 13.99 -7.88 -3.87
C ASN A 161 13.25 -7.04 -4.92
N LYS A 162 11.96 -7.19 -5.01
CA LYS A 162 11.19 -6.40 -6.00
C LYS A 162 9.83 -6.01 -5.40
N PHE A 163 9.54 -4.75 -5.32
CA PHE A 163 8.25 -4.33 -4.72
C PHE A 163 7.37 -3.66 -5.79
N ALA A 164 6.08 -3.84 -5.69
CA ALA A 164 5.16 -3.21 -6.68
C ALA A 164 4.29 -2.16 -5.99
N LEU A 165 3.60 -1.37 -6.75
CA LEU A 165 2.73 -0.33 -6.16
C LEU A 165 1.52 -0.10 -7.08
N TRP A 166 0.33 -0.21 -6.57
CA TRP A 166 -0.85 -0.02 -7.45
C TRP A 166 -1.47 1.33 -7.20
N THR A 167 -1.71 2.05 -8.26
CA THR A 167 -2.30 3.39 -8.11
C THR A 167 -3.53 3.55 -9.01
N LYS A 168 -4.44 4.37 -8.61
CA LYS A 168 -5.67 4.59 -9.43
C LYS A 168 -5.28 4.93 -10.88
N SER A 169 -4.07 5.35 -11.09
CA SER A 169 -3.61 5.68 -12.48
C SER A 169 -4.40 6.84 -13.07
N GLU A 170 -5.26 7.46 -12.30
CA GLU A 170 -6.06 8.59 -12.84
C GLU A 170 -5.17 9.48 -13.71
N ASP A 171 -3.89 9.46 -13.46
CA ASP A 171 -2.94 10.27 -14.26
C ASP A 171 -1.54 9.68 -14.12
N LYS A 172 -1.00 9.14 -15.17
CA LYS A 172 0.35 8.54 -15.09
C LYS A 172 1.41 9.62 -14.94
N GLU A 173 1.08 10.84 -15.25
CA GLU A 173 2.07 11.93 -15.10
C GLU A 173 2.62 11.91 -13.68
N PRO A 174 1.73 12.04 -12.73
CA PRO A 174 2.14 12.01 -11.31
C PRO A 174 2.69 10.62 -10.96
N LEU A 175 2.43 9.64 -11.77
CA LEU A 175 2.98 8.27 -11.48
C LEU A 175 4.45 8.26 -11.84
N LEU A 176 4.79 8.55 -13.08
CA LEU A 176 6.22 8.57 -13.44
C LEU A 176 6.96 9.39 -12.40
N ARG A 177 6.25 10.29 -11.76
CA ARG A 177 6.87 11.12 -10.70
C ARG A 177 6.88 10.36 -9.38
N ILE A 178 5.83 9.61 -9.12
CA ILE A 178 5.77 8.83 -7.87
C ILE A 178 6.81 7.70 -7.91
N GLY A 179 6.85 6.99 -9.00
CA GLY A 179 7.84 5.89 -9.13
C GLY A 179 9.25 6.47 -8.96
N GLY A 180 9.53 7.57 -9.60
CA GLY A 180 10.87 8.20 -9.46
C GLY A 180 11.22 8.29 -7.97
N LYS A 181 10.38 8.93 -7.20
CA LYS A 181 10.67 9.04 -5.74
C LYS A 181 10.72 7.65 -5.11
N PHE A 182 9.74 6.83 -5.37
CA PHE A 182 9.73 5.46 -4.80
C PHE A 182 10.91 4.65 -5.36
N LYS A 183 11.52 5.14 -6.40
CA LYS A 183 12.68 4.42 -7.00
C LYS A 183 13.93 4.63 -6.14
N GLN A 184 14.09 5.81 -5.60
CA GLN A 184 15.30 6.07 -4.76
C GLN A 184 15.10 5.52 -3.35
N VAL A 185 13.91 5.62 -2.82
CA VAL A 185 13.67 5.09 -1.45
C VAL A 185 14.32 3.73 -1.30
N LEU A 186 14.42 2.99 -2.37
CA LEU A 186 15.06 1.65 -2.30
C LEU A 186 16.50 1.80 -1.82
N LYS A 187 17.00 3.00 -1.83
CA LYS A 187 18.40 3.26 -1.38
C LYS A 187 19.38 2.67 -2.41
N LEU A 188 19.06 2.76 -3.66
CA LEU A 188 19.97 2.23 -4.70
C LEU A 188 20.92 3.33 -5.18
N THR A 189 21.58 3.11 -6.29
CA THR A 189 22.53 4.13 -6.82
C THR A 189 23.29 3.59 -8.03
N ASP A 190 22.68 2.72 -8.80
CA ASP A 190 23.39 2.15 -9.98
C ASP A 190 22.83 2.76 -11.27
N ASP A 191 21.68 3.37 -11.21
CA ASP A 191 21.09 3.99 -12.44
C ASP A 191 19.71 4.57 -12.13
N GLY A 192 18.97 3.93 -11.27
CA GLY A 192 17.61 4.43 -10.93
C GLY A 192 16.73 3.27 -10.49
N HIS A 193 16.75 2.19 -11.22
CA HIS A 193 15.92 1.02 -10.86
C HIS A 193 14.45 1.42 -10.72
N LEU A 194 13.62 0.92 -11.60
CA LEU A 194 12.17 1.27 -11.52
C LEU A 194 11.38 0.44 -12.54
N GLU A 195 10.11 0.27 -12.34
CA GLU A 195 9.31 -0.52 -13.31
C GLU A 195 7.91 0.07 -13.48
N PHE A 196 7.52 0.32 -14.70
CA PHE A 196 6.16 0.89 -14.96
C PHE A 196 5.30 -0.16 -15.66
N PHE A 197 4.20 -0.52 -15.08
CA PHE A 197 3.32 -1.55 -15.71
C PHE A 197 1.85 -1.15 -15.61
N PRO A 198 1.22 -1.06 -16.75
CA PRO A 198 -0.21 -0.70 -16.79
C PRO A 198 -1.05 -1.90 -16.34
N HIS A 199 -2.06 -1.69 -15.56
CA HIS A 199 -2.91 -2.84 -15.10
C HIS A 199 -3.17 -3.79 -16.27
N SER A 200 -3.16 -3.27 -17.46
CA SER A 200 -3.41 -4.12 -18.65
C SER A 200 -2.30 -5.18 -18.78
N SER A 201 -1.22 -5.01 -18.07
CA SER A 201 -0.11 -6.01 -18.15
C SER A 201 -0.44 -7.23 -17.28
N ALA A 202 -0.50 -7.05 -16.00
CA ALA A 202 -0.82 -8.19 -15.09
C ALA A 202 -1.94 -9.04 -15.70
N ASN A 203 -2.93 -8.42 -16.28
CA ASN A 203 -4.04 -9.21 -16.89
C ASN A 203 -3.54 -9.95 -18.13
N GLY A 204 -2.71 -9.33 -18.92
CA GLY A 204 -2.19 -10.02 -20.14
C GLY A 204 -2.91 -9.47 -21.37
N ARG A 205 -2.89 -8.18 -21.56
CA ARG A 205 -3.58 -7.59 -22.75
C ARG A 205 -2.88 -8.01 -24.03
N HIS A 206 -1.68 -7.52 -24.25
CA HIS A 206 -0.95 -7.89 -25.50
C HIS A 206 0.30 -7.01 -25.68
N PRO A 207 0.08 -5.72 -25.67
CA PRO A 207 1.21 -4.77 -25.84
C PRO A 207 2.12 -4.76 -24.59
N GLN A 208 3.21 -4.05 -24.66
CA GLN A 208 4.14 -3.99 -23.50
C GLN A 208 3.57 -3.07 -22.41
N PRO A 209 4.15 -3.17 -21.24
CA PRO A 209 3.71 -2.33 -20.10
C PRO A 209 4.13 -0.88 -20.30
N SER A 210 5.27 -0.49 -19.78
CA SER A 210 5.72 0.92 -19.96
C SER A 210 7.25 0.94 -20.01
N ILE A 211 7.89 0.54 -18.95
CA ILE A 211 9.38 0.55 -18.94
C ILE A 211 9.91 -0.09 -17.66
N THR A 212 11.20 -0.23 -17.56
CA THR A 212 11.79 -0.83 -16.33
C THR A 212 13.24 -0.37 -16.18
N LEU A 213 13.45 0.63 -15.38
CA LEU A 213 14.83 1.15 -15.17
C LEU A 213 15.52 0.38 -14.03
N MET A 1 -0.85 29.76 41.82
CA MET A 1 -2.19 29.19 41.49
C MET A 1 -2.88 30.05 40.45
N SER A 2 -4.16 29.85 40.25
CA SER A 2 -4.89 30.66 39.23
C SER A 2 -6.40 30.50 39.42
N VAL A 3 -7.18 31.30 38.75
CA VAL A 3 -8.66 31.19 38.89
C VAL A 3 -9.20 30.13 37.93
N GLU A 4 -8.34 29.47 37.20
CA GLU A 4 -8.81 28.44 36.23
C GLU A 4 -9.34 27.22 37.00
N GLU A 5 -10.48 26.72 36.62
CA GLU A 5 -11.05 25.54 37.30
C GLU A 5 -12.23 24.97 36.51
N VAL A 6 -13.08 25.82 36.01
CA VAL A 6 -14.25 25.33 35.22
C VAL A 6 -13.90 25.30 33.72
N SER A 7 -14.67 24.59 32.95
CA SER A 7 -14.39 24.52 31.48
C SER A 7 -15.09 25.67 30.75
N LYS A 8 -16.38 25.56 30.57
CA LYS A 8 -17.12 26.64 29.87
C LYS A 8 -16.78 28.00 30.47
N LYS A 9 -15.89 28.73 29.85
CA LYS A 9 -15.50 30.06 30.40
C LYS A 9 -15.72 31.14 29.33
N PHE A 10 -16.76 31.90 29.45
CA PHE A 10 -17.03 32.98 28.44
C PHE A 10 -16.01 34.10 28.60
N GLU A 11 -15.33 34.17 29.72
CA GLU A 11 -14.33 35.24 29.93
C GLU A 11 -13.18 35.09 28.92
N GLU A 12 -13.39 35.51 27.71
CA GLU A 12 -12.30 35.39 26.69
C GLU A 12 -11.93 36.77 26.14
N ASN A 13 -10.67 37.11 26.14
CA ASN A 13 -10.25 38.44 25.62
C ASN A 13 -9.56 38.27 24.27
N VAL A 14 -10.25 38.58 23.19
CA VAL A 14 -9.63 38.44 21.84
C VAL A 14 -9.19 39.81 21.33
N SER A 15 -8.16 40.38 21.91
CA SER A 15 -7.69 41.71 21.45
C SER A 15 -6.33 41.57 20.76
N VAL A 16 -5.74 40.41 20.81
CA VAL A 16 -4.42 40.21 20.15
C VAL A 16 -4.55 39.21 19.00
N ASP A 17 -5.14 38.08 19.25
CA ASP A 17 -5.30 37.08 18.16
C ASP A 17 -6.41 37.51 17.19
N ASP A 18 -6.06 38.34 16.23
CA ASP A 18 -7.08 38.81 15.26
C ASP A 18 -6.62 38.52 13.83
N THR A 19 -6.68 37.30 13.40
CA THR A 19 -6.24 36.96 12.02
C THR A 19 -7.32 37.35 11.01
N THR A 20 -6.98 37.39 9.75
CA THR A 20 -7.99 37.78 8.72
C THR A 20 -9.12 36.75 8.68
N ALA A 21 -9.82 36.66 7.58
CA ALA A 21 -10.94 35.68 7.49
C ALA A 21 -11.99 35.97 8.56
N THR A 22 -12.67 37.08 8.46
CA THR A 22 -13.71 37.42 9.47
C THR A 22 -14.89 36.45 9.36
N PRO A 23 -15.48 36.44 8.19
CA PRO A 23 -16.64 35.54 7.94
C PRO A 23 -16.18 34.09 7.82
N LYS A 24 -14.90 33.87 7.75
CA LYS A 24 -14.37 32.47 7.64
C LYS A 24 -13.80 32.01 8.98
N THR A 25 -14.19 32.64 10.05
CA THR A 25 -13.67 32.24 11.39
C THR A 25 -13.82 30.71 11.58
N VAL A 26 -12.74 30.00 11.47
CA VAL A 26 -12.82 28.51 11.65
C VAL A 26 -12.83 28.15 13.13
N LEU A 27 -13.99 27.90 13.68
CA LEU A 27 -14.08 27.55 15.12
C LEU A 27 -14.58 26.11 15.28
N SER A 28 -15.19 25.57 14.27
CA SER A 28 -15.71 24.17 14.38
C SER A 28 -14.54 23.17 14.37
N ASP A 29 -13.65 23.30 13.42
CA ASP A 29 -12.49 22.36 13.35
C ASP A 29 -12.98 20.91 13.39
N SER A 30 -12.20 20.02 13.94
CA SER A 30 -12.61 18.60 14.01
C SER A 30 -12.96 18.21 15.45
N ALA A 31 -13.40 17.00 15.66
CA ALA A 31 -13.75 16.56 17.05
C ALA A 31 -12.91 15.35 17.45
N HIS A 32 -13.02 14.27 16.73
CA HIS A 32 -12.21 13.06 17.08
C HIS A 32 -12.34 12.01 15.98
N PHE A 33 -11.24 11.40 15.60
CA PHE A 33 -11.29 10.36 14.54
C PHE A 33 -10.61 9.08 15.03
N ASP A 34 -9.79 8.46 14.22
CA ASP A 34 -9.12 7.21 14.65
C ASP A 34 -7.64 7.24 14.24
N VAL A 35 -7.34 6.80 13.05
CA VAL A 35 -5.92 6.80 12.59
C VAL A 35 -5.07 5.93 13.52
N LYS A 36 -5.68 5.15 14.35
CA LYS A 36 -4.92 4.28 15.28
C LYS A 36 -5.08 2.81 14.87
N HIS A 37 -5.97 2.54 13.96
CA HIS A 37 -6.17 1.14 13.50
C HIS A 37 -7.30 1.05 12.47
N PRO A 38 -8.39 1.70 12.75
CA PRO A 38 -9.54 1.67 11.83
C PRO A 38 -9.48 2.84 10.85
N LEU A 39 -8.54 2.85 9.93
CA LEU A 39 -8.48 3.98 8.96
C LEU A 39 -9.87 4.34 8.47
N ASN A 40 -10.30 3.77 7.37
CA ASN A 40 -11.67 4.09 6.85
C ASN A 40 -12.05 3.27 5.61
N THR A 41 -11.12 2.60 5.00
CA THR A 41 -11.46 1.78 3.79
C THR A 41 -11.22 0.30 4.05
N LYS A 42 -11.55 -0.54 3.10
CA LYS A 42 -11.33 -2.00 3.30
C LYS A 42 -9.88 -2.35 3.01
N TRP A 43 -9.17 -2.64 4.05
CA TRP A 43 -7.75 -2.99 3.93
C TRP A 43 -7.59 -4.52 4.05
N THR A 44 -6.77 -5.13 3.25
CA THR A 44 -6.62 -6.61 3.34
C THR A 44 -5.13 -6.99 3.23
N LEU A 45 -4.65 -7.79 4.14
CA LEU A 45 -3.21 -8.19 4.09
C LEU A 45 -3.05 -9.54 3.41
N TRP A 46 -2.64 -9.57 2.17
CA TRP A 46 -2.48 -10.88 1.47
C TRP A 46 -1.00 -11.09 1.11
N TYR A 47 -0.39 -12.11 1.66
CA TYR A 47 1.05 -12.37 1.32
C TYR A 47 1.20 -13.74 0.69
N THR A 48 2.37 -14.05 0.21
CA THR A 48 2.59 -15.37 -0.44
C THR A 48 4.00 -15.90 -0.17
N LYS A 49 4.15 -17.19 -0.13
CA LYS A 49 5.49 -17.79 0.13
C LYS A 49 5.64 -19.06 -0.70
N PRO A 50 5.87 -18.88 -1.97
CA PRO A 50 6.02 -20.03 -2.90
C PRO A 50 7.32 -20.78 -2.63
N ALA A 51 7.29 -22.09 -2.71
CA ALA A 51 8.53 -22.90 -2.45
C ALA A 51 8.19 -24.37 -2.24
N VAL A 52 6.97 -24.66 -1.91
CA VAL A 52 6.57 -26.08 -1.69
C VAL A 52 6.81 -26.89 -2.96
N ASP A 53 6.98 -26.21 -4.07
CA ASP A 53 7.21 -26.93 -5.34
C ASP A 53 6.04 -27.84 -5.66
N LYS A 54 5.35 -27.57 -6.74
CA LYS A 54 4.16 -28.40 -7.12
C LYS A 54 2.94 -27.94 -6.33
N SER A 55 3.13 -27.72 -5.07
CA SER A 55 2.02 -27.22 -4.22
C SER A 55 2.16 -25.72 -4.07
N GLU A 56 3.23 -25.17 -4.60
CA GLU A 56 3.44 -23.70 -4.49
C GLU A 56 2.57 -22.96 -5.50
N SER A 57 1.30 -23.21 -5.50
CA SER A 57 0.40 -22.51 -6.47
C SER A 57 0.10 -21.11 -5.95
N TRP A 58 0.29 -20.09 -6.74
CA TRP A 58 -0.01 -18.73 -6.24
C TRP A 58 -1.35 -18.75 -5.52
N SER A 59 -2.19 -19.68 -5.86
CA SER A 59 -3.52 -19.77 -5.21
C SER A 59 -3.43 -20.65 -3.95
N ASP A 60 -2.45 -21.52 -3.89
CA ASP A 60 -2.32 -22.39 -2.69
C ASP A 60 -1.41 -21.74 -1.65
N LEU A 61 -0.69 -20.71 -2.03
CA LEU A 61 0.22 -20.05 -1.06
C LEU A 61 -0.40 -18.77 -0.53
N LEU A 62 -0.68 -17.84 -1.42
CA LEU A 62 -1.29 -16.55 -1.00
C LEU A 62 -2.18 -16.72 0.22
N ARG A 63 -1.94 -15.98 1.26
CA ARG A 63 -2.79 -16.09 2.46
C ARG A 63 -3.48 -14.75 2.73
N PRO A 64 -4.75 -14.72 2.49
CA PRO A 64 -5.53 -13.48 2.72
C PRO A 64 -5.78 -13.32 4.21
N VAL A 65 -5.27 -12.28 4.82
CA VAL A 65 -5.47 -12.15 6.29
C VAL A 65 -5.66 -10.68 6.73
N THR A 66 -5.08 -10.36 7.86
CA THR A 66 -5.18 -9.01 8.49
C THR A 66 -5.72 -7.94 7.55
N SER A 67 -6.92 -7.50 7.80
CA SER A 67 -7.49 -6.42 6.97
C SER A 67 -7.36 -5.11 7.75
N PHE A 68 -6.44 -4.29 7.37
CA PHE A 68 -6.25 -2.99 8.08
C PHE A 68 -5.20 -2.14 7.35
N GLN A 69 -5.50 -0.90 7.06
CA GLN A 69 -4.48 -0.03 6.39
C GLN A 69 -3.72 0.75 7.47
N THR A 70 -4.46 1.22 8.44
CA THR A 70 -3.89 2.01 9.57
C THR A 70 -2.38 1.79 9.74
N VAL A 71 -1.97 1.08 10.77
CA VAL A 71 -0.52 0.86 10.98
C VAL A 71 -0.28 -0.36 11.86
N GLU A 72 -1.17 -0.66 12.78
CA GLU A 72 -0.94 -1.84 13.66
C GLU A 72 -0.79 -3.12 12.82
N GLU A 73 -1.83 -3.51 12.14
CA GLU A 73 -1.74 -4.74 11.31
C GLU A 73 -0.53 -4.66 10.37
N PHE A 74 -0.41 -3.59 9.64
CA PHE A 74 0.76 -3.45 8.73
C PHE A 74 2.03 -3.76 9.50
N TRP A 75 2.19 -3.15 10.64
CA TRP A 75 3.41 -3.41 11.47
C TRP A 75 3.56 -4.91 11.68
N ALA A 76 2.46 -5.61 11.70
CA ALA A 76 2.52 -7.08 11.89
C ALA A 76 3.40 -7.71 10.81
N ILE A 77 3.01 -7.54 9.58
CA ILE A 77 3.82 -8.12 8.47
C ILE A 77 5.28 -7.64 8.61
N ILE A 78 5.50 -6.54 9.29
CA ILE A 78 6.90 -6.06 9.47
C ILE A 78 7.54 -6.79 10.63
N GLN A 79 6.81 -7.02 11.69
CA GLN A 79 7.38 -7.75 12.85
C GLN A 79 8.04 -9.03 12.35
N ASN A 80 7.63 -9.48 11.21
CA ASN A 80 8.23 -10.70 10.61
C ASN A 80 9.68 -10.41 10.22
N ILE A 81 10.06 -9.16 10.26
CA ILE A 81 11.43 -8.73 9.87
C ILE A 81 11.96 -9.61 8.74
N PRO A 82 11.19 -9.72 7.69
CA PRO A 82 11.62 -10.51 6.52
C PRO A 82 12.52 -9.63 5.65
N GLU A 83 12.15 -8.40 5.53
CA GLU A 83 12.96 -7.44 4.73
C GLU A 83 13.28 -8.03 3.35
N PRO A 84 13.99 -7.24 2.57
CA PRO A 84 14.39 -7.68 1.21
C PRO A 84 15.53 -8.70 1.28
N HIS A 85 15.92 -9.10 2.46
CA HIS A 85 17.04 -10.08 2.56
C HIS A 85 17.05 -10.73 3.96
N GLU A 86 15.92 -10.83 4.58
CA GLU A 86 15.86 -11.46 5.94
C GLU A 86 14.89 -12.64 5.92
N LEU A 87 14.27 -12.89 4.79
CA LEU A 87 13.31 -14.02 4.70
C LEU A 87 13.58 -14.81 3.42
N PRO A 88 12.72 -15.75 3.12
CA PRO A 88 12.92 -16.56 1.89
C PRO A 88 12.62 -15.69 0.66
N LEU A 89 13.57 -15.55 -0.22
CA LEU A 89 13.35 -14.69 -1.41
C LEU A 89 12.11 -15.14 -2.18
N LYS A 90 12.02 -14.76 -3.43
CA LYS A 90 10.83 -15.16 -4.23
C LYS A 90 9.56 -14.96 -3.40
N SER A 91 9.63 -14.05 -2.49
CA SER A 91 8.45 -13.78 -1.59
C SER A 91 7.46 -12.81 -2.25
N ASP A 92 6.33 -12.62 -1.65
CA ASP A 92 5.32 -11.69 -2.22
C ASP A 92 4.31 -11.27 -1.14
N TYR A 93 4.41 -10.07 -0.64
CA TYR A 93 3.44 -9.62 0.40
C TYR A 93 2.81 -8.29 -0.02
N HIS A 94 1.54 -8.11 0.22
CA HIS A 94 0.89 -6.83 -0.21
C HIS A 94 -0.38 -6.55 0.57
N VAL A 95 -0.69 -5.29 0.76
CA VAL A 95 -1.93 -4.90 1.48
C VAL A 95 -2.63 -3.79 0.71
N PHE A 96 -3.92 -3.90 0.53
CA PHE A 96 -4.64 -2.86 -0.23
C PHE A 96 -6.14 -3.17 -0.28
N ARG A 97 -6.76 -3.08 -1.44
CA ARG A 97 -8.22 -3.38 -1.54
C ARG A 97 -9.04 -2.21 -1.00
N ASN A 98 -8.40 -1.12 -0.69
CA ASN A 98 -9.15 0.06 -0.17
C ASN A 98 -10.41 0.25 -1.01
N ASP A 99 -10.37 -0.17 -2.25
CA ASP A 99 -11.56 -0.01 -3.11
C ASP A 99 -11.32 -0.56 -4.52
N VAL A 100 -10.33 -1.40 -4.72
CA VAL A 100 -10.09 -1.94 -6.07
C VAL A 100 -10.66 -3.36 -6.19
N ARG A 101 -9.94 -4.27 -6.76
CA ARG A 101 -10.45 -5.66 -6.90
C ARG A 101 -9.88 -6.57 -5.82
N PRO A 102 -10.15 -7.85 -5.94
CA PRO A 102 -9.69 -8.83 -4.92
C PRO A 102 -8.27 -9.37 -5.15
N GLU A 103 -7.51 -8.89 -6.12
CA GLU A 103 -6.14 -9.49 -6.25
C GLU A 103 -5.30 -8.81 -7.34
N TRP A 104 -4.01 -9.02 -7.32
CA TRP A 104 -3.14 -8.40 -8.36
C TRP A 104 -3.71 -8.76 -9.73
N GLU A 105 -4.49 -9.80 -9.79
CA GLU A 105 -5.10 -10.21 -11.08
C GLU A 105 -6.33 -9.34 -11.33
N ASP A 106 -6.58 -8.40 -10.46
CA ASP A 106 -7.73 -7.50 -10.62
C ASP A 106 -7.42 -6.14 -9.97
N GLU A 107 -6.88 -6.15 -8.78
CA GLU A 107 -6.52 -4.86 -8.12
C GLU A 107 -5.59 -4.08 -9.03
N ALA A 108 -4.80 -4.78 -9.81
CA ALA A 108 -3.87 -4.10 -10.73
C ALA A 108 -4.61 -3.80 -12.03
N ASN A 109 -5.65 -4.54 -12.27
CA ASN A 109 -6.47 -4.33 -13.49
C ASN A 109 -7.30 -3.06 -13.28
N ALA A 110 -7.59 -2.78 -12.05
CA ALA A 110 -8.41 -1.60 -11.70
C ALA A 110 -7.52 -0.37 -11.46
N LYS A 111 -6.57 -0.49 -10.56
CA LYS A 111 -5.68 0.66 -10.27
C LYS A 111 -5.22 1.29 -11.59
N GLY A 112 -4.96 0.48 -12.56
CA GLY A 112 -4.53 1.03 -13.87
C GLY A 112 -2.99 1.06 -13.98
N GLY A 113 -2.28 1.35 -12.92
CA GLY A 113 -0.78 1.40 -13.05
C GLY A 113 -0.10 0.58 -11.96
N LYS A 114 0.93 -0.14 -12.31
CA LYS A 114 1.66 -0.97 -11.29
C LYS A 114 3.13 -0.53 -11.24
N TRP A 115 3.46 0.35 -10.33
CA TRP A 115 4.87 0.83 -10.23
C TRP A 115 5.67 -0.11 -9.31
N SER A 116 6.66 -0.77 -9.86
CA SER A 116 7.46 -1.71 -9.00
C SER A 116 8.95 -1.34 -9.05
N PHE A 117 9.74 -1.95 -8.20
CA PHE A 117 11.20 -1.65 -8.19
C PHE A 117 11.98 -2.97 -8.22
N GLN A 118 12.82 -3.15 -9.22
CA GLN A 118 13.60 -4.42 -9.30
C GLN A 118 15.01 -4.23 -8.73
N LEU A 119 15.23 -4.66 -7.51
CA LEU A 119 16.57 -4.50 -6.89
C LEU A 119 17.31 -5.83 -6.90
N ARG A 120 18.61 -5.82 -6.72
CA ARG A 120 19.38 -7.10 -6.71
C ARG A 120 20.53 -7.02 -5.72
N GLY A 121 20.49 -6.07 -4.82
CA GLY A 121 21.59 -5.95 -3.82
C GLY A 121 21.02 -5.48 -2.49
N LYS A 122 21.84 -4.93 -1.63
CA LYS A 122 21.35 -4.45 -0.30
C LYS A 122 20.65 -5.59 0.44
N GLY A 123 20.19 -5.33 1.63
CA GLY A 123 19.51 -6.40 2.41
C GLY A 123 19.71 -6.15 3.91
N ALA A 124 18.85 -5.38 4.52
CA ALA A 124 19.00 -5.10 5.97
C ALA A 124 17.69 -4.53 6.53
N ASP A 125 17.34 -3.34 6.14
CA ASP A 125 16.08 -2.73 6.65
C ASP A 125 15.49 -1.79 5.60
N ILE A 126 15.78 -2.02 4.35
CA ILE A 126 15.24 -1.14 3.27
C ILE A 126 13.72 -1.30 3.18
N ASP A 127 13.20 -2.39 3.68
CA ASP A 127 11.72 -2.61 3.63
C ASP A 127 11.02 -1.79 4.71
N GLU A 128 11.76 -1.25 5.64
CA GLU A 128 11.11 -0.44 6.72
C GLU A 128 10.90 0.98 6.22
N LEU A 129 11.84 1.48 5.45
CA LEU A 129 11.71 2.85 4.91
C LEU A 129 10.75 2.86 3.72
N TRP A 130 10.84 1.86 2.88
CA TRP A 130 9.94 1.79 1.71
C TRP A 130 8.51 1.55 2.20
N LEU A 131 8.36 0.87 3.30
CA LEU A 131 7.00 0.63 3.85
C LEU A 131 6.49 1.89 4.53
N ARG A 132 7.28 2.45 5.42
CA ARG A 132 6.83 3.70 6.10
C ARG A 132 6.28 4.65 5.04
N THR A 133 6.72 4.51 3.83
CA THR A 133 6.21 5.39 2.73
C THR A 133 4.89 4.83 2.19
N LEU A 134 4.76 3.53 2.14
CA LEU A 134 3.50 2.93 1.63
C LEU A 134 2.40 3.07 2.71
N LEU A 135 2.60 2.46 3.84
CA LEU A 135 1.59 2.57 4.92
C LEU A 135 1.26 4.05 5.17
N ALA A 136 2.25 4.90 5.08
CA ALA A 136 1.98 6.36 5.30
C ALA A 136 1.07 6.89 4.20
N VAL A 137 1.26 6.43 2.99
CA VAL A 137 0.41 6.90 1.87
C VAL A 137 -1.08 6.68 2.23
N ILE A 138 -1.42 5.53 2.72
CA ILE A 138 -2.84 5.28 3.09
C ILE A 138 -3.10 5.77 4.52
N GLY A 139 -2.16 5.59 5.39
CA GLY A 139 -2.33 6.04 6.80
C GLY A 139 -2.63 7.54 6.79
N GLU A 140 -2.06 8.26 5.86
CA GLU A 140 -2.32 9.72 5.78
C GLU A 140 -3.19 10.02 4.57
N THR A 141 -4.25 9.29 4.42
CA THR A 141 -5.16 9.51 3.28
C THR A 141 -5.80 10.89 3.36
N ILE A 142 -5.65 11.54 4.48
CA ILE A 142 -6.24 12.91 4.64
C ILE A 142 -6.06 13.71 3.36
N ASP A 143 -4.89 13.66 2.77
CA ASP A 143 -4.65 14.42 1.52
C ASP A 143 -3.17 14.35 1.13
N GLU A 144 -2.83 13.51 0.19
CA GLU A 144 -1.41 13.40 -0.23
C GLU A 144 -1.31 12.72 -1.60
N ASP A 145 -2.34 12.79 -2.39
CA ASP A 145 -2.31 12.15 -3.73
C ASP A 145 -2.25 10.63 -3.59
N ASP A 146 -2.39 10.12 -2.39
CA ASP A 146 -2.33 8.65 -2.19
C ASP A 146 -3.60 8.17 -1.47
N SER A 147 -4.50 9.07 -1.19
CA SER A 147 -5.76 8.67 -0.48
C SER A 147 -6.62 7.79 -1.39
N GLN A 148 -6.83 8.21 -2.61
CA GLN A 148 -7.67 7.40 -3.54
C GLN A 148 -6.80 6.39 -4.30
N ILE A 149 -5.58 6.20 -3.87
CA ILE A 149 -4.68 5.23 -4.57
C ILE A 149 -5.35 3.85 -4.64
N ASN A 150 -4.59 2.82 -4.89
CA ASN A 150 -5.18 1.45 -4.96
C ASN A 150 -4.56 0.56 -3.91
N GLY A 151 -3.27 0.66 -3.72
CA GLY A 151 -2.63 -0.21 -2.72
C GLY A 151 -1.18 -0.47 -3.09
N VAL A 152 -0.46 -1.18 -2.27
CA VAL A 152 0.97 -1.47 -2.57
C VAL A 152 1.26 -2.96 -2.45
N VAL A 153 2.36 -3.40 -3.01
CA VAL A 153 2.73 -4.84 -2.93
C VAL A 153 4.23 -5.00 -2.75
N LEU A 154 4.64 -6.17 -2.34
CA LEU A 154 6.11 -6.44 -2.15
C LEU A 154 6.41 -7.85 -2.65
N SER A 155 7.57 -8.07 -3.22
CA SER A 155 7.89 -9.44 -3.72
C SER A 155 9.39 -9.60 -3.90
N ILE A 156 9.99 -10.52 -3.20
CA ILE A 156 11.45 -10.73 -3.36
C ILE A 156 11.71 -11.82 -4.40
N ARG A 157 12.91 -11.89 -4.91
CA ARG A 157 13.23 -12.93 -5.94
C ARG A 157 14.75 -13.02 -6.12
N LYS A 158 15.21 -13.98 -6.87
CA LYS A 158 16.68 -14.12 -7.09
C LYS A 158 17.31 -12.75 -7.34
N GLY A 159 18.53 -12.56 -6.90
CA GLY A 159 19.20 -11.24 -7.12
C GLY A 159 19.09 -10.40 -5.86
N GLY A 160 17.90 -9.98 -5.52
CA GLY A 160 17.73 -9.15 -4.29
C GLY A 160 16.25 -9.17 -3.87
N ASN A 161 15.46 -8.31 -4.45
CA ASN A 161 14.01 -8.26 -4.10
C ASN A 161 13.30 -7.21 -4.95
N LYS A 162 11.99 -7.18 -4.93
CA LYS A 162 11.26 -6.17 -5.75
C LYS A 162 9.91 -5.84 -5.11
N PHE A 163 9.53 -4.59 -5.11
CA PHE A 163 8.22 -4.21 -4.51
C PHE A 163 7.32 -3.58 -5.58
N ALA A 164 6.04 -3.65 -5.40
CA ALA A 164 5.12 -3.05 -6.40
C ALA A 164 4.26 -1.96 -5.75
N LEU A 165 3.77 -1.04 -6.54
CA LEU A 165 2.91 0.03 -5.99
C LEU A 165 1.69 0.19 -6.88
N TRP A 166 0.51 -0.01 -6.35
CA TRP A 166 -0.69 0.11 -7.20
C TRP A 166 -1.33 1.48 -7.06
N THR A 167 -1.70 2.06 -8.17
CA THR A 167 -2.31 3.40 -8.13
C THR A 167 -3.71 3.35 -8.72
N LYS A 168 -4.71 3.74 -7.96
CA LYS A 168 -6.09 3.71 -8.48
C LYS A 168 -6.12 4.25 -9.92
N SER A 169 -5.31 5.25 -10.18
CA SER A 169 -5.23 5.88 -11.55
C SER A 169 -4.76 7.33 -11.41
N GLU A 170 -5.67 8.21 -11.07
CA GLU A 170 -5.31 9.65 -10.90
C GLU A 170 -4.30 10.10 -11.96
N ASP A 171 -4.33 9.51 -13.13
CA ASP A 171 -3.37 9.91 -14.18
C ASP A 171 -1.96 9.46 -13.82
N LYS A 172 -1.27 8.89 -14.75
CA LYS A 172 0.11 8.40 -14.48
C LYS A 172 1.06 9.58 -14.24
N GLU A 173 0.71 10.76 -14.68
CA GLU A 173 1.62 11.92 -14.45
C GLU A 173 2.11 11.92 -13.01
N PRO A 174 1.17 12.02 -12.10
CA PRO A 174 1.52 12.00 -10.66
C PRO A 174 2.07 10.63 -10.28
N LEU A 175 1.87 9.64 -11.10
CA LEU A 175 2.41 8.29 -10.79
C LEU A 175 3.88 8.24 -11.17
N LEU A 176 4.19 8.55 -12.41
CA LEU A 176 5.61 8.56 -12.81
C LEU A 176 6.39 9.36 -11.77
N ARG A 177 5.71 10.25 -11.11
CA ARG A 177 6.37 11.07 -10.05
C ARG A 177 6.49 10.25 -8.77
N ILE A 178 5.48 9.47 -8.47
CA ILE A 178 5.54 8.63 -7.24
C ILE A 178 6.54 7.49 -7.44
N GLY A 179 6.60 6.93 -8.63
CA GLY A 179 7.56 5.83 -8.88
C GLY A 179 8.99 6.35 -8.71
N GLY A 180 9.25 7.55 -9.15
CA GLY A 180 10.62 8.11 -9.01
C GLY A 180 10.98 8.19 -7.53
N LYS A 181 10.17 8.86 -6.74
CA LYS A 181 10.46 8.96 -5.29
C LYS A 181 10.45 7.57 -4.65
N PHE A 182 9.44 6.79 -4.93
CA PHE A 182 9.37 5.42 -4.36
C PHE A 182 10.54 4.58 -4.86
N LYS A 183 11.19 5.00 -5.91
CA LYS A 183 12.33 4.23 -6.44
C LYS A 183 13.58 4.50 -5.60
N GLN A 184 13.71 5.67 -5.05
CA GLN A 184 14.90 5.99 -4.24
C GLN A 184 14.73 5.49 -2.79
N VAL A 185 13.58 5.66 -2.24
CA VAL A 185 13.35 5.19 -0.83
C VAL A 185 13.90 3.78 -0.67
N LEU A 186 13.91 3.02 -1.73
CA LEU A 186 14.44 1.63 -1.64
C LEU A 186 15.96 1.66 -1.49
N LYS A 187 16.53 2.84 -1.51
CA LYS A 187 18.02 2.97 -1.37
C LYS A 187 18.68 2.52 -2.68
N LEU A 188 18.24 3.06 -3.78
CA LEU A 188 18.81 2.67 -5.09
C LEU A 188 20.30 2.42 -5.02
N THR A 189 20.81 1.73 -6.00
CA THR A 189 22.26 1.43 -6.04
C THR A 189 22.80 1.62 -7.46
N ASP A 190 22.02 1.27 -8.45
CA ASP A 190 22.48 1.44 -9.85
C ASP A 190 22.27 2.88 -10.32
N ASP A 191 21.64 3.69 -9.49
CA ASP A 191 21.40 5.11 -9.89
C ASP A 191 20.35 5.18 -11.00
N GLY A 192 19.60 4.13 -11.18
CA GLY A 192 18.55 4.13 -12.25
C GLY A 192 17.88 2.76 -12.30
N HIS A 193 16.93 2.53 -11.42
CA HIS A 193 16.23 1.21 -11.43
C HIS A 193 14.75 1.40 -11.02
N LEU A 194 13.86 0.77 -11.73
CA LEU A 194 12.42 0.90 -11.41
C LEU A 194 11.59 0.06 -12.38
N GLU A 195 10.32 -0.11 -12.11
CA GLU A 195 9.46 -0.92 -13.02
C GLU A 195 8.16 -0.18 -13.33
N PHE A 196 7.84 -0.03 -14.59
CA PHE A 196 6.59 0.68 -14.97
C PHE A 196 5.67 -0.27 -15.72
N PHE A 197 4.59 -0.68 -15.09
CA PHE A 197 3.65 -1.62 -15.77
C PHE A 197 2.20 -1.14 -15.61
N PRO A 198 1.52 -1.06 -16.72
CA PRO A 198 0.11 -0.63 -16.70
C PRO A 198 -0.80 -1.81 -16.31
N HIS A 199 -1.98 -1.53 -15.86
CA HIS A 199 -2.90 -2.64 -15.47
C HIS A 199 -3.07 -3.62 -16.63
N SER A 200 -2.88 -3.15 -17.83
CA SER A 200 -3.02 -4.05 -19.01
C SER A 200 -1.93 -5.14 -18.98
N SER A 201 -0.96 -5.00 -18.13
CA SER A 201 0.12 -6.02 -18.05
C SER A 201 -0.29 -7.17 -17.13
N ALA A 202 -0.62 -6.86 -15.90
CA ALA A 202 -1.03 -7.93 -14.94
C ALA A 202 -2.12 -8.81 -15.56
N ASN A 203 -3.11 -8.19 -16.17
CA ASN A 203 -4.21 -9.00 -16.79
C ASN A 203 -3.63 -10.11 -17.66
N GLY A 204 -2.70 -9.78 -18.52
CA GLY A 204 -2.10 -10.82 -19.41
C GLY A 204 -2.54 -10.54 -20.86
N ARG A 205 -3.53 -9.71 -21.04
CA ARG A 205 -4.00 -9.40 -22.41
C ARG A 205 -3.08 -8.37 -23.07
N HIS A 206 -2.54 -8.68 -24.22
CA HIS A 206 -1.64 -7.71 -24.90
C HIS A 206 -0.59 -7.19 -23.92
N PRO A 207 0.55 -7.82 -23.95
CA PRO A 207 1.67 -7.42 -23.04
C PRO A 207 2.26 -6.09 -23.48
N GLN A 208 1.88 -5.01 -22.84
CA GLN A 208 2.43 -3.68 -23.23
C GLN A 208 2.78 -2.86 -21.98
N PRO A 209 3.91 -3.18 -21.41
CA PRO A 209 4.38 -2.48 -20.19
C PRO A 209 4.82 -1.06 -20.54
N SER A 210 5.66 -0.47 -19.73
CA SER A 210 6.13 0.91 -20.03
C SER A 210 7.65 0.89 -20.07
N ILE A 211 8.27 0.48 -19.00
CA ILE A 211 9.75 0.44 -18.96
C ILE A 211 10.20 -0.30 -17.70
N THR A 212 11.47 -0.52 -17.57
CA THR A 212 11.98 -1.22 -16.37
C THR A 212 13.45 -0.92 -16.17
N LEU A 213 13.75 0.00 -15.31
CA LEU A 213 15.18 0.36 -15.06
C LEU A 213 15.82 -0.68 -14.14
N MET A 1 -6.23 51.39 -18.21
CA MET A 1 -6.18 52.17 -16.94
C MET A 1 -7.55 52.12 -16.26
N SER A 2 -8.57 51.68 -16.95
CA SER A 2 -9.93 51.62 -16.35
C SER A 2 -10.34 50.15 -16.15
N VAL A 3 -9.41 49.29 -15.87
CA VAL A 3 -9.75 47.86 -15.67
C VAL A 3 -9.32 47.39 -14.28
N GLU A 4 -8.86 46.18 -14.16
CA GLU A 4 -8.43 45.68 -12.81
C GLU A 4 -6.91 45.74 -12.71
N GLU A 5 -6.37 46.89 -12.43
CA GLU A 5 -4.88 47.00 -12.31
C GLU A 5 -4.33 45.89 -11.41
N VAL A 6 -3.51 45.04 -11.95
CA VAL A 6 -2.94 43.93 -11.12
C VAL A 6 -1.42 43.85 -11.33
N SER A 7 -0.69 44.76 -10.76
CA SER A 7 0.78 44.73 -10.92
C SER A 7 1.36 43.47 -10.29
N LYS A 8 2.38 42.90 -10.89
CA LYS A 8 2.98 41.66 -10.32
C LYS A 8 3.74 41.98 -9.04
N LYS A 9 3.39 41.35 -7.95
CA LYS A 9 4.10 41.62 -6.67
C LYS A 9 5.02 40.44 -6.32
N PHE A 10 5.63 40.49 -5.17
CA PHE A 10 6.54 39.38 -4.77
C PHE A 10 5.78 38.04 -4.77
N GLU A 11 6.13 37.15 -5.65
CA GLU A 11 5.42 35.83 -5.69
C GLU A 11 5.61 35.09 -4.36
N GLU A 12 4.88 34.02 -4.16
CA GLU A 12 5.01 33.27 -2.89
C GLU A 12 6.49 33.02 -2.57
N ASN A 13 7.19 32.35 -3.43
CA ASN A 13 8.64 32.09 -3.17
C ASN A 13 8.84 31.62 -1.74
N VAL A 14 8.26 30.50 -1.37
CA VAL A 14 8.42 29.99 0.02
C VAL A 14 9.64 29.07 0.10
N SER A 15 10.82 29.59 -0.11
CA SER A 15 12.03 28.74 -0.05
C SER A 15 12.50 28.59 1.41
N VAL A 16 12.94 29.66 2.01
CA VAL A 16 13.41 29.57 3.42
C VAL A 16 12.65 30.58 4.28
N ASP A 17 11.45 30.92 3.91
CA ASP A 17 10.66 31.89 4.71
C ASP A 17 10.61 31.45 6.18
N ASP A 18 10.78 32.38 7.09
CA ASP A 18 10.74 32.00 8.54
C ASP A 18 9.32 32.15 9.07
N THR A 19 9.03 31.57 10.21
CA THR A 19 7.66 31.67 10.77
C THR A 19 7.72 31.63 12.31
N THR A 20 6.63 31.95 12.95
CA THR A 20 6.62 31.93 14.45
C THR A 20 5.24 31.51 14.96
N ALA A 21 5.15 31.16 16.21
CA ALA A 21 3.83 30.73 16.77
C ALA A 21 3.47 31.60 17.98
N THR A 22 4.01 32.79 18.05
CA THR A 22 3.69 33.67 19.21
C THR A 22 2.18 33.73 19.43
N PRO A 23 1.46 34.09 18.41
CA PRO A 23 -0.02 34.18 18.49
C PRO A 23 -0.64 32.78 18.54
N LYS A 24 -0.08 31.84 17.84
CA LYS A 24 -0.63 30.46 17.86
C LYS A 24 -2.05 30.45 17.28
N THR A 25 -2.17 30.70 16.00
CA THR A 25 -3.53 30.72 15.38
C THR A 25 -3.51 29.95 14.04
N VAL A 26 -3.16 28.69 14.08
CA VAL A 26 -3.11 27.90 12.82
C VAL A 26 -4.51 27.80 12.20
N LEU A 27 -4.98 28.85 11.59
CA LEU A 27 -6.33 28.81 10.96
C LEU A 27 -6.24 28.35 9.51
N SER A 28 -5.06 28.28 8.97
CA SER A 28 -4.90 27.84 7.56
C SER A 28 -5.48 26.44 7.37
N ASP A 29 -5.01 25.49 8.13
CA ASP A 29 -5.53 24.10 8.00
C ASP A 29 -5.90 23.53 9.37
N SER A 30 -6.47 22.36 9.41
CA SER A 30 -6.85 21.76 10.72
C SER A 30 -6.20 20.38 10.88
N ALA A 31 -5.66 19.84 9.82
CA ALA A 31 -5.02 18.51 9.91
C ALA A 31 -6.02 17.46 10.43
N HIS A 32 -5.57 16.27 10.70
CA HIS A 32 -6.49 15.22 11.20
C HIS A 32 -5.70 14.14 11.95
N PHE A 33 -6.35 13.08 12.32
CA PHE A 33 -5.64 11.98 13.06
C PHE A 33 -6.28 10.63 12.77
N ASP A 34 -5.51 9.68 12.31
CA ASP A 34 -6.09 8.34 12.00
C ASP A 34 -4.96 7.34 11.71
N VAL A 35 -3.91 7.81 11.09
CA VAL A 35 -2.77 6.89 10.76
C VAL A 35 -2.09 6.38 12.03
N LYS A 36 -2.49 6.86 13.17
CA LYS A 36 -1.87 6.39 14.45
C LYS A 36 -2.62 5.18 15.00
N HIS A 37 -3.10 4.32 14.11
CA HIS A 37 -3.86 3.07 14.47
C HIS A 37 -5.30 3.17 13.98
N PRO A 38 -5.92 4.32 14.17
CA PRO A 38 -7.31 4.52 13.73
C PRO A 38 -7.33 5.08 12.30
N LEU A 39 -7.06 4.26 11.31
CA LEU A 39 -7.07 4.77 9.92
C LEU A 39 -8.46 5.32 9.57
N ASN A 40 -8.88 5.15 8.36
CA ASN A 40 -10.21 5.66 7.95
C ASN A 40 -10.67 4.91 6.69
N THR A 41 -10.15 3.73 6.48
CA THR A 41 -10.53 2.94 5.28
C THR A 41 -10.58 1.46 5.61
N LYS A 42 -10.98 0.64 4.67
CA LYS A 42 -11.03 -0.82 4.93
C LYS A 42 -10.17 -1.54 3.89
N TRP A 43 -9.14 -2.22 4.32
CA TRP A 43 -8.27 -2.92 3.33
C TRP A 43 -7.94 -4.33 3.82
N THR A 44 -7.26 -5.09 3.02
CA THR A 44 -6.90 -6.48 3.43
C THR A 44 -5.42 -6.72 3.16
N LEU A 45 -4.89 -7.85 3.56
CA LEU A 45 -3.44 -8.09 3.33
C LEU A 45 -3.19 -9.53 2.90
N TRP A 46 -2.77 -9.76 1.68
CA TRP A 46 -2.51 -11.16 1.23
C TRP A 46 -1.03 -11.33 0.87
N TYR A 47 -0.36 -12.24 1.53
CA TYR A 47 1.08 -12.46 1.20
C TYR A 47 1.25 -13.84 0.58
N THR A 48 2.42 -14.18 0.14
CA THR A 48 2.60 -15.51 -0.50
C THR A 48 4.04 -16.03 -0.35
N LYS A 49 4.24 -17.27 -0.70
CA LYS A 49 5.59 -17.87 -0.61
C LYS A 49 5.64 -19.13 -1.49
N PRO A 50 6.11 -18.95 -2.69
CA PRO A 50 6.19 -20.07 -3.67
C PRO A 50 7.23 -21.10 -3.22
N ALA A 51 6.78 -22.24 -2.78
CA ALA A 51 7.74 -23.30 -2.33
C ALA A 51 6.99 -24.40 -1.56
N VAL A 52 5.86 -24.07 -1.01
CA VAL A 52 5.07 -25.08 -0.25
C VAL A 52 4.98 -26.38 -1.07
N ASP A 53 4.91 -26.25 -2.37
CA ASP A 53 4.80 -27.46 -3.24
C ASP A 53 3.57 -28.28 -2.89
N LYS A 54 2.69 -27.75 -2.08
CA LYS A 54 1.47 -28.50 -1.73
C LYS A 54 0.54 -28.52 -2.93
N SER A 55 0.51 -27.43 -3.63
CA SER A 55 -0.34 -27.31 -4.84
C SER A 55 0.28 -26.37 -5.86
N GLU A 56 1.45 -25.84 -5.58
CA GLU A 56 2.12 -24.91 -6.55
C GLU A 56 1.09 -23.99 -7.22
N SER A 57 0.07 -23.60 -6.49
CA SER A 57 -0.96 -22.70 -7.07
C SER A 57 -0.90 -21.35 -6.38
N TRP A 58 -0.63 -20.31 -7.11
CA TRP A 58 -0.56 -18.97 -6.46
C TRP A 58 -1.78 -18.80 -5.55
N SER A 59 -2.86 -19.47 -5.85
CA SER A 59 -4.07 -19.35 -5.01
C SER A 59 -3.98 -20.33 -3.83
N ASP A 60 -3.13 -21.31 -3.94
CA ASP A 60 -3.00 -22.30 -2.83
C ASP A 60 -1.92 -21.84 -1.85
N LEU A 61 -1.09 -20.91 -2.25
CA LEU A 61 -0.02 -20.43 -1.34
C LEU A 61 -0.39 -19.10 -0.72
N LEU A 62 -0.62 -18.13 -1.55
CA LEU A 62 -0.98 -16.80 -1.04
C LEU A 62 -2.23 -16.91 -0.16
N ARG A 63 -2.19 -16.27 0.97
CA ARG A 63 -3.37 -16.32 1.89
C ARG A 63 -3.75 -14.90 2.30
N PRO A 64 -5.02 -14.71 2.54
CA PRO A 64 -5.51 -13.37 2.94
C PRO A 64 -5.21 -13.13 4.41
N VAL A 65 -4.93 -11.91 4.78
CA VAL A 65 -4.59 -11.63 6.19
C VAL A 65 -5.11 -10.26 6.63
N THR A 66 -4.42 -9.65 7.56
CA THR A 66 -4.81 -8.32 8.12
C THR A 66 -5.81 -7.56 7.26
N SER A 67 -7.01 -7.46 7.75
CA SER A 67 -8.04 -6.68 7.03
C SER A 67 -8.58 -5.68 8.05
N PHE A 68 -7.89 -4.61 8.22
CA PHE A 68 -8.30 -3.61 9.25
C PHE A 68 -8.05 -2.18 8.81
N GLN A 69 -8.25 -1.25 9.71
CA GLN A 69 -8.03 0.19 9.40
C GLN A 69 -7.01 0.76 10.40
N THR A 70 -5.89 0.12 10.52
CA THR A 70 -4.86 0.61 11.46
C THR A 70 -3.47 0.30 10.92
N VAL A 71 -2.50 0.26 11.80
CA VAL A 71 -1.11 -0.04 11.37
C VAL A 71 -0.53 -1.18 12.19
N GLU A 72 -1.10 -1.45 13.33
CA GLU A 72 -0.59 -2.56 14.19
C GLU A 72 -0.44 -3.85 13.39
N GLU A 73 -1.50 -4.31 12.77
CA GLU A 73 -1.39 -5.57 11.98
C GLU A 73 -0.38 -5.40 10.85
N PHE A 74 -0.58 -4.43 10.00
CA PHE A 74 0.38 -4.20 8.89
C PHE A 74 1.80 -4.23 9.45
N TRP A 75 2.03 -3.56 10.55
CA TRP A 75 3.38 -3.56 11.16
C TRP A 75 3.79 -4.99 11.48
N ALA A 76 2.83 -5.86 11.66
CA ALA A 76 3.15 -7.27 11.95
C ALA A 76 3.92 -7.86 10.77
N ILE A 77 3.33 -7.86 9.61
CA ILE A 77 4.05 -8.41 8.42
C ILE A 77 5.45 -7.81 8.38
N ILE A 78 5.60 -6.57 8.79
CA ILE A 78 6.96 -5.95 8.78
C ILE A 78 7.72 -6.39 10.03
N GLN A 79 7.02 -6.66 11.09
CA GLN A 79 7.70 -7.11 12.33
C GLN A 79 8.68 -8.22 12.00
N ASN A 80 8.37 -8.98 10.99
CA ASN A 80 9.28 -10.09 10.58
C ASN A 80 10.49 -9.53 9.86
N ILE A 81 10.46 -8.27 9.53
CA ILE A 81 11.57 -7.62 8.81
C ILE A 81 12.24 -8.60 7.85
N PRO A 82 11.43 -9.28 7.03
CA PRO A 82 11.97 -10.24 6.06
C PRO A 82 12.20 -9.54 4.71
N GLU A 83 11.64 -8.38 4.56
CA GLU A 83 11.79 -7.63 3.28
C GLU A 83 13.19 -7.04 3.13
N PRO A 84 13.70 -6.43 4.17
CA PRO A 84 15.05 -5.81 4.08
C PRO A 84 16.12 -6.89 3.95
N HIS A 85 15.98 -7.73 2.96
CA HIS A 85 16.98 -8.82 2.76
C HIS A 85 17.00 -9.73 3.98
N GLU A 86 15.86 -10.19 4.41
CA GLU A 86 15.80 -11.08 5.60
C GLU A 86 14.95 -12.31 5.32
N LEU A 87 14.36 -12.39 4.15
CA LEU A 87 13.50 -13.56 3.84
C LEU A 87 14.20 -14.49 2.83
N PRO A 88 13.54 -15.57 2.51
CA PRO A 88 14.09 -16.54 1.54
C PRO A 88 13.78 -16.09 0.11
N LEU A 89 13.85 -14.81 -0.13
CA LEU A 89 13.54 -14.28 -1.50
C LEU A 89 12.36 -14.98 -2.12
N LYS A 90 12.16 -14.77 -3.40
CA LYS A 90 11.01 -15.42 -4.08
C LYS A 90 9.76 -15.24 -3.24
N SER A 91 9.76 -14.24 -2.41
CA SER A 91 8.58 -14.01 -1.51
C SER A 91 7.59 -13.01 -2.11
N ASP A 92 6.49 -12.81 -1.44
CA ASP A 92 5.46 -11.84 -1.94
C ASP A 92 4.59 -11.34 -0.78
N TYR A 93 4.26 -10.08 -0.78
CA TYR A 93 3.42 -9.51 0.31
C TYR A 93 2.65 -8.30 -0.23
N HIS A 94 1.35 -8.26 -0.07
CA HIS A 94 0.61 -7.08 -0.62
C HIS A 94 -0.58 -6.69 0.26
N VAL A 95 -0.97 -5.44 0.19
CA VAL A 95 -2.13 -4.95 0.99
C VAL A 95 -2.82 -3.81 0.22
N PHE A 96 -4.12 -3.78 0.21
CA PHE A 96 -4.82 -2.69 -0.55
C PHE A 96 -6.18 -2.38 0.07
N ARG A 97 -6.67 -1.19 -0.14
CA ARG A 97 -7.99 -0.81 0.43
C ARG A 97 -9.02 -0.71 -0.70
N ASN A 98 -10.28 -0.59 -0.35
CA ASN A 98 -11.35 -0.48 -1.39
C ASN A 98 -11.59 -1.83 -2.06
N ASP A 99 -10.84 -2.83 -1.68
CA ASP A 99 -11.02 -4.17 -2.30
C ASP A 99 -11.18 -4.03 -3.81
N VAL A 100 -10.30 -3.29 -4.42
CA VAL A 100 -10.35 -3.08 -5.89
C VAL A 100 -10.79 -4.38 -6.60
N ARG A 101 -9.87 -5.15 -7.12
CA ARG A 101 -10.30 -6.41 -7.79
C ARG A 101 -9.90 -7.60 -6.92
N PRO A 102 -10.10 -8.79 -7.43
CA PRO A 102 -9.80 -10.02 -6.64
C PRO A 102 -8.29 -10.21 -6.37
N GLU A 103 -7.40 -9.53 -7.07
CA GLU A 103 -5.94 -9.76 -6.77
C GLU A 103 -5.04 -9.14 -7.83
N TRP A 104 -3.76 -9.29 -7.66
CA TRP A 104 -2.77 -8.75 -8.64
C TRP A 104 -3.23 -9.09 -10.05
N GLU A 105 -4.02 -10.12 -10.17
CA GLU A 105 -4.51 -10.55 -11.50
C GLU A 105 -5.70 -9.68 -11.92
N ASP A 106 -5.95 -8.62 -11.18
CA ASP A 106 -7.07 -7.72 -11.53
C ASP A 106 -7.04 -6.45 -10.65
N GLU A 107 -6.57 -6.56 -9.43
CA GLU A 107 -6.50 -5.37 -8.55
C GLU A 107 -5.77 -4.23 -9.26
N ALA A 108 -4.76 -4.56 -10.00
CA ALA A 108 -4.00 -3.51 -10.74
C ALA A 108 -4.80 -3.13 -11.98
N ASN A 109 -5.69 -3.99 -12.37
CA ASN A 109 -6.55 -3.73 -13.56
C ASN A 109 -7.62 -2.70 -13.18
N ALA A 110 -8.40 -3.00 -12.20
CA ALA A 110 -9.45 -2.04 -11.75
C ALA A 110 -8.88 -0.63 -11.74
N LYS A 111 -7.89 -0.39 -10.93
CA LYS A 111 -7.27 0.96 -10.89
C LYS A 111 -6.42 1.14 -12.16
N GLY A 112 -5.75 0.11 -12.57
CA GLY A 112 -4.95 0.19 -13.83
C GLY A 112 -3.57 0.83 -13.62
N GLY A 113 -2.78 0.31 -12.71
CA GLY A 113 -1.42 0.89 -12.49
C GLY A 113 -0.59 -0.09 -11.67
N LYS A 114 0.62 -0.38 -12.10
CA LYS A 114 1.45 -1.35 -11.31
C LYS A 114 2.92 -0.96 -11.40
N TRP A 115 3.41 -0.21 -10.44
CA TRP A 115 4.84 0.21 -10.47
C TRP A 115 5.71 -0.92 -9.92
N SER A 116 6.81 -1.19 -10.55
CA SER A 116 7.70 -2.29 -10.08
C SER A 116 9.11 -1.77 -9.80
N PHE A 117 9.66 -2.10 -8.67
CA PHE A 117 11.05 -1.64 -8.34
C PHE A 117 11.98 -2.85 -8.28
N GLN A 118 12.87 -2.98 -9.22
CA GLN A 118 13.81 -4.14 -9.21
C GLN A 118 15.14 -3.73 -8.57
N LEU A 119 15.44 -4.26 -7.42
CA LEU A 119 16.73 -3.90 -6.75
C LEU A 119 17.61 -5.14 -6.59
N ARG A 120 18.89 -4.96 -6.47
CA ARG A 120 19.80 -6.14 -6.31
C ARG A 120 20.86 -5.84 -5.24
N GLY A 121 20.58 -6.15 -4.01
CA GLY A 121 21.57 -5.89 -2.93
C GLY A 121 20.99 -4.87 -1.94
N LYS A 122 21.84 -4.21 -1.19
CA LYS A 122 21.34 -3.21 -0.22
C LYS A 122 20.21 -3.81 0.63
N GLY A 123 19.53 -3.01 1.39
CA GLY A 123 18.42 -3.54 2.24
C GLY A 123 18.69 -3.21 3.71
N ALA A 124 19.76 -2.49 3.99
CA ALA A 124 20.07 -2.15 5.39
C ALA A 124 18.81 -1.72 6.14
N ASP A 125 17.91 -1.06 5.47
CA ASP A 125 16.64 -0.62 6.13
C ASP A 125 15.80 0.21 5.17
N ILE A 126 15.78 -0.15 3.91
CA ILE A 126 14.99 0.62 2.91
C ILE A 126 13.53 0.18 2.96
N ASP A 127 13.28 -1.09 3.13
CA ASP A 127 11.87 -1.58 3.18
C ASP A 127 11.14 -0.92 4.36
N GLU A 128 11.87 -0.28 5.24
CA GLU A 128 11.19 0.38 6.39
C GLU A 128 10.67 1.74 5.97
N LEU A 129 11.44 2.44 5.18
CA LEU A 129 11.02 3.78 4.70
C LEU A 129 10.06 3.63 3.53
N TRP A 130 10.35 2.70 2.65
CA TRP A 130 9.45 2.48 1.48
C TRP A 130 8.07 2.06 1.98
N LEU A 131 8.03 1.35 3.08
CA LEU A 131 6.73 0.90 3.64
C LEU A 131 6.06 2.02 4.42
N ARG A 132 6.73 2.57 5.40
CA ARG A 132 6.13 3.67 6.19
C ARG A 132 5.41 4.64 5.26
N THR A 133 5.85 4.72 4.04
CA THR A 133 5.18 5.63 3.08
C THR A 133 4.01 4.93 2.39
N LEU A 134 4.11 3.65 2.17
CA LEU A 134 2.99 2.92 1.51
C LEU A 134 1.98 2.50 2.57
N LEU A 135 2.43 1.90 3.63
CA LEU A 135 1.49 1.47 4.71
C LEU A 135 0.80 2.70 5.30
N ALA A 136 1.49 3.82 5.34
CA ALA A 136 0.87 5.05 5.91
C ALA A 136 -0.13 5.64 4.90
N VAL A 137 0.15 5.51 3.64
CA VAL A 137 -0.76 6.07 2.60
C VAL A 137 -2.07 5.27 2.53
N ILE A 138 -2.09 4.07 3.05
CA ILE A 138 -3.36 3.27 3.00
C ILE A 138 -4.49 4.05 3.65
N GLY A 139 -4.21 4.70 4.75
CA GLY A 139 -5.27 5.49 5.45
C GLY A 139 -5.34 6.90 4.85
N GLU A 140 -5.10 7.04 3.57
CA GLU A 140 -5.16 8.37 2.93
C GLU A 140 -4.31 9.37 3.71
N THR A 141 -3.06 9.08 3.90
CA THR A 141 -2.18 10.03 4.63
C THR A 141 -2.20 11.38 3.94
N ILE A 142 -2.24 11.37 2.63
CA ILE A 142 -2.27 12.64 1.84
C ILE A 142 -0.87 13.28 1.78
N ASP A 143 0.03 12.88 2.65
CA ASP A 143 1.39 13.48 2.62
C ASP A 143 2.07 13.17 1.29
N GLU A 144 1.66 12.13 0.63
CA GLU A 144 2.28 11.78 -0.69
C GLU A 144 1.72 12.68 -1.79
N ASP A 145 0.54 13.23 -1.59
CA ASP A 145 -0.05 14.12 -2.62
C ASP A 145 -0.41 13.32 -3.87
N ASP A 146 -0.28 12.02 -3.82
CA ASP A 146 -0.62 11.19 -5.02
C ASP A 146 -2.12 10.89 -5.04
N SER A 147 -2.63 10.34 -3.97
CA SER A 147 -4.10 10.03 -3.93
C SER A 147 -4.52 9.28 -5.20
N GLN A 148 -5.77 8.95 -5.30
CA GLN A 148 -6.25 8.23 -6.53
C GLN A 148 -5.53 6.88 -6.66
N ILE A 149 -5.18 6.27 -5.57
CA ILE A 149 -4.47 4.94 -5.65
C ILE A 149 -5.32 3.87 -4.96
N ASN A 150 -4.84 2.65 -4.91
CA ASN A 150 -5.64 1.58 -4.24
C ASN A 150 -4.76 0.77 -3.28
N GLY A 151 -3.55 0.45 -3.65
CA GLY A 151 -2.70 -0.35 -2.72
C GLY A 151 -1.35 -0.66 -3.35
N VAL A 152 -0.50 -1.29 -2.58
CA VAL A 152 0.86 -1.65 -3.09
C VAL A 152 1.09 -3.15 -2.95
N VAL A 153 2.20 -3.64 -3.44
CA VAL A 153 2.49 -5.08 -3.33
C VAL A 153 4.00 -5.31 -3.14
N LEU A 154 4.36 -6.50 -2.73
CA LEU A 154 5.80 -6.81 -2.51
C LEU A 154 6.12 -8.18 -3.10
N SER A 155 7.28 -8.36 -3.67
CA SER A 155 7.62 -9.68 -4.26
C SER A 155 9.13 -9.78 -4.45
N ILE A 156 9.77 -10.67 -3.75
CA ILE A 156 11.23 -10.82 -3.92
C ILE A 156 11.52 -12.06 -4.77
N ARG A 157 12.64 -12.07 -5.45
CA ARG A 157 12.99 -13.24 -6.30
C ARG A 157 14.26 -12.94 -7.11
N LYS A 158 15.15 -12.15 -6.57
CA LYS A 158 16.39 -11.82 -7.31
C LYS A 158 17.54 -11.58 -6.32
N GLY A 159 18.53 -10.82 -6.73
CA GLY A 159 19.68 -10.54 -5.81
C GLY A 159 19.24 -9.55 -4.74
N GLY A 160 18.02 -9.08 -4.80
CA GLY A 160 17.55 -8.11 -3.78
C GLY A 160 16.06 -8.33 -3.52
N ASN A 161 15.21 -7.62 -4.22
CA ASN A 161 13.75 -7.78 -4.01
C ASN A 161 12.98 -6.95 -5.05
N LYS A 162 11.68 -7.06 -5.07
CA LYS A 162 10.88 -6.26 -6.05
C LYS A 162 9.55 -5.85 -5.43
N PHE A 163 9.14 -4.62 -5.63
CA PHE A 163 7.84 -4.19 -5.05
C PHE A 163 6.85 -3.83 -6.15
N ALA A 164 5.57 -4.00 -5.92
CA ALA A 164 4.58 -3.67 -6.97
C ALA A 164 3.53 -2.66 -6.46
N LEU A 165 3.66 -1.42 -6.84
CA LEU A 165 2.68 -0.39 -6.40
C LEU A 165 1.46 -0.39 -7.31
N TRP A 166 0.27 -0.45 -6.76
CA TRP A 166 -0.94 -0.46 -7.63
C TRP A 166 -1.65 0.89 -7.57
N THR A 167 -2.05 1.39 -8.70
CA THR A 167 -2.71 2.71 -8.72
C THR A 167 -3.82 2.78 -9.79
N LYS A 168 -4.62 3.79 -9.71
CA LYS A 168 -5.72 3.97 -10.70
C LYS A 168 -5.14 4.50 -12.02
N SER A 169 -3.85 4.68 -12.07
CA SER A 169 -3.17 5.21 -13.29
C SER A 169 -3.25 6.72 -13.29
N GLU A 170 -4.45 7.25 -13.23
CA GLU A 170 -4.65 8.74 -13.22
C GLU A 170 -3.51 9.43 -13.97
N ASP A 171 -3.08 8.84 -15.06
CA ASP A 171 -1.94 9.41 -15.83
C ASP A 171 -0.64 9.05 -15.10
N LYS A 172 0.20 8.27 -15.71
CA LYS A 172 1.46 7.83 -15.03
C LYS A 172 2.43 9.00 -14.84
N GLU A 173 2.22 10.09 -15.51
CA GLU A 173 3.17 11.24 -15.35
C GLU A 173 3.47 11.46 -13.86
N PRO A 174 2.44 11.76 -13.12
CA PRO A 174 2.60 11.98 -11.67
C PRO A 174 3.02 10.68 -10.99
N LEU A 175 2.86 9.57 -11.65
CA LEU A 175 3.28 8.28 -11.04
C LEU A 175 4.78 8.13 -11.22
N LEU A 176 5.26 8.20 -12.43
CA LEU A 176 6.73 8.10 -12.64
C LEU A 176 7.42 9.02 -11.64
N ARG A 177 6.71 10.01 -11.17
CA ARG A 177 7.30 10.93 -10.17
C ARG A 177 7.35 10.24 -8.81
N ILE A 178 6.31 9.52 -8.46
CA ILE A 178 6.32 8.81 -7.14
C ILE A 178 7.28 7.62 -7.21
N GLY A 179 7.19 6.84 -8.26
CA GLY A 179 8.11 5.67 -8.40
C GLY A 179 9.56 6.16 -8.30
N GLY A 180 9.88 7.22 -9.00
CA GLY A 180 11.28 7.74 -8.94
C GLY A 180 11.69 7.89 -7.48
N LYS A 181 10.95 8.66 -6.72
CA LYS A 181 11.30 8.84 -5.29
C LYS A 181 11.24 7.50 -4.57
N PHE A 182 10.15 6.79 -4.70
CA PHE A 182 10.03 5.46 -4.04
C PHE A 182 11.26 4.60 -4.37
N LYS A 183 11.87 4.83 -5.50
CA LYS A 183 13.06 4.03 -5.88
C LYS A 183 14.22 4.38 -4.94
N GLN A 184 14.61 5.62 -4.90
CA GLN A 184 15.74 6.02 -4.01
C GLN A 184 15.59 5.36 -2.64
N VAL A 185 14.41 5.40 -2.08
CA VAL A 185 14.20 4.77 -0.75
C VAL A 185 14.76 3.35 -0.77
N LEU A 186 14.62 2.67 -1.88
CA LEU A 186 15.14 1.28 -1.98
C LEU A 186 16.65 1.33 -2.18
N LYS A 187 17.22 2.49 -2.25
CA LYS A 187 18.69 2.60 -2.46
C LYS A 187 19.10 1.66 -3.59
N LEU A 188 18.27 1.52 -4.58
CA LEU A 188 18.58 0.62 -5.71
C LEU A 188 19.37 1.37 -6.79
N THR A 189 19.82 2.56 -6.49
CA THR A 189 20.59 3.36 -7.49
C THR A 189 21.52 2.45 -8.29
N ASP A 190 21.95 1.36 -7.72
CA ASP A 190 22.87 0.44 -8.46
C ASP A 190 22.07 -0.66 -9.16
N ASP A 191 20.97 -0.31 -9.78
CA ASP A 191 20.16 -1.34 -10.48
C ASP A 191 18.97 -0.69 -11.18
N GLY A 192 18.06 -1.49 -11.71
CA GLY A 192 16.87 -0.91 -12.39
C GLY A 192 16.32 0.25 -11.56
N HIS A 193 16.39 1.46 -12.07
CA HIS A 193 15.89 2.62 -11.29
C HIS A 193 14.39 2.49 -11.09
N LEU A 194 13.76 1.60 -11.79
CA LEU A 194 12.29 1.42 -11.64
C LEU A 194 11.74 0.59 -12.79
N GLU A 195 10.48 0.26 -12.73
CA GLU A 195 9.86 -0.56 -13.82
C GLU A 195 8.34 -0.36 -13.81
N PHE A 196 7.82 0.38 -14.74
CA PHE A 196 6.34 0.60 -14.77
C PHE A 196 5.65 -0.61 -15.38
N PHE A 197 4.46 -0.92 -14.93
CA PHE A 197 3.73 -2.10 -15.49
C PHE A 197 2.31 -1.70 -15.92
N PRO A 198 2.03 -1.92 -17.17
CA PRO A 198 0.69 -1.59 -17.70
C PRO A 198 -0.35 -2.61 -17.23
N HIS A 199 -1.20 -2.24 -16.33
CA HIS A 199 -2.23 -3.19 -15.83
C HIS A 199 -2.82 -3.97 -17.00
N SER A 200 -2.82 -3.38 -18.15
CA SER A 200 -3.38 -4.05 -19.36
C SER A 200 -2.71 -5.42 -19.58
N SER A 201 -1.61 -5.67 -18.93
CA SER A 201 -0.90 -6.98 -19.13
C SER A 201 -1.42 -8.03 -18.15
N ALA A 202 -1.75 -7.65 -16.95
CA ALA A 202 -2.23 -8.64 -15.95
C ALA A 202 -3.74 -8.89 -16.09
N ASN A 203 -4.27 -8.81 -17.27
CA ASN A 203 -5.73 -9.05 -17.45
C ASN A 203 -6.13 -8.96 -18.93
N GLY A 204 -5.27 -9.40 -19.81
CA GLY A 204 -5.60 -9.34 -21.27
C GLY A 204 -4.31 -9.36 -22.09
N ARG A 205 -3.63 -8.26 -22.15
CA ARG A 205 -2.36 -8.22 -22.94
C ARG A 205 -1.31 -9.14 -22.31
N HIS A 206 -0.43 -9.68 -23.11
CA HIS A 206 0.62 -10.58 -22.55
C HIS A 206 1.22 -9.98 -21.27
N PRO A 207 1.81 -10.85 -20.48
CA PRO A 207 2.42 -10.40 -19.21
C PRO A 207 3.72 -9.64 -19.48
N GLN A 208 3.77 -8.38 -19.13
CA GLN A 208 5.01 -7.59 -19.38
C GLN A 208 4.86 -6.18 -18.77
N PRO A 209 5.97 -5.67 -18.30
CA PRO A 209 5.98 -4.31 -17.70
C PRO A 209 5.82 -3.25 -18.78
N SER A 210 6.27 -2.04 -18.53
CA SER A 210 6.15 -0.97 -19.54
C SER A 210 7.52 -0.32 -19.75
N ILE A 211 8.19 0.02 -18.68
CA ILE A 211 9.52 0.65 -18.82
C ILE A 211 10.44 0.15 -17.70
N THR A 212 11.68 0.54 -17.77
CA THR A 212 12.65 0.13 -16.72
C THR A 212 13.77 1.16 -16.66
N LEU A 213 13.73 2.03 -15.71
CA LEU A 213 14.80 3.06 -15.62
C LEU A 213 16.04 2.49 -14.93
N MET A 1 -39.35 -9.82 7.45
CA MET A 1 -40.37 -8.90 8.01
C MET A 1 -41.45 -8.59 6.97
N SER A 2 -42.41 -7.77 7.31
CA SER A 2 -43.48 -7.44 6.32
C SER A 2 -43.45 -5.95 5.98
N VAL A 3 -42.55 -5.21 6.57
CA VAL A 3 -42.47 -3.75 6.28
C VAL A 3 -43.82 -3.09 6.55
N GLU A 4 -43.92 -2.35 7.63
CA GLU A 4 -45.20 -1.68 7.95
C GLU A 4 -44.94 -0.34 8.66
N GLU A 5 -44.34 0.60 7.97
CA GLU A 5 -44.06 1.91 8.59
C GLU A 5 -45.12 2.93 8.20
N VAL A 6 -45.05 3.46 7.01
CA VAL A 6 -46.05 4.46 6.56
C VAL A 6 -46.11 5.64 7.52
N SER A 7 -45.07 6.43 7.56
CA SER A 7 -45.06 7.60 8.48
C SER A 7 -45.85 8.77 7.87
N LYS A 8 -47.10 8.90 8.21
CA LYS A 8 -47.91 10.02 7.65
C LYS A 8 -48.05 11.15 8.68
N LYS A 9 -47.52 10.96 9.86
CA LYS A 9 -47.62 12.03 10.89
C LYS A 9 -46.29 12.78 11.01
N PHE A 10 -46.06 13.45 12.10
CA PHE A 10 -44.79 14.20 12.27
C PHE A 10 -43.93 13.55 13.36
N GLU A 11 -42.96 12.77 12.96
CA GLU A 11 -42.09 12.10 13.97
C GLU A 11 -40.62 12.35 13.64
N GLU A 12 -40.11 13.51 14.01
CA GLU A 12 -38.68 13.81 13.72
C GLU A 12 -37.84 13.65 14.99
N ASN A 13 -37.73 12.46 15.50
CA ASN A 13 -36.93 12.25 16.74
C ASN A 13 -36.25 10.88 16.71
N VAL A 14 -36.01 10.36 15.53
CA VAL A 14 -35.35 9.02 15.43
C VAL A 14 -34.80 8.81 14.02
N SER A 15 -33.86 7.90 13.87
CA SER A 15 -33.30 7.64 12.52
C SER A 15 -32.63 8.91 11.96
N VAL A 16 -32.26 9.82 12.82
CA VAL A 16 -31.60 11.07 12.34
C VAL A 16 -30.80 11.72 13.48
N ASP A 17 -31.31 11.66 14.67
CA ASP A 17 -30.58 12.28 15.82
C ASP A 17 -29.35 11.43 16.18
N ASP A 18 -28.28 12.07 16.55
CA ASP A 18 -27.06 11.31 16.92
C ASP A 18 -25.95 12.26 17.40
N THR A 19 -26.29 13.20 18.23
CA THR A 19 -25.27 14.16 18.73
C THR A 19 -24.22 13.43 19.57
N THR A 20 -24.63 12.47 20.35
CA THR A 20 -23.66 11.73 21.19
C THR A 20 -22.97 10.64 20.38
N ALA A 21 -22.33 11.00 19.30
CA ALA A 21 -21.65 9.98 18.46
C ALA A 21 -20.23 9.71 18.98
N THR A 22 -20.11 9.33 20.22
CA THR A 22 -18.76 9.06 20.79
C THR A 22 -18.22 7.73 20.27
N PRO A 23 -18.94 6.68 20.53
CA PRO A 23 -18.54 5.33 20.08
C PRO A 23 -18.73 5.19 18.57
N LYS A 24 -19.85 5.63 18.07
CA LYS A 24 -20.11 5.53 16.60
C LYS A 24 -19.34 6.62 15.85
N THR A 25 -18.04 6.50 15.76
CA THR A 25 -17.24 7.53 15.04
C THR A 25 -17.56 7.51 13.54
N VAL A 26 -16.86 8.29 12.76
CA VAL A 26 -17.12 8.31 11.30
C VAL A 26 -15.85 7.95 10.52
N LEU A 27 -15.99 7.38 9.36
CA LEU A 27 -14.80 7.01 8.56
C LEU A 27 -14.61 7.97 7.38
N SER A 28 -14.68 9.25 7.64
CA SER A 28 -14.52 10.24 6.53
C SER A 28 -14.58 11.66 7.08
N ASP A 29 -13.69 12.01 7.98
CA ASP A 29 -13.70 13.38 8.55
C ASP A 29 -12.31 14.00 8.48
N SER A 30 -12.17 15.12 7.83
CA SER A 30 -10.83 15.76 7.71
C SER A 30 -10.53 16.57 8.99
N ALA A 31 -9.90 15.94 9.95
CA ALA A 31 -9.57 16.67 11.21
C ALA A 31 -8.73 15.77 12.13
N HIS A 32 -9.25 14.62 12.47
CA HIS A 32 -8.48 13.70 13.37
C HIS A 32 -7.25 13.15 12.64
N PHE A 33 -6.08 13.51 13.09
CA PHE A 33 -4.84 13.02 12.43
C PHE A 33 -4.19 11.92 13.28
N ASP A 34 -4.76 10.74 13.28
CA ASP A 34 -4.18 9.63 14.09
C ASP A 34 -3.18 8.84 13.27
N VAL A 35 -3.64 8.05 12.34
CA VAL A 35 -2.71 7.24 11.49
C VAL A 35 -1.87 6.30 12.36
N LYS A 36 -2.23 6.15 13.60
CA LYS A 36 -1.45 5.24 14.50
C LYS A 36 -2.29 4.01 14.85
N HIS A 37 -3.48 3.92 14.31
CA HIS A 37 -4.35 2.75 14.59
C HIS A 37 -5.72 2.95 13.93
N PRO A 38 -6.28 4.11 14.13
CA PRO A 38 -7.59 4.43 13.54
C PRO A 38 -7.41 5.12 12.18
N LEU A 39 -6.98 4.41 11.18
CA LEU A 39 -6.79 5.05 9.84
C LEU A 39 -8.13 5.61 9.35
N ASN A 40 -8.42 5.44 8.09
CA ASN A 40 -9.70 5.96 7.54
C ASN A 40 -10.06 5.21 6.26
N THR A 41 -9.49 4.04 6.08
CA THR A 41 -9.80 3.24 4.86
C THR A 41 -9.98 1.77 5.21
N LYS A 42 -10.32 0.97 4.25
CA LYS A 42 -10.49 -0.48 4.52
C LYS A 42 -9.62 -1.30 3.57
N TRP A 43 -8.64 -2.00 4.09
CA TRP A 43 -7.78 -2.80 3.18
C TRP A 43 -7.59 -4.21 3.71
N THR A 44 -6.93 -5.04 2.96
CA THR A 44 -6.72 -6.44 3.38
C THR A 44 -5.24 -6.80 3.24
N LEU A 45 -4.84 -7.92 3.78
CA LEU A 45 -3.40 -8.29 3.71
C LEU A 45 -3.19 -9.69 3.13
N TRP A 46 -2.73 -9.78 1.92
CA TRP A 46 -2.48 -11.12 1.31
C TRP A 46 -0.97 -11.31 1.10
N TYR A 47 -0.38 -12.30 1.70
CA TYR A 47 1.09 -12.51 1.50
C TYR A 47 1.36 -13.88 0.88
N THR A 48 2.53 -14.05 0.33
CA THR A 48 2.89 -15.34 -0.30
C THR A 48 4.33 -15.72 0.04
N LYS A 49 4.73 -16.91 -0.29
CA LYS A 49 6.14 -17.33 0.00
C LYS A 49 6.60 -18.41 -0.99
N PRO A 50 5.98 -19.56 -0.93
CA PRO A 50 6.36 -20.66 -1.85
C PRO A 50 5.94 -20.35 -3.29
N ALA A 51 5.83 -21.35 -4.12
CA ALA A 51 5.42 -21.12 -5.55
C ALA A 51 5.77 -22.34 -6.41
N VAL A 52 6.65 -23.18 -5.94
CA VAL A 52 7.05 -24.40 -6.71
C VAL A 52 5.85 -25.00 -7.45
N ASP A 53 4.67 -24.88 -6.87
CA ASP A 53 3.45 -25.45 -7.51
C ASP A 53 3.40 -26.97 -7.35
N LYS A 54 4.45 -27.56 -6.86
CA LYS A 54 4.44 -29.03 -6.66
C LYS A 54 3.28 -29.38 -5.74
N SER A 55 3.10 -28.55 -4.76
CA SER A 55 2.00 -28.76 -3.77
C SER A 55 1.58 -27.41 -3.19
N GLU A 56 2.08 -26.32 -3.75
CA GLU A 56 1.73 -24.98 -3.23
C GLU A 56 1.64 -24.02 -4.43
N SER A 57 0.50 -23.91 -5.01
CA SER A 57 0.32 -23.02 -6.19
C SER A 57 0.11 -21.59 -5.74
N TRP A 58 0.37 -20.63 -6.58
CA TRP A 58 0.18 -19.21 -6.17
C TRP A 58 -1.14 -19.09 -5.41
N SER A 59 -2.08 -19.92 -5.74
CA SER A 59 -3.40 -19.87 -5.05
C SER A 59 -3.32 -20.63 -3.73
N ASP A 60 -2.36 -21.51 -3.59
CA ASP A 60 -2.23 -22.27 -2.32
C ASP A 60 -1.28 -21.52 -1.37
N LEU A 61 -0.50 -20.61 -1.89
CA LEU A 61 0.44 -19.86 -1.01
C LEU A 61 -0.23 -18.58 -0.54
N LEU A 62 -0.55 -17.72 -1.47
CA LEU A 62 -1.21 -16.44 -1.12
C LEU A 62 -2.18 -16.62 0.04
N ARG A 63 -2.00 -15.88 1.09
CA ARG A 63 -2.93 -16.00 2.24
C ARG A 63 -3.61 -14.66 2.49
N PRO A 64 -4.87 -14.59 2.16
CA PRO A 64 -5.64 -13.35 2.37
C PRO A 64 -5.99 -13.23 3.85
N VAL A 65 -5.53 -12.20 4.51
CA VAL A 65 -5.80 -12.11 5.96
C VAL A 65 -5.98 -10.65 6.42
N THR A 66 -5.35 -10.30 7.52
CA THR A 66 -5.45 -8.92 8.12
C THR A 66 -6.05 -7.88 7.18
N SER A 67 -7.22 -7.42 7.52
CA SER A 67 -7.88 -6.36 6.72
C SER A 67 -8.42 -5.34 7.70
N PHE A 68 -7.60 -4.39 8.04
CA PHE A 68 -8.02 -3.38 9.05
C PHE A 68 -7.78 -1.95 8.57
N GLN A 69 -7.98 -1.01 9.45
CA GLN A 69 -7.76 0.43 9.13
C GLN A 69 -6.78 0.99 10.14
N THR A 70 -5.71 0.27 10.38
CA THR A 70 -4.72 0.76 11.37
C THR A 70 -3.31 0.67 10.77
N VAL A 71 -2.33 0.63 11.62
CA VAL A 71 -0.93 0.54 11.12
C VAL A 71 -0.24 -0.64 11.81
N GLU A 72 -0.57 -0.89 13.04
CA GLU A 72 0.06 -2.04 13.76
C GLU A 72 -0.06 -3.32 12.95
N GLU A 73 -1.20 -3.57 12.36
CA GLU A 73 -1.38 -4.80 11.55
C GLU A 73 -0.34 -4.83 10.43
N PHE A 74 -0.45 -3.92 9.50
CA PHE A 74 0.55 -3.89 8.39
C PHE A 74 1.95 -3.93 8.98
N TRP A 75 2.23 -3.06 9.92
CA TRP A 75 3.58 -3.05 10.56
C TRP A 75 3.92 -4.45 11.04
N ALA A 76 2.93 -5.24 11.34
CA ALA A 76 3.18 -6.62 11.79
C ALA A 76 3.93 -7.39 10.70
N ILE A 77 3.32 -7.53 9.55
CA ILE A 77 4.00 -8.25 8.44
C ILE A 77 5.43 -7.72 8.32
N ILE A 78 5.64 -6.46 8.63
CA ILE A 78 7.01 -5.89 8.54
C ILE A 78 7.78 -6.22 9.81
N GLN A 79 7.09 -6.34 10.91
CA GLN A 79 7.76 -6.68 12.19
C GLN A 79 8.71 -7.86 11.96
N ASN A 80 8.33 -8.72 11.06
CA ASN A 80 9.18 -9.91 10.75
C ASN A 80 10.42 -9.49 9.98
N ILE A 81 10.42 -8.26 9.53
CA ILE A 81 11.54 -7.72 8.71
C ILE A 81 12.20 -8.83 7.88
N PRO A 82 11.39 -9.56 7.14
CA PRO A 82 11.92 -10.65 6.29
C PRO A 82 12.14 -10.11 4.87
N GLU A 83 11.63 -8.95 4.62
CA GLU A 83 11.77 -8.33 3.26
C GLU A 83 13.16 -7.71 3.06
N PRO A 84 13.66 -7.01 4.05
CA PRO A 84 14.98 -6.37 3.92
C PRO A 84 16.09 -7.42 3.88
N HIS A 85 15.97 -8.37 3.00
CA HIS A 85 17.02 -9.43 2.90
C HIS A 85 17.06 -10.24 4.20
N GLU A 86 15.93 -10.65 4.69
CA GLU A 86 15.90 -11.44 5.94
C GLU A 86 15.14 -12.74 5.74
N LEU A 87 14.54 -12.92 4.60
CA LEU A 87 13.78 -14.18 4.34
C LEU A 87 14.40 -14.93 3.16
N PRO A 88 13.84 -16.07 2.85
CA PRO A 88 14.34 -16.89 1.72
C PRO A 88 13.90 -16.30 0.38
N LEU A 89 14.07 -15.00 0.22
CA LEU A 89 13.66 -14.34 -1.06
C LEU A 89 12.41 -14.98 -1.65
N LYS A 90 12.22 -14.83 -2.94
CA LYS A 90 11.02 -15.42 -3.59
C LYS A 90 9.76 -15.09 -2.80
N SER A 91 9.82 -14.07 -2.02
CA SER A 91 8.64 -13.68 -1.19
C SER A 91 7.62 -12.89 -2.02
N ASP A 92 6.44 -12.70 -1.48
CA ASP A 92 5.40 -11.94 -2.23
C ASP A 92 4.31 -11.44 -1.28
N TYR A 93 4.41 -10.22 -0.80
CA TYR A 93 3.36 -9.70 0.12
C TYR A 93 2.39 -8.81 -0.67
N HIS A 94 1.19 -8.65 -0.19
CA HIS A 94 0.21 -7.80 -0.92
C HIS A 94 -0.79 -7.15 0.03
N VAL A 95 -1.09 -5.89 -0.18
CA VAL A 95 -2.06 -5.19 0.70
C VAL A 95 -2.77 -4.09 -0.10
N PHE A 96 -4.06 -4.01 -0.01
CA PHE A 96 -4.79 -2.96 -0.77
C PHE A 96 -6.00 -2.45 0.01
N ARG A 97 -6.38 -1.22 -0.22
CA ARG A 97 -7.55 -0.64 0.50
C ARG A 97 -8.70 -0.40 -0.48
N ASN A 98 -8.46 0.37 -1.50
CA ASN A 98 -9.52 0.66 -2.50
C ASN A 98 -10.33 -0.60 -2.82
N ASP A 99 -9.75 -1.75 -2.64
CA ASP A 99 -10.48 -3.01 -2.96
C ASP A 99 -10.63 -3.15 -4.48
N VAL A 100 -9.72 -2.54 -5.20
CA VAL A 100 -9.76 -2.61 -6.68
C VAL A 100 -10.28 -3.97 -7.16
N ARG A 101 -9.41 -4.90 -7.48
CA ARG A 101 -9.88 -6.23 -7.94
C ARG A 101 -9.46 -7.32 -6.94
N PRO A 102 -9.78 -8.55 -7.26
CA PRO A 102 -9.47 -9.69 -6.36
C PRO A 102 -7.97 -10.06 -6.30
N GLU A 103 -7.10 -9.48 -7.09
CA GLU A 103 -5.65 -9.91 -6.98
C GLU A 103 -4.79 -9.31 -8.10
N TRP A 104 -3.50 -9.46 -8.01
CA TRP A 104 -2.61 -8.92 -9.07
C TRP A 104 -3.12 -9.33 -10.45
N GLU A 105 -3.92 -10.36 -10.50
CA GLU A 105 -4.47 -10.81 -11.80
C GLU A 105 -5.68 -9.94 -12.15
N ASP A 106 -5.99 -8.99 -11.31
CA ASP A 106 -7.13 -8.09 -11.58
C ASP A 106 -6.93 -6.77 -10.81
N GLU A 107 -6.43 -6.85 -9.60
CA GLU A 107 -6.16 -5.61 -8.81
C GLU A 107 -5.28 -4.69 -9.64
N ALA A 108 -4.42 -5.26 -10.42
CA ALA A 108 -3.53 -4.45 -11.28
C ALA A 108 -4.22 -4.19 -12.62
N ASN A 109 -5.25 -4.93 -12.89
CA ASN A 109 -6.01 -4.75 -14.14
C ASN A 109 -6.94 -3.56 -13.98
N ALA A 110 -7.30 -3.27 -12.76
CA ALA A 110 -8.21 -2.14 -12.47
C ALA A 110 -7.41 -0.85 -12.23
N LYS A 111 -6.50 -0.87 -11.29
CA LYS A 111 -5.70 0.34 -11.01
C LYS A 111 -5.08 0.87 -12.32
N GLY A 112 -4.69 -0.03 -13.18
CA GLY A 112 -4.12 0.40 -14.49
C GLY A 112 -2.58 0.55 -14.43
N GLY A 113 -2.01 0.98 -13.34
CA GLY A 113 -0.51 1.15 -13.33
C GLY A 113 0.12 0.45 -12.12
N LYS A 114 1.16 -0.31 -12.35
CA LYS A 114 1.85 -1.01 -11.23
C LYS A 114 3.35 -0.67 -11.25
N TRP A 115 3.79 0.17 -10.35
CA TRP A 115 5.25 0.53 -10.32
C TRP A 115 6.04 -0.58 -9.62
N SER A 116 6.99 -1.17 -10.28
CA SER A 116 7.78 -2.26 -9.63
C SER A 116 9.24 -1.85 -9.50
N PHE A 117 9.80 -1.94 -8.33
CA PHE A 117 11.24 -1.58 -8.15
C PHE A 117 12.06 -2.86 -8.04
N GLN A 118 12.83 -3.17 -9.04
CA GLN A 118 13.66 -4.41 -8.99
C GLN A 118 15.05 -4.08 -8.45
N LEU A 119 15.24 -4.28 -7.17
CA LEU A 119 16.58 -3.99 -6.57
C LEU A 119 17.41 -5.27 -6.49
N ARG A 120 18.69 -5.18 -6.74
CA ARG A 120 19.55 -6.39 -6.68
C ARG A 120 20.62 -6.23 -5.59
N GLY A 121 20.32 -5.49 -4.55
CA GLY A 121 21.31 -5.29 -3.47
C GLY A 121 20.60 -5.35 -2.11
N LYS A 122 21.23 -4.85 -1.08
CA LYS A 122 20.59 -4.87 0.26
C LYS A 122 21.31 -3.90 1.20
N GLY A 123 20.91 -3.86 2.45
CA GLY A 123 21.57 -2.95 3.41
C GLY A 123 21.32 -3.44 4.84
N ALA A 124 20.08 -3.59 5.22
CA ALA A 124 19.77 -4.07 6.59
C ALA A 124 18.28 -3.89 6.89
N ASP A 125 17.66 -2.91 6.30
CA ASP A 125 16.21 -2.69 6.56
C ASP A 125 15.62 -1.75 5.50
N ILE A 126 16.10 -1.84 4.28
CA ILE A 126 15.54 -0.95 3.21
C ILE A 126 14.06 -1.23 3.00
N ASP A 127 13.66 -2.48 3.10
CA ASP A 127 12.23 -2.82 2.90
C ASP A 127 11.38 -2.29 4.06
N GLU A 128 12.01 -1.85 5.12
CA GLU A 128 11.23 -1.32 6.28
C GLU A 128 10.89 0.15 6.03
N LEU A 129 11.81 0.87 5.45
CA LEU A 129 11.56 2.32 5.17
C LEU A 129 10.63 2.46 3.97
N TRP A 130 10.86 1.68 2.93
CA TRP A 130 9.99 1.76 1.74
C TRP A 130 8.57 1.32 2.12
N LEU A 131 8.47 0.41 3.06
CA LEU A 131 7.13 -0.06 3.50
C LEU A 131 6.47 1.01 4.36
N ARG A 132 7.14 1.47 5.37
CA ARG A 132 6.56 2.53 6.24
C ARG A 132 5.91 3.59 5.35
N THR A 133 6.42 3.74 4.16
CA THR A 133 5.84 4.74 3.22
C THR A 133 4.61 4.16 2.53
N LEU A 134 4.59 2.87 2.31
CA LEU A 134 3.40 2.25 1.66
C LEU A 134 2.27 2.10 2.68
N LEU A 135 2.51 1.36 3.73
CA LEU A 135 1.43 1.19 4.76
C LEU A 135 0.92 2.55 5.21
N ALA A 136 1.74 3.55 5.21
CA ALA A 136 1.28 4.90 5.63
C ALA A 136 0.45 5.54 4.52
N VAL A 137 0.91 5.43 3.30
CA VAL A 137 0.15 6.05 2.16
C VAL A 137 -1.28 5.49 2.09
N ILE A 138 -1.55 4.39 2.74
CA ILE A 138 -2.93 3.82 2.67
C ILE A 138 -3.92 4.74 3.39
N GLY A 139 -3.56 5.27 4.52
CA GLY A 139 -4.49 6.15 5.27
C GLY A 139 -3.71 7.07 6.22
N GLU A 140 -2.51 7.45 5.84
CA GLU A 140 -1.73 8.35 6.73
C GLU A 140 -2.00 9.80 6.36
N THR A 141 -3.23 10.10 6.07
CA THR A 141 -3.60 11.49 5.70
C THR A 141 -2.55 12.07 4.75
N ILE A 142 -2.02 11.26 3.87
CA ILE A 142 -0.99 11.74 2.92
C ILE A 142 -1.50 12.96 2.15
N ASP A 143 -2.73 12.92 1.71
CA ASP A 143 -3.28 14.08 0.94
C ASP A 143 -2.25 14.60 -0.05
N GLU A 144 -2.18 14.01 -1.21
CA GLU A 144 -1.18 14.46 -2.22
C GLU A 144 -1.46 13.80 -3.57
N ASP A 145 -1.92 12.57 -3.55
CA ASP A 145 -2.21 11.86 -4.84
C ASP A 145 -2.45 10.37 -4.58
N ASP A 146 -1.84 9.84 -3.55
CA ASP A 146 -2.02 8.39 -3.25
C ASP A 146 -3.29 8.17 -2.41
N SER A 147 -4.18 9.12 -2.40
CA SER A 147 -5.43 8.97 -1.61
C SER A 147 -6.38 7.97 -2.29
N GLN A 148 -6.54 8.09 -3.58
CA GLN A 148 -7.44 7.16 -4.31
C GLN A 148 -6.62 6.08 -5.02
N ILE A 149 -5.41 5.87 -4.60
CA ILE A 149 -4.56 4.83 -5.25
C ILE A 149 -5.27 3.47 -5.25
N ASN A 150 -4.56 2.41 -5.49
CA ASN A 150 -5.19 1.06 -5.51
C ASN A 150 -4.60 0.20 -4.40
N GLY A 151 -3.32 0.31 -4.18
CA GLY A 151 -2.67 -0.49 -3.12
C GLY A 151 -1.26 -0.85 -3.60
N VAL A 152 -0.48 -1.48 -2.77
CA VAL A 152 0.90 -1.83 -3.19
C VAL A 152 1.14 -3.33 -3.04
N VAL A 153 2.29 -3.78 -3.48
CA VAL A 153 2.62 -5.23 -3.38
C VAL A 153 4.14 -5.39 -3.23
N LEU A 154 4.56 -6.48 -2.66
CA LEU A 154 6.02 -6.70 -2.49
C LEU A 154 6.37 -8.14 -2.87
N SER A 155 7.52 -8.36 -3.42
CA SER A 155 7.89 -9.76 -3.80
C SER A 155 9.39 -9.90 -4.01
N ILE A 156 10.03 -10.72 -3.23
CA ILE A 156 11.50 -10.91 -3.42
C ILE A 156 11.73 -12.13 -4.33
N ARG A 157 12.85 -12.18 -4.98
CA ARG A 157 13.15 -13.35 -5.88
C ARG A 157 14.35 -13.04 -6.80
N LYS A 158 15.28 -12.26 -6.35
CA LYS A 158 16.45 -11.94 -7.22
C LYS A 158 17.70 -11.65 -6.39
N GLY A 159 17.79 -12.22 -5.22
CA GLY A 159 18.98 -11.96 -4.35
C GLY A 159 18.70 -10.74 -3.47
N GLY A 160 17.94 -9.80 -3.96
CA GLY A 160 17.63 -8.60 -3.15
C GLY A 160 16.12 -8.58 -2.88
N ASN A 161 15.36 -7.92 -3.72
CA ASN A 161 13.89 -7.87 -3.50
C ASN A 161 13.26 -6.81 -4.40
N LYS A 162 11.98 -6.88 -4.61
CA LYS A 162 11.29 -5.87 -5.46
C LYS A 162 9.90 -5.58 -4.91
N PHE A 163 9.33 -4.45 -5.24
CA PHE A 163 7.97 -4.13 -4.72
C PHE A 163 7.11 -3.52 -5.83
N ALA A 164 5.88 -3.94 -5.93
CA ALA A 164 4.99 -3.39 -6.99
C ALA A 164 3.89 -2.51 -6.38
N LEU A 165 3.86 -1.24 -6.73
CA LEU A 165 2.81 -0.34 -6.17
C LEU A 165 1.70 -0.17 -7.20
N TRP A 166 0.48 -0.47 -6.84
CA TRP A 166 -0.64 -0.33 -7.80
C TRP A 166 -1.30 1.03 -7.66
N THR A 167 -1.59 1.65 -8.77
CA THR A 167 -2.23 2.99 -8.72
C THR A 167 -3.62 2.96 -9.34
N LYS A 168 -4.62 3.26 -8.57
CA LYS A 168 -6.01 3.25 -9.11
C LYS A 168 -6.03 3.87 -10.52
N SER A 169 -5.23 4.88 -10.74
CA SER A 169 -5.17 5.56 -12.07
C SER A 169 -4.60 6.97 -11.91
N GLU A 170 -5.45 7.89 -11.54
CA GLU A 170 -4.99 9.30 -11.34
C GLU A 170 -4.03 9.74 -12.45
N ASP A 171 -4.09 9.13 -13.60
CA ASP A 171 -3.17 9.53 -14.69
C ASP A 171 -1.73 9.13 -14.33
N LYS A 172 -1.06 8.50 -15.24
CA LYS A 172 0.35 8.06 -14.96
C LYS A 172 1.25 9.28 -14.75
N GLU A 173 0.85 10.44 -15.19
CA GLU A 173 1.72 11.63 -15.00
C GLU A 173 2.11 11.74 -13.53
N PRO A 174 1.12 11.89 -12.70
CA PRO A 174 1.36 11.99 -11.25
C PRO A 174 1.90 10.65 -10.72
N LEU A 175 1.79 9.59 -11.49
CA LEU A 175 2.33 8.29 -11.02
C LEU A 175 3.82 8.25 -11.26
N LEU A 176 4.24 8.46 -12.48
CA LEU A 176 5.70 8.46 -12.76
C LEU A 176 6.38 9.46 -11.83
N ARG A 177 5.61 10.38 -11.30
CA ARG A 177 6.18 11.38 -10.37
C ARG A 177 6.33 10.77 -8.97
N ILE A 178 5.23 10.37 -8.38
CA ILE A 178 5.30 9.75 -7.03
C ILE A 178 6.17 8.49 -7.10
N GLY A 179 5.97 7.68 -8.11
CA GLY A 179 6.79 6.44 -8.24
C GLY A 179 8.27 6.81 -8.15
N GLY A 180 8.69 7.77 -8.93
CA GLY A 180 10.12 8.19 -8.89
C GLY A 180 10.54 8.32 -7.42
N LYS A 181 9.84 9.11 -6.66
CA LYS A 181 10.18 9.26 -5.22
C LYS A 181 10.21 7.89 -4.56
N PHE A 182 9.35 7.00 -4.98
CA PHE A 182 9.31 5.64 -4.38
C PHE A 182 10.53 4.84 -4.85
N LYS A 183 11.16 5.26 -5.90
CA LYS A 183 12.35 4.52 -6.40
C LYS A 183 13.55 4.78 -5.49
N GLN A 184 13.80 6.02 -5.16
CA GLN A 184 14.95 6.34 -4.28
C GLN A 184 14.67 5.93 -2.84
N VAL A 185 13.42 5.95 -2.45
CA VAL A 185 13.09 5.53 -1.06
C VAL A 185 13.75 4.18 -0.77
N LEU A 186 13.88 3.38 -1.79
CA LEU A 186 14.53 2.04 -1.59
C LEU A 186 16.01 2.25 -1.33
N LYS A 187 16.49 3.45 -1.51
CA LYS A 187 17.93 3.74 -1.29
C LYS A 187 18.77 3.07 -2.38
N LEU A 188 18.27 3.06 -3.57
CA LEU A 188 19.02 2.43 -4.69
C LEU A 188 19.30 3.46 -5.79
N THR A 189 20.10 3.10 -6.74
CA THR A 189 20.43 4.05 -7.85
C THR A 189 21.54 3.46 -8.73
N ASP A 190 21.60 2.15 -8.86
CA ASP A 190 22.66 1.53 -9.70
C ASP A 190 22.12 0.28 -10.39
N ASP A 191 20.81 0.16 -10.49
CA ASP A 191 20.23 -1.04 -11.15
C ASP A 191 18.70 -1.03 -10.98
N GLY A 192 17.97 -1.02 -12.07
CA GLY A 192 16.49 -1.02 -11.98
C GLY A 192 16.03 0.04 -10.99
N HIS A 193 16.23 1.29 -11.32
CA HIS A 193 15.81 2.38 -10.38
C HIS A 193 14.29 2.39 -10.26
N LEU A 194 13.61 1.79 -11.18
CA LEU A 194 12.12 1.78 -11.12
C LEU A 194 11.56 1.17 -12.41
N GLU A 195 10.67 0.23 -12.29
CA GLU A 195 10.08 -0.39 -13.50
C GLU A 195 8.60 -0.04 -13.56
N PHE A 196 8.14 0.41 -14.69
CA PHE A 196 6.71 0.77 -14.82
C PHE A 196 5.97 -0.33 -15.57
N PHE A 197 4.96 -0.90 -14.97
CA PHE A 197 4.20 -1.99 -15.64
C PHE A 197 2.72 -1.61 -15.75
N PRO A 198 2.28 -1.46 -16.96
CA PRO A 198 0.86 -1.11 -17.21
C PRO A 198 -0.02 -2.32 -16.95
N HIS A 199 -1.16 -2.13 -16.32
CA HIS A 199 -2.06 -3.27 -16.03
C HIS A 199 -2.10 -4.22 -17.22
N SER A 200 -1.91 -3.70 -18.40
CA SER A 200 -1.92 -4.56 -19.62
C SER A 200 -0.88 -5.67 -19.49
N SER A 201 0.04 -5.54 -18.57
CA SER A 201 1.09 -6.59 -18.40
C SER A 201 0.52 -7.78 -17.62
N ALA A 202 0.09 -7.55 -16.42
CA ALA A 202 -0.48 -8.66 -15.60
C ALA A 202 -1.58 -9.38 -16.38
N ASN A 203 -2.25 -8.68 -17.26
CA ASN A 203 -3.33 -9.33 -18.05
C ASN A 203 -2.74 -10.38 -19.00
N GLY A 204 -1.83 -9.98 -19.83
CA GLY A 204 -1.21 -10.95 -20.80
C GLY A 204 -1.32 -10.38 -22.21
N ARG A 205 -1.88 -9.20 -22.36
CA ARG A 205 -2.02 -8.61 -23.71
C ARG A 205 -1.15 -7.34 -23.82
N HIS A 206 -0.81 -6.94 -25.01
CA HIS A 206 0.03 -5.72 -25.18
C HIS A 206 1.41 -5.93 -24.57
N PRO A 207 2.37 -6.19 -25.42
CA PRO A 207 3.76 -6.43 -24.96
C PRO A 207 4.41 -5.11 -24.52
N GLN A 208 5.53 -5.18 -23.85
CA GLN A 208 6.21 -3.94 -23.40
C GLN A 208 5.36 -3.21 -22.36
N PRO A 209 5.85 -3.20 -21.14
CA PRO A 209 5.12 -2.52 -20.04
C PRO A 209 5.24 -0.99 -20.20
N SER A 210 6.21 -0.39 -19.56
CA SER A 210 6.36 1.08 -19.69
C SER A 210 7.85 1.44 -19.64
N ILE A 211 8.50 1.24 -18.53
CA ILE A 211 9.94 1.56 -18.46
C ILE A 211 10.63 0.72 -17.41
N THR A 212 11.92 0.77 -17.36
CA THR A 212 12.67 -0.01 -16.36
C THR A 212 14.07 0.59 -16.19
N LEU A 213 14.26 1.32 -15.14
CA LEU A 213 15.58 1.96 -14.91
C LEU A 213 16.59 0.94 -14.38
N MET A 1 -30.12 -12.85 -9.03
CA MET A 1 -30.22 -13.79 -10.19
C MET A 1 -30.29 -12.99 -11.50
N SER A 2 -30.98 -11.89 -11.49
CA SER A 2 -31.10 -11.06 -12.74
C SER A 2 -30.68 -9.62 -12.45
N VAL A 3 -29.63 -9.17 -13.08
CA VAL A 3 -29.17 -7.76 -12.85
C VAL A 3 -30.36 -6.80 -12.85
N GLU A 4 -30.90 -6.52 -14.00
CA GLU A 4 -32.06 -5.59 -14.06
C GLU A 4 -32.91 -5.88 -15.31
N GLU A 5 -32.93 -7.10 -15.75
CA GLU A 5 -33.73 -7.43 -16.96
C GLU A 5 -35.20 -7.71 -16.57
N VAL A 6 -35.41 -8.48 -15.54
CA VAL A 6 -36.80 -8.78 -15.10
C VAL A 6 -37.51 -7.49 -14.67
N SER A 7 -36.85 -6.70 -13.86
CA SER A 7 -37.48 -5.43 -13.39
C SER A 7 -38.85 -5.73 -12.75
N LYS A 8 -38.92 -6.71 -11.90
CA LYS A 8 -40.22 -7.04 -11.25
C LYS A 8 -40.43 -6.16 -10.01
N LYS A 9 -39.65 -6.37 -8.99
CA LYS A 9 -39.81 -5.53 -7.75
C LYS A 9 -38.45 -4.99 -7.31
N PHE A 10 -38.21 -3.73 -7.52
CA PHE A 10 -36.91 -3.13 -7.11
C PHE A 10 -37.12 -1.74 -6.51
N GLU A 11 -38.04 -0.99 -7.04
CA GLU A 11 -38.29 0.38 -6.50
C GLU A 11 -36.99 1.17 -6.43
N GLU A 12 -36.41 1.49 -7.56
CA GLU A 12 -35.15 2.27 -7.56
C GLU A 12 -35.43 3.76 -7.32
N ASN A 13 -35.99 4.10 -6.19
CA ASN A 13 -36.29 5.53 -5.92
C ASN A 13 -35.94 5.86 -4.46
N VAL A 14 -35.05 5.12 -3.87
CA VAL A 14 -34.67 5.40 -2.45
C VAL A 14 -33.19 5.80 -2.37
N SER A 15 -32.31 4.83 -2.38
CA SER A 15 -30.85 5.15 -2.29
C SER A 15 -30.58 6.02 -1.06
N VAL A 16 -30.67 7.32 -1.22
CA VAL A 16 -30.41 8.22 -0.07
C VAL A 16 -31.38 9.40 -0.09
N ASP A 17 -32.51 9.23 -0.72
CA ASP A 17 -33.51 10.34 -0.78
C ASP A 17 -34.14 10.56 0.60
N ASP A 18 -35.01 9.66 1.02
CA ASP A 18 -35.65 9.82 2.36
C ASP A 18 -35.03 8.84 3.36
N THR A 19 -33.78 9.02 3.68
CA THR A 19 -33.13 8.10 4.65
C THR A 19 -33.75 8.27 6.05
N THR A 20 -33.39 7.42 6.97
CA THR A 20 -33.97 7.53 8.35
C THR A 20 -32.95 7.05 9.38
N ALA A 21 -32.44 7.93 10.19
CA ALA A 21 -31.44 7.53 11.21
C ALA A 21 -32.11 7.42 12.59
N THR A 22 -33.39 7.13 12.62
CA THR A 22 -34.09 7.02 13.93
C THR A 22 -33.62 5.75 14.66
N PRO A 23 -33.84 4.63 14.03
CA PRO A 23 -33.43 3.33 14.63
C PRO A 23 -31.91 3.17 14.60
N LYS A 24 -31.25 3.91 13.75
CA LYS A 24 -29.76 3.80 13.68
C LYS A 24 -29.12 4.48 14.88
N THR A 25 -29.28 5.77 15.00
CA THR A 25 -28.68 6.50 16.16
C THR A 25 -29.63 6.43 17.37
N VAL A 26 -29.10 6.16 18.53
CA VAL A 26 -29.96 6.09 19.74
C VAL A 26 -29.31 6.86 20.90
N LEU A 27 -28.30 6.29 21.51
CA LEU A 27 -27.63 6.98 22.65
C LEU A 27 -26.12 6.80 22.56
N SER A 28 -25.65 5.59 22.73
CA SER A 28 -24.18 5.34 22.67
C SER A 28 -23.85 4.40 21.51
N ASP A 29 -23.71 4.93 20.32
CA ASP A 29 -23.39 4.07 19.16
C ASP A 29 -22.83 4.91 18.01
N SER A 30 -21.56 5.21 18.03
CA SER A 30 -20.95 6.03 16.95
C SER A 30 -19.88 5.22 16.21
N ALA A 31 -19.11 4.45 16.92
CA ALA A 31 -18.04 3.65 16.26
C ALA A 31 -18.60 2.91 15.05
N HIS A 32 -17.76 2.56 14.11
CA HIS A 32 -18.26 1.84 12.91
C HIS A 32 -17.74 0.39 12.90
N PHE A 33 -16.45 0.21 12.89
CA PHE A 33 -15.89 -1.17 12.89
C PHE A 33 -14.58 -1.20 13.69
N ASP A 34 -13.78 -0.19 13.59
CA ASP A 34 -12.50 -0.17 14.35
C ASP A 34 -11.85 1.23 14.26
N VAL A 35 -11.16 1.49 13.19
CA VAL A 35 -10.51 2.82 13.04
C VAL A 35 -9.62 3.10 14.24
N LYS A 36 -8.60 2.34 14.41
CA LYS A 36 -7.68 2.55 15.55
C LYS A 36 -7.19 4.00 15.57
N HIS A 37 -6.27 4.33 14.70
CA HIS A 37 -5.75 5.74 14.70
C HIS A 37 -5.38 6.32 13.30
N PRO A 38 -4.98 5.51 12.34
CA PRO A 38 -4.59 6.09 11.03
C PRO A 38 -5.79 6.35 10.10
N LEU A 39 -6.38 5.33 9.53
CA LEU A 39 -7.50 5.57 8.59
C LEU A 39 -8.77 4.82 9.01
N ASN A 40 -9.56 4.36 8.06
CA ASN A 40 -10.81 3.64 8.41
C ASN A 40 -11.35 2.90 7.19
N THR A 41 -10.51 2.60 6.24
CA THR A 41 -10.99 1.87 5.03
C THR A 41 -10.81 0.37 5.23
N LYS A 42 -11.25 -0.41 4.27
CA LYS A 42 -11.13 -1.89 4.40
C LYS A 42 -9.95 -2.42 3.58
N TRP A 43 -8.82 -2.59 4.20
CA TRP A 43 -7.63 -3.12 3.46
C TRP A 43 -7.61 -4.65 3.54
N THR A 44 -6.77 -5.28 2.78
CA THR A 44 -6.69 -6.76 2.84
C THR A 44 -5.25 -7.19 2.58
N LEU A 45 -4.64 -7.75 3.59
CA LEU A 45 -3.22 -8.14 3.49
C LEU A 45 -3.06 -9.60 3.03
N TRP A 46 -2.66 -9.81 1.80
CA TRP A 46 -2.47 -11.19 1.30
C TRP A 46 -0.99 -11.41 0.97
N TYR A 47 -0.30 -12.25 1.70
CA TYR A 47 1.14 -12.46 1.38
C TYR A 47 1.37 -13.86 0.79
N THR A 48 2.55 -14.13 0.31
CA THR A 48 2.84 -15.46 -0.27
C THR A 48 4.26 -15.89 0.08
N LYS A 49 4.47 -17.18 0.26
CA LYS A 49 5.84 -17.65 0.62
C LYS A 49 6.52 -18.33 -0.58
N PRO A 50 6.01 -19.46 -1.00
CA PRO A 50 6.61 -20.17 -2.16
C PRO A 50 6.31 -19.42 -3.46
N ALA A 51 5.12 -19.53 -3.98
CA ALA A 51 4.78 -18.81 -5.24
C ALA A 51 5.52 -19.45 -6.42
N VAL A 52 6.15 -20.55 -6.19
CA VAL A 52 6.88 -21.24 -7.28
C VAL A 52 5.90 -21.82 -8.29
N ASP A 53 4.71 -22.09 -7.85
CA ASP A 53 3.68 -22.67 -8.77
C ASP A 53 4.22 -23.97 -9.37
N LYS A 54 5.25 -24.52 -8.79
CA LYS A 54 5.81 -25.79 -9.32
C LYS A 54 4.71 -26.84 -9.38
N SER A 55 3.92 -26.90 -8.36
CA SER A 55 2.81 -27.90 -8.32
C SER A 55 1.69 -27.45 -7.38
N GLU A 56 1.78 -26.25 -6.84
CA GLU A 56 0.70 -25.79 -5.92
C GLU A 56 -0.25 -24.84 -6.64
N SER A 57 -0.18 -23.56 -6.34
CA SER A 57 -1.08 -22.58 -7.01
C SER A 57 -0.95 -21.22 -6.33
N TRP A 58 -0.74 -20.18 -7.08
CA TRP A 58 -0.62 -18.85 -6.43
C TRP A 58 -1.74 -18.67 -5.41
N SER A 59 -2.84 -19.35 -5.61
CA SER A 59 -3.98 -19.24 -4.66
C SER A 59 -3.83 -20.27 -3.54
N ASP A 60 -3.00 -21.26 -3.75
CA ASP A 60 -2.81 -22.30 -2.69
C ASP A 60 -1.65 -21.88 -1.77
N LEU A 61 -0.93 -20.87 -2.14
CA LEU A 61 0.21 -20.41 -1.31
C LEU A 61 -0.12 -19.09 -0.64
N LEU A 62 -0.35 -18.09 -1.43
CA LEU A 62 -0.69 -16.77 -0.88
C LEU A 62 -1.89 -16.89 0.05
N ARG A 63 -1.82 -16.29 1.20
CA ARG A 63 -2.96 -16.37 2.16
C ARG A 63 -3.47 -14.97 2.50
N PRO A 64 -4.75 -14.88 2.73
CA PRO A 64 -5.36 -13.58 3.07
C PRO A 64 -5.12 -13.27 4.54
N VAL A 65 -4.87 -12.02 4.86
CA VAL A 65 -4.58 -11.68 6.28
C VAL A 65 -5.08 -10.28 6.62
N THR A 66 -4.47 -9.72 7.63
CA THR A 66 -4.82 -8.36 8.13
C THR A 66 -5.63 -7.52 7.15
N SER A 67 -6.90 -7.42 7.36
CA SER A 67 -7.73 -6.57 6.48
C SER A 67 -8.37 -5.49 7.35
N PHE A 68 -7.66 -4.44 7.60
CA PHE A 68 -8.21 -3.37 8.48
C PHE A 68 -7.74 -1.98 8.05
N GLN A 69 -8.06 -0.98 8.84
CA GLN A 69 -7.65 0.40 8.52
C GLN A 69 -6.62 0.86 9.54
N THR A 70 -5.73 0.00 9.90
CA THR A 70 -4.72 0.37 10.91
C THR A 70 -3.34 -0.12 10.51
N VAL A 71 -2.47 0.80 10.25
CA VAL A 71 -1.08 0.42 9.87
C VAL A 71 -0.49 -0.44 10.99
N GLU A 72 -1.07 -0.39 12.15
CA GLU A 72 -0.55 -1.21 13.28
C GLU A 72 -0.38 -2.67 12.84
N GLU A 73 -1.41 -3.28 12.32
CA GLU A 73 -1.27 -4.69 11.88
C GLU A 73 -0.30 -4.78 10.70
N PHE A 74 -0.50 -3.97 9.70
CA PHE A 74 0.42 -4.00 8.54
C PHE A 74 1.86 -3.96 9.06
N TRP A 75 2.12 -3.11 10.01
CA TRP A 75 3.48 -3.03 10.58
C TRP A 75 3.86 -4.40 11.13
N ALA A 76 2.88 -5.16 11.54
CA ALA A 76 3.17 -6.52 12.06
C ALA A 76 3.93 -7.31 10.99
N ILE A 77 3.34 -7.47 9.83
CA ILE A 77 4.06 -8.21 8.77
C ILE A 77 5.48 -7.67 8.66
N ILE A 78 5.65 -6.40 8.91
CA ILE A 78 7.01 -5.79 8.85
C ILE A 78 7.77 -6.13 10.13
N GLN A 79 7.07 -6.25 11.22
CA GLN A 79 7.74 -6.59 12.51
C GLN A 79 8.66 -7.79 12.30
N ASN A 80 8.28 -8.66 11.42
CA ASN A 80 9.13 -9.86 11.14
C ASN A 80 10.32 -9.48 10.29
N ILE A 81 10.30 -8.27 9.77
CA ILE A 81 11.41 -7.79 8.90
C ILE A 81 12.00 -8.94 8.08
N PRO A 82 11.15 -9.69 7.42
CA PRO A 82 11.62 -10.82 6.60
C PRO A 82 11.85 -10.36 5.17
N GLU A 83 11.31 -9.24 4.83
CA GLU A 83 11.45 -8.69 3.45
C GLU A 83 12.81 -8.02 3.24
N PRO A 84 13.26 -7.26 4.21
CA PRO A 84 14.56 -6.56 4.06
C PRO A 84 15.72 -7.57 4.10
N HIS A 85 15.65 -8.56 3.26
CA HIS A 85 16.75 -9.58 3.23
C HIS A 85 16.71 -10.42 4.51
N GLU A 86 15.57 -10.96 4.83
CA GLU A 86 15.47 -11.78 6.06
C GLU A 86 14.62 -13.03 5.83
N LEU A 87 14.15 -13.23 4.62
CA LEU A 87 13.31 -14.42 4.34
C LEU A 87 13.72 -15.04 3.00
N PRO A 88 13.01 -16.07 2.62
CA PRO A 88 13.29 -16.74 1.32
C PRO A 88 12.86 -15.82 0.18
N LEU A 89 13.72 -15.59 -0.77
CA LEU A 89 13.36 -14.69 -1.89
C LEU A 89 12.06 -15.13 -2.55
N LYS A 90 11.78 -14.60 -3.71
CA LYS A 90 10.53 -14.96 -4.42
C LYS A 90 9.33 -14.69 -3.52
N SER A 91 9.53 -13.88 -2.52
CA SER A 91 8.43 -13.56 -1.57
C SER A 91 7.34 -12.70 -2.23
N ASP A 92 6.23 -12.52 -1.57
CA ASP A 92 5.15 -11.69 -2.17
C ASP A 92 4.16 -11.21 -1.10
N TYR A 93 4.26 -9.98 -0.67
CA TYR A 93 3.30 -9.45 0.36
C TYR A 93 2.49 -8.31 -0.25
N HIS A 94 1.18 -8.40 -0.19
CA HIS A 94 0.36 -7.32 -0.80
C HIS A 94 -0.77 -6.88 0.14
N VAL A 95 -1.13 -5.63 0.08
CA VAL A 95 -2.23 -5.11 0.94
C VAL A 95 -3.00 -4.04 0.16
N PHE A 96 -4.28 -4.21 -0.02
CA PHE A 96 -5.05 -3.21 -0.80
C PHE A 96 -6.52 -3.62 -0.94
N ARG A 97 -7.20 -3.06 -1.92
CA ARG A 97 -8.65 -3.35 -2.20
C ARG A 97 -9.55 -2.27 -1.59
N ASN A 98 -8.99 -1.14 -1.25
CA ASN A 98 -9.85 -0.05 -0.67
C ASN A 98 -10.96 0.28 -1.66
N ASP A 99 -10.73 0.00 -2.91
CA ASP A 99 -11.78 0.30 -3.94
C ASP A 99 -11.40 -0.31 -5.30
N VAL A 100 -10.51 -1.26 -5.34
CA VAL A 100 -10.13 -1.86 -6.63
C VAL A 100 -10.76 -3.26 -6.73
N ARG A 101 -10.05 -4.20 -7.25
CA ARG A 101 -10.58 -5.58 -7.37
C ARG A 101 -10.07 -6.44 -6.21
N PRO A 102 -10.43 -7.70 -6.22
CA PRO A 102 -10.02 -8.61 -5.14
C PRO A 102 -8.66 -9.29 -5.38
N GLU A 103 -7.82 -8.84 -6.28
CA GLU A 103 -6.51 -9.58 -6.42
C GLU A 103 -5.56 -8.93 -7.44
N TRP A 104 -4.28 -9.15 -7.28
CA TRP A 104 -3.29 -8.59 -8.24
C TRP A 104 -3.75 -8.95 -9.65
N GLU A 105 -4.52 -10.00 -9.75
CA GLU A 105 -5.03 -10.44 -11.06
C GLU A 105 -6.30 -9.66 -11.40
N ASP A 106 -6.56 -8.61 -10.67
CA ASP A 106 -7.75 -7.78 -10.91
C ASP A 106 -7.50 -6.38 -10.34
N GLU A 107 -6.99 -6.30 -9.14
CA GLU A 107 -6.68 -4.97 -8.54
C GLU A 107 -5.75 -4.20 -9.48
N ALA A 108 -4.93 -4.93 -10.17
CA ALA A 108 -4.00 -4.29 -11.14
C ALA A 108 -4.76 -4.02 -12.43
N ASN A 109 -5.83 -4.72 -12.61
CA ASN A 109 -6.67 -4.54 -13.81
C ASN A 109 -7.51 -3.28 -13.62
N ALA A 110 -7.78 -2.94 -12.39
CA ALA A 110 -8.60 -1.75 -12.09
C ALA A 110 -7.71 -0.51 -11.92
N LYS A 111 -6.84 -0.53 -10.94
CA LYS A 111 -5.93 0.63 -10.72
C LYS A 111 -5.37 1.09 -12.07
N GLY A 112 -5.10 0.17 -12.94
CA GLY A 112 -4.58 0.53 -14.28
C GLY A 112 -3.06 0.69 -14.30
N GLY A 113 -2.44 1.14 -13.22
CA GLY A 113 -0.96 1.31 -13.26
C GLY A 113 -0.29 0.52 -12.12
N LYS A 114 0.64 -0.35 -12.45
CA LYS A 114 1.33 -1.14 -11.40
C LYS A 114 2.82 -0.76 -11.39
N TRP A 115 3.22 0.09 -10.49
CA TRP A 115 4.64 0.48 -10.44
C TRP A 115 5.45 -0.61 -9.72
N SER A 116 6.74 -0.62 -9.90
CA SER A 116 7.55 -1.67 -9.23
C SER A 116 8.97 -1.16 -8.96
N PHE A 117 9.70 -1.86 -8.14
CA PHE A 117 11.09 -1.43 -7.83
C PHE A 117 11.98 -2.67 -7.72
N GLN A 118 12.75 -2.96 -8.74
CA GLN A 118 13.64 -4.15 -8.70
C GLN A 118 15.03 -3.76 -8.19
N LEU A 119 15.34 -4.10 -6.97
CA LEU A 119 16.67 -3.75 -6.42
C LEU A 119 17.57 -4.99 -6.39
N ARG A 120 18.86 -4.79 -6.52
CA ARG A 120 19.79 -5.96 -6.50
C ARG A 120 20.87 -5.75 -5.42
N GLY A 121 20.68 -6.35 -4.28
CA GLY A 121 21.69 -6.19 -3.19
C GLY A 121 20.97 -6.09 -1.84
N LYS A 122 21.46 -5.28 -0.95
CA LYS A 122 20.79 -5.14 0.38
C LYS A 122 21.46 -4.03 1.20
N GLY A 123 20.94 -3.73 2.35
CA GLY A 123 21.54 -2.66 3.20
C GLY A 123 21.39 -3.03 4.67
N ALA A 124 20.18 -3.31 5.11
CA ALA A 124 19.97 -3.69 6.54
C ALA A 124 18.48 -3.66 6.87
N ASP A 125 17.73 -2.81 6.21
CA ASP A 125 16.27 -2.74 6.49
C ASP A 125 15.58 -1.87 5.43
N ILE A 126 15.99 -1.98 4.20
CA ILE A 126 15.37 -1.16 3.12
C ILE A 126 13.87 -1.46 3.03
N ASP A 127 13.48 -2.68 3.27
CA ASP A 127 12.03 -3.03 3.20
C ASP A 127 11.23 -2.28 4.27
N GLU A 128 11.90 -1.73 5.25
CA GLU A 128 11.16 -0.98 6.31
C GLU A 128 10.94 0.45 5.86
N LEU A 129 11.88 1.00 5.14
CA LEU A 129 11.74 2.40 4.65
C LEU A 129 10.72 2.45 3.51
N TRP A 130 10.80 1.54 2.59
CA TRP A 130 9.82 1.54 1.46
C TRP A 130 8.42 1.28 2.04
N LEU A 131 8.33 0.42 3.00
CA LEU A 131 6.99 0.14 3.61
C LEU A 131 6.52 1.35 4.39
N ARG A 132 7.35 1.88 5.27
CA ARG A 132 6.94 3.07 6.05
C ARG A 132 6.29 4.07 5.10
N THR A 133 6.66 4.01 3.85
CA THR A 133 6.06 4.95 2.86
C THR A 133 4.71 4.41 2.38
N LEU A 134 4.58 3.12 2.28
CA LEU A 134 3.27 2.55 1.82
C LEU A 134 2.25 2.67 2.96
N LEU A 135 2.48 1.99 4.05
CA LEU A 135 1.53 2.08 5.19
C LEU A 135 1.23 3.55 5.50
N ALA A 136 2.21 4.40 5.37
CA ALA A 136 1.96 5.85 5.65
C ALA A 136 1.04 6.43 4.59
N VAL A 137 1.19 5.99 3.37
CA VAL A 137 0.33 6.51 2.27
C VAL A 137 -1.15 6.29 2.60
N ILE A 138 -1.48 5.20 3.23
CA ILE A 138 -2.91 4.96 3.57
C ILE A 138 -3.24 5.53 4.95
N GLY A 139 -2.34 5.37 5.89
CA GLY A 139 -2.59 5.90 7.26
C GLY A 139 -2.58 7.43 7.23
N GLU A 140 -1.78 8.01 6.39
CA GLU A 140 -1.73 9.50 6.31
C GLU A 140 -1.93 9.97 4.88
N THR A 141 -2.99 9.53 4.25
CA THR A 141 -3.26 9.95 2.85
C THR A 141 -3.69 11.42 2.82
N ILE A 142 -3.91 12.00 3.97
CA ILE A 142 -4.32 13.43 4.01
C ILE A 142 -3.50 14.25 3.00
N ASP A 143 -2.21 14.02 2.97
CA ASP A 143 -1.35 14.77 2.01
C ASP A 143 -0.27 13.84 1.44
N GLU A 144 -0.66 12.68 0.96
CA GLU A 144 0.34 11.75 0.39
C GLU A 144 -0.06 11.33 -1.02
N ASP A 145 -1.08 11.95 -1.56
CA ASP A 145 -1.53 11.60 -2.95
C ASP A 145 -2.10 10.18 -2.97
N ASP A 146 -2.25 9.57 -1.83
CA ASP A 146 -2.80 8.18 -1.79
C ASP A 146 -4.30 8.20 -2.10
N SER A 147 -4.86 9.37 -2.29
CA SER A 147 -6.32 9.46 -2.59
C SER A 147 -6.61 8.86 -3.98
N GLN A 148 -5.75 9.12 -4.92
CA GLN A 148 -5.98 8.57 -6.30
C GLN A 148 -5.31 7.20 -6.44
N ILE A 149 -4.87 6.63 -5.34
CA ILE A 149 -4.21 5.30 -5.41
C ILE A 149 -5.20 4.21 -4.96
N ASN A 150 -4.81 2.97 -5.04
CA ASN A 150 -5.74 1.88 -4.62
C ASN A 150 -5.02 0.89 -3.70
N GLY A 151 -3.78 0.59 -3.96
CA GLY A 151 -3.09 -0.38 -3.06
C GLY A 151 -1.62 -0.55 -3.44
N VAL A 152 -0.91 -1.32 -2.65
CA VAL A 152 0.54 -1.55 -2.92
C VAL A 152 0.87 -3.05 -2.83
N VAL A 153 2.08 -3.41 -3.14
CA VAL A 153 2.46 -4.85 -3.09
C VAL A 153 3.97 -5.01 -2.88
N LEU A 154 4.39 -6.18 -2.46
CA LEU A 154 5.85 -6.43 -2.23
C LEU A 154 6.19 -7.84 -2.72
N SER A 155 7.36 -8.04 -3.27
CA SER A 155 7.71 -9.41 -3.74
C SER A 155 9.21 -9.56 -3.93
N ILE A 156 9.84 -10.43 -3.19
CA ILE A 156 11.30 -10.63 -3.37
C ILE A 156 11.53 -11.68 -4.46
N ARG A 157 12.72 -11.74 -5.01
CA ARG A 157 13.00 -12.73 -6.08
C ARG A 157 14.51 -12.95 -6.21
N LYS A 158 14.97 -13.30 -7.38
CA LYS A 158 16.44 -13.52 -7.56
C LYS A 158 17.16 -12.17 -7.69
N GLY A 159 18.31 -12.05 -7.08
CA GLY A 159 19.06 -10.76 -7.17
C GLY A 159 18.99 -10.04 -5.83
N GLY A 160 17.80 -9.71 -5.39
CA GLY A 160 17.67 -9.00 -4.09
C GLY A 160 16.20 -8.99 -3.66
N ASN A 161 15.45 -8.03 -4.09
CA ASN A 161 14.00 -7.97 -3.70
C ASN A 161 13.27 -6.94 -4.59
N LYS A 162 11.98 -6.88 -4.52
CA LYS A 162 11.25 -5.90 -5.37
C LYS A 162 9.85 -5.66 -4.79
N PHE A 163 9.25 -4.54 -5.13
CA PHE A 163 7.88 -4.25 -4.61
C PHE A 163 7.03 -3.66 -5.72
N ALA A 164 5.73 -3.71 -5.59
CA ALA A 164 4.85 -3.14 -6.65
C ALA A 164 3.86 -2.15 -6.05
N LEU A 165 3.64 -1.02 -6.70
CA LEU A 165 2.68 -0.02 -6.16
C LEU A 165 1.51 0.11 -7.14
N TRP A 166 0.30 0.04 -6.67
CA TRP A 166 -0.86 0.15 -7.60
C TRP A 166 -1.51 1.52 -7.50
N THR A 167 -2.08 1.97 -8.58
CA THR A 167 -2.74 3.30 -8.56
C THR A 167 -4.16 3.20 -9.11
N LYS A 168 -5.14 3.52 -8.32
CA LYS A 168 -6.54 3.45 -8.78
C LYS A 168 -6.66 3.99 -10.22
N SER A 169 -5.80 4.94 -10.56
CA SER A 169 -5.78 5.58 -11.92
C SER A 169 -5.67 7.09 -11.75
N GLU A 170 -4.60 7.63 -12.20
CA GLU A 170 -4.39 9.08 -12.09
C GLU A 170 -3.34 9.56 -13.10
N ASP A 171 -3.28 8.91 -14.24
CA ASP A 171 -2.27 9.33 -15.26
C ASP A 171 -0.86 8.96 -14.79
N LYS A 172 -0.10 8.35 -15.64
CA LYS A 172 1.29 7.94 -15.26
C LYS A 172 2.15 9.16 -14.97
N GLU A 173 1.80 10.30 -15.48
CA GLU A 173 2.63 11.51 -15.21
C GLU A 173 2.93 11.58 -13.72
N PRO A 174 1.90 11.71 -12.94
CA PRO A 174 2.06 11.77 -11.47
C PRO A 174 2.59 10.43 -10.94
N LEU A 175 2.54 9.40 -11.75
CA LEU A 175 3.08 8.09 -11.28
C LEU A 175 4.59 8.07 -11.54
N LEU A 176 5.00 8.33 -12.75
CA LEU A 176 6.46 8.36 -13.02
C LEU A 176 7.12 9.20 -11.94
N ARG A 177 6.37 10.10 -11.36
CA ARG A 177 6.94 10.95 -10.27
C ARG A 177 6.85 10.23 -8.94
N ILE A 178 5.70 9.71 -8.61
CA ILE A 178 5.53 8.99 -7.32
C ILE A 178 6.48 7.79 -7.28
N GLY A 179 6.68 7.13 -8.38
CA GLY A 179 7.60 5.96 -8.41
C GLY A 179 9.04 6.44 -8.23
N GLY A 180 9.39 7.52 -8.87
CA GLY A 180 10.78 8.05 -8.75
C GLY A 180 11.17 8.12 -7.27
N LYS A 181 10.39 8.80 -6.47
CA LYS A 181 10.72 8.90 -5.03
C LYS A 181 10.49 7.56 -4.32
N PHE A 182 9.53 6.79 -4.79
CA PHE A 182 9.26 5.48 -4.15
C PHE A 182 10.47 4.55 -4.28
N LYS A 183 11.25 4.73 -5.32
CA LYS A 183 12.45 3.85 -5.50
C LYS A 183 13.62 4.37 -4.66
N GLN A 184 13.79 5.66 -4.61
CA GLN A 184 14.91 6.21 -3.80
C GLN A 184 14.83 5.74 -2.36
N VAL A 185 13.64 5.70 -1.81
CA VAL A 185 13.51 5.22 -0.41
C VAL A 185 14.28 3.91 -0.26
N LEU A 186 14.33 3.14 -1.31
CA LEU A 186 15.07 1.85 -1.24
C LEU A 186 16.55 2.14 -0.93
N LYS A 187 16.93 3.38 -1.08
CA LYS A 187 18.34 3.78 -0.80
C LYS A 187 19.25 3.34 -1.95
N LEU A 188 18.76 3.37 -3.14
CA LEU A 188 19.60 2.97 -4.30
C LEU A 188 20.13 4.21 -5.01
N THR A 189 20.68 4.07 -6.19
CA THR A 189 21.21 5.27 -6.91
C THR A 189 21.52 4.92 -8.36
N ASP A 190 20.90 3.91 -8.90
CA ASP A 190 21.16 3.54 -10.31
C ASP A 190 20.72 4.68 -11.24
N ASP A 191 20.00 5.64 -10.70
CA ASP A 191 19.53 6.78 -11.54
C ASP A 191 18.55 6.31 -12.60
N GLY A 192 17.30 6.64 -12.46
CA GLY A 192 16.28 6.21 -13.45
C GLY A 192 15.64 4.90 -13.00
N HIS A 193 16.29 4.18 -12.12
CA HIS A 193 15.72 2.89 -11.62
C HIS A 193 14.22 3.03 -11.40
N LEU A 194 13.48 1.98 -11.68
CA LEU A 194 11.99 2.00 -11.50
C LEU A 194 11.32 1.01 -12.46
N GLU A 195 10.40 0.23 -11.99
CA GLU A 195 9.71 -0.74 -12.88
C GLU A 195 8.26 -0.30 -13.12
N PHE A 196 7.90 -0.04 -14.35
CA PHE A 196 6.50 0.40 -14.63
C PHE A 196 5.70 -0.75 -15.27
N PHE A 197 4.51 -0.99 -14.80
CA PHE A 197 3.69 -2.10 -15.38
C PHE A 197 2.23 -1.66 -15.54
N PRO A 198 1.87 -1.42 -16.77
CA PRO A 198 0.48 -0.98 -17.08
C PRO A 198 -0.50 -2.15 -16.92
N HIS A 199 -1.59 -1.94 -16.25
CA HIS A 199 -2.58 -3.04 -16.07
C HIS A 199 -2.79 -3.78 -17.39
N SER A 200 -2.57 -3.11 -18.48
CA SER A 200 -2.76 -3.76 -19.82
C SER A 200 -2.05 -5.12 -19.87
N SER A 201 -1.09 -5.34 -19.00
CA SER A 201 -0.37 -6.64 -19.02
C SER A 201 -1.05 -7.67 -18.13
N ALA A 202 -1.31 -7.32 -16.90
CA ALA A 202 -1.96 -8.30 -15.97
C ALA A 202 -3.46 -8.42 -16.28
N ASN A 203 -3.94 -7.81 -17.32
CA ASN A 203 -5.39 -7.92 -17.65
C ASN A 203 -5.61 -7.78 -19.16
N GLY A 204 -4.57 -7.92 -19.93
CA GLY A 204 -4.72 -7.80 -21.41
C GLY A 204 -4.49 -9.16 -22.05
N ARG A 205 -3.27 -9.62 -22.07
CA ARG A 205 -2.97 -10.95 -22.68
C ARG A 205 -1.48 -11.25 -22.61
N HIS A 206 -0.73 -10.79 -23.57
CA HIS A 206 0.74 -11.03 -23.57
C HIS A 206 1.42 -10.14 -22.54
N PRO A 207 2.66 -10.46 -22.25
CA PRO A 207 3.44 -9.66 -21.27
C PRO A 207 3.83 -8.31 -21.87
N GLN A 208 3.08 -7.28 -21.58
CA GLN A 208 3.41 -5.94 -22.14
C GLN A 208 3.57 -4.91 -21.01
N PRO A 209 4.70 -4.97 -20.36
CA PRO A 209 4.99 -4.03 -19.25
C PRO A 209 5.24 -2.63 -19.79
N SER A 210 5.95 -1.80 -19.06
CA SER A 210 6.23 -0.44 -19.56
C SER A 210 7.74 -0.21 -19.60
N ILE A 211 8.40 -0.33 -18.48
CA ILE A 211 9.87 -0.15 -18.45
C ILE A 211 10.42 -0.66 -17.13
N THR A 212 11.71 -0.83 -17.06
CA THR A 212 12.32 -1.33 -15.79
C THR A 212 13.76 -0.83 -15.68
N LEU A 213 13.94 0.22 -14.94
CA LEU A 213 15.31 0.78 -14.77
C LEU A 213 16.01 0.12 -13.57
N MET A 1 -24.77 66.69 16.59
CA MET A 1 -23.48 67.28 17.03
C MET A 1 -23.68 68.15 18.27
N SER A 2 -22.64 68.42 19.01
CA SER A 2 -22.78 69.26 20.23
C SER A 2 -23.64 68.53 21.28
N VAL A 3 -23.79 67.24 21.14
CA VAL A 3 -24.60 66.47 22.12
C VAL A 3 -23.69 65.71 23.09
N GLU A 4 -24.18 65.41 24.26
CA GLU A 4 -23.33 64.67 25.25
C GLU A 4 -24.17 63.59 25.95
N GLU A 5 -25.29 63.97 26.50
CA GLU A 5 -26.14 62.96 27.21
C GLU A 5 -25.42 62.42 28.44
N VAL A 6 -25.67 62.99 29.58
CA VAL A 6 -25.00 62.50 30.83
C VAL A 6 -25.68 61.23 31.32
N SER A 7 -24.92 60.24 31.71
CA SER A 7 -25.53 58.97 32.21
C SER A 7 -24.45 58.07 32.81
N LYS A 8 -24.78 56.83 33.06
CA LYS A 8 -23.77 55.90 33.65
C LYS A 8 -23.74 54.58 32.87
N LYS A 9 -23.55 54.65 31.58
CA LYS A 9 -23.52 53.40 30.77
C LYS A 9 -22.46 52.44 31.30
N PHE A 10 -22.80 51.19 31.47
CA PHE A 10 -21.80 50.22 31.99
C PHE A 10 -20.94 49.68 30.85
N GLU A 11 -20.22 48.61 31.10
CA GLU A 11 -19.35 48.04 30.01
C GLU A 11 -20.19 47.19 29.07
N GLU A 12 -21.33 46.75 29.50
CA GLU A 12 -22.20 45.92 28.61
C GLU A 12 -21.40 44.74 28.03
N ASN A 13 -20.44 44.26 28.78
CA ASN A 13 -19.62 43.12 28.27
C ASN A 13 -18.86 43.52 27.00
N VAL A 14 -18.70 44.81 26.79
CA VAL A 14 -17.97 45.26 25.58
C VAL A 14 -16.54 45.68 25.93
N SER A 15 -15.65 44.74 26.07
CA SER A 15 -14.24 45.08 26.42
C SER A 15 -13.53 45.68 25.20
N VAL A 16 -13.83 46.91 24.87
CA VAL A 16 -13.18 47.55 23.69
C VAL A 16 -13.41 46.72 22.43
N ASP A 17 -14.50 46.00 22.38
CA ASP A 17 -14.79 45.16 21.18
C ASP A 17 -13.52 44.41 20.74
N ASP A 18 -12.94 43.66 21.63
CA ASP A 18 -11.70 42.90 21.27
C ASP A 18 -12.03 41.42 21.08
N THR A 19 -11.78 40.89 19.90
CA THR A 19 -12.09 39.45 19.66
C THR A 19 -10.79 38.63 19.70
N THR A 20 -9.86 39.02 20.52
CA THR A 20 -8.58 38.27 20.61
C THR A 20 -8.84 36.83 21.10
N ALA A 21 -9.01 35.90 20.20
CA ALA A 21 -9.26 34.50 20.62
C ALA A 21 -8.35 33.54 19.85
N THR A 22 -7.06 33.75 19.93
CA THR A 22 -6.11 32.85 19.21
C THR A 22 -6.54 31.39 19.37
N PRO A 23 -6.62 30.97 20.59
CA PRO A 23 -7.03 29.57 20.89
C PRO A 23 -8.52 29.36 20.60
N LYS A 24 -9.34 30.27 21.06
CA LYS A 24 -10.81 30.12 20.82
C LYS A 24 -11.29 28.73 21.22
N THR A 25 -11.51 28.51 22.49
CA THR A 25 -11.97 27.17 22.95
C THR A 25 -11.03 26.08 22.44
N VAL A 26 -9.88 25.95 23.03
CA VAL A 26 -8.91 24.90 22.58
C VAL A 26 -8.68 25.01 21.07
N LEU A 27 -9.47 24.32 20.29
CA LEU A 27 -9.30 24.39 18.81
C LEU A 27 -10.35 23.52 18.11
N SER A 28 -10.61 22.35 18.63
CA SER A 28 -11.63 21.46 18.00
C SER A 28 -11.94 20.29 18.93
N ASP A 29 -12.91 19.47 18.57
CA ASP A 29 -13.27 18.31 19.44
C ASP A 29 -13.07 17.01 18.67
N SER A 30 -13.87 16.76 17.68
CA SER A 30 -13.72 15.50 16.89
C SER A 30 -12.26 15.30 16.49
N ALA A 31 -11.87 14.07 16.24
CA ALA A 31 -10.46 13.82 15.83
C ALA A 31 -10.40 13.28 14.40
N HIS A 32 -9.50 13.78 13.59
CA HIS A 32 -9.41 13.29 12.19
C HIS A 32 -8.03 12.68 11.93
N PHE A 33 -7.00 13.48 11.98
CA PHE A 33 -5.63 12.95 11.72
C PHE A 33 -5.24 11.95 12.82
N ASP A 34 -4.90 10.75 12.45
CA ASP A 34 -4.51 9.74 13.47
C ASP A 34 -3.45 8.80 12.90
N VAL A 35 -3.81 7.97 11.97
CA VAL A 35 -2.83 7.02 11.37
C VAL A 35 -2.18 6.16 12.45
N LYS A 36 -2.85 6.02 13.57
CA LYS A 36 -2.28 5.19 14.67
C LYS A 36 -3.26 4.09 15.06
N HIS A 37 -4.31 3.90 14.30
CA HIS A 37 -5.31 2.84 14.62
C HIS A 37 -6.59 3.06 13.80
N PRO A 38 -7.05 4.29 13.80
CA PRO A 38 -8.27 4.63 13.06
C PRO A 38 -7.92 5.12 11.65
N LEU A 39 -7.53 4.24 10.76
CA LEU A 39 -7.19 4.68 9.37
C LEU A 39 -8.40 5.37 8.72
N ASN A 40 -8.77 4.94 7.53
CA ASN A 40 -9.93 5.57 6.85
C ASN A 40 -10.25 4.79 5.57
N THR A 41 -9.93 3.51 5.53
CA THR A 41 -10.20 2.71 4.31
C THR A 41 -10.36 1.24 4.67
N LYS A 42 -10.69 0.42 3.72
CA LYS A 42 -10.86 -1.03 4.00
C LYS A 42 -9.93 -1.84 3.10
N TRP A 43 -8.97 -2.52 3.66
CA TRP A 43 -8.05 -3.33 2.82
C TRP A 43 -7.77 -4.68 3.47
N THR A 44 -7.08 -5.54 2.78
CA THR A 44 -6.76 -6.87 3.35
C THR A 44 -5.26 -7.12 3.28
N LEU A 45 -4.81 -8.20 3.85
CA LEU A 45 -3.35 -8.48 3.87
C LEU A 45 -3.05 -9.85 3.27
N TRP A 46 -2.58 -9.90 2.06
CA TRP A 46 -2.27 -11.22 1.43
C TRP A 46 -0.77 -11.34 1.20
N TYR A 47 -0.13 -12.30 1.80
CA TYR A 47 1.35 -12.45 1.59
C TYR A 47 1.64 -13.84 1.03
N THR A 48 2.67 -13.97 0.24
CA THR A 48 3.01 -15.28 -0.36
C THR A 48 4.39 -15.75 0.13
N LYS A 49 4.76 -16.96 -0.21
CA LYS A 49 6.10 -17.48 0.22
C LYS A 49 6.52 -18.64 -0.68
N PRO A 50 5.75 -19.70 -0.64
CA PRO A 50 6.04 -20.89 -1.48
C PRO A 50 5.87 -20.54 -2.96
N ALA A 51 5.76 -21.55 -3.81
CA ALA A 51 5.60 -21.29 -5.29
C ALA A 51 6.03 -22.51 -6.12
N VAL A 52 6.69 -23.45 -5.51
CA VAL A 52 7.16 -24.66 -6.25
C VAL A 52 6.15 -25.07 -7.32
N ASP A 53 4.88 -24.84 -7.07
CA ASP A 53 3.82 -25.20 -8.05
C ASP A 53 3.60 -26.71 -8.08
N LYS A 54 4.38 -27.44 -7.35
CA LYS A 54 4.18 -28.92 -7.31
C LYS A 54 2.85 -29.20 -6.64
N SER A 55 2.56 -28.43 -5.65
CA SER A 55 1.29 -28.57 -4.90
C SER A 55 0.97 -27.25 -4.18
N GLU A 56 1.64 -26.19 -4.54
CA GLU A 56 1.39 -24.88 -3.90
C GLU A 56 1.49 -23.78 -4.97
N SER A 57 0.41 -23.52 -5.63
CA SER A 57 0.41 -22.49 -6.69
C SER A 57 0.13 -21.10 -6.12
N TRP A 58 0.23 -20.09 -6.93
CA TRP A 58 -0.03 -18.71 -6.44
C TRP A 58 -1.29 -18.73 -5.57
N SER A 59 -2.17 -19.64 -5.85
CA SER A 59 -3.43 -19.74 -5.06
C SER A 59 -3.19 -20.56 -3.79
N ASP A 60 -2.20 -21.42 -3.78
CA ASP A 60 -1.95 -22.21 -2.53
C ASP A 60 -0.93 -21.48 -1.69
N LEU A 61 -0.27 -20.52 -2.28
CA LEU A 61 0.76 -19.75 -1.58
C LEU A 61 0.09 -18.59 -0.85
N LEU A 62 -0.29 -17.65 -1.63
CA LEU A 62 -0.96 -16.43 -1.10
C LEU A 62 -1.81 -16.75 0.12
N ARG A 63 -1.60 -16.04 1.20
CA ARG A 63 -2.41 -16.26 2.41
C ARG A 63 -3.20 -14.98 2.69
N PRO A 64 -4.46 -15.02 2.39
CA PRO A 64 -5.32 -13.84 2.59
C PRO A 64 -5.66 -13.67 4.06
N VAL A 65 -5.25 -12.59 4.66
CA VAL A 65 -5.53 -12.43 6.12
C VAL A 65 -5.85 -10.97 6.48
N THR A 66 -5.34 -10.54 7.61
CA THR A 66 -5.56 -9.16 8.15
C THR A 66 -6.17 -8.19 7.14
N SER A 67 -7.32 -7.69 7.46
CA SER A 67 -7.99 -6.68 6.60
C SER A 67 -8.61 -5.64 7.51
N PHE A 68 -7.87 -4.62 7.82
CA PHE A 68 -8.41 -3.59 8.76
C PHE A 68 -8.07 -2.16 8.33
N GLN A 69 -8.39 -1.21 9.17
CA GLN A 69 -8.10 0.22 8.87
C GLN A 69 -7.31 0.80 10.05
N THR A 70 -6.26 0.13 10.43
CA THR A 70 -5.44 0.63 11.57
C THR A 70 -3.96 0.53 11.24
N VAL A 71 -3.14 0.48 12.24
CA VAL A 71 -1.68 0.37 12.00
C VAL A 71 -1.15 -0.88 12.70
N GLU A 72 -1.74 -1.23 13.80
CA GLU A 72 -1.28 -2.45 14.53
C GLU A 72 -1.22 -3.66 13.59
N GLU A 73 -2.30 -3.93 12.92
CA GLU A 73 -2.32 -5.08 11.98
C GLU A 73 -1.18 -4.95 10.98
N PHE A 74 -1.22 -3.95 10.15
CA PHE A 74 -0.12 -3.77 9.16
C PHE A 74 1.22 -3.96 9.86
N TRP A 75 1.39 -3.33 10.99
CA TRP A 75 2.67 -3.48 11.74
C TRP A 75 2.94 -4.96 11.98
N ALA A 76 1.88 -5.73 12.09
CA ALA A 76 2.05 -7.19 12.30
C ALA A 76 2.91 -7.76 11.17
N ILE A 77 2.47 -7.61 9.95
CA ILE A 77 3.29 -8.13 8.82
C ILE A 77 4.72 -7.61 8.98
N ILE A 78 4.88 -6.45 9.59
CA ILE A 78 6.25 -5.90 9.81
C ILE A 78 6.88 -6.63 11.00
N GLN A 79 6.08 -7.02 11.96
CA GLN A 79 6.64 -7.74 13.13
C GLN A 79 7.50 -8.90 12.62
N ASN A 80 7.19 -9.37 11.44
CA ASN A 80 7.97 -10.47 10.82
C ASN A 80 9.32 -9.95 10.34
N ILE A 81 9.47 -8.65 10.37
CA ILE A 81 10.73 -8.02 9.89
C ILE A 81 11.30 -8.77 8.69
N PRO A 82 10.47 -8.99 7.70
CA PRO A 82 10.91 -9.69 6.47
C PRO A 82 11.43 -8.66 5.48
N GLU A 83 10.65 -7.65 5.22
CA GLU A 83 11.09 -6.59 4.26
C GLU A 83 11.59 -7.22 2.97
N PRO A 84 11.96 -6.38 2.04
CA PRO A 84 12.47 -6.87 0.74
C PRO A 84 13.93 -7.30 0.86
N HIS A 85 14.45 -7.33 2.06
CA HIS A 85 15.87 -7.75 2.25
C HIS A 85 16.10 -8.22 3.68
N GLU A 86 15.09 -8.78 4.31
CA GLU A 86 15.25 -9.27 5.70
C GLU A 86 14.67 -10.67 5.84
N LEU A 87 14.16 -11.22 4.77
CA LEU A 87 13.59 -12.60 4.85
C LEU A 87 14.11 -13.44 3.67
N PRO A 88 13.60 -14.64 3.54
CA PRO A 88 14.03 -15.52 2.44
C PRO A 88 13.48 -14.99 1.11
N LEU A 89 14.28 -14.93 0.10
CA LEU A 89 13.79 -14.40 -1.20
C LEU A 89 12.58 -15.18 -1.68
N LYS A 90 12.27 -15.06 -2.94
CA LYS A 90 11.09 -15.78 -3.50
C LYS A 90 9.89 -15.55 -2.61
N SER A 91 9.88 -14.45 -1.93
CA SER A 91 8.75 -14.13 -1.02
C SER A 91 7.83 -13.08 -1.63
N ASP A 92 6.75 -12.77 -0.98
CA ASP A 92 5.81 -11.76 -1.54
C ASP A 92 4.91 -11.18 -0.43
N TYR A 93 4.47 -9.96 -0.60
CA TYR A 93 3.59 -9.33 0.43
C TYR A 93 2.56 -8.43 -0.27
N HIS A 94 1.31 -8.52 0.09
CA HIS A 94 0.29 -7.66 -0.58
C HIS A 94 -0.74 -7.13 0.41
N VAL A 95 -1.08 -5.88 0.28
CA VAL A 95 -2.10 -5.27 1.19
C VAL A 95 -2.76 -4.10 0.44
N PHE A 96 -4.05 -4.16 0.25
CA PHE A 96 -4.73 -3.07 -0.50
C PHE A 96 -6.25 -3.33 -0.57
N ARG A 97 -6.87 -3.16 -1.72
CA ARG A 97 -8.34 -3.38 -1.86
C ARG A 97 -9.13 -2.11 -1.52
N ASN A 98 -8.44 -1.06 -1.16
CA ASN A 98 -9.17 0.21 -0.85
C ASN A 98 -9.81 0.75 -2.12
N ASP A 99 -9.49 0.18 -3.26
CA ASP A 99 -10.08 0.67 -4.54
C ASP A 99 -10.53 -0.49 -5.42
N VAL A 100 -9.91 -1.64 -5.31
CA VAL A 100 -10.34 -2.80 -6.16
C VAL A 100 -10.91 -3.91 -5.27
N ARG A 101 -10.47 -5.14 -5.43
CA ARG A 101 -11.05 -6.21 -4.57
C ARG A 101 -10.44 -7.59 -4.84
N PRO A 102 -10.50 -8.02 -6.08
CA PRO A 102 -9.99 -9.38 -6.46
C PRO A 102 -8.51 -9.59 -6.13
N GLU A 103 -7.59 -9.16 -6.97
CA GLU A 103 -6.13 -9.42 -6.65
C GLU A 103 -5.23 -8.86 -7.74
N TRP A 104 -3.95 -9.02 -7.61
CA TRP A 104 -3.03 -8.50 -8.66
C TRP A 104 -3.56 -8.88 -10.04
N GLU A 105 -4.38 -9.91 -10.10
CA GLU A 105 -4.93 -10.34 -11.41
C GLU A 105 -6.06 -9.38 -11.82
N ASP A 106 -6.55 -8.62 -10.87
CA ASP A 106 -7.62 -7.64 -11.18
C ASP A 106 -7.38 -6.33 -10.40
N GLU A 107 -6.78 -6.42 -9.23
CA GLU A 107 -6.47 -5.19 -8.46
C GLU A 107 -5.91 -4.15 -9.43
N ALA A 108 -5.28 -4.64 -10.45
CA ALA A 108 -4.70 -3.73 -11.48
C ALA A 108 -5.83 -3.19 -12.35
N ASN A 109 -6.76 -4.04 -12.73
CA ASN A 109 -7.92 -3.57 -13.54
C ASN A 109 -8.45 -2.31 -12.88
N ALA A 110 -8.34 -2.27 -11.58
CA ALA A 110 -8.81 -1.12 -10.80
C ALA A 110 -7.69 -0.09 -10.61
N LYS A 111 -6.60 -0.50 -10.01
CA LYS A 111 -5.47 0.43 -9.80
C LYS A 111 -5.17 1.13 -11.12
N GLY A 112 -5.23 0.41 -12.20
CA GLY A 112 -4.96 1.05 -13.52
C GLY A 112 -3.44 1.11 -13.80
N GLY A 113 -2.62 1.36 -12.80
CA GLY A 113 -1.16 1.45 -13.07
C GLY A 113 -0.37 0.55 -12.11
N LYS A 114 0.77 0.07 -12.55
CA LYS A 114 1.60 -0.81 -11.67
C LYS A 114 3.05 -0.29 -11.64
N TRP A 115 3.49 0.24 -10.53
CA TRP A 115 4.88 0.75 -10.45
C TRP A 115 5.73 -0.19 -9.59
N SER A 116 6.54 -1.01 -10.21
CA SER A 116 7.37 -1.98 -9.43
C SER A 116 8.84 -1.57 -9.45
N PHE A 117 9.65 -2.22 -8.65
CA PHE A 117 11.10 -1.88 -8.64
C PHE A 117 11.93 -3.16 -8.74
N GLN A 118 12.97 -3.15 -9.53
CA GLN A 118 13.82 -4.37 -9.67
C GLN A 118 15.17 -4.16 -8.99
N LEU A 119 15.47 -4.94 -7.99
CA LEU A 119 16.77 -4.79 -7.28
C LEU A 119 17.53 -6.11 -7.25
N ARG A 120 18.83 -6.06 -7.38
CA ARG A 120 19.63 -7.33 -7.36
C ARG A 120 20.30 -7.50 -6.00
N GLY A 121 20.01 -6.64 -5.06
CA GLY A 121 20.64 -6.75 -3.72
C GLY A 121 20.18 -5.60 -2.84
N LYS A 122 21.09 -4.75 -2.42
CA LYS A 122 20.70 -3.59 -1.57
C LYS A 122 19.86 -4.06 -0.38
N GLY A 123 19.07 -3.19 0.18
CA GLY A 123 18.22 -3.59 1.34
C GLY A 123 18.98 -3.34 2.64
N ALA A 124 20.14 -2.72 2.56
CA ALA A 124 20.92 -2.45 3.80
C ALA A 124 20.05 -1.75 4.84
N ASP A 125 19.10 -0.97 4.41
CA ASP A 125 18.22 -0.27 5.38
C ASP A 125 17.09 0.48 4.65
N ILE A 126 16.71 0.02 3.49
CA ILE A 126 15.61 0.71 2.75
C ILE A 126 14.26 0.27 3.29
N ASP A 127 14.23 -0.84 3.96
CA ASP A 127 12.93 -1.33 4.52
C ASP A 127 12.38 -0.31 5.52
N GLU A 128 13.17 0.65 5.92
CA GLU A 128 12.66 1.65 6.89
C GLU A 128 11.93 2.77 6.15
N LEU A 129 12.56 3.29 5.15
CA LEU A 129 11.93 4.38 4.36
C LEU A 129 10.96 3.76 3.35
N TRP A 130 11.20 2.53 3.02
CA TRP A 130 10.33 1.81 2.07
C TRP A 130 8.98 1.58 2.72
N LEU A 131 8.98 1.17 3.96
CA LEU A 131 7.69 0.93 4.67
C LEU A 131 7.11 2.26 5.15
N ARG A 132 7.89 3.05 5.83
CA ARG A 132 7.36 4.35 6.31
C ARG A 132 6.59 5.03 5.19
N THR A 133 6.93 4.70 3.97
CA THR A 133 6.21 5.30 2.81
C THR A 133 5.00 4.44 2.43
N LEU A 134 5.13 3.14 2.47
CA LEU A 134 3.96 2.29 2.11
C LEU A 134 2.95 2.34 3.27
N LEU A 135 3.41 2.12 4.46
CA LEU A 135 2.51 2.18 5.63
C LEU A 135 1.81 3.54 5.64
N ALA A 136 2.57 4.60 5.64
CA ALA A 136 1.95 5.96 5.65
C ALA A 136 0.99 6.10 4.46
N VAL A 137 1.30 5.45 3.37
CA VAL A 137 0.43 5.53 2.16
C VAL A 137 -1.02 5.17 2.54
N ILE A 138 -1.23 4.06 3.17
CA ILE A 138 -2.63 3.68 3.54
C ILE A 138 -3.10 4.49 4.74
N GLY A 139 -2.21 4.75 5.66
CA GLY A 139 -2.58 5.53 6.87
C GLY A 139 -3.20 6.88 6.45
N GLU A 140 -4.46 6.88 6.12
CA GLU A 140 -5.11 8.15 5.70
C GLU A 140 -4.22 8.94 4.74
N THR A 141 -3.72 8.28 3.73
CA THR A 141 -2.85 8.96 2.73
C THR A 141 -1.93 9.97 3.42
N ILE A 142 -1.49 9.67 4.60
CA ILE A 142 -0.59 10.62 5.33
C ILE A 142 0.64 10.96 4.47
N ASP A 143 1.02 10.07 3.60
CA ASP A 143 2.21 10.34 2.74
C ASP A 143 2.17 9.45 1.49
N GLU A 144 1.21 9.68 0.63
CA GLU A 144 1.12 8.85 -0.61
C GLU A 144 1.21 9.74 -1.85
N ASP A 145 0.96 11.02 -1.70
CA ASP A 145 1.04 11.94 -2.86
C ASP A 145 -0.10 11.65 -3.85
N ASP A 146 -0.99 10.77 -3.50
CA ASP A 146 -2.13 10.46 -4.41
C ASP A 146 -3.45 10.60 -3.65
N SER A 147 -3.45 10.27 -2.40
CA SER A 147 -4.70 10.39 -1.59
C SER A 147 -5.75 9.39 -2.09
N GLN A 148 -5.34 8.20 -2.41
CA GLN A 148 -6.31 7.18 -2.90
C GLN A 148 -5.58 5.94 -3.41
N ILE A 149 -4.77 6.09 -4.42
CA ILE A 149 -4.02 4.93 -4.97
C ILE A 149 -4.95 3.70 -5.03
N ASN A 150 -4.40 2.52 -5.18
CA ASN A 150 -5.27 1.30 -5.25
C ASN A 150 -4.69 0.18 -4.38
N GLY A 151 -3.39 0.12 -4.20
CA GLY A 151 -2.84 -0.97 -3.36
C GLY A 151 -1.33 -1.13 -3.57
N VAL A 152 -0.74 -2.01 -2.81
CA VAL A 152 0.74 -2.24 -2.93
C VAL A 152 1.04 -3.74 -2.94
N VAL A 153 2.14 -4.12 -3.53
CA VAL A 153 2.49 -5.56 -3.60
C VAL A 153 4.01 -5.74 -3.48
N LEU A 154 4.46 -6.86 -2.98
CA LEU A 154 5.91 -7.08 -2.83
C LEU A 154 6.26 -8.50 -3.30
N SER A 155 7.44 -8.71 -3.83
CA SER A 155 7.81 -10.07 -4.30
C SER A 155 9.33 -10.21 -4.47
N ILE A 156 9.94 -11.05 -3.69
CA ILE A 156 11.40 -11.24 -3.82
C ILE A 156 11.68 -12.55 -4.57
N ARG A 157 12.85 -12.68 -5.13
CA ARG A 157 13.19 -13.92 -5.88
C ARG A 157 14.58 -13.80 -6.52
N LYS A 158 15.01 -12.60 -6.80
CA LYS A 158 16.35 -12.43 -7.43
C LYS A 158 17.43 -12.25 -6.36
N GLY A 159 18.49 -11.56 -6.67
CA GLY A 159 19.57 -11.36 -5.67
C GLY A 159 19.15 -10.27 -4.68
N GLY A 160 18.03 -9.64 -4.91
CA GLY A 160 17.58 -8.58 -3.98
C GLY A 160 16.09 -8.72 -3.70
N ASN A 161 15.26 -8.12 -4.50
CA ASN A 161 13.79 -8.23 -4.28
C ASN A 161 13.02 -7.50 -5.38
N LYS A 162 11.75 -7.76 -5.52
CA LYS A 162 10.95 -7.06 -6.57
C LYS A 162 9.60 -6.66 -5.98
N PHE A 163 9.25 -5.41 -6.07
CA PHE A 163 7.95 -4.98 -5.49
C PHE A 163 7.05 -4.36 -6.55
N ALA A 164 5.78 -4.31 -6.27
CA ALA A 164 4.82 -3.72 -7.24
C ALA A 164 3.88 -2.76 -6.52
N LEU A 165 3.89 -1.50 -6.89
CA LEU A 165 3.00 -0.52 -6.22
C LEU A 165 1.79 -0.25 -7.12
N TRP A 166 0.61 -0.36 -6.59
CA TRP A 166 -0.60 -0.10 -7.44
C TRP A 166 -1.11 1.30 -7.21
N THR A 167 -1.41 1.98 -8.27
CA THR A 167 -1.90 3.36 -8.12
C THR A 167 -3.16 3.58 -8.97
N LYS A 168 -4.20 4.08 -8.36
CA LYS A 168 -5.48 4.33 -9.11
C LYS A 168 -5.19 4.76 -10.55
N SER A 169 -4.08 5.41 -10.77
CA SER A 169 -3.72 5.84 -12.17
C SER A 169 -4.59 7.00 -12.62
N GLU A 170 -5.45 7.48 -11.77
CA GLU A 170 -6.31 8.63 -12.16
C GLU A 170 -5.48 9.65 -12.95
N ASP A 171 -4.19 9.65 -12.73
CA ASP A 171 -3.29 10.57 -13.46
C ASP A 171 -1.88 9.98 -13.47
N LYS A 172 -1.40 9.58 -14.61
CA LYS A 172 -0.03 8.98 -14.66
C LYS A 172 1.03 10.06 -14.47
N GLU A 173 0.67 11.30 -14.62
CA GLU A 173 1.67 12.37 -14.42
C GLU A 173 2.28 12.25 -13.02
N PRO A 174 1.42 12.27 -12.03
CA PRO A 174 1.89 12.12 -10.63
C PRO A 174 2.48 10.73 -10.43
N LEU A 175 2.20 9.80 -11.31
CA LEU A 175 2.79 8.44 -11.15
C LEU A 175 4.26 8.49 -11.53
N LEU A 176 4.56 8.90 -12.73
CA LEU A 176 5.99 9.00 -13.12
C LEU A 176 6.72 9.76 -12.02
N ARG A 177 5.98 10.58 -11.30
CA ARG A 177 6.59 11.35 -10.19
C ARG A 177 6.70 10.45 -8.96
N ILE A 178 5.73 9.60 -8.75
CA ILE A 178 5.77 8.68 -7.58
C ILE A 178 6.85 7.62 -7.82
N GLY A 179 6.86 7.01 -8.97
CA GLY A 179 7.88 5.98 -9.27
C GLY A 179 9.28 6.57 -9.00
N GLY A 180 9.56 7.72 -9.54
CA GLY A 180 10.90 8.34 -9.31
C GLY A 180 11.18 8.36 -7.81
N LYS A 181 10.27 8.89 -7.03
CA LYS A 181 10.49 8.94 -5.55
C LYS A 181 10.66 7.52 -5.00
N PHE A 182 9.68 6.68 -5.19
CA PHE A 182 9.79 5.28 -4.68
C PHE A 182 11.09 4.66 -5.17
N LYS A 183 11.64 5.16 -6.25
CA LYS A 183 12.91 4.60 -6.78
C LYS A 183 14.05 4.88 -5.78
N GLN A 184 14.20 6.11 -5.37
CA GLN A 184 15.28 6.43 -4.40
C GLN A 184 15.08 5.66 -3.09
N VAL A 185 13.86 5.42 -2.73
CA VAL A 185 13.60 4.65 -1.48
C VAL A 185 14.45 3.39 -1.49
N LEU A 186 14.69 2.86 -2.65
CA LEU A 186 15.53 1.62 -2.74
C LEU A 186 16.98 1.97 -2.41
N LYS A 187 17.25 3.24 -2.27
CA LYS A 187 18.64 3.67 -1.93
C LYS A 187 19.59 3.33 -3.09
N LEU A 188 19.12 3.50 -4.29
CA LEU A 188 20.00 3.20 -5.46
C LEU A 188 20.77 4.47 -5.86
N THR A 189 21.07 4.63 -7.12
CA THR A 189 21.83 5.83 -7.55
C THR A 189 21.97 5.86 -9.07
N ASP A 190 20.94 6.22 -9.76
CA ASP A 190 21.01 6.27 -11.25
C ASP A 190 21.24 4.86 -11.79
N ASP A 191 21.14 3.87 -10.95
CA ASP A 191 21.36 2.47 -11.42
C ASP A 191 20.23 2.06 -12.37
N GLY A 192 19.01 2.07 -11.89
CA GLY A 192 17.87 1.68 -12.76
C GLY A 192 16.94 0.71 -12.02
N HIS A 193 16.26 1.18 -11.02
CA HIS A 193 15.34 0.28 -10.26
C HIS A 193 13.93 0.87 -10.22
N LEU A 194 13.25 0.81 -11.32
CA LEU A 194 11.86 1.35 -11.37
C LEU A 194 11.11 0.73 -12.55
N GLU A 195 9.86 0.38 -12.36
CA GLU A 195 9.09 -0.22 -13.46
C GLU A 195 7.73 0.45 -13.62
N PHE A 196 7.40 0.86 -14.81
CA PHE A 196 6.08 1.52 -15.04
C PHE A 196 5.21 0.63 -15.92
N PHE A 197 4.24 -0.02 -15.34
CA PHE A 197 3.37 -0.94 -16.12
C PHE A 197 1.89 -0.57 -15.96
N PRO A 198 1.19 -0.56 -17.06
CA PRO A 198 -0.26 -0.25 -17.04
C PRO A 198 -1.05 -1.48 -16.60
N HIS A 199 -2.08 -1.30 -15.82
CA HIS A 199 -2.88 -2.47 -15.36
C HIS A 199 -3.21 -3.38 -16.55
N SER A 200 -3.24 -2.83 -17.73
CA SER A 200 -3.56 -3.64 -18.94
C SER A 200 -2.54 -4.77 -19.12
N SER A 201 -1.45 -4.72 -18.40
CA SER A 201 -0.42 -5.79 -18.54
C SER A 201 -0.72 -6.97 -17.61
N ALA A 202 -1.32 -6.71 -16.48
CA ALA A 202 -1.62 -7.83 -15.53
C ALA A 202 -2.96 -8.48 -15.89
N ASN A 203 -3.35 -8.46 -17.14
CA ASN A 203 -4.64 -9.09 -17.54
C ASN A 203 -4.84 -8.99 -19.05
N GLY A 204 -4.58 -7.83 -19.61
CA GLY A 204 -4.78 -7.67 -21.08
C GLY A 204 -3.51 -8.13 -21.81
N ARG A 205 -2.60 -7.23 -22.05
CA ARG A 205 -1.34 -7.61 -22.76
C ARG A 205 -0.19 -6.72 -22.30
N HIS A 206 1.02 -7.10 -22.60
CA HIS A 206 2.18 -6.28 -22.18
C HIS A 206 3.06 -5.92 -23.38
N PRO A 207 2.44 -5.34 -24.37
CA PRO A 207 3.16 -4.94 -25.60
C PRO A 207 4.03 -3.71 -25.32
N GLN A 208 3.54 -2.79 -24.53
CA GLN A 208 4.33 -1.57 -24.22
C GLN A 208 3.72 -0.83 -23.03
N PRO A 209 4.23 -1.11 -21.87
CA PRO A 209 3.72 -0.47 -20.63
C PRO A 209 4.15 1.00 -20.58
N SER A 210 5.24 1.29 -19.94
CA SER A 210 5.72 2.70 -19.87
C SER A 210 7.24 2.71 -19.88
N ILE A 211 7.86 2.07 -18.92
CA ILE A 211 9.34 2.03 -18.88
C ILE A 211 9.81 1.12 -17.75
N THR A 212 11.09 0.93 -17.65
CA THR A 212 11.63 0.04 -16.59
C THR A 212 13.09 0.36 -16.36
N LEU A 213 13.37 1.16 -15.39
CA LEU A 213 14.78 1.52 -15.09
C LEU A 213 15.46 0.39 -14.34
N MET A 1 -39.27 -10.24 25.11
CA MET A 1 -39.87 -8.90 24.83
C MET A 1 -40.47 -8.31 26.10
N SER A 2 -39.65 -8.01 27.07
CA SER A 2 -40.18 -7.43 28.34
C SER A 2 -39.16 -6.47 28.96
N VAL A 3 -39.50 -5.85 30.04
CA VAL A 3 -38.55 -4.89 30.69
C VAL A 3 -37.13 -5.49 30.70
N GLU A 4 -36.17 -4.77 30.20
CA GLU A 4 -34.78 -5.30 30.18
C GLU A 4 -33.82 -4.28 30.82
N GLU A 5 -34.34 -3.34 31.56
CA GLU A 5 -33.47 -2.32 32.20
C GLU A 5 -32.74 -1.50 31.14
N VAL A 6 -32.03 -0.48 31.54
CA VAL A 6 -31.30 0.36 30.55
C VAL A 6 -29.84 0.51 30.97
N SER A 7 -29.02 1.06 30.11
CA SER A 7 -27.58 1.23 30.46
C SER A 7 -26.81 1.79 29.25
N LYS A 8 -26.00 2.78 29.47
CA LYS A 8 -25.22 3.36 28.33
C LYS A 8 -23.75 2.95 28.43
N LYS A 9 -23.45 2.00 29.28
CA LYS A 9 -22.04 1.55 29.42
C LYS A 9 -21.87 0.14 28.84
N PHE A 10 -21.54 0.04 27.59
CA PHE A 10 -21.36 -1.30 26.96
C PHE A 10 -20.07 -1.94 27.44
N GLU A 11 -18.95 -1.31 27.19
CA GLU A 11 -17.64 -1.89 27.63
C GLU A 11 -16.53 -0.87 27.44
N GLU A 12 -16.54 -0.15 26.35
CA GLU A 12 -15.48 0.86 26.11
C GLU A 12 -16.10 2.20 25.69
N ASN A 13 -16.21 3.12 26.61
CA ASN A 13 -16.81 4.45 26.28
C ASN A 13 -15.71 5.50 26.17
N VAL A 14 -16.08 6.73 25.87
CA VAL A 14 -15.05 7.80 25.73
C VAL A 14 -15.23 8.84 26.85
N SER A 15 -15.53 8.40 28.04
CA SER A 15 -15.72 9.35 29.17
C SER A 15 -14.40 9.52 29.94
N VAL A 16 -13.64 8.47 30.07
CA VAL A 16 -12.35 8.57 30.80
C VAL A 16 -11.41 9.56 30.12
N ASP A 17 -11.19 9.41 28.84
CA ASP A 17 -10.29 10.35 28.12
C ASP A 17 -11.05 11.62 27.74
N ASP A 18 -10.79 12.71 28.42
CA ASP A 18 -11.50 13.98 28.09
C ASP A 18 -10.65 14.83 27.14
N THR A 19 -11.27 15.61 26.30
CA THR A 19 -10.49 16.46 25.36
C THR A 19 -11.28 17.73 25.04
N THR A 20 -11.01 18.80 25.74
CA THR A 20 -11.74 20.07 25.48
C THR A 20 -10.76 21.25 25.54
N ALA A 21 -9.52 21.04 25.23
CA ALA A 21 -8.53 22.15 25.28
C ALA A 21 -8.32 22.74 23.88
N THR A 22 -8.83 22.08 22.87
CA THR A 22 -8.66 22.60 21.49
C THR A 22 -9.26 24.00 21.36
N PRO A 23 -10.51 24.11 21.70
CA PRO A 23 -11.22 25.40 21.62
C PRO A 23 -10.73 26.34 22.75
N LYS A 24 -10.16 25.79 23.78
CA LYS A 24 -9.68 26.65 24.90
C LYS A 24 -8.36 27.33 24.51
N THR A 25 -7.39 26.57 24.11
CA THR A 25 -6.08 27.17 23.72
C THR A 25 -5.25 26.17 22.92
N VAL A 26 -4.38 26.63 22.07
CA VAL A 26 -3.54 25.70 21.27
C VAL A 26 -2.45 26.47 20.51
N LEU A 27 -1.30 25.89 20.36
CA LEU A 27 -0.20 26.58 19.63
C LEU A 27 -0.18 26.14 18.16
N SER A 28 0.02 24.87 17.91
CA SER A 28 0.05 24.38 16.51
C SER A 28 -1.15 23.45 16.25
N ASP A 29 -1.59 23.37 15.02
CA ASP A 29 -2.74 22.49 14.71
C ASP A 29 -2.26 21.07 14.41
N SER A 30 -1.32 20.58 15.17
CA SER A 30 -0.81 19.20 14.94
C SER A 30 -1.75 18.16 15.56
N ALA A 31 -2.63 17.61 14.78
CA ALA A 31 -3.58 16.60 15.33
C ALA A 31 -2.90 15.23 15.42
N HIS A 32 -3.45 14.32 16.17
CA HIS A 32 -2.83 12.97 16.30
C HIS A 32 -3.86 11.95 16.78
N PHE A 33 -4.79 11.58 15.94
CA PHE A 33 -5.82 10.59 16.34
C PHE A 33 -6.41 9.90 15.11
N ASP A 34 -5.67 8.99 14.52
CA ASP A 34 -6.18 8.29 13.30
C ASP A 34 -5.08 7.42 12.71
N VAL A 35 -4.15 8.02 12.01
CA VAL A 35 -3.04 7.22 11.39
C VAL A 35 -2.27 6.44 12.45
N LYS A 36 -2.48 6.74 13.70
CA LYS A 36 -1.76 5.99 14.78
C LYS A 36 -2.51 4.69 15.10
N HIS A 37 -3.47 4.34 14.29
CA HIS A 37 -4.27 3.10 14.48
C HIS A 37 -5.62 3.25 13.75
N PRO A 38 -6.44 4.14 14.22
CA PRO A 38 -7.75 4.37 13.55
C PRO A 38 -7.54 5.27 12.32
N LEU A 39 -6.77 4.84 11.35
CA LEU A 39 -6.54 5.71 10.17
C LEU A 39 -7.88 6.13 9.54
N ASN A 40 -8.27 5.54 8.44
CA ASN A 40 -9.56 5.95 7.83
C ASN A 40 -9.88 5.08 6.60
N THR A 41 -9.36 3.87 6.55
CA THR A 41 -9.66 3.00 5.38
C THR A 41 -9.60 1.54 5.76
N LYS A 42 -10.16 0.70 4.96
CA LYS A 42 -10.12 -0.76 5.24
C LYS A 42 -9.40 -1.51 4.12
N TRP A 43 -8.50 -2.39 4.47
CA TRP A 43 -7.77 -3.17 3.42
C TRP A 43 -7.50 -4.59 3.93
N THR A 44 -6.94 -5.43 3.10
CA THR A 44 -6.65 -6.82 3.53
C THR A 44 -5.17 -7.15 3.37
N LEU A 45 -4.72 -8.24 3.93
CA LEU A 45 -3.27 -8.57 3.85
C LEU A 45 -3.05 -9.98 3.27
N TRP A 46 -2.77 -10.07 2.00
CA TRP A 46 -2.55 -11.42 1.39
C TRP A 46 -1.06 -11.54 1.02
N TYR A 47 -0.33 -12.36 1.72
CA TYR A 47 1.12 -12.53 1.40
C TYR A 47 1.34 -13.88 0.74
N THR A 48 2.50 -14.14 0.21
CA THR A 48 2.73 -15.45 -0.46
C THR A 48 4.19 -15.89 -0.37
N LYS A 49 4.43 -17.13 -0.69
CA LYS A 49 5.81 -17.68 -0.67
C LYS A 49 5.84 -18.94 -1.55
N PRO A 50 5.86 -18.72 -2.84
CA PRO A 50 5.86 -19.83 -3.82
C PRO A 50 7.17 -20.62 -3.75
N ALA A 51 7.08 -21.89 -3.47
CA ALA A 51 8.32 -22.74 -3.40
C ALA A 51 8.01 -24.07 -2.72
N VAL A 52 6.98 -24.12 -1.93
CA VAL A 52 6.62 -25.38 -1.23
C VAL A 52 6.33 -26.47 -2.25
N ASP A 53 5.88 -26.09 -3.42
CA ASP A 53 5.56 -27.10 -4.48
C ASP A 53 4.44 -28.04 -4.02
N LYS A 54 3.84 -27.76 -2.91
CA LYS A 54 2.73 -28.63 -2.42
C LYS A 54 1.69 -28.76 -3.51
N SER A 55 1.37 -27.66 -4.13
CA SER A 55 0.35 -27.66 -5.21
C SER A 55 0.68 -26.59 -6.24
N GLU A 56 1.82 -25.94 -6.12
CA GLU A 56 2.21 -24.88 -7.09
C GLU A 56 0.98 -24.07 -7.53
N SER A 57 0.26 -23.54 -6.59
CA SER A 57 -0.95 -22.74 -6.95
C SER A 57 -0.90 -21.39 -6.22
N TRP A 58 -0.76 -20.32 -6.95
CA TRP A 58 -0.71 -18.99 -6.27
C TRP A 58 -1.84 -18.92 -5.23
N SER A 59 -2.90 -19.66 -5.46
CA SER A 59 -4.03 -19.64 -4.50
C SER A 59 -3.74 -20.60 -3.34
N ASP A 60 -2.84 -21.52 -3.54
CA ASP A 60 -2.51 -22.49 -2.45
C ASP A 60 -1.36 -21.96 -1.60
N LEU A 61 -0.64 -20.98 -2.09
CA LEU A 61 0.51 -20.44 -1.32
C LEU A 61 0.13 -19.12 -0.66
N LEU A 62 -0.24 -18.16 -1.45
CA LEU A 62 -0.61 -16.86 -0.90
C LEU A 62 -1.67 -17.05 0.18
N ARG A 63 -1.48 -16.44 1.31
CA ARG A 63 -2.48 -16.58 2.42
C ARG A 63 -3.12 -15.22 2.70
N PRO A 64 -4.38 -15.13 2.38
CA PRO A 64 -5.11 -13.86 2.60
C PRO A 64 -5.48 -13.74 4.08
N VAL A 65 -5.10 -12.67 4.72
CA VAL A 65 -5.40 -12.55 6.16
C VAL A 65 -5.65 -11.08 6.59
N THR A 66 -5.05 -10.70 7.69
CA THR A 66 -5.20 -9.33 8.27
C THR A 66 -5.83 -8.32 7.33
N SER A 67 -6.99 -7.86 7.67
CA SER A 67 -7.66 -6.84 6.83
C SER A 67 -8.29 -5.80 7.75
N PHE A 68 -7.55 -4.79 8.08
CA PHE A 68 -8.10 -3.75 9.00
C PHE A 68 -7.58 -2.35 8.65
N GLN A 69 -7.94 -1.38 9.45
CA GLN A 69 -7.50 0.01 9.23
C GLN A 69 -6.57 0.42 10.38
N THR A 70 -5.51 -0.29 10.57
CA THR A 70 -4.59 0.03 11.68
C THR A 70 -3.15 -0.24 11.27
N VAL A 71 -2.27 0.66 11.60
CA VAL A 71 -0.85 0.45 11.25
C VAL A 71 -0.32 -0.74 12.05
N GLU A 72 -0.93 -1.01 13.16
CA GLU A 72 -0.51 -2.17 13.99
C GLU A 72 -0.45 -3.42 13.13
N GLU A 73 -1.59 -3.86 12.66
CA GLU A 73 -1.64 -5.07 11.80
C GLU A 73 -0.55 -4.99 10.73
N PHE A 74 -0.61 -3.98 9.90
CA PHE A 74 0.43 -3.84 8.86
C PHE A 74 1.81 -4.02 9.50
N TRP A 75 2.00 -3.43 10.64
CA TRP A 75 3.31 -3.58 11.35
C TRP A 75 3.57 -5.06 11.58
N ALA A 76 2.52 -5.82 11.72
CA ALA A 76 2.69 -7.28 11.93
C ALA A 76 3.49 -7.86 10.77
N ILE A 77 3.00 -7.73 9.56
CA ILE A 77 3.77 -8.26 8.41
C ILE A 77 5.22 -7.78 8.54
N ILE A 78 5.42 -6.64 9.14
CA ILE A 78 6.81 -6.13 9.33
C ILE A 78 7.43 -6.86 10.53
N GLN A 79 6.63 -7.19 11.51
CA GLN A 79 7.16 -7.91 12.70
C GLN A 79 8.00 -9.09 12.23
N ASN A 80 7.74 -9.55 11.04
CA ASN A 80 8.51 -10.69 10.48
C ASN A 80 9.92 -10.25 10.13
N ILE A 81 10.16 -8.97 10.18
CA ILE A 81 11.50 -8.42 9.83
C ILE A 81 12.14 -9.25 8.70
N PRO A 82 11.39 -9.43 7.64
CA PRO A 82 11.89 -10.20 6.49
C PRO A 82 12.73 -9.27 5.62
N GLU A 83 12.29 -8.06 5.49
CA GLU A 83 13.03 -7.05 4.68
C GLU A 83 13.38 -7.64 3.30
N PRO A 84 14.04 -6.84 2.52
CA PRO A 84 14.45 -7.26 1.16
C PRO A 84 15.68 -8.16 1.22
N HIS A 85 16.09 -8.57 2.39
CA HIS A 85 17.28 -9.46 2.49
C HIS A 85 17.34 -10.12 3.87
N GLU A 86 16.22 -10.29 4.49
CA GLU A 86 16.20 -10.94 5.84
C GLU A 86 15.28 -12.16 5.82
N LEU A 87 14.65 -12.41 4.71
CA LEU A 87 13.74 -13.59 4.62
C LEU A 87 14.04 -14.39 3.34
N PRO A 88 13.25 -15.40 3.09
CA PRO A 88 13.45 -16.23 1.89
C PRO A 88 13.00 -15.45 0.65
N LEU A 89 13.85 -15.32 -0.33
CA LEU A 89 13.46 -14.55 -1.54
C LEU A 89 12.17 -15.08 -2.13
N LYS A 90 11.88 -14.70 -3.35
CA LYS A 90 10.62 -15.17 -3.99
C LYS A 90 9.43 -14.80 -3.09
N SER A 91 9.65 -13.88 -2.21
CA SER A 91 8.57 -13.45 -1.26
C SER A 91 7.48 -12.68 -2.02
N ASP A 92 6.33 -12.51 -1.40
CA ASP A 92 5.23 -11.75 -2.08
C ASP A 92 4.19 -11.26 -1.08
N TYR A 93 4.31 -10.05 -0.61
CA TYR A 93 3.30 -9.53 0.37
C TYR A 93 2.31 -8.63 -0.37
N HIS A 94 1.04 -8.69 -0.03
CA HIS A 94 0.06 -7.84 -0.75
C HIS A 94 -1.00 -7.28 0.21
N VAL A 95 -1.22 -6.00 0.16
CA VAL A 95 -2.25 -5.38 1.04
C VAL A 95 -2.96 -4.26 0.27
N PHE A 96 -4.27 -4.29 0.21
CA PHE A 96 -5.00 -3.24 -0.56
C PHE A 96 -6.50 -3.57 -0.63
N ARG A 97 -7.28 -2.67 -1.17
CA ARG A 97 -8.76 -2.88 -1.30
C ARG A 97 -9.47 -1.52 -1.45
N ASN A 98 -8.82 -0.46 -1.07
CA ASN A 98 -9.45 0.90 -1.15
C ASN A 98 -9.92 1.23 -2.58
N ASP A 99 -9.54 0.45 -3.56
CA ASP A 99 -9.99 0.77 -4.95
C ASP A 99 -10.53 -0.46 -5.67
N VAL A 100 -9.80 -1.53 -5.66
CA VAL A 100 -10.27 -2.76 -6.35
C VAL A 100 -10.78 -3.76 -5.32
N ARG A 101 -10.35 -5.00 -5.35
CA ARG A 101 -10.87 -5.96 -4.32
C ARG A 101 -10.43 -7.41 -4.57
N PRO A 102 -10.65 -7.90 -5.76
CA PRO A 102 -10.30 -9.31 -6.09
C PRO A 102 -8.83 -9.70 -5.80
N GLU A 103 -7.90 -9.40 -6.66
CA GLU A 103 -6.48 -9.82 -6.38
C GLU A 103 -5.54 -9.25 -7.43
N TRP A 104 -4.26 -9.41 -7.28
CA TRP A 104 -3.33 -8.86 -8.32
C TRP A 104 -3.85 -9.25 -9.70
N GLU A 105 -4.64 -10.29 -9.76
CA GLU A 105 -5.22 -10.73 -11.06
C GLU A 105 -6.41 -9.84 -11.43
N ASP A 106 -6.66 -8.85 -10.61
CA ASP A 106 -7.78 -7.90 -10.85
C ASP A 106 -7.42 -6.57 -10.14
N GLU A 107 -6.84 -6.66 -8.96
CA GLU A 107 -6.42 -5.43 -8.24
C GLU A 107 -5.69 -4.53 -9.22
N ALA A 108 -4.98 -5.12 -10.13
CA ALA A 108 -4.27 -4.32 -11.16
C ALA A 108 -5.28 -3.95 -12.24
N ASN A 109 -6.18 -4.85 -12.52
CA ASN A 109 -7.22 -4.57 -13.53
C ASN A 109 -7.96 -3.30 -13.12
N ALA A 110 -7.92 -2.99 -11.86
CA ALA A 110 -8.60 -1.79 -11.34
C ALA A 110 -7.66 -0.58 -11.36
N LYS A 111 -6.61 -0.62 -10.60
CA LYS A 111 -5.66 0.52 -10.55
C LYS A 111 -5.09 0.81 -11.95
N GLY A 112 -4.90 -0.21 -12.73
CA GLY A 112 -4.38 0.01 -14.11
C GLY A 112 -2.86 0.21 -14.12
N GLY A 113 -2.29 0.77 -13.07
CA GLY A 113 -0.81 1.01 -13.10
C GLY A 113 -0.09 0.06 -12.12
N LYS A 114 0.81 -0.76 -12.60
CA LYS A 114 1.55 -1.69 -11.70
C LYS A 114 3.01 -1.23 -11.60
N TRP A 115 3.36 -0.56 -10.52
CA TRP A 115 4.76 -0.06 -10.37
C TRP A 115 5.67 -1.18 -9.86
N SER A 116 6.63 -1.60 -10.64
CA SER A 116 7.53 -2.70 -10.19
C SER A 116 8.93 -2.14 -9.89
N PHE A 117 9.43 -2.41 -8.71
CA PHE A 117 10.80 -1.91 -8.37
C PHE A 117 11.77 -3.09 -8.34
N GLN A 118 12.92 -2.94 -8.96
CA GLN A 118 13.91 -4.06 -8.96
C GLN A 118 15.20 -3.62 -8.29
N LEU A 119 15.53 -4.21 -7.18
CA LEU A 119 16.79 -3.83 -6.46
C LEU A 119 17.67 -5.06 -6.25
N ARG A 120 18.95 -4.86 -6.08
CA ARG A 120 19.87 -6.01 -5.87
C ARG A 120 20.80 -5.76 -4.69
N GLY A 121 21.13 -4.52 -4.44
CA GLY A 121 22.04 -4.22 -3.30
C GLY A 121 21.39 -4.67 -1.99
N LYS A 122 21.46 -3.85 -0.96
CA LYS A 122 20.86 -4.24 0.34
C LYS A 122 20.62 -3.00 1.21
N GLY A 123 20.46 -3.18 2.48
CA GLY A 123 20.23 -2.02 3.38
C GLY A 123 19.90 -2.50 4.79
N ALA A 124 19.33 -3.68 4.91
CA ALA A 124 18.97 -4.24 6.25
C ALA A 124 17.68 -3.60 6.79
N ASP A 125 17.26 -2.51 6.21
CA ASP A 125 16.01 -1.86 6.70
C ASP A 125 15.41 -0.99 5.59
N ILE A 126 15.40 -1.48 4.38
CA ILE A 126 14.83 -0.68 3.26
C ILE A 126 13.31 -0.92 3.17
N ASP A 127 12.85 -2.06 3.61
CA ASP A 127 11.40 -2.35 3.54
C ASP A 127 10.62 -1.50 4.54
N GLU A 128 11.30 -0.88 5.47
CA GLU A 128 10.58 -0.03 6.46
C GLU A 128 10.31 1.34 5.86
N LEU A 129 11.23 1.83 5.07
CA LEU A 129 11.05 3.16 4.43
C LEU A 129 10.06 3.04 3.27
N TRP A 130 10.25 2.07 2.43
CA TRP A 130 9.32 1.89 1.28
C TRP A 130 7.89 1.66 1.81
N LEU A 131 7.79 1.06 2.96
CA LEU A 131 6.45 0.81 3.56
C LEU A 131 5.94 2.06 4.26
N ARG A 132 6.71 2.58 5.18
CA ARG A 132 6.27 3.81 5.92
C ARG A 132 5.60 4.76 4.95
N THR A 133 6.00 4.72 3.71
CA THR A 133 5.37 5.61 2.70
C THR A 133 4.13 4.96 2.10
N LEU A 134 4.16 3.66 1.94
CA LEU A 134 2.96 2.97 1.37
C LEU A 134 1.96 2.71 2.50
N LEU A 135 2.39 2.09 3.56
CA LEU A 135 1.46 1.85 4.69
C LEU A 135 0.87 3.18 5.17
N ALA A 136 1.65 4.23 5.13
CA ALA A 136 1.13 5.55 5.56
C ALA A 136 0.14 6.06 4.52
N VAL A 137 0.39 5.74 3.28
CA VAL A 137 -0.52 6.18 2.18
C VAL A 137 -1.97 5.79 2.50
N ILE A 138 -2.19 4.57 2.92
CA ILE A 138 -3.58 4.13 3.25
C ILE A 138 -3.98 4.64 4.64
N GLY A 139 -3.10 4.57 5.58
CA GLY A 139 -3.43 5.04 6.96
C GLY A 139 -3.56 6.57 6.95
N GLU A 140 -2.84 7.21 6.07
CA GLU A 140 -2.92 8.70 5.99
C GLU A 140 -3.27 9.12 4.57
N THR A 141 -4.33 8.58 4.03
CA THR A 141 -4.74 8.95 2.65
C THR A 141 -5.26 10.38 2.63
N ILE A 142 -5.40 10.99 3.77
CA ILE A 142 -5.90 12.39 3.82
C ILE A 142 -5.27 13.21 2.70
N ASP A 143 -3.99 13.09 2.51
CA ASP A 143 -3.31 13.86 1.42
C ASP A 143 -1.82 13.54 1.40
N GLU A 144 -1.44 12.45 0.78
CA GLU A 144 0.00 12.09 0.72
C GLU A 144 0.43 11.83 -0.72
N ASP A 145 -0.20 12.47 -1.66
CA ASP A 145 0.16 12.27 -3.09
C ASP A 145 -0.12 10.82 -3.51
N ASP A 146 -0.80 10.08 -2.68
CA ASP A 146 -1.11 8.66 -3.02
C ASP A 146 -2.37 8.21 -2.28
N SER A 147 -3.34 9.07 -2.15
CA SER A 147 -4.60 8.69 -1.43
C SER A 147 -5.57 8.01 -2.39
N GLN A 148 -5.72 8.55 -3.58
CA GLN A 148 -6.65 7.93 -4.57
C GLN A 148 -6.06 6.62 -5.08
N ILE A 149 -4.86 6.29 -4.67
CA ILE A 149 -4.23 5.02 -5.14
C ILE A 149 -5.21 3.85 -4.96
N ASN A 150 -4.77 2.66 -5.27
CA ASN A 150 -5.67 1.48 -5.12
C ASN A 150 -5.05 0.46 -4.17
N GLY A 151 -3.78 0.19 -4.29
CA GLY A 151 -3.16 -0.80 -3.37
C GLY A 151 -1.67 -0.94 -3.64
N VAL A 152 -1.00 -1.69 -2.83
CA VAL A 152 0.48 -1.88 -3.02
C VAL A 152 0.85 -3.34 -2.85
N VAL A 153 1.95 -3.74 -3.42
CA VAL A 153 2.39 -5.16 -3.31
C VAL A 153 3.91 -5.24 -3.12
N LEU A 154 4.38 -6.33 -2.62
CA LEU A 154 5.84 -6.50 -2.40
C LEU A 154 6.23 -7.95 -2.73
N SER A 155 7.37 -8.18 -3.33
CA SER A 155 7.73 -9.58 -3.65
C SER A 155 9.23 -9.71 -3.94
N ILE A 156 9.91 -10.54 -3.21
CA ILE A 156 11.36 -10.72 -3.49
C ILE A 156 11.52 -11.88 -4.47
N ARG A 157 12.62 -11.93 -5.17
CA ARG A 157 12.83 -13.03 -6.15
C ARG A 157 14.12 -12.82 -6.95
N LYS A 158 15.09 -12.18 -6.37
CA LYS A 158 16.37 -11.93 -7.10
C LYS A 158 17.52 -11.75 -6.12
N GLY A 159 18.51 -10.99 -6.48
CA GLY A 159 19.67 -10.77 -5.56
C GLY A 159 19.33 -9.64 -4.58
N GLY A 160 18.10 -9.23 -4.56
CA GLY A 160 17.69 -8.14 -3.62
C GLY A 160 16.21 -8.25 -3.30
N ASN A 161 15.38 -7.59 -4.07
CA ASN A 161 13.90 -7.66 -3.81
C ASN A 161 13.15 -6.81 -4.84
N LYS A 162 11.85 -6.84 -4.80
CA LYS A 162 11.06 -6.04 -5.76
C LYS A 162 9.66 -5.80 -5.21
N PHE A 163 8.97 -4.80 -5.67
CA PHE A 163 7.60 -4.56 -5.13
C PHE A 163 6.64 -4.14 -6.26
N ALA A 164 5.36 -4.25 -6.01
CA ALA A 164 4.37 -3.86 -7.06
C ALA A 164 3.39 -2.82 -6.51
N LEU A 165 3.59 -1.57 -6.85
CA LEU A 165 2.68 -0.50 -6.34
C LEU A 165 1.49 -0.34 -7.28
N TRP A 166 0.30 -0.42 -6.77
CA TRP A 166 -0.88 -0.25 -7.66
C TRP A 166 -1.47 1.13 -7.52
N THR A 167 -1.80 1.74 -8.61
CA THR A 167 -2.37 3.11 -8.56
C THR A 167 -3.76 3.13 -9.18
N LYS A 168 -4.74 3.54 -8.43
CA LYS A 168 -6.11 3.60 -8.97
C LYS A 168 -6.10 4.17 -10.39
N SER A 169 -5.21 5.10 -10.64
CA SER A 169 -5.10 5.75 -11.99
C SER A 169 -4.44 7.12 -11.83
N GLU A 170 -5.23 8.11 -11.46
CA GLU A 170 -4.69 9.49 -11.27
C GLU A 170 -3.61 9.82 -12.31
N ASP A 171 -3.70 9.25 -13.49
CA ASP A 171 -2.67 9.55 -14.52
C ASP A 171 -1.30 9.11 -14.01
N LYS A 172 -0.66 8.24 -14.74
CA LYS A 172 0.68 7.74 -14.31
C LYS A 172 1.75 8.84 -14.45
N GLU A 173 1.49 9.85 -15.22
CA GLU A 173 2.51 10.93 -15.36
C GLU A 173 3.05 11.33 -13.98
N PRO A 174 2.16 11.78 -13.14
CA PRO A 174 2.56 12.18 -11.78
C PRO A 174 3.05 10.97 -10.99
N LEU A 175 2.81 9.78 -11.47
CA LEU A 175 3.30 8.59 -10.75
C LEU A 175 4.76 8.36 -11.12
N LEU A 176 5.05 8.27 -12.39
CA LEU A 176 6.47 8.11 -12.79
C LEU A 176 7.30 9.13 -12.04
N ARG A 177 6.67 10.20 -11.62
CA ARG A 177 7.41 11.24 -10.86
C ARG A 177 7.61 10.77 -9.41
N ILE A 178 6.55 10.36 -8.76
CA ILE A 178 6.69 9.88 -7.35
C ILE A 178 7.54 8.59 -7.34
N GLY A 179 7.32 7.72 -8.29
CA GLY A 179 8.12 6.47 -8.34
C GLY A 179 9.60 6.82 -8.31
N GLY A 180 10.02 7.74 -9.14
CA GLY A 180 11.45 8.14 -9.14
C GLY A 180 11.88 8.44 -7.70
N LYS A 181 11.12 9.28 -7.02
CA LYS A 181 11.47 9.59 -5.62
C LYS A 181 11.46 8.30 -4.79
N PHE A 182 10.39 7.56 -4.85
CA PHE A 182 10.32 6.28 -4.09
C PHE A 182 11.46 5.38 -4.54
N LYS A 183 11.96 5.59 -5.74
CA LYS A 183 13.07 4.75 -6.25
C LYS A 183 14.27 4.84 -5.31
N GLN A 184 14.79 6.02 -5.13
CA GLN A 184 15.95 6.19 -4.22
C GLN A 184 15.59 5.72 -2.80
N VAL A 185 14.38 5.96 -2.40
CA VAL A 185 13.97 5.49 -1.04
C VAL A 185 14.35 4.02 -0.89
N LEU A 186 14.30 3.30 -1.97
CA LEU A 186 14.67 1.86 -1.91
C LEU A 186 16.14 1.75 -1.51
N LYS A 187 16.85 2.85 -1.58
CA LYS A 187 18.29 2.84 -1.21
C LYS A 187 19.12 2.14 -2.28
N LEU A 188 18.75 2.33 -3.52
CA LEU A 188 19.52 1.68 -4.62
C LEU A 188 20.67 2.59 -5.07
N THR A 189 21.26 2.31 -6.19
CA THR A 189 22.38 3.15 -6.68
C THR A 189 23.02 2.53 -7.93
N ASP A 190 22.26 1.84 -8.72
CA ASP A 190 22.83 1.20 -9.94
C ASP A 190 22.47 2.05 -11.17
N ASP A 191 21.43 2.83 -11.08
CA ASP A 191 21.02 3.68 -12.24
C ASP A 191 19.63 4.27 -11.98
N GLY A 192 18.83 3.60 -11.18
CA GLY A 192 17.47 4.11 -10.88
C GLY A 192 16.58 2.95 -10.41
N HIS A 193 16.58 1.87 -11.14
CA HIS A 193 15.75 0.71 -10.73
C HIS A 193 14.27 1.12 -10.58
N LEU A 194 13.46 0.73 -11.52
CA LEU A 194 12.01 1.08 -11.44
C LEU A 194 11.29 0.53 -12.68
N GLU A 195 10.04 0.20 -12.55
CA GLU A 195 9.30 -0.36 -13.72
C GLU A 195 7.86 0.17 -13.74
N PHE A 196 7.47 0.80 -14.81
CA PHE A 196 6.08 1.33 -14.90
C PHE A 196 5.28 0.49 -15.90
N PHE A 197 4.33 -0.27 -15.42
CA PHE A 197 3.53 -1.13 -16.34
C PHE A 197 2.03 -0.95 -16.07
N PRO A 198 1.28 -1.07 -17.13
CA PRO A 198 -0.19 -0.97 -17.03
C PRO A 198 -0.78 -2.32 -16.62
N HIS A 199 -1.91 -2.34 -15.99
CA HIS A 199 -2.52 -3.64 -15.57
C HIS A 199 -2.48 -4.63 -16.74
N SER A 200 -2.43 -4.13 -17.94
CA SER A 200 -2.40 -5.04 -19.13
C SER A 200 -1.31 -6.09 -18.96
N SER A 201 -0.35 -5.84 -18.11
CA SER A 201 0.74 -6.84 -17.92
C SER A 201 0.24 -8.03 -17.09
N ALA A 202 -0.43 -7.77 -16.01
CA ALA A 202 -0.96 -8.86 -15.16
C ALA A 202 -1.90 -9.75 -15.97
N ASN A 203 -3.06 -9.26 -16.29
CA ASN A 203 -4.04 -10.07 -17.07
C ASN A 203 -3.37 -10.62 -18.34
N GLY A 204 -2.30 -10.00 -18.77
CA GLY A 204 -1.61 -10.49 -19.99
C GLY A 204 -2.49 -10.23 -21.22
N ARG A 205 -3.42 -9.32 -21.11
CA ARG A 205 -4.32 -9.01 -22.26
C ARG A 205 -3.55 -8.24 -23.35
N HIS A 206 -2.34 -7.84 -23.06
CA HIS A 206 -1.55 -7.10 -24.06
C HIS A 206 -0.24 -6.60 -23.44
N PRO A 207 0.85 -7.07 -23.98
CA PRO A 207 2.18 -6.66 -23.47
C PRO A 207 2.48 -5.21 -23.85
N GLN A 208 2.04 -4.28 -23.04
CA GLN A 208 2.29 -2.84 -23.34
C GLN A 208 2.71 -2.10 -22.07
N PRO A 209 3.94 -2.34 -21.66
CA PRO A 209 4.47 -1.68 -20.45
C PRO A 209 4.73 -0.19 -20.71
N SER A 210 5.58 0.42 -19.94
CA SER A 210 5.86 1.87 -20.17
C SER A 210 7.37 2.11 -20.08
N ILE A 211 7.97 1.83 -18.96
CA ILE A 211 9.44 2.06 -18.85
C ILE A 211 10.03 1.18 -17.73
N THR A 212 11.32 1.07 -17.68
CA THR A 212 11.96 0.25 -16.62
C THR A 212 13.34 0.79 -16.29
N LEU A 213 13.43 1.56 -15.25
CA LEU A 213 14.75 2.14 -14.84
C LEU A 213 15.47 1.19 -13.88
N MET A 1 -0.49 35.79 9.12
CA MET A 1 -0.72 34.40 8.60
C MET A 1 0.45 33.97 7.71
N SER A 2 0.76 34.73 6.71
CA SER A 2 1.89 34.35 5.82
C SER A 2 2.92 35.49 5.76
N VAL A 3 3.92 35.44 6.62
CA VAL A 3 4.95 36.51 6.61
C VAL A 3 6.35 35.89 6.67
N GLU A 4 6.83 35.59 7.84
CA GLU A 4 8.19 34.98 7.96
C GLU A 4 8.09 33.57 8.53
N GLU A 5 6.89 33.07 8.71
CA GLU A 5 6.74 31.70 9.26
C GLU A 5 5.99 30.80 8.26
N VAL A 6 5.66 31.34 7.12
CA VAL A 6 4.93 30.52 6.11
C VAL A 6 5.89 29.54 5.43
N SER A 7 7.17 29.81 5.48
CA SER A 7 8.15 28.89 4.84
C SER A 7 8.27 27.61 5.66
N LYS A 8 8.11 26.48 5.02
CA LYS A 8 8.22 25.18 5.77
C LYS A 8 9.68 24.80 5.96
N LYS A 9 10.34 24.35 4.93
CA LYS A 9 11.77 23.97 5.05
C LYS A 9 11.92 22.87 6.13
N PHE A 10 11.21 21.80 6.00
CA PHE A 10 11.31 20.70 7.00
C PHE A 10 12.75 20.17 7.06
N GLU A 11 13.45 20.43 8.12
CA GLU A 11 14.85 19.94 8.24
C GLU A 11 15.31 19.96 9.70
N GLU A 12 14.39 19.88 10.61
CA GLU A 12 14.76 19.88 12.05
C GLU A 12 14.42 18.53 12.70
N ASN A 13 15.39 17.91 13.32
CA ASN A 13 15.12 16.59 13.97
C ASN A 13 14.89 16.77 15.47
N VAL A 14 13.76 16.36 15.97
CA VAL A 14 13.49 16.51 17.42
C VAL A 14 13.25 15.13 18.06
N SER A 15 14.12 14.70 18.93
CA SER A 15 13.94 13.38 19.57
C SER A 15 13.64 13.55 21.06
N VAL A 16 14.51 14.20 21.79
CA VAL A 16 14.28 14.40 23.25
C VAL A 16 13.74 15.81 23.50
N ASP A 17 13.46 16.55 22.46
CA ASP A 17 12.92 17.93 22.64
C ASP A 17 13.95 18.80 23.36
N ASP A 18 13.84 20.10 23.21
CA ASP A 18 14.82 21.01 23.88
C ASP A 18 14.07 22.10 24.65
N THR A 19 13.10 22.72 24.02
CA THR A 19 12.34 23.79 24.73
C THR A 19 10.99 23.26 25.19
N THR A 20 10.37 23.90 26.15
CA THR A 20 9.05 23.43 26.65
C THR A 20 7.93 23.90 25.72
N ALA A 21 8.14 24.99 25.03
CA ALA A 21 7.07 25.49 24.11
C ALA A 21 5.74 25.59 24.85
N THR A 22 5.77 25.76 26.15
CA THR A 22 4.50 25.86 26.93
C THR A 22 3.61 26.96 26.35
N PRO A 23 4.17 28.14 26.25
CA PRO A 23 3.40 29.29 25.71
C PRO A 23 3.21 29.15 24.19
N LYS A 24 3.73 28.10 23.61
CA LYS A 24 3.57 27.92 22.14
C LYS A 24 2.94 26.55 21.85
N THR A 25 1.89 26.22 22.54
CA THR A 25 1.23 24.90 22.30
C THR A 25 -0.29 25.05 22.40
N VAL A 26 -0.94 25.27 21.28
CA VAL A 26 -2.43 25.42 21.31
C VAL A 26 -3.10 24.25 20.58
N LEU A 27 -2.63 23.05 20.82
CA LEU A 27 -3.23 21.87 20.15
C LEU A 27 -3.41 22.15 18.65
N SER A 28 -2.34 22.41 17.96
CA SER A 28 -2.45 22.68 16.50
C SER A 28 -3.21 21.56 15.80
N ASP A 29 -3.26 21.56 14.49
CA ASP A 29 -3.99 20.49 13.76
C ASP A 29 -3.22 20.09 12.50
N SER A 30 -3.19 18.82 12.19
CA SER A 30 -2.46 18.37 10.98
C SER A 30 -3.23 17.25 10.28
N ALA A 31 -4.49 17.11 10.57
CA ALA A 31 -5.30 16.04 9.91
C ALA A 31 -6.73 16.06 10.43
N HIS A 32 -7.36 14.92 10.51
CA HIS A 32 -8.77 14.87 11.01
C HIS A 32 -9.16 13.44 11.37
N PHE A 33 -8.24 12.70 11.94
CA PHE A 33 -8.57 11.29 12.33
C PHE A 33 -7.74 10.87 13.54
N ASP A 34 -7.63 9.59 13.79
CA ASP A 34 -6.85 9.12 14.97
C ASP A 34 -5.37 9.03 14.62
N VAL A 35 -5.04 8.40 13.53
CA VAL A 35 -3.61 8.27 13.12
C VAL A 35 -2.79 7.59 14.24
N LYS A 36 -3.44 7.00 15.19
CA LYS A 36 -2.70 6.30 16.29
C LYS A 36 -2.89 4.79 16.18
N HIS A 37 -3.59 4.34 15.16
CA HIS A 37 -3.83 2.89 14.97
C HIS A 37 -4.93 2.71 13.91
N PRO A 38 -6.11 3.14 14.23
CA PRO A 38 -7.24 3.06 13.28
C PRO A 38 -7.12 4.12 12.19
N LEU A 39 -7.17 3.74 10.95
CA LEU A 39 -7.06 4.73 9.85
C LEU A 39 -8.45 5.21 9.46
N ASN A 40 -8.80 5.14 8.19
CA ASN A 40 -10.14 5.59 7.75
C ASN A 40 -10.59 4.75 6.55
N THR A 41 -9.97 3.62 6.36
CA THR A 41 -10.34 2.75 5.20
C THR A 41 -10.22 1.27 5.58
N LYS A 42 -10.81 0.43 4.79
CA LYS A 42 -10.71 -1.03 5.06
C LYS A 42 -9.78 -1.67 4.04
N TRP A 43 -8.81 -2.43 4.48
CA TRP A 43 -7.87 -3.08 3.52
C TRP A 43 -7.64 -4.52 3.90
N THR A 44 -6.90 -5.23 3.08
CA THR A 44 -6.62 -6.68 3.37
C THR A 44 -5.13 -6.95 3.27
N LEU A 45 -4.66 -8.02 3.87
CA LEU A 45 -3.21 -8.30 3.86
C LEU A 45 -2.92 -9.65 3.18
N TRP A 46 -2.47 -9.63 1.95
CA TRP A 46 -2.16 -10.89 1.24
C TRP A 46 -0.67 -10.97 0.92
N TYR A 47 0.03 -11.88 1.52
CA TYR A 47 1.50 -11.98 1.24
C TYR A 47 1.84 -13.36 0.65
N THR A 48 2.86 -13.43 -0.16
CA THR A 48 3.24 -14.74 -0.77
C THR A 48 4.60 -15.18 -0.26
N LYS A 49 4.96 -16.42 -0.48
CA LYS A 49 6.29 -16.91 0.00
C LYS A 49 6.85 -17.96 -0.94
N PRO A 50 8.04 -18.42 -0.63
CA PRO A 50 8.71 -19.44 -1.46
C PRO A 50 8.07 -20.82 -1.23
N ALA A 51 6.83 -20.98 -1.64
CA ALA A 51 6.16 -22.29 -1.44
C ALA A 51 5.85 -22.93 -2.79
N VAL A 52 6.28 -22.33 -3.86
CA VAL A 52 6.00 -22.87 -5.21
C VAL A 52 6.19 -24.40 -5.23
N ASP A 53 7.00 -24.93 -4.36
CA ASP A 53 7.23 -26.40 -4.36
C ASP A 53 6.11 -27.11 -3.57
N LYS A 54 5.35 -26.35 -2.86
CA LYS A 54 4.23 -26.92 -2.05
C LYS A 54 2.94 -26.92 -2.88
N SER A 55 3.05 -26.60 -4.13
CA SER A 55 1.85 -26.54 -5.03
C SER A 55 2.17 -25.69 -6.26
N GLU A 56 3.23 -24.92 -6.20
CA GLU A 56 3.62 -24.05 -7.36
C GLU A 56 2.39 -23.33 -7.94
N SER A 57 1.55 -22.82 -7.09
CA SER A 57 0.35 -22.09 -7.58
C SER A 57 0.29 -20.72 -6.90
N TRP A 58 0.49 -19.67 -7.64
CA TRP A 58 0.44 -18.32 -7.03
C TRP A 58 -0.80 -18.22 -6.14
N SER A 59 -1.80 -18.99 -6.43
CA SER A 59 -3.04 -18.96 -5.62
C SER A 59 -2.92 -19.90 -4.43
N ASP A 60 -1.99 -20.82 -4.49
CA ASP A 60 -1.81 -21.78 -3.37
C ASP A 60 -0.81 -21.22 -2.34
N LEU A 61 -0.04 -20.24 -2.73
CA LEU A 61 0.95 -19.65 -1.79
C LEU A 61 0.37 -18.41 -1.13
N LEU A 62 0.07 -17.43 -1.93
CA LEU A 62 -0.50 -16.16 -1.39
C LEU A 62 -1.45 -16.43 -0.23
N ARG A 63 -1.16 -15.88 0.91
CA ARG A 63 -2.04 -16.10 2.09
C ARG A 63 -2.85 -14.82 2.37
N PRO A 64 -4.13 -14.90 2.11
CA PRO A 64 -5.01 -13.74 2.35
C PRO A 64 -5.32 -13.63 3.84
N VAL A 65 -4.94 -12.55 4.47
CA VAL A 65 -5.18 -12.46 5.93
C VAL A 65 -5.54 -11.02 6.38
N THR A 66 -5.04 -10.64 7.52
CA THR A 66 -5.30 -9.31 8.14
C THR A 66 -5.98 -8.32 7.20
N SER A 67 -7.20 -7.99 7.49
CA SER A 67 -7.92 -7.00 6.68
C SER A 67 -8.56 -5.98 7.62
N PHE A 68 -7.83 -5.00 7.98
CA PHE A 68 -8.36 -3.99 8.95
C PHE A 68 -8.30 -2.57 8.37
N GLN A 69 -8.60 -1.60 9.19
CA GLN A 69 -8.57 -0.19 8.77
C GLN A 69 -7.65 0.57 9.72
N THR A 70 -6.65 -0.09 10.22
CA THR A 70 -5.71 0.56 11.16
C THR A 70 -4.28 0.44 10.65
N VAL A 71 -3.33 0.43 11.54
CA VAL A 71 -1.90 0.31 11.12
C VAL A 71 -1.20 -0.74 11.97
N GLU A 72 -1.58 -0.87 13.23
CA GLU A 72 -0.93 -1.89 14.10
C GLU A 72 -0.79 -3.21 13.34
N GLU A 73 -1.85 -3.67 12.75
CA GLU A 73 -1.78 -4.95 11.99
C GLU A 73 -0.70 -4.87 10.91
N PHE A 74 -0.81 -3.92 10.01
CA PHE A 74 0.23 -3.79 8.96
C PHE A 74 1.59 -3.82 9.65
N TRP A 75 1.70 -3.16 10.77
CA TRP A 75 2.98 -3.16 11.53
C TRP A 75 3.38 -4.61 11.78
N ALA A 76 2.41 -5.46 11.97
CA ALA A 76 2.70 -6.90 12.20
C ALA A 76 3.56 -7.43 11.06
N ILE A 77 3.07 -7.37 9.85
CA ILE A 77 3.88 -7.86 8.71
C ILE A 77 5.27 -7.23 8.76
N ILE A 78 5.40 -6.10 9.41
CA ILE A 78 6.75 -5.44 9.52
C ILE A 78 7.52 -6.05 10.68
N GLN A 79 6.84 -6.34 11.76
CA GLN A 79 7.56 -6.95 12.92
C GLN A 79 8.30 -8.20 12.47
N ASN A 80 7.93 -8.72 11.33
CA ASN A 80 8.63 -9.91 10.78
C ASN A 80 10.03 -9.51 10.33
N ILE A 81 10.28 -8.23 10.31
CA ILE A 81 11.61 -7.72 9.85
C ILE A 81 12.18 -8.60 8.74
N PRO A 82 11.39 -8.79 7.71
CA PRO A 82 11.83 -9.60 6.55
C PRO A 82 12.64 -8.68 5.63
N GLU A 83 12.08 -7.54 5.37
CA GLU A 83 12.77 -6.53 4.52
C GLU A 83 13.26 -7.14 3.20
N PRO A 84 14.02 -6.36 2.48
CA PRO A 84 14.56 -6.81 1.18
C PRO A 84 15.85 -7.62 1.38
N HIS A 85 16.22 -7.87 2.60
CA HIS A 85 17.47 -8.65 2.84
C HIS A 85 17.42 -9.30 4.23
N GLU A 86 16.25 -9.52 4.75
CA GLU A 86 16.14 -10.15 6.10
C GLU A 86 15.22 -11.37 6.02
N LEU A 87 14.63 -11.62 4.88
CA LEU A 87 13.75 -12.80 4.74
C LEU A 87 14.34 -13.76 3.71
N PRO A 88 13.84 -14.97 3.69
CA PRO A 88 14.35 -15.99 2.72
C PRO A 88 13.92 -15.61 1.29
N LEU A 89 14.23 -14.41 0.88
CA LEU A 89 13.86 -13.93 -0.49
C LEU A 89 12.56 -14.55 -0.98
N LYS A 90 12.38 -14.57 -2.28
CA LYS A 90 11.13 -15.16 -2.87
C LYS A 90 9.94 -14.83 -1.98
N SER A 91 9.99 -13.72 -1.33
CA SER A 91 8.89 -13.32 -0.41
C SER A 91 7.94 -12.35 -1.11
N ASP A 92 6.81 -12.06 -0.49
CA ASP A 92 5.85 -11.11 -1.12
C ASP A 92 4.88 -10.55 -0.07
N TYR A 93 4.55 -9.29 -0.16
CA TYR A 93 3.59 -8.69 0.81
C TYR A 93 2.62 -7.78 0.07
N HIS A 94 1.35 -8.11 0.05
CA HIS A 94 0.37 -7.26 -0.67
C HIS A 94 -0.73 -6.77 0.28
N VAL A 95 -1.12 -5.53 0.17
CA VAL A 95 -2.19 -5.00 1.04
C VAL A 95 -2.98 -3.93 0.28
N PHE A 96 -4.26 -4.11 0.12
CA PHE A 96 -5.08 -3.11 -0.62
C PHE A 96 -6.21 -2.59 0.27
N ARG A 97 -6.76 -1.46 -0.06
CA ARG A 97 -7.88 -0.91 0.77
C ARG A 97 -9.19 -0.97 -0.01
N ASN A 98 -9.26 -0.29 -1.11
CA ASN A 98 -10.50 -0.32 -1.93
C ASN A 98 -11.04 -1.75 -2.00
N ASP A 99 -10.18 -2.71 -1.88
CA ASP A 99 -10.63 -4.14 -1.92
C ASP A 99 -11.18 -4.50 -3.29
N VAL A 100 -10.75 -3.81 -4.31
CA VAL A 100 -11.26 -4.12 -5.68
C VAL A 100 -11.34 -5.65 -5.87
N ARG A 101 -10.26 -6.26 -6.28
CA ARG A 101 -10.29 -7.73 -6.50
C ARG A 101 -9.25 -8.42 -5.59
N PRO A 102 -8.91 -9.65 -5.92
CA PRO A 102 -7.96 -10.41 -5.08
C PRO A 102 -6.48 -10.08 -5.34
N GLU A 103 -6.08 -9.50 -6.46
CA GLU A 103 -4.60 -9.26 -6.61
C GLU A 103 -4.20 -8.73 -7.99
N TRP A 104 -2.99 -9.02 -8.37
CA TRP A 104 -2.47 -8.55 -9.69
C TRP A 104 -3.34 -9.08 -10.82
N GLU A 105 -4.19 -10.03 -10.52
CA GLU A 105 -5.08 -10.59 -11.57
C GLU A 105 -6.27 -9.66 -11.76
N ASP A 106 -6.46 -8.77 -10.82
CA ASP A 106 -7.58 -7.81 -10.93
C ASP A 106 -7.30 -6.57 -10.07
N GLU A 107 -6.90 -6.75 -8.83
CA GLU A 107 -6.57 -5.55 -8.01
C GLU A 107 -5.62 -4.66 -8.82
N ALA A 108 -4.79 -5.28 -9.61
CA ALA A 108 -3.85 -4.52 -10.47
C ALA A 108 -4.65 -3.95 -11.64
N ASN A 109 -5.66 -4.68 -12.03
CA ASN A 109 -6.55 -4.22 -13.11
C ASN A 109 -7.35 -3.04 -12.56
N ALA A 110 -7.47 -3.01 -11.26
CA ALA A 110 -8.20 -1.92 -10.56
C ALA A 110 -7.33 -0.67 -10.53
N LYS A 111 -6.24 -0.73 -9.83
CA LYS A 111 -5.33 0.43 -9.74
C LYS A 111 -5.05 0.94 -11.15
N GLY A 112 -4.80 0.07 -12.06
CA GLY A 112 -4.54 0.52 -13.46
C GLY A 112 -3.04 0.66 -13.72
N GLY A 113 -2.27 1.08 -12.74
CA GLY A 113 -0.80 1.24 -12.99
C GLY A 113 0.00 0.33 -12.06
N LYS A 114 0.87 -0.49 -12.62
CA LYS A 114 1.68 -1.40 -11.76
C LYS A 114 3.12 -0.90 -11.68
N TRP A 115 3.46 -0.19 -10.65
CA TRP A 115 4.85 0.32 -10.51
C TRP A 115 5.74 -0.78 -9.95
N SER A 116 6.85 -1.04 -10.58
CA SER A 116 7.75 -2.11 -10.08
C SER A 116 9.09 -1.53 -9.64
N PHE A 117 9.73 -2.17 -8.71
CA PHE A 117 11.05 -1.67 -8.22
C PHE A 117 12.01 -2.85 -8.03
N GLN A 118 12.91 -3.05 -8.97
CA GLN A 118 13.86 -4.19 -8.85
C GLN A 118 15.18 -3.71 -8.23
N LEU A 119 15.65 -4.38 -7.21
CA LEU A 119 16.92 -3.96 -6.57
C LEU A 119 17.91 -5.14 -6.54
N ARG A 120 19.18 -4.86 -6.41
CA ARG A 120 20.18 -5.97 -6.38
C ARG A 120 21.41 -5.54 -5.57
N GLY A 121 21.22 -5.10 -4.36
CA GLY A 121 22.38 -4.68 -3.53
C GLY A 121 21.98 -4.64 -2.06
N LYS A 122 22.80 -4.09 -1.22
CA LYS A 122 22.46 -4.01 0.23
C LYS A 122 21.23 -3.13 0.44
N GLY A 123 21.20 -2.39 1.51
CA GLY A 123 20.03 -1.50 1.77
C GLY A 123 19.92 -1.24 3.28
N ALA A 124 19.79 -2.29 4.06
CA ALA A 124 19.69 -2.14 5.55
C ALA A 124 18.27 -1.69 5.97
N ASP A 125 17.52 -1.10 5.08
CA ASP A 125 16.14 -0.66 5.46
C ASP A 125 15.49 0.11 4.30
N ILE A 126 15.77 -0.26 3.09
CA ILE A 126 15.17 0.45 1.93
C ILE A 126 13.67 0.14 1.84
N ASP A 127 13.31 -1.10 2.01
CA ASP A 127 11.87 -1.47 1.95
C ASP A 127 11.18 -1.04 3.24
N GLU A 128 11.93 -0.64 4.22
CA GLU A 128 11.31 -0.21 5.51
C GLU A 128 10.79 1.21 5.36
N LEU A 129 11.51 2.04 4.67
CA LEU A 129 11.08 3.44 4.46
C LEU A 129 10.04 3.50 3.34
N TRP A 130 10.26 2.75 2.29
CA TRP A 130 9.28 2.73 1.17
C TRP A 130 7.93 2.23 1.69
N LEU A 131 7.96 1.29 2.60
CA LEU A 131 6.69 0.75 3.16
C LEU A 131 6.02 1.82 4.03
N ARG A 132 6.71 2.31 5.03
CA ARG A 132 6.10 3.35 5.90
C ARG A 132 5.36 4.37 5.03
N THR A 133 5.82 4.53 3.82
CA THR A 133 5.14 5.50 2.90
C THR A 133 3.98 4.81 2.19
N LEU A 134 4.09 3.55 1.90
CA LEU A 134 2.97 2.84 1.21
C LEU A 134 1.95 2.39 2.26
N LEU A 135 2.38 1.68 3.26
CA LEU A 135 1.43 1.22 4.31
C LEU A 135 0.75 2.44 4.94
N ALA A 136 1.43 3.56 5.02
CA ALA A 136 0.81 4.77 5.60
C ALA A 136 -0.12 5.41 4.58
N VAL A 137 0.24 5.34 3.32
CA VAL A 137 -0.61 5.96 2.27
C VAL A 137 -2.02 5.36 2.29
N ILE A 138 -2.17 4.14 2.73
CA ILE A 138 -3.54 3.54 2.76
C ILE A 138 -4.47 4.39 3.63
N GLY A 139 -3.97 4.88 4.73
CA GLY A 139 -4.81 5.72 5.63
C GLY A 139 -4.13 7.07 5.86
N GLU A 140 -3.12 7.38 5.09
CA GLU A 140 -2.42 8.67 5.26
C GLU A 140 -1.90 9.16 3.91
N THR A 141 -2.75 9.18 2.93
CA THR A 141 -2.32 9.64 1.57
C THR A 141 -1.42 10.87 1.70
N ILE A 142 -1.78 11.80 2.54
CA ILE A 142 -0.97 13.05 2.73
C ILE A 142 -1.20 14.03 1.57
N ASP A 143 -1.78 13.58 0.49
CA ASP A 143 -2.02 14.49 -0.67
C ASP A 143 -0.70 14.82 -1.36
N GLU A 144 -0.15 13.88 -2.07
CA GLU A 144 1.15 14.14 -2.78
C GLU A 144 1.00 13.82 -4.26
N ASP A 145 0.15 12.89 -4.60
CA ASP A 145 -0.05 12.53 -6.03
C ASP A 145 -1.49 12.11 -6.27
N ASP A 146 -1.78 10.84 -6.11
CA ASP A 146 -3.18 10.36 -6.31
C ASP A 146 -3.85 10.10 -4.96
N SER A 147 -3.08 10.08 -3.92
CA SER A 147 -3.66 9.84 -2.56
C SER A 147 -4.50 8.55 -2.55
N GLN A 148 -5.74 8.66 -2.94
CA GLN A 148 -6.63 7.45 -2.96
C GLN A 148 -5.86 6.22 -3.47
N ILE A 149 -5.22 6.33 -4.60
CA ILE A 149 -4.45 5.18 -5.15
C ILE A 149 -5.29 3.90 -5.00
N ASN A 150 -4.71 2.74 -5.17
CA ASN A 150 -5.50 1.48 -5.03
C ASN A 150 -4.87 0.60 -3.95
N GLY A 151 -3.63 0.24 -4.11
CA GLY A 151 -2.97 -0.62 -3.10
C GLY A 151 -1.50 -0.82 -3.48
N VAL A 152 -0.75 -1.49 -2.65
CA VAL A 152 0.69 -1.72 -2.97
C VAL A 152 1.05 -3.19 -2.81
N VAL A 153 2.19 -3.58 -3.30
CA VAL A 153 2.60 -5.00 -3.18
C VAL A 153 4.14 -5.11 -3.11
N LEU A 154 4.62 -6.20 -2.60
CA LEU A 154 6.10 -6.38 -2.49
C LEU A 154 6.47 -7.82 -2.91
N SER A 155 7.65 -8.03 -3.42
CA SER A 155 8.04 -9.41 -3.82
C SER A 155 9.55 -9.55 -3.93
N ILE A 156 10.13 -10.37 -3.11
CA ILE A 156 11.60 -10.58 -3.18
C ILE A 156 11.88 -11.90 -3.90
N ARG A 157 13.08 -12.09 -4.36
CA ARG A 157 13.41 -13.36 -5.08
C ARG A 157 14.87 -13.75 -4.84
N LYS A 158 15.29 -14.85 -5.42
CA LYS A 158 16.70 -15.31 -5.23
C LYS A 158 17.68 -14.13 -5.16
N GLY A 159 17.85 -13.42 -6.24
CA GLY A 159 18.79 -12.27 -6.22
C GLY A 159 18.18 -11.10 -6.99
N GLY A 160 17.20 -10.44 -6.43
CA GLY A 160 16.58 -9.29 -7.14
C GLY A 160 15.21 -8.98 -6.51
N ASN A 161 15.19 -8.13 -5.52
CA ASN A 161 13.89 -7.77 -4.88
C ASN A 161 12.98 -7.07 -5.89
N LYS A 162 11.71 -7.05 -5.63
CA LYS A 162 10.78 -6.38 -6.58
C LYS A 162 9.46 -6.05 -5.88
N PHE A 163 9.00 -4.83 -5.99
CA PHE A 163 7.72 -4.46 -5.33
C PHE A 163 6.70 -4.02 -6.38
N ALA A 164 5.44 -4.15 -6.09
CA ALA A 164 4.40 -3.74 -7.08
C ALA A 164 3.46 -2.71 -6.47
N LEU A 165 3.54 -1.49 -6.90
CA LEU A 165 2.65 -0.43 -6.34
C LEU A 165 1.39 -0.30 -7.21
N TRP A 166 0.24 -0.51 -6.66
CA TRP A 166 -1.00 -0.37 -7.46
C TRP A 166 -1.63 0.98 -7.23
N THR A 167 -1.64 1.78 -8.25
CA THR A 167 -2.20 3.14 -8.10
C THR A 167 -3.35 3.37 -9.08
N LYS A 168 -4.39 3.99 -8.60
CA LYS A 168 -5.58 4.27 -9.48
C LYS A 168 -5.12 4.59 -10.90
N SER A 169 -3.96 5.16 -11.05
CA SER A 169 -3.43 5.48 -12.41
C SER A 169 -4.23 6.63 -13.04
N GLU A 170 -5.21 7.15 -12.35
CA GLU A 170 -5.99 8.29 -12.93
C GLU A 170 -5.03 9.27 -13.59
N ASP A 171 -3.81 9.27 -13.17
CA ASP A 171 -2.79 10.18 -13.76
C ASP A 171 -1.40 9.60 -13.49
N LYS A 172 -0.73 9.14 -14.50
CA LYS A 172 0.62 8.55 -14.29
C LYS A 172 1.64 9.66 -14.01
N GLU A 173 1.31 10.87 -14.32
CA GLU A 173 2.26 11.98 -14.05
C GLU A 173 2.67 11.94 -12.57
N PRO A 174 1.69 11.97 -11.71
CA PRO A 174 1.98 11.91 -10.26
C PRO A 174 2.60 10.56 -9.90
N LEU A 175 2.46 9.57 -10.76
CA LEU A 175 3.08 8.26 -10.45
C LEU A 175 4.58 8.35 -10.71
N LEU A 176 4.96 8.71 -11.91
CA LEU A 176 6.41 8.84 -12.21
C LEU A 176 7.05 9.66 -11.10
N ARG A 177 6.26 10.47 -10.44
CA ARG A 177 6.80 11.31 -9.34
C ARG A 177 7.03 10.43 -8.10
N ILE A 178 6.05 9.69 -7.69
CA ILE A 178 6.21 8.81 -6.51
C ILE A 178 7.26 7.73 -6.82
N GLY A 179 7.23 7.18 -8.00
CA GLY A 179 8.22 6.13 -8.36
C GLY A 179 9.63 6.69 -8.19
N GLY A 180 9.87 7.85 -8.74
CA GLY A 180 11.23 8.46 -8.60
C GLY A 180 11.66 8.44 -7.13
N LYS A 181 10.87 9.02 -6.27
CA LYS A 181 11.23 9.01 -4.82
C LYS A 181 11.41 7.57 -4.36
N PHE A 182 10.52 6.71 -4.75
CA PHE A 182 10.64 5.28 -4.35
C PHE A 182 11.96 4.71 -4.88
N LYS A 183 12.48 5.29 -5.93
CA LYS A 183 13.76 4.80 -6.49
C LYS A 183 14.89 5.01 -5.48
N GLN A 184 15.09 6.23 -5.06
CA GLN A 184 16.18 6.50 -4.07
C GLN A 184 16.03 5.58 -2.86
N VAL A 185 14.82 5.37 -2.41
CA VAL A 185 14.63 4.45 -1.25
C VAL A 185 15.37 3.15 -1.50
N LEU A 186 15.44 2.75 -2.74
CA LEU A 186 16.16 1.48 -3.07
C LEU A 186 17.66 1.70 -2.90
N LYS A 187 18.06 2.93 -2.63
CA LYS A 187 19.51 3.22 -2.44
C LYS A 187 20.24 3.08 -3.78
N LEU A 188 19.58 3.39 -4.86
CA LEU A 188 20.22 3.27 -6.19
C LEU A 188 20.51 4.66 -6.76
N THR A 189 20.81 4.74 -8.03
CA THR A 189 21.10 6.05 -8.67
C THR A 189 21.63 5.84 -10.10
N ASP A 190 21.15 4.83 -10.78
CA ASP A 190 21.64 4.59 -12.17
C ASP A 190 20.46 4.30 -13.11
N ASP A 191 19.27 4.32 -12.60
CA ASP A 191 18.08 4.05 -13.47
C ASP A 191 18.12 2.61 -13.98
N GLY A 192 17.02 2.14 -14.51
CA GLY A 192 16.98 0.74 -15.03
C GLY A 192 16.61 -0.22 -13.89
N HIS A 193 15.83 0.25 -12.94
CA HIS A 193 15.44 -0.65 -11.81
C HIS A 193 13.92 -0.64 -11.63
N LEU A 194 13.33 0.51 -11.52
CA LEU A 194 11.85 0.57 -11.34
C LEU A 194 11.17 0.25 -12.67
N GLU A 195 10.29 -0.70 -12.69
CA GLU A 195 9.61 -1.06 -13.95
C GLU A 195 8.15 -0.59 -13.93
N PHE A 196 7.78 0.19 -14.89
CA PHE A 196 6.38 0.68 -14.94
C PHE A 196 5.53 -0.23 -15.83
N PHE A 197 4.44 -0.73 -15.31
CA PHE A 197 3.58 -1.64 -16.10
C PHE A 197 2.11 -1.22 -16.02
N PRO A 198 1.51 -1.04 -17.16
CA PRO A 198 0.09 -0.64 -17.20
C PRO A 198 -0.79 -1.86 -16.87
N HIS A 199 -1.75 -1.69 -16.00
CA HIS A 199 -2.62 -2.85 -15.65
C HIS A 199 -3.03 -3.62 -16.91
N SER A 200 -3.15 -2.93 -18.00
CA SER A 200 -3.54 -3.59 -19.28
C SER A 200 -2.62 -4.78 -19.57
N SER A 201 -1.48 -4.84 -18.95
CA SER A 201 -0.53 -5.96 -19.21
C SER A 201 -0.95 -7.21 -18.42
N ALA A 202 -1.55 -7.03 -17.27
CA ALA A 202 -1.97 -8.22 -16.47
C ALA A 202 -3.38 -8.68 -16.87
N ASN A 203 -3.83 -8.32 -18.05
CA ASN A 203 -5.18 -8.75 -18.50
C ASN A 203 -5.45 -8.25 -19.91
N GLY A 204 -5.03 -7.06 -20.23
CA GLY A 204 -5.28 -6.52 -21.60
C GLY A 204 -4.44 -7.30 -22.62
N ARG A 205 -3.20 -6.94 -22.77
CA ARG A 205 -2.33 -7.66 -23.75
C ARG A 205 -0.92 -7.07 -23.74
N HIS A 206 -0.21 -7.18 -24.83
CA HIS A 206 1.17 -6.61 -24.88
C HIS A 206 1.93 -6.97 -23.60
N PRO A 207 2.52 -8.14 -23.61
CA PRO A 207 3.29 -8.62 -22.44
C PRO A 207 4.62 -7.86 -22.34
N GLN A 208 4.57 -6.56 -22.25
CA GLN A 208 5.83 -5.77 -22.15
C GLN A 208 5.70 -4.70 -21.06
N PRO A 209 6.81 -4.33 -20.51
CA PRO A 209 6.83 -3.30 -19.43
C PRO A 209 6.50 -1.93 -20.01
N SER A 210 6.87 -0.87 -19.33
CA SER A 210 6.58 0.48 -19.85
C SER A 210 7.78 1.40 -19.62
N ILE A 211 8.28 1.42 -18.41
CA ILE A 211 9.45 2.30 -18.13
C ILE A 211 10.50 1.55 -17.31
N THR A 212 11.61 2.19 -17.06
CA THR A 212 12.68 1.58 -16.25
C THR A 212 13.43 2.67 -15.49
N LEU A 213 13.07 2.87 -14.26
CA LEU A 213 13.72 3.94 -13.45
C LEU A 213 14.59 3.33 -12.35
N MET A 1 -26.39 74.95 -6.75
CA MET A 1 -26.05 73.51 -6.57
C MET A 1 -27.14 72.81 -5.75
N SER A 2 -27.93 71.98 -6.40
CA SER A 2 -29.02 71.27 -5.67
C SER A 2 -29.02 69.78 -6.05
N VAL A 3 -27.93 69.10 -5.81
CA VAL A 3 -27.87 67.65 -6.16
C VAL A 3 -28.39 66.81 -4.98
N GLU A 4 -29.00 65.70 -5.27
CA GLU A 4 -29.52 64.83 -4.17
C GLU A 4 -28.50 63.76 -3.81
N GLU A 5 -27.32 63.86 -4.33
CA GLU A 5 -26.27 62.84 -4.01
C GLU A 5 -26.80 61.43 -4.32
N VAL A 6 -26.23 60.43 -3.70
CA VAL A 6 -26.69 59.03 -3.95
C VAL A 6 -26.65 58.22 -2.66
N SER A 7 -27.62 57.39 -2.43
CA SER A 7 -27.63 56.56 -1.19
C SER A 7 -28.28 55.20 -1.45
N LYS A 8 -27.93 54.56 -2.53
CA LYS A 8 -28.52 53.23 -2.84
C LYS A 8 -27.86 52.63 -4.07
N LYS A 9 -27.82 51.32 -4.15
CA LYS A 9 -27.19 50.66 -5.34
C LYS A 9 -27.80 49.29 -5.57
N PHE A 10 -28.41 49.09 -6.71
CA PHE A 10 -29.03 47.76 -7.01
C PHE A 10 -30.12 47.45 -5.98
N GLU A 11 -30.73 48.46 -5.42
CA GLU A 11 -31.81 48.22 -4.41
C GLU A 11 -31.31 47.25 -3.33
N GLU A 12 -30.59 47.75 -2.36
CA GLU A 12 -30.08 46.86 -1.28
C GLU A 12 -30.32 47.49 0.09
N ASN A 13 -29.80 48.67 0.32
CA ASN A 13 -30.01 49.33 1.63
C ASN A 13 -29.81 48.33 2.78
N VAL A 14 -30.31 48.64 3.94
CA VAL A 14 -30.14 47.71 5.09
C VAL A 14 -31.46 47.58 5.87
N SER A 15 -32.07 46.42 5.83
CA SER A 15 -33.35 46.24 6.56
C SER A 15 -33.11 45.51 7.88
N VAL A 16 -32.35 44.44 7.85
CA VAL A 16 -32.08 43.69 9.11
C VAL A 16 -30.58 43.43 9.26
N ASP A 17 -29.77 44.24 8.62
CA ASP A 17 -28.29 44.04 8.72
C ASP A 17 -27.89 42.71 8.09
N ASP A 18 -26.68 42.61 7.62
CA ASP A 18 -26.22 41.34 6.97
C ASP A 18 -26.19 40.21 8.01
N THR A 19 -26.46 39.00 7.61
CA THR A 19 -26.44 37.87 8.57
C THR A 19 -25.02 37.67 9.12
N THR A 20 -24.89 37.06 10.27
CA THR A 20 -23.54 36.84 10.86
C THR A 20 -23.20 35.34 10.83
N ALA A 21 -22.31 34.95 9.97
CA ALA A 21 -21.92 33.51 9.89
C ALA A 21 -20.44 33.33 10.22
N THR A 22 -19.71 34.40 10.30
CA THR A 22 -18.25 34.28 10.62
C THR A 22 -18.05 33.34 11.81
N PRO A 23 -18.68 33.67 12.91
CA PRO A 23 -18.58 32.85 14.13
C PRO A 23 -19.34 31.54 13.97
N LYS A 24 -20.42 31.56 13.23
CA LYS A 24 -21.22 30.31 13.03
C LYS A 24 -20.41 29.30 12.21
N THR A 25 -19.29 29.71 11.69
CA THR A 25 -18.46 28.76 10.88
C THR A 25 -17.21 28.34 11.66
N VAL A 26 -17.40 27.80 12.83
CA VAL A 26 -16.23 27.36 13.65
C VAL A 26 -15.48 26.24 12.94
N LEU A 27 -14.25 26.01 13.31
CA LEU A 27 -13.47 24.92 12.65
C LEU A 27 -12.14 24.72 13.38
N SER A 28 -12.15 24.01 14.47
CA SER A 28 -10.88 23.77 15.22
C SER A 28 -10.09 22.63 14.57
N ASP A 29 -10.50 21.41 14.82
CA ASP A 29 -9.78 20.25 14.22
C ASP A 29 -9.76 20.37 12.69
N SER A 30 -8.77 19.82 12.05
CA SER A 30 -8.70 19.91 10.56
C SER A 30 -8.58 18.51 9.96
N ALA A 31 -8.51 17.50 10.79
CA ALA A 31 -8.39 16.11 10.25
C ALA A 31 -8.70 15.10 11.36
N HIS A 32 -9.13 13.91 10.99
CA HIS A 32 -9.46 12.89 12.02
C HIS A 32 -8.59 11.64 11.81
N PHE A 33 -8.24 11.35 10.59
CA PHE A 33 -7.41 10.15 10.32
C PHE A 33 -5.92 10.48 10.57
N ASP A 34 -5.48 10.32 11.78
CA ASP A 34 -4.05 10.62 12.09
C ASP A 34 -3.20 9.34 12.01
N VAL A 35 -3.70 8.33 11.35
CA VAL A 35 -2.92 7.06 11.23
C VAL A 35 -2.56 6.53 12.62
N LYS A 36 -3.22 7.00 13.63
CA LYS A 36 -2.92 6.52 15.02
C LYS A 36 -3.80 5.31 15.36
N HIS A 37 -4.08 4.49 14.36
CA HIS A 37 -4.93 3.24 14.51
C HIS A 37 -6.25 3.41 13.74
N PRO A 38 -6.85 4.56 13.86
CA PRO A 38 -8.13 4.81 13.15
C PRO A 38 -7.85 5.33 11.73
N LEU A 39 -7.48 4.46 10.83
CA LEU A 39 -7.19 4.91 9.44
C LEU A 39 -8.47 5.45 8.81
N ASN A 40 -8.69 5.16 7.55
CA ASN A 40 -9.92 5.66 6.88
C ASN A 40 -10.35 4.66 5.82
N THR A 41 -9.77 3.49 5.80
CA THR A 41 -10.16 2.48 4.78
C THR A 41 -10.10 1.06 5.36
N LYS A 42 -10.55 0.11 4.61
CA LYS A 42 -10.50 -1.31 5.07
C LYS A 42 -9.33 -2.00 4.39
N TRP A 43 -8.28 -2.29 5.11
CA TRP A 43 -7.10 -2.94 4.45
C TRP A 43 -7.32 -4.43 4.24
N THR A 44 -6.40 -5.05 3.55
CA THR A 44 -6.47 -6.52 3.30
C THR A 44 -5.03 -7.02 3.16
N LEU A 45 -4.56 -7.76 4.12
CA LEU A 45 -3.16 -8.23 4.08
C LEU A 45 -3.02 -9.62 3.45
N TRP A 46 -2.65 -9.69 2.20
CA TRP A 46 -2.46 -11.01 1.54
C TRP A 46 -0.99 -11.19 1.17
N TYR A 47 -0.31 -12.11 1.77
CA TYR A 47 1.13 -12.30 1.45
C TYR A 47 1.38 -13.69 0.86
N THR A 48 2.38 -13.80 0.02
CA THR A 48 2.70 -15.12 -0.60
C THR A 48 4.14 -15.51 -0.25
N LYS A 49 4.34 -16.72 0.18
CA LYS A 49 5.73 -17.15 0.52
C LYS A 49 6.27 -18.12 -0.55
N PRO A 50 5.71 -19.30 -0.62
CA PRO A 50 6.15 -20.29 -1.63
C PRO A 50 5.66 -19.88 -3.03
N ALA A 51 5.62 -20.81 -3.94
CA ALA A 51 5.14 -20.49 -5.32
C ALA A 51 4.73 -21.78 -6.02
N VAL A 52 5.66 -22.64 -6.24
CA VAL A 52 5.36 -23.93 -6.90
C VAL A 52 5.07 -24.97 -5.83
N ASP A 53 4.71 -24.52 -4.66
CA ASP A 53 4.41 -25.44 -3.52
C ASP A 53 3.80 -26.74 -4.02
N LYS A 54 4.63 -27.68 -4.35
CA LYS A 54 4.12 -28.99 -4.86
C LYS A 54 3.19 -28.74 -6.05
N SER A 55 3.31 -27.59 -6.65
CA SER A 55 2.43 -27.23 -7.81
C SER A 55 1.07 -26.83 -7.28
N GLU A 56 1.02 -26.46 -6.03
CA GLU A 56 -0.27 -26.06 -5.41
C GLU A 56 -0.98 -25.05 -6.31
N SER A 57 -0.64 -23.79 -6.18
CA SER A 57 -1.29 -22.74 -7.03
C SER A 57 -1.01 -21.37 -6.44
N TRP A 58 -0.69 -20.41 -7.26
CA TRP A 58 -0.42 -19.06 -6.71
C TRP A 58 -1.56 -18.70 -5.74
N SER A 59 -2.72 -19.26 -5.96
CA SER A 59 -3.87 -18.98 -5.08
C SER A 59 -3.83 -19.90 -3.85
N ASP A 60 -3.11 -20.99 -3.93
CA ASP A 60 -3.01 -21.91 -2.78
C ASP A 60 -1.93 -21.43 -1.81
N LEU A 61 -1.13 -20.50 -2.24
CA LEU A 61 -0.04 -19.98 -1.37
C LEU A 61 -0.48 -18.66 -0.76
N LEU A 62 -0.70 -17.67 -1.58
CA LEU A 62 -1.14 -16.34 -1.09
C LEU A 62 -2.09 -16.49 0.10
N ARG A 63 -1.75 -15.91 1.21
CA ARG A 63 -2.64 -16.01 2.40
C ARG A 63 -3.33 -14.67 2.64
N PRO A 64 -4.60 -14.64 2.35
CA PRO A 64 -5.40 -13.41 2.55
C PRO A 64 -5.73 -13.28 4.04
N VAL A 65 -5.21 -12.29 4.70
CA VAL A 65 -5.47 -12.17 6.15
C VAL A 65 -5.68 -10.71 6.60
N THR A 66 -5.15 -10.38 7.74
CA THR A 66 -5.29 -9.02 8.36
C THR A 66 -5.79 -7.96 7.39
N SER A 67 -7.08 -7.74 7.40
CA SER A 67 -7.67 -6.69 6.55
C SER A 67 -8.31 -5.67 7.47
N PHE A 68 -7.56 -4.70 7.90
CA PHE A 68 -8.14 -3.72 8.87
C PHE A 68 -8.01 -2.28 8.41
N GLN A 69 -8.48 -1.37 9.22
CA GLN A 69 -8.40 0.06 8.89
C GLN A 69 -7.53 0.75 9.94
N THR A 70 -6.36 0.22 10.18
CA THR A 70 -5.45 0.82 11.18
C THR A 70 -4.00 0.67 10.75
N VAL A 71 -3.11 0.47 11.68
CA VAL A 71 -1.67 0.31 11.34
C VAL A 71 -1.09 -0.90 12.05
N GLU A 72 -1.58 -1.20 13.23
CA GLU A 72 -1.05 -2.37 13.99
C GLU A 72 -0.91 -3.59 13.06
N GLU A 73 -1.90 -3.86 12.27
CA GLU A 73 -1.82 -5.03 11.36
C GLU A 73 -0.57 -4.93 10.47
N PHE A 74 -0.53 -3.94 9.62
CA PHE A 74 0.65 -3.77 8.75
C PHE A 74 1.91 -3.93 9.59
N TRP A 75 1.96 -3.27 10.71
CA TRP A 75 3.14 -3.38 11.61
C TRP A 75 3.42 -4.85 11.90
N ALA A 76 2.39 -5.65 11.90
CA ALA A 76 2.56 -7.10 12.16
C ALA A 76 3.49 -7.71 11.11
N ILE A 77 3.14 -7.59 9.86
CA ILE A 77 4.02 -8.15 8.80
C ILE A 77 5.44 -7.58 8.94
N ILE A 78 5.57 -6.46 9.61
CA ILE A 78 6.94 -5.88 9.82
C ILE A 78 7.61 -6.59 10.99
N GLN A 79 6.88 -6.84 12.04
CA GLN A 79 7.49 -7.56 13.20
C GLN A 79 8.18 -8.82 12.70
N ASN A 80 7.78 -9.29 11.56
CA ASN A 80 8.41 -10.49 10.96
C ASN A 80 9.84 -10.15 10.54
N ILE A 81 10.17 -8.88 10.58
CA ILE A 81 11.52 -8.41 10.16
C ILE A 81 12.05 -9.26 9.00
N PRO A 82 11.26 -9.37 7.97
CA PRO A 82 11.66 -10.14 6.77
C PRO A 82 12.48 -9.23 5.87
N GLU A 83 11.99 -8.05 5.68
CA GLU A 83 12.70 -7.03 4.86
C GLU A 83 13.17 -7.63 3.53
N PRO A 84 13.75 -6.78 2.73
CA PRO A 84 14.26 -7.21 1.41
C PRO A 84 15.58 -7.97 1.57
N HIS A 85 15.99 -8.21 2.78
CA HIS A 85 17.27 -8.95 3.01
C HIS A 85 17.21 -9.72 4.33
N GLU A 86 16.04 -10.08 4.75
CA GLU A 86 15.91 -10.83 6.04
C GLU A 86 14.85 -11.93 5.89
N LEU A 87 14.36 -12.15 4.69
CA LEU A 87 13.33 -13.19 4.50
C LEU A 87 13.67 -14.06 3.28
N PRO A 88 12.96 -15.14 3.13
CA PRO A 88 13.20 -16.05 1.98
C PRO A 88 12.82 -15.34 0.68
N LEU A 89 13.77 -15.10 -0.17
CA LEU A 89 13.48 -14.38 -1.45
C LEU A 89 12.28 -14.98 -2.19
N LYS A 90 12.10 -14.59 -3.42
CA LYS A 90 10.96 -15.13 -4.20
C LYS A 90 9.66 -14.84 -3.44
N SER A 91 9.71 -13.91 -2.53
CA SER A 91 8.51 -13.57 -1.72
C SER A 91 7.54 -12.70 -2.52
N ASP A 92 6.34 -12.53 -2.02
CA ASP A 92 5.34 -11.69 -2.74
C ASP A 92 4.23 -11.26 -1.79
N TYR A 93 4.33 -10.09 -1.20
CA TYR A 93 3.26 -9.63 -0.27
C TYR A 93 2.28 -8.71 -1.00
N HIS A 94 1.05 -8.65 -0.54
CA HIS A 94 0.05 -7.77 -1.22
C HIS A 94 -0.91 -7.17 -0.20
N VAL A 95 -1.04 -5.88 -0.18
CA VAL A 95 -1.97 -5.23 0.80
C VAL A 95 -2.76 -4.12 0.11
N PHE A 96 -4.05 -4.30 -0.05
CA PHE A 96 -4.89 -3.27 -0.70
C PHE A 96 -5.95 -2.76 0.27
N ARG A 97 -7.11 -2.45 -0.23
CA ARG A 97 -8.19 -1.96 0.68
C ARG A 97 -9.57 -2.36 0.16
N ASN A 98 -10.27 -1.46 -0.49
CA ASN A 98 -11.62 -1.81 -1.01
C ASN A 98 -11.75 -1.49 -2.51
N ASP A 99 -10.89 -0.65 -3.00
CA ASP A 99 -10.95 -0.27 -4.45
C ASP A 99 -11.31 -1.48 -5.30
N VAL A 100 -10.64 -2.57 -5.09
CA VAL A 100 -10.93 -3.80 -5.88
C VAL A 100 -11.02 -4.99 -4.92
N ARG A 101 -10.29 -6.06 -5.13
CA ARG A 101 -10.42 -7.19 -4.14
C ARG A 101 -9.63 -8.45 -4.50
N PRO A 102 -9.85 -8.95 -5.68
CA PRO A 102 -9.19 -10.21 -6.11
C PRO A 102 -7.65 -10.17 -6.00
N GLU A 103 -6.93 -9.74 -7.00
CA GLU A 103 -5.43 -9.75 -6.87
C GLU A 103 -4.75 -9.18 -8.11
N TRP A 104 -3.48 -9.37 -8.24
CA TRP A 104 -2.76 -8.86 -9.44
C TRP A 104 -3.52 -9.29 -10.71
N GLU A 105 -4.38 -10.26 -10.58
CA GLU A 105 -5.16 -10.74 -11.76
C GLU A 105 -6.39 -9.84 -11.93
N ASP A 106 -6.70 -9.05 -10.95
CA ASP A 106 -7.87 -8.12 -11.04
C ASP A 106 -7.58 -6.86 -10.22
N GLU A 107 -7.04 -7.00 -9.04
CA GLU A 107 -6.69 -5.77 -8.26
C GLU A 107 -5.91 -4.87 -9.20
N ALA A 108 -5.20 -5.48 -10.11
CA ALA A 108 -4.44 -4.69 -11.11
C ALA A 108 -5.43 -4.19 -12.15
N ASN A 109 -6.39 -5.02 -12.48
CA ASN A 109 -7.44 -4.60 -13.44
C ASN A 109 -8.14 -3.37 -12.88
N ALA A 110 -8.09 -3.25 -11.59
CA ALA A 110 -8.72 -2.11 -10.90
C ALA A 110 -7.74 -0.95 -10.79
N LYS A 111 -6.63 -1.17 -10.14
CA LYS A 111 -5.62 -0.09 -9.98
C LYS A 111 -5.33 0.54 -11.34
N GLY A 112 -5.23 -0.26 -12.36
CA GLY A 112 -4.94 0.29 -13.69
C GLY A 112 -3.42 0.43 -13.89
N GLY A 113 -2.68 0.84 -12.87
CA GLY A 113 -1.21 0.99 -13.04
C GLY A 113 -0.47 0.02 -12.11
N LYS A 114 0.55 -0.63 -12.62
CA LYS A 114 1.32 -1.58 -11.76
C LYS A 114 2.78 -1.15 -11.66
N TRP A 115 3.12 -0.42 -10.63
CA TRP A 115 4.53 0.04 -10.48
C TRP A 115 5.39 -1.09 -9.91
N SER A 116 6.69 -1.03 -10.09
CA SER A 116 7.56 -2.12 -9.56
C SER A 116 9.02 -1.63 -9.44
N PHE A 117 9.70 -2.07 -8.43
CA PHE A 117 11.13 -1.65 -8.26
C PHE A 117 12.03 -2.86 -8.51
N GLN A 118 12.98 -2.74 -9.40
CA GLN A 118 13.89 -3.88 -9.68
C GLN A 118 15.25 -3.65 -9.03
N LEU A 119 15.48 -4.26 -7.90
CA LEU A 119 16.79 -4.08 -7.21
C LEU A 119 17.56 -5.40 -7.17
N ARG A 120 18.86 -5.34 -7.10
CA ARG A 120 19.66 -6.60 -7.07
C ARG A 120 20.16 -6.87 -5.65
N GLY A 121 19.48 -6.36 -4.65
CA GLY A 121 19.93 -6.60 -3.26
C GLY A 121 20.57 -5.32 -2.70
N LYS A 122 20.80 -5.27 -1.42
CA LYS A 122 21.42 -4.06 -0.81
C LYS A 122 21.92 -4.37 0.59
N GLY A 123 21.05 -4.75 1.48
CA GLY A 123 21.48 -5.07 2.87
C GLY A 123 21.61 -3.77 3.68
N ALA A 124 20.51 -3.26 4.16
CA ALA A 124 20.56 -2.01 4.95
C ALA A 124 19.34 -1.89 5.86
N ASP A 125 18.26 -1.35 5.35
CA ASP A 125 17.03 -1.21 6.18
C ASP A 125 16.01 -0.34 5.45
N ILE A 126 15.92 -0.49 4.15
CA ILE A 126 14.95 0.32 3.37
C ILE A 126 13.53 0.03 3.81
N ASP A 127 13.33 -1.03 4.54
CA ASP A 127 11.95 -1.38 4.99
C ASP A 127 11.37 -0.25 5.85
N GLU A 128 12.17 0.71 6.24
CA GLU A 128 11.62 1.81 7.09
C GLU A 128 11.02 2.89 6.21
N LEU A 129 11.76 3.32 5.23
CA LEU A 129 11.25 4.36 4.31
C LEU A 129 10.40 3.70 3.25
N TRP A 130 10.64 2.44 3.01
CA TRP A 130 9.86 1.68 2.03
C TRP A 130 8.44 1.54 2.54
N LEU A 131 8.29 1.18 3.78
CA LEU A 131 6.93 1.03 4.35
C LEU A 131 6.32 2.38 4.70
N ARG A 132 7.04 3.20 5.43
CA ARG A 132 6.48 4.52 5.79
C ARG A 132 5.85 5.14 4.57
N THR A 133 6.32 4.78 3.41
CA THR A 133 5.74 5.33 2.15
C THR A 133 4.57 4.47 1.69
N LEU A 134 4.66 3.17 1.88
CA LEU A 134 3.53 2.30 1.45
C LEU A 134 2.43 2.35 2.50
N LEU A 135 2.75 2.05 3.74
CA LEU A 135 1.71 2.11 4.80
C LEU A 135 1.09 3.50 4.83
N ALA A 136 1.87 4.52 4.61
CA ALA A 136 1.31 5.90 4.61
C ALA A 136 0.51 6.12 3.33
N VAL A 137 0.88 5.43 2.30
CA VAL A 137 0.16 5.58 1.00
C VAL A 137 -1.34 5.30 1.19
N ILE A 138 -1.68 4.22 1.84
CA ILE A 138 -3.14 3.92 2.05
C ILE A 138 -3.63 4.54 3.36
N GLY A 139 -2.83 4.46 4.39
CA GLY A 139 -3.25 5.03 5.70
C GLY A 139 -3.07 6.54 5.71
N GLU A 140 -2.02 7.03 5.10
CA GLU A 140 -1.79 8.49 5.07
C GLU A 140 -1.83 9.01 3.64
N THR A 141 -2.86 8.68 2.92
CA THR A 141 -2.97 9.15 1.51
C THR A 141 -2.57 10.62 1.42
N ILE A 142 -2.82 11.38 2.46
CA ILE A 142 -2.47 12.84 2.46
C ILE A 142 -3.49 13.64 1.65
N ASP A 143 -4.28 12.99 0.84
CA ASP A 143 -5.29 13.73 0.02
C ASP A 143 -4.59 14.63 -1.00
N GLU A 144 -4.22 14.10 -2.12
CA GLU A 144 -3.54 14.93 -3.15
C GLU A 144 -3.04 14.05 -4.31
N ASP A 145 -2.76 12.80 -4.02
CA ASP A 145 -2.27 11.89 -5.11
C ASP A 145 -2.44 10.43 -4.69
N ASP A 146 -2.18 10.13 -3.44
CA ASP A 146 -2.33 8.72 -2.97
C ASP A 146 -3.74 8.49 -2.42
N SER A 147 -4.73 9.07 -3.03
CA SER A 147 -6.12 8.87 -2.54
C SER A 147 -6.89 7.92 -3.46
N GLN A 148 -6.74 8.09 -4.74
CA GLN A 148 -7.46 7.20 -5.70
C GLN A 148 -6.73 5.86 -5.83
N ILE A 149 -5.52 5.79 -5.34
CA ILE A 149 -4.77 4.50 -5.43
C ILE A 149 -5.60 3.36 -4.85
N ASN A 150 -5.13 2.14 -4.97
CA ASN A 150 -5.90 0.99 -4.43
C ASN A 150 -5.05 0.21 -3.42
N GLY A 151 -3.77 0.07 -3.68
CA GLY A 151 -2.90 -0.67 -2.72
C GLY A 151 -1.52 -0.92 -3.36
N VAL A 152 -0.60 -1.42 -2.58
CA VAL A 152 0.75 -1.68 -3.13
C VAL A 152 1.11 -3.17 -3.01
N VAL A 153 2.23 -3.57 -3.54
CA VAL A 153 2.61 -5.00 -3.47
C VAL A 153 4.13 -5.13 -3.27
N LEU A 154 4.57 -6.24 -2.77
CA LEU A 154 6.03 -6.45 -2.56
C LEU A 154 6.39 -7.87 -3.02
N SER A 155 7.56 -8.07 -3.56
CA SER A 155 7.91 -9.44 -4.02
C SER A 155 9.40 -9.58 -4.20
N ILE A 156 10.02 -10.47 -3.46
CA ILE A 156 11.48 -10.66 -3.61
C ILE A 156 11.75 -11.82 -4.57
N ARG A 157 12.93 -11.88 -5.12
CA ARG A 157 13.25 -12.98 -6.07
C ARG A 157 14.76 -13.04 -6.33
N LYS A 158 15.21 -14.03 -7.05
CA LYS A 158 16.68 -14.14 -7.32
C LYS A 158 17.24 -12.77 -7.70
N GLY A 159 18.44 -12.48 -7.29
CA GLY A 159 19.06 -11.17 -7.62
C GLY A 159 19.01 -10.25 -6.39
N GLY A 160 17.82 -9.92 -5.94
CA GLY A 160 17.71 -9.04 -4.75
C GLY A 160 16.26 -9.00 -4.27
N ASN A 161 15.46 -8.13 -4.83
CA ASN A 161 14.03 -8.05 -4.41
C ASN A 161 13.25 -7.14 -5.37
N LYS A 162 11.96 -7.06 -5.23
CA LYS A 162 11.17 -6.18 -6.14
C LYS A 162 9.88 -5.73 -5.46
N PHE A 163 9.62 -4.45 -5.44
CA PHE A 163 8.36 -3.97 -4.77
C PHE A 163 7.48 -3.24 -5.79
N ALA A 164 6.19 -3.42 -5.72
CA ALA A 164 5.30 -2.73 -6.70
C ALA A 164 4.25 -1.88 -5.98
N LEU A 165 3.53 -1.08 -6.71
CA LEU A 165 2.48 -0.21 -6.11
C LEU A 165 1.29 -0.12 -7.07
N TRP A 166 0.12 -0.47 -6.64
CA TRP A 166 -1.04 -0.38 -7.56
C TRP A 166 -1.81 0.91 -7.34
N THR A 167 -1.95 1.67 -8.39
CA THR A 167 -2.65 2.97 -8.26
C THR A 167 -3.83 3.05 -9.24
N LYS A 168 -5.03 3.16 -8.72
CA LYS A 168 -6.22 3.25 -9.60
C LYS A 168 -5.92 4.08 -10.85
N SER A 169 -5.10 5.08 -10.73
CA SER A 169 -4.76 5.93 -11.92
C SER A 169 -4.05 7.20 -11.48
N GLU A 170 -4.80 8.21 -11.12
CA GLU A 170 -4.17 9.49 -10.69
C GLU A 170 -3.19 9.99 -11.76
N ASP A 171 -3.32 9.50 -12.97
CA ASP A 171 -2.40 9.93 -14.06
C ASP A 171 -1.01 9.35 -13.83
N LYS A 172 -0.45 8.74 -14.85
CA LYS A 172 0.90 8.12 -14.70
C LYS A 172 1.97 9.20 -14.53
N GLU A 173 1.62 10.44 -14.75
CA GLU A 173 2.63 11.51 -14.57
C GLU A 173 3.05 11.56 -13.10
N PRO A 174 2.09 11.80 -12.26
CA PRO A 174 2.35 11.84 -10.80
C PRO A 174 2.74 10.44 -10.32
N LEU A 175 2.50 9.42 -11.11
CA LEU A 175 2.89 8.06 -10.66
C LEU A 175 4.38 7.87 -10.90
N LEU A 176 4.84 8.03 -12.12
CA LEU A 176 6.30 7.90 -12.38
C LEU A 176 7.05 8.82 -11.42
N ARG A 177 6.36 9.81 -10.90
CA ARG A 177 7.02 10.76 -9.95
C ARG A 177 7.10 10.11 -8.56
N ILE A 178 5.97 9.73 -8.02
CA ILE A 178 5.97 9.08 -6.68
C ILE A 178 6.74 7.76 -6.75
N GLY A 179 6.44 6.94 -7.73
CA GLY A 179 7.16 5.64 -7.85
C GLY A 179 8.66 5.90 -7.94
N GLY A 180 9.03 7.01 -8.53
CA GLY A 180 10.48 7.34 -8.65
C GLY A 180 11.10 7.42 -7.26
N LYS A 181 10.70 8.39 -6.48
CA LYS A 181 11.28 8.51 -5.11
C LYS A 181 10.98 7.25 -4.31
N PHE A 182 10.02 6.47 -4.76
CA PHE A 182 9.67 5.22 -4.03
C PHE A 182 10.84 4.23 -4.12
N LYS A 183 11.59 4.27 -5.19
CA LYS A 183 12.75 3.34 -5.32
C LYS A 183 13.98 3.94 -4.66
N GLN A 184 14.32 5.15 -4.98
CA GLN A 184 15.52 5.77 -4.35
C GLN A 184 15.50 5.51 -2.85
N VAL A 185 14.35 5.60 -2.24
CA VAL A 185 14.26 5.33 -0.78
C VAL A 185 14.94 3.98 -0.50
N LEU A 186 14.81 3.06 -1.41
CA LEU A 186 15.45 1.74 -1.23
C LEU A 186 16.97 1.90 -1.25
N LYS A 187 17.42 3.06 -1.65
CA LYS A 187 18.90 3.31 -1.70
C LYS A 187 19.54 2.42 -2.77
N LEU A 188 18.92 2.31 -3.91
CA LEU A 188 19.51 1.46 -4.99
C LEU A 188 20.83 2.08 -5.47
N THR A 189 21.09 2.02 -6.74
CA THR A 189 22.36 2.58 -7.28
C THR A 189 22.21 4.07 -7.58
N ASP A 190 21.15 4.66 -7.13
CA ASP A 190 20.93 6.11 -7.41
C ASP A 190 20.84 6.34 -8.92
N ASP A 191 20.79 5.28 -9.69
CA ASP A 191 20.70 5.43 -11.16
C ASP A 191 19.24 5.30 -11.61
N GLY A 192 18.33 5.81 -10.83
CA GLY A 192 16.89 5.71 -11.22
C GLY A 192 16.35 4.35 -10.81
N HIS A 193 16.48 3.37 -11.66
CA HIS A 193 15.98 2.00 -11.34
C HIS A 193 14.49 2.05 -11.00
N LEU A 194 13.68 1.38 -11.78
CA LEU A 194 12.21 1.38 -11.52
C LEU A 194 11.47 0.60 -12.61
N GLU A 195 10.25 0.24 -12.38
CA GLU A 195 9.48 -0.51 -13.42
C GLU A 195 8.03 -0.06 -13.45
N PHE A 196 7.62 0.57 -14.51
CA PHE A 196 6.20 1.03 -14.60
C PHE A 196 5.43 0.12 -15.57
N PHE A 197 4.34 -0.46 -15.12
CA PHE A 197 3.57 -1.37 -16.00
C PHE A 197 2.06 -1.07 -15.92
N PRO A 198 1.44 -1.04 -17.06
CA PRO A 198 -0.01 -0.79 -17.13
C PRO A 198 -0.78 -2.06 -16.75
N HIS A 199 -1.82 -1.94 -15.97
CA HIS A 199 -2.60 -3.16 -15.59
C HIS A 199 -2.93 -3.99 -16.82
N SER A 200 -2.91 -3.39 -17.98
CA SER A 200 -3.22 -4.15 -19.22
C SER A 200 -2.26 -5.34 -19.36
N SER A 201 -1.20 -5.35 -18.62
CA SER A 201 -0.22 -6.48 -18.72
C SER A 201 -0.67 -7.65 -17.84
N ALA A 202 -0.72 -7.46 -16.55
CA ALA A 202 -1.14 -8.56 -15.65
C ALA A 202 -2.37 -9.28 -16.21
N ASN A 203 -3.33 -8.55 -16.72
CA ASN A 203 -4.55 -9.20 -17.28
C ASN A 203 -4.14 -10.35 -18.20
N GLY A 204 -3.30 -10.08 -19.17
CA GLY A 204 -2.88 -11.15 -20.11
C GLY A 204 -2.51 -10.53 -21.45
N ARG A 205 -3.06 -9.38 -21.75
CA ARG A 205 -2.74 -8.70 -23.04
C ARG A 205 -1.23 -8.53 -23.19
N HIS A 206 -0.80 -7.82 -24.19
CA HIS A 206 0.66 -7.61 -24.39
C HIS A 206 0.91 -6.43 -25.33
N PRO A 207 0.24 -5.34 -25.04
CA PRO A 207 0.39 -4.12 -25.87
C PRO A 207 1.76 -3.47 -25.62
N GLN A 208 1.87 -2.66 -24.61
CA GLN A 208 3.18 -2.01 -24.33
C GLN A 208 3.23 -1.52 -22.87
N PRO A 209 4.32 -1.81 -22.22
CA PRO A 209 4.50 -1.39 -20.80
C PRO A 209 4.70 0.13 -20.73
N SER A 210 5.37 0.61 -19.71
CA SER A 210 5.59 2.07 -19.61
C SER A 210 7.10 2.34 -19.62
N ILE A 211 7.80 1.79 -18.68
CA ILE A 211 9.27 2.00 -18.64
C ILE A 211 9.89 1.07 -17.60
N THR A 212 11.19 0.93 -17.63
CA THR A 212 11.86 0.05 -16.65
C THR A 212 13.30 0.50 -16.46
N LEU A 213 13.54 1.29 -15.46
CA LEU A 213 14.92 1.80 -15.20
C LEU A 213 15.70 0.77 -14.37
N MET A 1 -24.45 9.08 43.73
CA MET A 1 -25.19 9.35 42.48
C MET A 1 -26.58 8.72 42.54
N SER A 2 -27.12 8.55 43.72
CA SER A 2 -28.47 7.94 43.84
C SER A 2 -28.52 6.59 43.12
N VAL A 3 -29.66 6.17 42.69
CA VAL A 3 -29.77 4.87 41.97
C VAL A 3 -29.81 5.09 40.46
N GLU A 4 -28.66 5.05 39.82
CA GLU A 4 -28.63 5.26 38.35
C GLU A 4 -27.59 4.34 37.71
N GLU A 5 -27.77 3.05 37.81
CA GLU A 5 -26.78 2.11 37.20
C GLU A 5 -27.22 1.74 35.78
N VAL A 6 -27.96 2.59 35.12
CA VAL A 6 -28.40 2.28 33.74
C VAL A 6 -29.23 3.45 33.18
N SER A 7 -28.64 4.60 33.08
CA SER A 7 -29.39 5.78 32.54
C SER A 7 -29.81 5.51 31.09
N LYS A 8 -29.27 4.50 30.48
CA LYS A 8 -29.65 4.19 29.06
C LYS A 8 -31.11 3.76 29.00
N LYS A 9 -31.67 3.74 27.82
CA LYS A 9 -33.10 3.32 27.69
C LYS A 9 -33.20 2.00 26.90
N PHE A 10 -34.40 1.51 26.70
CA PHE A 10 -34.56 0.25 25.95
C PHE A 10 -35.27 0.51 24.62
N GLU A 11 -35.20 1.71 24.12
CA GLU A 11 -35.87 2.02 22.83
C GLU A 11 -35.32 3.33 22.24
N GLU A 12 -34.07 3.32 21.85
CA GLU A 12 -33.47 4.56 21.27
C GLU A 12 -33.57 4.54 19.75
N ASN A 13 -34.02 5.61 19.15
CA ASN A 13 -34.14 5.64 17.66
C ASN A 13 -33.70 7.02 17.14
N VAL A 14 -33.40 7.10 15.87
CA VAL A 14 -32.97 8.41 15.30
C VAL A 14 -34.19 9.27 14.97
N SER A 15 -34.64 10.06 15.91
CA SER A 15 -35.82 10.93 15.67
C SER A 15 -35.62 12.31 16.29
N VAL A 16 -35.00 12.37 17.45
CA VAL A 16 -34.77 13.68 18.10
C VAL A 16 -33.29 13.81 18.52
N ASP A 17 -32.49 12.83 18.22
CA ASP A 17 -31.05 12.89 18.59
C ASP A 17 -30.22 13.41 17.41
N ASP A 18 -29.80 14.64 17.48
CA ASP A 18 -28.99 15.20 16.36
C ASP A 18 -29.72 15.00 15.02
N THR A 19 -29.20 15.55 13.96
CA THR A 19 -29.85 15.39 12.64
C THR A 19 -28.88 14.78 11.63
N THR A 20 -27.66 14.59 12.01
CA THR A 20 -26.67 14.00 11.07
C THR A 20 -25.75 13.02 11.81
N ALA A 21 -25.83 11.75 11.47
CA ALA A 21 -24.96 10.75 12.16
C ALA A 21 -24.92 9.45 11.35
N THR A 22 -25.13 9.53 10.07
CA THR A 22 -25.10 8.28 9.23
C THR A 22 -23.74 7.60 9.36
N PRO A 23 -22.71 8.33 9.02
CA PRO A 23 -21.33 7.78 9.09
C PRO A 23 -20.88 7.68 10.55
N LYS A 24 -21.67 8.16 11.47
CA LYS A 24 -21.28 8.09 12.91
C LYS A 24 -22.21 7.14 13.66
N THR A 25 -22.47 5.99 13.10
CA THR A 25 -23.36 5.02 13.79
C THR A 25 -22.53 3.98 14.55
N VAL A 26 -22.80 3.78 15.81
CA VAL A 26 -22.03 2.78 16.60
C VAL A 26 -22.97 1.85 17.35
N LEU A 27 -22.45 1.06 18.26
CA LEU A 27 -23.33 0.13 19.03
C LEU A 27 -22.73 -0.13 20.41
N SER A 28 -21.66 -0.88 20.47
CA SER A 28 -21.02 -1.17 21.79
C SER A 28 -19.60 -1.69 21.59
N ASP A 29 -19.40 -2.55 20.64
CA ASP A 29 -18.03 -3.10 20.39
C ASP A 29 -17.69 -3.03 18.89
N SER A 30 -16.83 -2.13 18.51
CA SER A 30 -16.46 -2.01 17.07
C SER A 30 -14.96 -1.80 16.93
N ALA A 31 -14.34 -2.44 15.96
CA ALA A 31 -12.87 -2.27 15.77
C ALA A 31 -12.59 -1.51 14.48
N HIS A 32 -13.04 -0.29 14.37
CA HIS A 32 -12.80 0.50 13.13
C HIS A 32 -12.01 1.77 13.45
N PHE A 33 -11.73 2.00 14.71
CA PHE A 33 -10.97 3.22 15.09
C PHE A 33 -9.97 2.89 16.21
N ASP A 34 -8.79 2.48 15.85
CA ASP A 34 -7.77 2.14 16.89
C ASP A 34 -7.51 3.34 17.80
N VAL A 35 -7.79 4.53 17.33
CA VAL A 35 -7.57 5.75 18.16
C VAL A 35 -6.07 5.97 18.45
N LYS A 36 -5.23 5.15 17.90
CA LYS A 36 -3.77 5.31 18.13
C LYS A 36 -3.14 5.96 16.89
N HIS A 37 -2.97 5.19 15.86
CA HIS A 37 -2.41 5.73 14.60
C HIS A 37 -3.01 4.93 13.43
N PRO A 38 -4.30 4.70 13.52
CA PRO A 38 -4.98 3.93 12.46
C PRO A 38 -5.16 4.77 11.21
N LEU A 39 -6.01 4.33 10.34
CA LEU A 39 -6.26 5.09 9.08
C LEU A 39 -7.76 5.22 8.90
N ASN A 40 -8.46 4.12 9.07
CA ASN A 40 -9.95 4.09 8.92
C ASN A 40 -10.30 3.74 7.48
N THR A 41 -9.36 3.13 6.81
CA THR A 41 -9.59 2.72 5.41
C THR A 41 -9.74 1.20 5.37
N LYS A 42 -10.03 0.67 4.23
CA LYS A 42 -10.20 -0.79 4.11
C LYS A 42 -9.04 -1.41 3.31
N TRP A 43 -8.27 -2.25 3.93
CA TRP A 43 -7.13 -2.90 3.21
C TRP A 43 -6.89 -4.29 3.78
N THR A 44 -6.79 -5.27 2.93
CA THR A 44 -6.56 -6.65 3.42
C THR A 44 -5.08 -6.99 3.39
N LEU A 45 -4.71 -8.04 4.04
CA LEU A 45 -3.29 -8.44 4.10
C LEU A 45 -3.07 -9.79 3.40
N TRP A 46 -2.64 -9.77 2.17
CA TRP A 46 -2.42 -11.06 1.44
C TRP A 46 -0.93 -11.26 1.16
N TYR A 47 -0.32 -12.23 1.81
CA TYR A 47 1.13 -12.47 1.56
C TYR A 47 1.31 -13.80 0.82
N THR A 48 2.43 -13.98 0.17
CA THR A 48 2.65 -15.25 -0.57
C THR A 48 4.05 -15.81 -0.32
N LYS A 49 4.19 -17.10 -0.49
CA LYS A 49 5.51 -17.74 -0.29
C LYS A 49 5.60 -18.99 -1.16
N PRO A 50 6.23 -18.84 -2.30
CA PRO A 50 6.37 -19.97 -3.25
C PRO A 50 7.29 -21.05 -2.70
N ALA A 51 6.74 -22.14 -2.26
CA ALA A 51 7.58 -23.25 -1.71
C ALA A 51 6.72 -24.28 -0.99
N VAL A 52 5.57 -23.88 -0.54
CA VAL A 52 4.67 -24.84 0.17
C VAL A 52 4.66 -26.18 -0.55
N ASP A 53 4.70 -26.16 -1.86
CA ASP A 53 4.69 -27.42 -2.64
C ASP A 53 3.34 -28.12 -2.55
N LYS A 54 2.41 -27.52 -1.86
CA LYS A 54 1.06 -28.14 -1.73
C LYS A 54 0.42 -28.20 -3.11
N SER A 55 0.63 -27.17 -3.86
CA SER A 55 0.05 -27.11 -5.24
C SER A 55 0.82 -26.10 -6.12
N GLU A 56 1.93 -25.59 -5.64
CA GLU A 56 2.72 -24.61 -6.44
C GLU A 56 1.79 -23.68 -7.23
N SER A 57 0.82 -23.11 -6.59
CA SER A 57 -0.11 -22.19 -7.30
C SER A 57 -0.14 -20.83 -6.62
N TRP A 58 0.15 -19.79 -7.33
CA TRP A 58 0.12 -18.44 -6.70
C TRP A 58 -1.15 -18.30 -5.87
N SER A 59 -2.17 -19.02 -6.25
CA SER A 59 -3.46 -18.94 -5.50
C SER A 59 -3.45 -19.94 -4.34
N ASP A 60 -2.57 -20.89 -4.37
CA ASP A 60 -2.50 -21.89 -3.27
C ASP A 60 -1.54 -21.39 -2.18
N LEU A 61 -0.75 -20.39 -2.48
CA LEU A 61 0.20 -19.87 -1.47
C LEU A 61 -0.36 -18.59 -0.87
N LEU A 62 -0.61 -17.62 -1.70
CA LEU A 62 -1.15 -16.33 -1.20
C LEU A 62 -2.13 -16.56 -0.06
N ARG A 63 -1.80 -16.10 1.10
CA ARG A 63 -2.71 -16.27 2.26
C ARG A 63 -3.44 -14.96 2.53
N PRO A 64 -4.69 -14.94 2.20
CA PRO A 64 -5.49 -13.71 2.40
C PRO A 64 -5.88 -13.58 3.87
N VAL A 65 -5.43 -12.57 4.54
CA VAL A 65 -5.76 -12.45 5.98
C VAL A 65 -6.00 -11.00 6.42
N THR A 66 -5.53 -10.68 7.59
CA THR A 66 -5.68 -9.33 8.21
C THR A 66 -6.19 -8.25 7.25
N SER A 67 -7.36 -7.75 7.53
CA SER A 67 -7.94 -6.65 6.73
C SER A 67 -8.43 -5.60 7.72
N PHE A 68 -7.62 -4.64 8.01
CA PHE A 68 -8.03 -3.63 9.04
C PHE A 68 -8.06 -2.21 8.48
N GLN A 69 -8.29 -1.26 9.36
CA GLN A 69 -8.33 0.17 8.95
C GLN A 69 -7.33 0.95 9.79
N THR A 70 -6.25 0.33 10.18
CA THR A 70 -5.23 1.02 11.01
C THR A 70 -3.82 0.57 10.60
N VAL A 71 -2.92 0.47 11.53
CA VAL A 71 -1.54 0.03 11.18
C VAL A 71 -1.09 -1.14 12.07
N GLU A 72 -1.69 -1.29 13.23
CA GLU A 72 -1.29 -2.41 14.12
C GLU A 72 -1.09 -3.70 13.32
N GLU A 73 -2.05 -4.05 12.50
CA GLU A 73 -1.93 -5.30 11.68
C GLU A 73 -0.68 -5.22 10.79
N PHE A 74 -0.61 -4.22 9.95
CA PHE A 74 0.58 -4.10 9.06
C PHE A 74 1.83 -4.30 9.90
N TRP A 75 1.90 -3.67 11.04
CA TRP A 75 3.07 -3.84 11.93
C TRP A 75 3.31 -5.33 12.17
N ALA A 76 2.26 -6.09 12.15
CA ALA A 76 2.40 -7.56 12.36
C ALA A 76 3.31 -8.14 11.29
N ILE A 77 2.93 -8.00 10.04
CA ILE A 77 3.78 -8.54 8.95
C ILE A 77 5.22 -8.01 9.12
N ILE A 78 5.40 -6.94 9.83
CA ILE A 78 6.78 -6.40 10.04
C ILE A 78 7.45 -7.19 11.16
N GLN A 79 6.72 -7.50 12.20
CA GLN A 79 7.33 -8.28 13.31
C GLN A 79 8.01 -9.50 12.73
N ASN A 80 7.59 -9.90 11.57
CA ASN A 80 8.21 -11.08 10.89
C ASN A 80 9.62 -10.71 10.45
N ILE A 81 9.96 -9.45 10.56
CA ILE A 81 11.29 -8.96 10.13
C ILE A 81 11.80 -9.74 8.92
N PRO A 82 11.00 -9.79 7.89
CA PRO A 82 11.39 -10.48 6.65
C PRO A 82 12.13 -9.49 5.76
N GLU A 83 11.56 -8.34 5.59
CA GLU A 83 12.19 -7.28 4.75
C GLU A 83 12.60 -7.89 3.39
N PRO A 84 13.18 -7.06 2.57
CA PRO A 84 13.63 -7.52 1.23
C PRO A 84 14.97 -8.24 1.34
N HIS A 85 15.45 -8.45 2.54
CA HIS A 85 16.75 -9.15 2.70
C HIS A 85 16.84 -9.79 4.10
N GLU A 86 15.73 -10.23 4.63
CA GLU A 86 15.76 -10.86 5.98
C GLU A 86 14.92 -12.14 5.97
N LEU A 87 14.39 -12.51 4.84
CA LEU A 87 13.57 -13.75 4.76
C LEU A 87 13.94 -14.53 3.49
N PRO A 88 13.18 -15.58 3.21
CA PRO A 88 13.48 -16.39 2.01
C PRO A 88 13.07 -15.63 0.75
N LEU A 89 13.93 -15.59 -0.23
CA LEU A 89 13.60 -14.84 -1.48
C LEU A 89 12.30 -15.35 -2.09
N LYS A 90 12.07 -15.02 -3.34
CA LYS A 90 10.82 -15.47 -4.01
C LYS A 90 9.61 -15.09 -3.16
N SER A 91 9.79 -14.15 -2.29
CA SER A 91 8.67 -13.71 -1.40
C SER A 91 7.66 -12.87 -2.19
N ASP A 92 6.48 -12.68 -1.64
CA ASP A 92 5.45 -11.88 -2.37
C ASP A 92 4.35 -11.40 -1.41
N TYR A 93 4.47 -10.20 -0.88
CA TYR A 93 3.40 -9.70 0.04
C TYR A 93 2.41 -8.83 -0.76
N HIS A 94 1.17 -8.78 -0.36
CA HIS A 94 0.17 -7.97 -1.12
C HIS A 94 -0.88 -7.38 -0.16
N VAL A 95 -0.86 -6.09 0.03
CA VAL A 95 -1.88 -5.46 0.93
C VAL A 95 -2.59 -4.32 0.20
N PHE A 96 -3.89 -4.38 0.11
CA PHE A 96 -4.62 -3.31 -0.62
C PHE A 96 -6.11 -3.68 -0.73
N ARG A 97 -6.93 -2.78 -1.22
CA ARG A 97 -8.39 -3.04 -1.38
C ARG A 97 -9.18 -1.73 -1.42
N ASN A 98 -8.58 -0.66 -0.99
CA ASN A 98 -9.28 0.65 -0.98
C ASN A 98 -9.75 1.04 -2.39
N ASP A 99 -9.31 0.36 -3.41
CA ASP A 99 -9.74 0.73 -4.78
C ASP A 99 -10.12 -0.51 -5.61
N VAL A 100 -9.22 -1.44 -5.77
CA VAL A 100 -9.55 -2.66 -6.55
C VAL A 100 -9.96 -3.79 -5.59
N ARG A 101 -9.36 -4.95 -5.68
CA ARG A 101 -9.78 -6.04 -4.74
C ARG A 101 -9.08 -7.38 -5.05
N PRO A 102 -9.21 -7.82 -6.26
CA PRO A 102 -8.62 -9.15 -6.67
C PRO A 102 -7.11 -9.25 -6.43
N GLU A 103 -6.27 -8.80 -7.32
CA GLU A 103 -4.79 -8.96 -7.06
C GLU A 103 -3.95 -8.44 -8.22
N TRP A 104 -2.68 -8.71 -8.22
CA TRP A 104 -1.81 -8.23 -9.33
C TRP A 104 -2.44 -8.60 -10.67
N GLU A 105 -3.36 -9.54 -10.65
CA GLU A 105 -4.03 -9.95 -11.92
C GLU A 105 -5.20 -9.00 -12.20
N ASP A 106 -5.56 -8.19 -11.23
CA ASP A 106 -6.68 -7.23 -11.44
C ASP A 106 -6.47 -5.93 -10.63
N GLU A 107 -5.76 -6.00 -9.54
CA GLU A 107 -5.51 -4.77 -8.73
C GLU A 107 -5.18 -3.61 -9.66
N ALA A 108 -4.40 -3.89 -10.65
CA ALA A 108 -4.03 -2.85 -11.65
C ALA A 108 -5.16 -2.73 -12.67
N ASN A 109 -5.86 -3.81 -12.90
CA ASN A 109 -7.01 -3.76 -13.85
C ASN A 109 -8.01 -2.73 -13.36
N ALA A 110 -8.06 -2.54 -12.07
CA ALA A 110 -9.00 -1.56 -11.48
C ALA A 110 -8.54 -0.14 -11.81
N LYS A 111 -7.45 0.28 -11.23
CA LYS A 111 -6.95 1.66 -11.50
C LYS A 111 -6.10 1.65 -12.78
N GLY A 112 -5.24 0.69 -12.92
CA GLY A 112 -4.42 0.60 -14.16
C GLY A 112 -2.94 0.96 -13.94
N GLY A 113 -2.43 0.97 -12.73
CA GLY A 113 -1.00 1.32 -12.56
C GLY A 113 -0.26 0.20 -11.82
N LYS A 114 0.80 -0.32 -12.39
CA LYS A 114 1.55 -1.39 -11.70
C LYS A 114 3.05 -1.03 -11.68
N TRP A 115 3.49 -0.40 -10.63
CA TRP A 115 4.93 -0.02 -10.55
C TRP A 115 5.72 -1.12 -9.87
N SER A 116 7.03 -1.11 -10.00
CA SER A 116 7.84 -2.19 -9.36
C SER A 116 9.27 -1.70 -9.12
N PHE A 117 9.84 -2.05 -8.00
CA PHE A 117 11.23 -1.61 -7.70
C PHE A 117 12.17 -2.81 -7.78
N GLN A 118 12.86 -2.97 -8.87
CA GLN A 118 13.79 -4.14 -9.01
C GLN A 118 15.11 -3.86 -8.28
N LEU A 119 15.39 -4.59 -7.24
CA LEU A 119 16.65 -4.38 -6.49
C LEU A 119 17.56 -5.60 -6.62
N ARG A 120 18.85 -5.42 -6.49
CA ARG A 120 19.79 -6.57 -6.61
C ARG A 120 20.72 -6.60 -5.39
N GLY A 121 21.13 -5.46 -4.92
CA GLY A 121 22.04 -5.43 -3.75
C GLY A 121 21.29 -4.88 -2.53
N LYS A 122 21.32 -5.59 -1.44
CA LYS A 122 20.60 -5.10 -0.22
C LYS A 122 21.10 -3.70 0.15
N GLY A 123 20.82 -3.26 1.36
CA GLY A 123 21.27 -1.92 1.78
C GLY A 123 21.44 -1.88 3.30
N ALA A 124 20.36 -1.89 4.03
CA ALA A 124 20.45 -1.87 5.51
C ALA A 124 19.07 -1.58 6.12
N ASP A 125 18.22 -0.92 5.39
CA ASP A 125 16.85 -0.61 5.93
C ASP A 125 15.98 -0.05 4.82
N ILE A 126 15.86 -0.74 3.72
CA ILE A 126 15.02 -0.25 2.61
C ILE A 126 13.54 -0.52 2.89
N ASP A 127 13.25 -1.31 3.89
CA ASP A 127 11.82 -1.62 4.20
C ASP A 127 11.24 -0.51 5.07
N GLU A 128 12.07 0.35 5.59
CA GLU A 128 11.55 1.46 6.44
C GLU A 128 11.03 2.58 5.55
N LEU A 129 11.66 2.77 4.42
CA LEU A 129 11.23 3.83 3.49
C LEU A 129 10.04 3.34 2.66
N TRP A 130 10.14 2.16 2.11
CA TRP A 130 9.01 1.64 1.30
C TRP A 130 7.76 1.59 2.19
N LEU A 131 7.95 1.45 3.46
CA LEU A 131 6.80 1.41 4.40
C LEU A 131 6.37 2.81 4.81
N ARG A 132 7.24 3.53 5.49
CA ARG A 132 6.87 4.90 5.93
C ARG A 132 6.14 5.62 4.81
N THR A 133 6.50 5.32 3.60
CA THR A 133 5.84 5.99 2.44
C THR A 133 4.55 5.26 2.06
N LEU A 134 4.53 3.97 2.17
CA LEU A 134 3.28 3.24 1.82
C LEU A 134 2.37 3.20 3.04
N LEU A 135 2.86 2.75 4.16
CA LEU A 135 2.01 2.73 5.38
C LEU A 135 1.43 4.14 5.57
N ALA A 136 2.19 5.15 5.24
CA ALA A 136 1.68 6.55 5.39
C ALA A 136 0.60 6.80 4.33
N VAL A 137 0.74 6.17 3.19
CA VAL A 137 -0.26 6.35 2.11
C VAL A 137 -1.67 6.03 2.63
N ILE A 138 -1.84 4.89 3.25
CA ILE A 138 -3.18 4.53 3.79
C ILE A 138 -3.35 5.14 5.18
N GLY A 139 -2.29 5.17 5.93
CA GLY A 139 -2.34 5.74 7.32
C GLY A 139 -3.35 6.88 7.39
N GLU A 140 -3.45 7.66 6.34
CA GLU A 140 -4.42 8.79 6.36
C GLU A 140 -4.36 9.55 5.04
N THR A 141 -4.21 8.83 3.98
CA THR A 141 -4.13 9.49 2.64
C THR A 141 -3.19 10.70 2.71
N ILE A 142 -1.96 10.47 3.08
CA ILE A 142 -0.99 11.58 3.18
C ILE A 142 -1.14 12.54 1.99
N ASP A 143 -1.63 12.06 0.89
CA ASP A 143 -1.82 12.94 -0.32
C ASP A 143 -0.47 13.29 -0.93
N GLU A 144 0.42 13.87 -0.16
CA GLU A 144 1.76 14.23 -0.70
C GLU A 144 2.29 13.08 -1.57
N ASP A 145 1.96 11.87 -1.23
CA ASP A 145 2.44 10.70 -2.02
C ASP A 145 1.26 9.79 -2.39
N ASP A 146 0.08 10.13 -1.95
CA ASP A 146 -1.10 9.29 -2.28
C ASP A 146 -1.83 9.88 -3.49
N SER A 147 -1.10 10.29 -4.48
CA SER A 147 -1.73 10.88 -5.69
C SER A 147 -2.64 9.85 -6.38
N GLN A 148 -3.77 9.57 -5.80
CA GLN A 148 -4.69 8.57 -6.42
C GLN A 148 -4.04 7.20 -6.47
N ILE A 149 -4.19 6.41 -5.44
CA ILE A 149 -3.57 5.06 -5.42
C ILE A 149 -4.62 4.00 -5.03
N ASN A 150 -4.26 2.74 -5.11
CA ASN A 150 -5.24 1.68 -4.74
C ASN A 150 -4.58 0.61 -3.86
N GLY A 151 -3.33 0.32 -4.07
CA GLY A 151 -2.71 -0.73 -3.23
C GLY A 151 -1.20 -0.84 -3.49
N VAL A 152 -0.55 -1.68 -2.74
CA VAL A 152 0.92 -1.87 -2.91
C VAL A 152 1.28 -3.35 -2.84
N VAL A 153 2.44 -3.72 -3.31
CA VAL A 153 2.83 -5.15 -3.28
C VAL A 153 4.33 -5.28 -3.07
N LEU A 154 4.77 -6.41 -2.58
CA LEU A 154 6.22 -6.64 -2.36
C LEU A 154 6.56 -8.07 -2.78
N SER A 155 7.71 -8.31 -3.34
CA SER A 155 8.03 -9.70 -3.75
C SER A 155 9.54 -9.86 -3.94
N ILE A 156 10.11 -10.84 -3.33
CA ILE A 156 11.57 -11.05 -3.50
C ILE A 156 11.82 -12.22 -4.45
N ARG A 157 13.02 -12.34 -4.96
CA ARG A 157 13.34 -13.44 -5.90
C ARG A 157 14.82 -13.78 -5.82
N LYS A 158 15.35 -14.45 -6.82
CA LYS A 158 16.80 -14.80 -6.78
C LYS A 158 17.66 -13.58 -7.08
N GLY A 159 17.18 -12.68 -7.90
CA GLY A 159 17.97 -11.46 -8.22
C GLY A 159 18.30 -10.69 -6.95
N GLY A 160 17.34 -10.53 -6.08
CA GLY A 160 17.60 -9.78 -4.81
C GLY A 160 16.28 -9.49 -4.10
N ASN A 161 15.49 -8.59 -4.62
CA ASN A 161 14.18 -8.26 -3.99
C ASN A 161 13.55 -7.06 -4.69
N LYS A 162 12.24 -6.94 -4.65
CA LYS A 162 11.60 -5.79 -5.33
C LYS A 162 10.20 -5.53 -4.75
N PHE A 163 9.66 -4.37 -4.98
CA PHE A 163 8.29 -4.07 -4.44
C PHE A 163 7.43 -3.45 -5.54
N ALA A 164 6.17 -3.80 -5.58
CA ALA A 164 5.28 -3.24 -6.63
C ALA A 164 4.37 -2.16 -6.05
N LEU A 165 4.08 -1.14 -6.81
CA LEU A 165 3.21 -0.05 -6.30
C LEU A 165 2.00 0.11 -7.23
N TRP A 166 0.81 -0.05 -6.71
CA TRP A 166 -0.39 0.09 -7.57
C TRP A 166 -0.99 1.47 -7.40
N THR A 167 -1.36 2.09 -8.48
CA THR A 167 -1.90 3.46 -8.37
C THR A 167 -3.20 3.64 -9.13
N LYS A 168 -3.90 4.70 -8.83
CA LYS A 168 -5.19 4.99 -9.49
C LYS A 168 -4.99 5.09 -11.00
N SER A 169 -3.78 5.30 -11.44
CA SER A 169 -3.52 5.41 -12.91
C SER A 169 -4.21 6.63 -13.51
N GLU A 170 -4.82 7.44 -12.69
CA GLU A 170 -5.52 8.65 -13.21
C GLU A 170 -4.67 9.32 -14.30
N ASP A 171 -3.38 9.09 -14.27
CA ASP A 171 -2.48 9.69 -15.29
C ASP A 171 -1.04 9.26 -15.02
N LYS A 172 -0.40 8.67 -15.98
CA LYS A 172 0.99 8.20 -15.77
C LYS A 172 1.93 9.39 -15.55
N GLU A 173 1.48 10.58 -15.81
CA GLU A 173 2.36 11.75 -15.59
C GLU A 173 2.68 11.85 -14.10
N PRO A 174 1.64 12.00 -13.33
CA PRO A 174 1.80 12.08 -11.87
C PRO A 174 2.30 10.73 -11.32
N LEU A 175 2.23 9.69 -12.12
CA LEU A 175 2.73 8.38 -11.63
C LEU A 175 4.24 8.34 -11.79
N LEU A 176 4.73 8.52 -13.00
CA LEU A 176 6.21 8.54 -13.19
C LEU A 176 6.81 9.50 -12.17
N ARG A 177 6.02 10.43 -11.71
CA ARG A 177 6.53 11.40 -10.70
C ARG A 177 6.66 10.68 -9.36
N ILE A 178 5.68 9.91 -8.99
CA ILE A 178 5.73 9.16 -7.71
C ILE A 178 6.75 8.03 -7.85
N GLY A 179 6.67 7.28 -8.91
CA GLY A 179 7.64 6.15 -9.10
C GLY A 179 9.05 6.70 -8.92
N GLY A 180 9.26 7.96 -9.18
CA GLY A 180 10.62 8.55 -9.02
C GLY A 180 10.92 8.70 -7.53
N LYS A 181 10.10 9.41 -6.81
CA LYS A 181 10.33 9.57 -5.34
C LYS A 181 10.31 8.20 -4.68
N PHE A 182 9.33 7.40 -5.02
CA PHE A 182 9.24 6.03 -4.42
C PHE A 182 10.39 5.17 -4.93
N LYS A 183 11.01 5.57 -6.01
CA LYS A 183 12.14 4.77 -6.56
C LYS A 183 13.32 4.85 -5.58
N GLN A 184 13.63 6.03 -5.11
CA GLN A 184 14.76 6.17 -4.16
C GLN A 184 14.41 5.50 -2.83
N VAL A 185 13.20 5.71 -2.38
CA VAL A 185 12.74 5.12 -1.10
C VAL A 185 13.35 3.74 -0.89
N LEU A 186 13.39 2.95 -1.92
CA LEU A 186 13.98 1.59 -1.79
C LEU A 186 14.73 1.20 -3.06
N LYS A 187 14.89 2.13 -3.95
CA LYS A 187 15.60 1.82 -5.23
C LYS A 187 16.31 3.07 -5.77
N LEU A 188 17.15 3.67 -4.95
CA LEU A 188 17.92 4.89 -5.35
C LEU A 188 17.28 5.60 -6.55
N THR A 189 18.07 6.04 -7.49
CA THR A 189 17.51 6.75 -8.67
C THR A 189 18.56 6.80 -9.80
N ASP A 190 19.79 7.11 -9.47
CA ASP A 190 20.84 7.17 -10.53
C ASP A 190 20.71 5.98 -11.47
N ASP A 191 20.16 4.90 -10.99
CA ASP A 191 20.01 3.68 -11.85
C ASP A 191 19.44 2.54 -11.01
N GLY A 192 18.33 2.76 -10.36
CA GLY A 192 17.73 1.69 -9.52
C GLY A 192 17.04 0.66 -10.40
N HIS A 193 16.97 0.90 -11.68
CA HIS A 193 16.30 -0.08 -12.59
C HIS A 193 14.85 -0.26 -12.16
N LEU A 194 14.28 0.73 -11.54
CA LEU A 194 12.86 0.65 -11.11
C LEU A 194 12.03 0.14 -12.28
N GLU A 195 10.76 -0.09 -12.09
CA GLU A 195 9.97 -0.59 -13.24
C GLU A 195 8.53 -0.06 -13.22
N PHE A 196 8.10 0.51 -14.31
CA PHE A 196 6.71 1.03 -14.40
C PHE A 196 5.90 0.08 -15.28
N PHE A 197 4.73 -0.32 -14.86
CA PHE A 197 3.95 -1.27 -15.69
C PHE A 197 2.46 -0.88 -15.75
N PRO A 198 1.94 -0.89 -16.94
CA PRO A 198 0.52 -0.56 -17.15
C PRO A 198 -0.31 -1.83 -16.97
N HIS A 199 -1.33 -1.79 -16.14
CA HIS A 199 -2.16 -3.00 -15.92
C HIS A 199 -2.43 -3.69 -17.26
N SER A 200 -2.43 -2.95 -18.32
CA SER A 200 -2.68 -3.55 -19.67
C SER A 200 -1.75 -4.73 -19.92
N SER A 201 -0.68 -4.82 -19.18
CA SER A 201 0.27 -5.95 -19.38
C SER A 201 -0.24 -7.22 -18.69
N ALA A 202 -0.57 -7.13 -17.45
CA ALA A 202 -1.08 -8.32 -16.71
C ALA A 202 -2.46 -8.74 -17.25
N ASN A 203 -3.04 -7.94 -18.10
CA ASN A 203 -4.37 -8.28 -18.66
C ASN A 203 -4.24 -9.39 -19.70
N GLY A 204 -3.55 -9.13 -20.79
CA GLY A 204 -3.38 -10.17 -21.83
C GLY A 204 -2.17 -11.05 -21.48
N ARG A 205 -1.71 -10.97 -20.27
CA ARG A 205 -0.53 -11.80 -19.87
C ARG A 205 0.62 -11.59 -20.86
N HIS A 206 1.42 -10.59 -20.65
CA HIS A 206 2.56 -10.34 -21.58
C HIS A 206 3.57 -9.38 -20.94
N PRO A 207 4.80 -9.53 -21.32
CA PRO A 207 5.88 -8.66 -20.79
C PRO A 207 5.77 -7.24 -21.36
N GLN A 208 4.74 -6.53 -20.97
CA GLN A 208 4.58 -5.14 -21.48
C GLN A 208 4.81 -4.12 -20.36
N PRO A 209 6.06 -3.91 -20.06
CA PRO A 209 6.44 -2.95 -18.99
C PRO A 209 6.16 -1.51 -19.43
N SER A 210 6.81 -0.55 -18.82
CA SER A 210 6.59 0.86 -19.21
C SER A 210 7.92 1.61 -19.15
N ILE A 211 8.62 1.51 -18.06
CA ILE A 211 9.92 2.21 -17.94
C ILE A 211 10.87 1.45 -17.01
N THR A 212 12.08 1.92 -16.90
CA THR A 212 13.06 1.25 -16.01
C THR A 212 14.08 2.28 -15.51
N LEU A 213 13.88 2.77 -14.33
CA LEU A 213 14.82 3.79 -13.77
C LEU A 213 15.74 3.17 -12.71
N MET A 1 -0.10 -27.48 34.14
CA MET A 1 0.99 -27.73 33.16
C MET A 1 1.96 -26.53 33.13
N SER A 2 1.55 -25.45 32.54
CA SER A 2 2.45 -24.25 32.49
C SER A 2 1.65 -22.97 32.76
N VAL A 3 0.65 -22.72 31.97
CA VAL A 3 -0.18 -21.50 32.18
C VAL A 3 -1.34 -21.45 31.19
N GLU A 4 -2.55 -21.38 31.68
CA GLU A 4 -3.71 -21.34 30.76
C GLU A 4 -4.94 -20.75 31.48
N GLU A 5 -5.42 -19.62 31.03
CA GLU A 5 -6.60 -19.00 31.69
C GLU A 5 -7.86 -19.81 31.40
N VAL A 6 -8.76 -19.90 32.34
CA VAL A 6 -10.01 -20.68 32.11
C VAL A 6 -11.23 -19.82 32.44
N SER A 7 -11.41 -19.48 33.69
CA SER A 7 -12.59 -18.64 34.06
C SER A 7 -12.78 -17.51 33.06
N LYS A 8 -13.96 -16.97 32.98
CA LYS A 8 -14.21 -15.85 32.01
C LYS A 8 -14.51 -14.56 32.77
N LYS A 9 -13.91 -13.47 32.36
CA LYS A 9 -14.17 -12.18 33.05
C LYS A 9 -15.65 -11.81 32.95
N PHE A 10 -16.37 -11.87 34.04
CA PHE A 10 -17.82 -11.53 34.00
C PHE A 10 -18.09 -10.30 34.88
N GLU A 11 -18.36 -9.17 34.28
CA GLU A 11 -18.64 -7.95 35.08
C GLU A 11 -19.34 -6.90 34.23
N GLU A 12 -18.74 -6.53 33.12
CA GLU A 12 -19.37 -5.51 32.24
C GLU A 12 -19.18 -5.89 30.77
N ASN A 13 -19.65 -5.07 29.87
CA ASN A 13 -19.49 -5.39 28.42
C ASN A 13 -18.76 -4.24 27.70
N VAL A 14 -18.61 -3.12 28.36
CA VAL A 14 -17.91 -1.97 27.71
C VAL A 14 -16.52 -1.80 28.32
N SER A 15 -15.70 -2.82 28.26
CA SER A 15 -14.33 -2.70 28.84
C SER A 15 -13.36 -2.13 27.80
N VAL A 16 -13.83 -1.89 26.60
CA VAL A 16 -12.94 -1.33 25.54
C VAL A 16 -13.70 -0.30 24.71
N ASP A 17 -14.78 -0.69 24.10
CA ASP A 17 -15.56 0.26 23.27
C ASP A 17 -16.15 1.37 24.15
N ASP A 18 -16.96 2.23 23.59
CA ASP A 18 -17.57 3.32 24.39
C ASP A 18 -19.07 3.12 24.54
N THR A 19 -19.82 3.38 23.51
CA THR A 19 -21.30 3.20 23.58
C THR A 19 -21.83 3.77 24.90
N THR A 20 -21.69 5.04 25.11
CA THR A 20 -22.19 5.67 26.37
C THR A 20 -23.02 6.91 26.05
N ALA A 21 -22.39 8.04 25.91
CA ALA A 21 -23.16 9.28 25.60
C ALA A 21 -22.52 10.01 24.41
N THR A 22 -21.23 9.95 24.27
CA THR A 22 -20.56 10.64 23.13
C THR A 22 -21.14 10.14 21.80
N PRO A 23 -21.05 8.85 21.60
CA PRO A 23 -21.57 8.24 20.36
C PRO A 23 -23.10 8.23 20.37
N LYS A 24 -23.70 8.64 21.45
CA LYS A 24 -25.19 8.66 21.52
C LYS A 24 -25.72 10.06 21.20
N THR A 25 -24.94 11.07 21.47
CA THR A 25 -25.40 12.46 21.19
C THR A 25 -24.79 12.97 19.87
N VAL A 26 -25.58 13.56 19.04
CA VAL A 26 -25.05 14.07 17.73
C VAL A 26 -23.96 15.11 17.99
N LEU A 27 -22.76 14.67 18.26
CA LEU A 27 -21.65 15.64 18.51
C LEU A 27 -20.86 15.87 17.22
N SER A 28 -20.16 14.88 16.76
CA SER A 28 -19.36 15.04 15.50
C SER A 28 -18.94 13.69 14.96
N ASP A 29 -17.82 13.18 15.39
CA ASP A 29 -17.36 11.85 14.89
C ASP A 29 -17.06 11.92 13.40
N SER A 30 -16.47 13.00 12.95
CA SER A 30 -16.16 13.13 11.50
C SER A 30 -14.76 12.57 11.21
N ALA A 31 -14.47 11.40 11.72
CA ALA A 31 -13.12 10.81 11.47
C ALA A 31 -12.02 11.82 11.82
N HIS A 32 -10.78 11.44 11.69
CA HIS A 32 -9.68 12.37 12.00
C HIS A 32 -8.35 11.83 11.47
N PHE A 33 -7.36 12.67 11.33
CA PHE A 33 -6.05 12.21 10.82
C PHE A 33 -5.22 11.60 11.95
N ASP A 34 -4.56 10.50 11.70
CA ASP A 34 -3.74 9.87 12.78
C ASP A 34 -2.66 8.96 12.16
N VAL A 35 -3.07 8.09 11.28
CA VAL A 35 -2.08 7.18 10.63
C VAL A 35 -1.36 6.34 11.69
N LYS A 36 -1.86 6.31 12.89
CA LYS A 36 -1.20 5.51 13.96
C LYS A 36 -2.13 4.41 14.44
N HIS A 37 -3.26 4.25 13.81
CA HIS A 37 -4.22 3.18 14.22
C HIS A 37 -5.56 3.37 13.51
N PRO A 38 -6.05 4.58 13.54
CA PRO A 38 -7.34 4.91 12.89
C PRO A 38 -7.11 5.45 11.48
N LEU A 39 -6.74 4.62 10.54
CA LEU A 39 -6.52 5.12 9.14
C LEU A 39 -7.80 5.77 8.60
N ASN A 40 -8.21 5.39 7.41
CA ASN A 40 -9.45 5.98 6.83
C ASN A 40 -9.89 5.17 5.61
N THR A 41 -9.51 3.91 5.55
CA THR A 41 -9.91 3.07 4.40
C THR A 41 -10.02 1.61 4.83
N LYS A 42 -10.44 0.76 3.94
CA LYS A 42 -10.58 -0.68 4.31
C LYS A 42 -9.80 -1.55 3.32
N TRP A 43 -8.95 -2.42 3.81
CA TRP A 43 -8.19 -3.28 2.87
C TRP A 43 -7.80 -4.61 3.55
N THR A 44 -7.20 -5.50 2.81
CA THR A 44 -6.83 -6.82 3.40
C THR A 44 -5.33 -7.08 3.26
N LEU A 45 -4.83 -8.09 3.93
CA LEU A 45 -3.38 -8.38 3.87
C LEU A 45 -3.13 -9.77 3.29
N TRP A 46 -2.71 -9.86 2.06
CA TRP A 46 -2.43 -11.18 1.44
C TRP A 46 -0.94 -11.31 1.11
N TYR A 47 -0.24 -12.17 1.79
CA TYR A 47 1.22 -12.31 1.49
C TYR A 47 1.52 -13.72 0.96
N THR A 48 2.63 -13.86 0.27
CA THR A 48 2.99 -15.19 -0.29
C THR A 48 4.39 -15.60 0.20
N LYS A 49 4.61 -16.86 0.44
CA LYS A 49 5.95 -17.30 0.91
C LYS A 49 6.76 -17.95 -0.23
N PRO A 50 6.30 -19.09 -0.68
CA PRO A 50 7.02 -19.78 -1.79
C PRO A 50 6.81 -19.04 -3.11
N ALA A 51 5.72 -19.29 -3.79
CA ALA A 51 5.46 -18.60 -5.09
C ALA A 51 6.39 -19.14 -6.18
N VAL A 52 7.20 -20.11 -5.85
CA VAL A 52 8.14 -20.67 -6.85
C VAL A 52 7.36 -21.48 -7.89
N ASP A 53 6.19 -21.91 -7.54
CA ASP A 53 5.35 -22.70 -8.51
C ASP A 53 5.98 -24.07 -8.76
N LYS A 54 7.00 -24.41 -8.03
CA LYS A 54 7.65 -25.73 -8.23
C LYS A 54 6.59 -26.80 -8.39
N SER A 55 5.60 -26.76 -7.56
CA SER A 55 4.51 -27.76 -7.63
C SER A 55 3.30 -27.33 -6.77
N GLU A 56 3.26 -26.11 -6.33
CA GLU A 56 2.11 -25.67 -5.49
C GLU A 56 1.12 -24.86 -6.34
N SER A 57 1.03 -23.57 -6.12
CA SER A 57 0.09 -22.73 -6.91
C SER A 57 0.02 -21.34 -6.31
N TRP A 58 0.38 -20.33 -7.07
CA TRP A 58 0.32 -18.95 -6.53
C TRP A 58 -0.99 -18.75 -5.79
N SER A 59 -2.00 -19.49 -6.15
CA SER A 59 -3.31 -19.37 -5.46
C SER A 59 -3.34 -20.24 -4.21
N ASP A 60 -2.49 -21.23 -4.13
CA ASP A 60 -2.48 -22.11 -2.93
C ASP A 60 -1.52 -21.55 -1.88
N LEU A 61 -0.68 -20.61 -2.26
CA LEU A 61 0.28 -20.03 -1.28
C LEU A 61 -0.30 -18.79 -0.62
N LEU A 62 -0.52 -17.78 -1.41
CA LEU A 62 -1.08 -16.49 -0.88
C LEU A 62 -1.98 -16.71 0.33
N ARG A 63 -1.61 -16.15 1.44
CA ARG A 63 -2.45 -16.29 2.66
C ARG A 63 -3.21 -14.99 2.90
N PRO A 64 -4.50 -15.05 2.68
CA PRO A 64 -5.34 -13.85 2.87
C PRO A 64 -5.60 -13.63 4.36
N VAL A 65 -5.18 -12.51 4.89
CA VAL A 65 -5.40 -12.29 6.35
C VAL A 65 -5.70 -10.81 6.69
N THR A 66 -5.13 -10.35 7.78
CA THR A 66 -5.33 -8.96 8.29
C THR A 66 -5.99 -8.02 7.30
N SER A 67 -7.14 -7.52 7.66
CA SER A 67 -7.85 -6.55 6.80
C SER A 67 -8.34 -5.41 7.69
N PHE A 68 -7.54 -4.41 7.84
CA PHE A 68 -7.94 -3.28 8.74
C PHE A 68 -7.49 -1.92 8.18
N GLN A 69 -7.67 -0.89 8.96
CA GLN A 69 -7.26 0.47 8.53
C GLN A 69 -6.50 1.12 9.67
N THR A 70 -5.44 0.49 10.07
CA THR A 70 -4.63 1.03 11.18
C THR A 70 -3.15 0.94 10.82
N VAL A 71 -2.31 0.81 11.81
CA VAL A 71 -0.84 0.72 11.52
C VAL A 71 -0.26 -0.52 12.21
N GLU A 72 -0.78 -0.86 13.35
CA GLU A 72 -0.25 -2.06 14.06
C GLU A 72 -0.38 -3.30 13.17
N GLU A 73 -1.48 -3.43 12.50
CA GLU A 73 -1.68 -4.60 11.60
C GLU A 73 -0.57 -4.63 10.54
N PHE A 74 -0.58 -3.68 9.65
CA PHE A 74 0.48 -3.65 8.61
C PHE A 74 1.85 -3.70 9.26
N TRP A 75 2.08 -2.89 10.26
CA TRP A 75 3.38 -2.90 10.96
C TRP A 75 3.67 -4.31 11.44
N ALA A 76 2.63 -5.08 11.67
CA ALA A 76 2.84 -6.48 12.13
C ALA A 76 3.63 -7.24 11.06
N ILE A 77 3.13 -7.28 9.86
CA ILE A 77 3.87 -7.99 8.77
C ILE A 77 5.32 -7.48 8.76
N ILE A 78 5.53 -6.23 9.09
CA ILE A 78 6.90 -5.67 9.12
C ILE A 78 7.59 -6.08 10.42
N GLN A 79 6.82 -6.23 11.46
CA GLN A 79 7.42 -6.64 12.76
C GLN A 79 8.31 -7.86 12.54
N ASN A 80 7.93 -8.71 11.62
CA ASN A 80 8.76 -9.90 11.31
C ASN A 80 10.01 -9.50 10.54
N ILE A 81 10.03 -8.27 10.09
CA ILE A 81 11.17 -7.76 9.29
C ILE A 81 11.82 -8.87 8.46
N PRO A 82 11.02 -9.58 7.71
CA PRO A 82 11.54 -10.68 6.85
C PRO A 82 11.89 -10.13 5.47
N GLU A 83 11.28 -9.03 5.12
CA GLU A 83 11.53 -8.41 3.79
C GLU A 83 12.91 -7.78 3.67
N PRO A 84 13.38 -7.15 4.73
CA PRO A 84 14.71 -6.49 4.66
C PRO A 84 15.83 -7.53 4.60
N HIS A 85 15.73 -8.45 3.67
CA HIS A 85 16.79 -9.49 3.54
C HIS A 85 16.75 -10.40 4.77
N GLU A 86 15.59 -10.63 5.31
CA GLU A 86 15.48 -11.51 6.51
C GLU A 86 14.73 -12.78 6.15
N LEU A 87 14.14 -12.82 4.99
CA LEU A 87 13.38 -14.03 4.57
C LEU A 87 14.13 -14.73 3.42
N PRO A 88 13.66 -15.90 3.08
CA PRO A 88 14.30 -16.66 1.97
C PRO A 88 13.95 -16.02 0.62
N LEU A 89 14.16 -14.73 0.50
CA LEU A 89 13.84 -14.01 -0.78
C LEU A 89 12.59 -14.58 -1.43
N LYS A 90 12.44 -14.35 -2.70
CA LYS A 90 11.24 -14.87 -3.43
C LYS A 90 9.96 -14.54 -2.66
N SER A 91 10.02 -13.56 -1.82
CA SER A 91 8.82 -13.19 -1.00
C SER A 91 7.80 -12.44 -1.87
N ASP A 92 6.60 -12.28 -1.38
CA ASP A 92 5.56 -11.56 -2.17
C ASP A 92 4.42 -11.08 -1.26
N TYR A 93 4.46 -9.86 -0.79
CA TYR A 93 3.36 -9.37 0.09
C TYR A 93 2.37 -8.54 -0.74
N HIS A 94 1.12 -8.53 -0.35
CA HIS A 94 0.12 -7.73 -1.14
C HIS A 94 -1.01 -7.25 -0.23
N VAL A 95 -1.10 -5.96 -0.02
CA VAL A 95 -2.18 -5.42 0.85
C VAL A 95 -2.96 -4.34 0.09
N PHE A 96 -4.23 -4.54 -0.12
CA PHE A 96 -5.03 -3.54 -0.87
C PHE A 96 -6.49 -3.98 -0.98
N ARG A 97 -7.34 -3.12 -1.52
CA ARG A 97 -8.80 -3.46 -1.69
C ARG A 97 -9.61 -2.15 -1.79
N ASN A 98 -9.05 -1.07 -1.32
CA ASN A 98 -9.78 0.23 -1.37
C ASN A 98 -10.31 0.54 -2.77
N ASP A 99 -9.65 0.06 -3.79
CA ASP A 99 -10.13 0.38 -5.17
C ASP A 99 -10.46 -0.89 -5.94
N VAL A 100 -9.71 -1.95 -5.74
CA VAL A 100 -10.00 -3.20 -6.49
C VAL A 100 -10.28 -4.33 -5.51
N ARG A 101 -9.71 -5.48 -5.69
CA ARG A 101 -10.01 -6.59 -4.72
C ARG A 101 -9.34 -7.93 -5.08
N PRO A 102 -9.53 -8.38 -6.29
CA PRO A 102 -8.96 -9.70 -6.71
C PRO A 102 -7.45 -9.82 -6.48
N GLU A 103 -6.61 -9.26 -7.32
CA GLU A 103 -5.13 -9.43 -7.06
C GLU A 103 -4.29 -8.82 -8.18
N TRP A 104 -2.99 -8.97 -8.10
CA TRP A 104 -2.12 -8.42 -9.17
C TRP A 104 -2.68 -8.83 -10.54
N GLU A 105 -3.48 -9.85 -10.57
CA GLU A 105 -4.06 -10.32 -11.86
C GLU A 105 -5.30 -9.48 -12.19
N ASP A 106 -5.78 -8.71 -11.24
CA ASP A 106 -6.97 -7.86 -11.50
C ASP A 106 -6.80 -6.52 -10.77
N GLU A 107 -6.20 -6.53 -9.60
CA GLU A 107 -5.96 -5.26 -8.87
C GLU A 107 -5.46 -4.23 -9.87
N ALA A 108 -4.80 -4.70 -10.88
CA ALA A 108 -4.28 -3.80 -11.93
C ALA A 108 -5.45 -3.33 -12.79
N ASN A 109 -6.34 -4.22 -13.15
CA ASN A 109 -7.52 -3.81 -13.96
C ASN A 109 -8.10 -2.56 -13.30
N ALA A 110 -7.90 -2.45 -12.02
CA ALA A 110 -8.41 -1.31 -11.25
C ALA A 110 -7.43 -0.13 -11.26
N LYS A 111 -6.32 -0.27 -10.60
CA LYS A 111 -5.33 0.85 -10.55
C LYS A 111 -4.84 1.20 -11.95
N GLY A 112 -4.69 0.24 -12.81
CA GLY A 112 -4.22 0.55 -14.19
C GLY A 112 -2.70 0.75 -14.23
N GLY A 113 -2.10 1.33 -13.21
CA GLY A 113 -0.62 1.54 -13.26
C GLY A 113 0.10 0.69 -12.21
N LYS A 114 0.98 -0.19 -12.64
CA LYS A 114 1.71 -1.05 -11.67
C LYS A 114 3.17 -0.59 -11.57
N TRP A 115 3.51 0.17 -10.56
CA TRP A 115 4.91 0.63 -10.42
C TRP A 115 5.76 -0.48 -9.81
N SER A 116 6.92 -0.72 -10.36
CA SER A 116 7.78 -1.81 -9.79
C SER A 116 9.16 -1.26 -9.44
N PHE A 117 9.88 -1.95 -8.59
CA PHE A 117 11.23 -1.48 -8.20
C PHE A 117 12.17 -2.68 -8.09
N GLN A 118 13.10 -2.80 -9.00
CA GLN A 118 14.04 -3.96 -8.94
C GLN A 118 15.35 -3.56 -8.27
N LEU A 119 15.74 -4.26 -7.25
CA LEU A 119 17.01 -3.91 -6.54
C LEU A 119 17.93 -5.13 -6.49
N ARG A 120 19.22 -4.92 -6.57
CA ARG A 120 20.17 -6.07 -6.51
C ARG A 120 21.41 -5.70 -5.69
N GLY A 121 21.22 -4.98 -4.62
CA GLY A 121 22.38 -4.58 -3.78
C GLY A 121 21.93 -4.40 -2.33
N LYS A 122 22.78 -3.86 -1.49
CA LYS A 122 22.40 -3.66 -0.07
C LYS A 122 21.69 -4.91 0.47
N GLY A 123 20.86 -4.75 1.48
CA GLY A 123 20.16 -5.93 2.04
C GLY A 123 20.37 -5.97 3.56
N ALA A 124 19.49 -5.36 4.31
CA ALA A 124 19.66 -5.37 5.79
C ALA A 124 18.45 -4.70 6.46
N ASP A 125 17.85 -3.74 5.82
CA ASP A 125 16.67 -3.06 6.44
C ASP A 125 16.08 -2.02 5.48
N ILE A 126 15.98 -2.35 4.22
CA ILE A 126 15.41 -1.38 3.24
C ILE A 126 13.93 -1.69 2.99
N ASP A 127 13.56 -2.94 2.99
CA ASP A 127 12.13 -3.30 2.76
C ASP A 127 11.24 -2.65 3.82
N GLU A 128 11.80 -2.22 4.91
CA GLU A 128 10.97 -1.57 5.96
C GLU A 128 10.74 -0.11 5.60
N LEU A 129 11.71 0.50 4.99
CA LEU A 129 11.58 1.93 4.60
C LEU A 129 10.56 2.05 3.45
N TRP A 130 10.67 1.20 2.47
CA TRP A 130 9.71 1.25 1.34
C TRP A 130 8.30 0.97 1.86
N LEU A 131 8.20 0.12 2.85
CA LEU A 131 6.86 -0.20 3.43
C LEU A 131 6.34 1.02 4.18
N ARG A 132 7.12 1.56 5.07
CA ARG A 132 6.67 2.76 5.83
C ARG A 132 6.06 3.75 4.84
N THR A 133 6.48 3.68 3.61
CA THR A 133 5.93 4.62 2.59
C THR A 133 4.61 4.05 2.04
N LEU A 134 4.48 2.76 1.97
CA LEU A 134 3.22 2.16 1.46
C LEU A 134 2.15 2.18 2.56
N LEU A 135 2.44 1.58 3.69
CA LEU A 135 1.46 1.58 4.80
C LEU A 135 1.08 3.02 5.15
N ALA A 136 2.00 3.94 5.01
CA ALA A 136 1.68 5.36 5.32
C ALA A 136 0.88 5.96 4.18
N VAL A 137 1.15 5.55 2.98
CA VAL A 137 0.41 6.08 1.80
C VAL A 137 -1.10 5.91 2.00
N ILE A 138 -1.54 4.78 2.49
CA ILE A 138 -3.01 4.58 2.68
C ILE A 138 -3.49 5.33 3.93
N GLY A 139 -2.75 5.28 4.99
CA GLY A 139 -3.16 5.99 6.23
C GLY A 139 -2.92 7.49 6.08
N GLU A 140 -1.98 7.87 5.25
CA GLU A 140 -1.71 9.31 5.05
C GLU A 140 -2.24 9.76 3.71
N THR A 141 -3.44 9.38 3.40
CA THR A 141 -4.06 9.76 2.10
C THR A 141 -4.45 11.24 2.13
N ILE A 142 -4.32 11.87 3.27
CA ILE A 142 -4.68 13.31 3.37
C ILE A 142 -4.16 14.06 2.12
N ASP A 143 -2.95 13.81 1.74
CA ASP A 143 -2.38 14.50 0.55
C ASP A 143 -0.90 14.15 0.38
N GLU A 144 -0.59 13.26 -0.53
CA GLU A 144 0.83 12.88 -0.73
C GLU A 144 0.99 12.13 -2.06
N ASP A 145 0.34 12.58 -3.09
CA ASP A 145 0.45 11.89 -4.41
C ASP A 145 -0.14 10.48 -4.33
N ASP A 146 -0.80 10.17 -3.24
CA ASP A 146 -1.40 8.80 -3.10
C ASP A 146 -2.67 8.88 -2.24
N SER A 147 -3.70 9.48 -2.76
CA SER A 147 -4.96 9.59 -1.98
C SER A 147 -5.93 8.47 -2.38
N GLN A 148 -6.47 8.54 -3.56
CA GLN A 148 -7.43 7.48 -4.00
C GLN A 148 -6.67 6.33 -4.69
N ILE A 149 -5.49 6.02 -4.22
CA ILE A 149 -4.71 4.91 -4.85
C ILE A 149 -5.57 3.64 -4.89
N ASN A 150 -4.99 2.53 -5.24
CA ASN A 150 -5.77 1.27 -5.30
C ASN A 150 -5.15 0.21 -4.38
N GLY A 151 -3.85 0.07 -4.40
CA GLY A 151 -3.23 -0.96 -3.52
C GLY A 151 -1.72 -1.01 -3.71
N VAL A 152 -1.04 -1.73 -2.87
CA VAL A 152 0.44 -1.84 -2.99
C VAL A 152 0.87 -3.31 -2.95
N VAL A 153 2.09 -3.59 -3.30
CA VAL A 153 2.58 -4.99 -3.29
C VAL A 153 4.10 -5.04 -3.09
N LEU A 154 4.60 -6.15 -2.65
CA LEU A 154 6.06 -6.30 -2.44
C LEU A 154 6.48 -7.73 -2.77
N SER A 155 7.67 -7.93 -3.27
CA SER A 155 8.08 -9.32 -3.60
C SER A 155 9.61 -9.42 -3.72
N ILE A 156 10.22 -10.23 -2.90
CA ILE A 156 11.70 -10.38 -2.99
C ILE A 156 12.04 -11.57 -3.88
N ARG A 157 13.26 -11.65 -4.35
CA ARG A 157 13.65 -12.79 -5.23
C ARG A 157 15.13 -13.13 -5.01
N LYS A 158 15.64 -14.10 -5.71
CA LYS A 158 17.07 -14.48 -5.55
C LYS A 158 17.98 -13.30 -5.87
N GLY A 159 18.66 -12.77 -4.88
CA GLY A 159 19.58 -11.62 -5.14
C GLY A 159 18.88 -10.61 -6.07
N GLY A 160 17.67 -10.27 -5.79
CA GLY A 160 16.94 -9.30 -6.66
C GLY A 160 15.52 -9.09 -6.11
N ASN A 161 15.38 -8.21 -5.16
CA ASN A 161 14.02 -7.96 -4.60
C ASN A 161 13.18 -7.14 -5.57
N LYS A 162 11.90 -7.07 -5.35
CA LYS A 162 11.03 -6.29 -6.27
C LYS A 162 9.71 -5.95 -5.59
N PHE A 163 9.27 -4.72 -5.70
CA PHE A 163 7.98 -4.35 -5.08
C PHE A 163 7.02 -3.82 -6.14
N ALA A 164 5.74 -3.79 -5.85
CA ALA A 164 4.77 -3.30 -6.86
C ALA A 164 3.79 -2.31 -6.23
N LEU A 165 3.73 -1.11 -6.74
CA LEU A 165 2.78 -0.11 -6.18
C LEU A 165 1.63 0.09 -7.17
N TRP A 166 0.41 -0.04 -6.73
CA TRP A 166 -0.72 0.14 -7.67
C TRP A 166 -1.42 1.46 -7.43
N THR A 167 -1.82 2.09 -8.49
CA THR A 167 -2.51 3.39 -8.35
C THR A 167 -3.89 3.34 -9.00
N LYS A 168 -4.92 3.68 -8.28
CA LYS A 168 -6.28 3.66 -8.85
C LYS A 168 -6.24 4.21 -10.28
N SER A 169 -5.40 5.19 -10.52
CA SER A 169 -5.27 5.82 -11.88
C SER A 169 -4.74 7.25 -11.74
N GLU A 170 -5.60 8.16 -11.44
CA GLU A 170 -5.18 9.59 -11.26
C GLU A 170 -4.14 9.99 -12.31
N ASP A 171 -4.16 9.39 -13.47
CA ASP A 171 -3.16 9.76 -14.51
C ASP A 171 -1.77 9.33 -14.07
N LYS A 172 -1.06 8.67 -14.93
CA LYS A 172 0.32 8.20 -14.58
C LYS A 172 1.24 9.39 -14.35
N GLU A 173 0.93 10.53 -14.89
CA GLU A 173 1.81 11.71 -14.67
C GLU A 173 2.15 11.83 -13.20
N PRO A 174 1.14 12.02 -12.40
CA PRO A 174 1.32 12.13 -10.94
C PRO A 174 1.84 10.80 -10.39
N LEU A 175 1.73 9.74 -11.14
CA LEU A 175 2.25 8.44 -10.65
C LEU A 175 3.76 8.39 -10.86
N LEU A 176 4.20 8.58 -12.06
CA LEU A 176 5.66 8.60 -12.30
C LEU A 176 6.31 9.52 -11.27
N ARG A 177 5.54 10.44 -10.75
CA ARG A 177 6.09 11.37 -9.72
C ARG A 177 6.20 10.63 -8.37
N ILE A 178 5.23 9.82 -8.04
CA ILE A 178 5.29 9.09 -6.75
C ILE A 178 6.32 7.96 -6.86
N GLY A 179 6.28 7.20 -7.92
CA GLY A 179 7.26 6.09 -8.08
C GLY A 179 8.67 6.67 -8.02
N GLY A 180 8.89 7.78 -8.67
CA GLY A 180 10.24 8.41 -8.64
C GLY A 180 10.68 8.59 -7.19
N LYS A 181 9.93 9.33 -6.42
CA LYS A 181 10.31 9.54 -4.99
C LYS A 181 10.37 8.18 -4.27
N PHE A 182 9.39 7.35 -4.48
CA PHE A 182 9.40 6.01 -3.83
C PHE A 182 10.57 5.18 -4.36
N LYS A 183 11.09 5.54 -5.51
CA LYS A 183 12.23 4.79 -6.08
C LYS A 183 13.49 5.05 -5.25
N GLN A 184 13.65 6.24 -4.76
CA GLN A 184 14.85 6.56 -3.95
C GLN A 184 14.73 5.95 -2.55
N VAL A 185 13.60 6.12 -1.92
CA VAL A 185 13.43 5.54 -0.55
C VAL A 185 13.99 4.12 -0.51
N LEU A 186 13.95 3.44 -1.63
CA LEU A 186 14.48 2.05 -1.66
C LEU A 186 15.98 2.06 -1.35
N LYS A 187 16.56 3.22 -1.35
CA LYS A 187 18.02 3.32 -1.06
C LYS A 187 18.81 2.68 -2.19
N LEU A 188 18.37 2.88 -3.40
CA LEU A 188 19.10 2.30 -4.57
C LEU A 188 20.38 3.08 -4.86
N THR A 189 20.85 3.04 -6.07
CA THR A 189 22.09 3.78 -6.42
C THR A 189 22.45 3.56 -7.89
N ASP A 190 22.17 2.38 -8.41
CA ASP A 190 22.50 2.11 -9.84
C ASP A 190 21.53 2.84 -10.76
N ASP A 191 20.45 3.34 -10.24
CA ASP A 191 19.47 4.08 -11.09
C ASP A 191 18.96 3.14 -12.21
N GLY A 192 18.05 3.62 -13.01
CA GLY A 192 17.50 2.76 -14.10
C GLY A 192 17.24 1.36 -13.56
N HIS A 193 16.50 1.26 -12.48
CA HIS A 193 16.21 -0.08 -11.90
C HIS A 193 14.71 -0.24 -11.64
N LEU A 194 14.00 0.83 -11.46
CA LEU A 194 12.54 0.71 -11.21
C LEU A 194 11.85 0.30 -12.51
N GLU A 195 10.66 -0.21 -12.43
CA GLU A 195 9.97 -0.62 -13.68
C GLU A 195 8.49 -0.29 -13.60
N PHE A 196 8.02 0.55 -14.49
CA PHE A 196 6.58 0.92 -14.46
C PHE A 196 5.80 0.01 -15.42
N PHE A 197 4.72 -0.57 -14.96
CA PHE A 197 3.93 -1.48 -15.84
C PHE A 197 2.45 -1.12 -15.83
N PRO A 198 1.87 -1.11 -16.99
CA PRO A 198 0.43 -0.80 -17.12
C PRO A 198 -0.39 -2.04 -16.79
N HIS A 199 -1.49 -1.90 -16.09
CA HIS A 199 -2.30 -3.09 -15.74
C HIS A 199 -2.49 -3.97 -16.98
N SER A 200 -2.46 -3.38 -18.14
CA SER A 200 -2.63 -4.17 -19.38
C SER A 200 -1.55 -5.25 -19.46
N SER A 201 -0.52 -5.14 -18.67
CA SER A 201 0.57 -6.15 -18.70
C SER A 201 0.17 -7.39 -17.89
N ALA A 202 -0.63 -7.23 -16.88
CA ALA A 202 -1.04 -8.39 -16.05
C ALA A 202 -2.25 -9.10 -16.67
N ASN A 203 -2.46 -8.93 -17.95
CA ASN A 203 -3.61 -9.59 -18.62
C ASN A 203 -3.62 -9.26 -20.12
N GLY A 204 -3.15 -8.09 -20.47
CA GLY A 204 -3.14 -7.71 -21.91
C GLY A 204 -1.78 -8.06 -22.52
N ARG A 205 -0.75 -8.08 -21.73
CA ARG A 205 0.60 -8.42 -22.27
C ARG A 205 1.63 -8.51 -21.14
N HIS A 206 1.82 -9.69 -20.61
CA HIS A 206 2.82 -9.85 -19.50
C HIS A 206 4.12 -9.14 -19.84
N PRO A 207 4.72 -9.56 -20.93
CA PRO A 207 5.99 -8.95 -21.38
C PRO A 207 5.75 -7.56 -21.97
N GLN A 208 5.70 -6.55 -21.13
CA GLN A 208 5.45 -5.17 -21.63
C GLN A 208 5.56 -4.16 -20.49
N PRO A 209 6.77 -3.74 -20.23
CA PRO A 209 7.00 -2.75 -19.15
C PRO A 209 6.51 -1.36 -19.58
N SER A 210 7.02 -0.32 -18.98
CA SER A 210 6.59 1.05 -19.37
C SER A 210 7.72 2.03 -19.14
N ILE A 211 8.31 2.01 -17.97
CA ILE A 211 9.43 2.94 -17.69
C ILE A 211 10.57 2.22 -16.97
N THR A 212 11.64 2.91 -16.74
CA THR A 212 12.79 2.31 -16.02
C THR A 212 13.56 3.40 -15.30
N LEU A 213 13.30 3.56 -14.04
CA LEU A 213 13.99 4.64 -13.26
C LEU A 213 15.09 4.08 -12.37
N MET A 1 -27.15 10.08 44.63
CA MET A 1 -26.63 8.99 43.76
C MET A 1 -27.67 7.88 43.64
N SER A 2 -28.56 7.98 42.67
CA SER A 2 -29.60 6.93 42.51
C SER A 2 -30.10 6.90 41.07
N VAL A 3 -29.60 6.00 40.28
CA VAL A 3 -30.03 5.92 38.85
C VAL A 3 -31.56 5.93 38.77
N GLU A 4 -32.11 6.08 37.59
CA GLU A 4 -33.59 6.11 37.45
C GLU A 4 -34.14 4.68 37.39
N GLU A 5 -33.29 3.70 37.49
CA GLU A 5 -33.77 2.28 37.44
C GLU A 5 -34.56 2.04 36.16
N VAL A 6 -34.33 2.84 35.15
CA VAL A 6 -35.09 2.65 33.87
C VAL A 6 -34.58 1.42 33.14
N SER A 7 -35.39 0.40 33.02
CA SER A 7 -34.95 -0.84 32.32
C SER A 7 -35.99 -1.24 31.27
N LYS A 8 -36.96 -2.03 31.64
CA LYS A 8 -38.00 -2.45 30.67
C LYS A 8 -38.62 -1.22 30.01
N LYS A 9 -38.70 -0.13 30.70
CA LYS A 9 -39.30 1.10 30.12
C LYS A 9 -38.82 1.29 28.68
N PHE A 10 -39.71 1.54 27.77
CA PHE A 10 -39.30 1.73 26.35
C PHE A 10 -38.19 2.78 26.25
N GLU A 11 -36.96 2.34 26.18
CA GLU A 11 -35.83 3.31 26.09
C GLU A 11 -34.51 2.57 25.86
N GLU A 12 -34.54 1.48 25.14
CA GLU A 12 -33.28 0.72 24.88
C GLU A 12 -33.04 0.57 23.38
N ASN A 13 -33.86 1.20 22.58
CA ASN A 13 -33.68 1.10 21.10
C ASN A 13 -33.04 2.39 20.56
N VAL A 14 -32.34 3.11 21.38
CA VAL A 14 -31.70 4.37 20.92
C VAL A 14 -30.29 4.09 20.41
N SER A 15 -30.17 3.38 19.32
CA SER A 15 -28.82 3.08 18.77
C SER A 15 -28.63 3.73 17.40
N VAL A 16 -29.47 3.40 16.46
CA VAL A 16 -29.35 4.00 15.11
C VAL A 16 -29.66 5.50 15.17
N ASP A 17 -30.33 5.94 16.19
CA ASP A 17 -30.66 7.39 16.31
C ASP A 17 -29.78 8.05 17.38
N ASP A 18 -29.09 9.11 17.02
CA ASP A 18 -28.22 9.80 18.02
C ASP A 18 -28.65 11.25 18.18
N THR A 19 -27.84 12.06 18.81
CA THR A 19 -28.20 13.50 18.99
C THR A 19 -26.97 14.29 19.43
N THR A 20 -26.93 15.56 19.10
CA THR A 20 -25.76 16.39 19.51
C THR A 20 -26.22 17.55 20.40
N ALA A 21 -27.46 17.54 20.82
CA ALA A 21 -27.95 18.64 21.69
C ALA A 21 -27.49 18.44 23.14
N THR A 22 -27.00 17.26 23.44
CA THR A 22 -26.52 17.01 24.83
C THR A 22 -25.22 17.76 25.10
N PRO A 23 -24.24 17.49 24.27
CA PRO A 23 -22.92 18.15 24.42
C PRO A 23 -23.00 19.62 23.98
N LYS A 24 -24.16 20.06 23.57
CA LYS A 24 -24.30 21.49 23.14
C LYS A 24 -23.51 21.73 21.84
N THR A 25 -22.23 21.49 21.88
CA THR A 25 -21.41 21.69 20.65
C THR A 25 -22.00 20.90 19.47
N VAL A 26 -22.25 21.56 18.38
CA VAL A 26 -22.83 20.84 17.20
C VAL A 26 -21.96 21.05 15.96
N LEU A 27 -20.66 20.94 16.11
CA LEU A 27 -19.76 21.14 14.94
C LEU A 27 -18.35 20.62 15.27
N SER A 28 -18.26 19.43 15.81
CA SER A 28 -16.92 18.87 16.15
C SER A 28 -16.06 18.75 14.88
N ASP A 29 -16.37 17.79 14.04
CA ASP A 29 -15.58 17.62 12.80
C ASP A 29 -14.08 17.78 13.08
N SER A 30 -13.65 17.39 14.25
CA SER A 30 -12.20 17.52 14.59
C SER A 30 -11.60 16.14 14.88
N ALA A 31 -11.90 15.17 14.05
CA ALA A 31 -11.34 13.81 14.28
C ALA A 31 -11.00 13.15 12.93
N HIS A 32 -10.70 13.93 11.94
CA HIS A 32 -10.35 13.36 10.61
C HIS A 32 -8.88 12.92 10.59
N PHE A 33 -8.01 13.75 11.08
CA PHE A 33 -6.56 13.38 11.09
C PHE A 33 -6.31 12.26 12.11
N ASP A 34 -5.39 11.38 11.81
CA ASP A 34 -5.10 10.26 12.76
C ASP A 34 -3.82 9.53 12.35
N VAL A 35 -3.93 8.63 11.41
CA VAL A 35 -2.73 7.87 10.94
C VAL A 35 -2.11 7.08 12.10
N LYS A 36 -2.79 6.98 13.20
CA LYS A 36 -2.25 6.22 14.36
C LYS A 36 -3.10 4.97 14.63
N HIS A 37 -3.99 4.67 13.72
CA HIS A 37 -4.88 3.46 13.87
C HIS A 37 -6.14 3.63 13.01
N PRO A 38 -6.96 4.58 13.37
CA PRO A 38 -8.20 4.81 12.58
C PRO A 38 -7.88 5.57 11.30
N LEU A 39 -7.16 4.99 10.37
CA LEU A 39 -6.85 5.75 9.12
C LEU A 39 -8.14 6.24 8.46
N ASN A 40 -8.57 5.60 7.40
CA ASN A 40 -9.81 6.02 6.72
C ASN A 40 -10.08 5.09 5.54
N THR A 41 -9.72 3.83 5.64
CA THR A 41 -9.94 2.91 4.50
C THR A 41 -10.11 1.48 4.98
N LYS A 42 -10.39 0.59 4.06
CA LYS A 42 -10.54 -0.84 4.42
C LYS A 42 -9.73 -1.69 3.43
N TRP A 43 -8.77 -2.42 3.90
CA TRP A 43 -7.95 -3.24 2.96
C TRP A 43 -7.70 -4.61 3.58
N THR A 44 -7.06 -5.48 2.84
CA THR A 44 -6.78 -6.84 3.37
C THR A 44 -5.29 -7.13 3.29
N LEU A 45 -4.85 -8.18 3.93
CA LEU A 45 -3.40 -8.50 3.94
C LEU A 45 -3.14 -9.88 3.31
N TRP A 46 -2.70 -9.90 2.08
CA TRP A 46 -2.42 -11.21 1.42
C TRP A 46 -0.92 -11.36 1.15
N TYR A 47 -0.28 -12.31 1.77
CA TYR A 47 1.18 -12.50 1.51
C TYR A 47 1.40 -13.81 0.76
N THR A 48 2.50 -13.94 0.07
CA THR A 48 2.72 -15.20 -0.70
C THR A 48 4.20 -15.63 -0.63
N LYS A 49 4.48 -16.81 -1.10
CA LYS A 49 5.88 -17.31 -1.10
C LYS A 49 5.98 -18.52 -2.04
N PRO A 50 6.28 -18.24 -3.28
CA PRO A 50 6.39 -19.32 -4.29
C PRO A 50 7.62 -20.18 -4.03
N ALA A 51 7.44 -21.31 -3.39
CA ALA A 51 8.61 -22.20 -3.11
C ALA A 51 8.20 -23.31 -2.14
N VAL A 52 7.20 -23.07 -1.34
CA VAL A 52 6.74 -24.11 -0.38
C VAL A 52 6.70 -25.47 -1.07
N ASP A 53 6.34 -25.50 -2.32
CA ASP A 53 6.27 -26.80 -3.06
C ASP A 53 5.08 -27.62 -2.58
N LYS A 54 4.33 -27.13 -1.65
CA LYS A 54 3.15 -27.88 -1.15
C LYS A 54 2.17 -28.04 -2.30
N SER A 55 2.03 -27.00 -3.07
CA SER A 55 1.10 -27.03 -4.22
C SER A 55 1.63 -26.16 -5.38
N GLU A 56 2.75 -25.50 -5.20
CA GLU A 56 3.31 -24.64 -6.28
C GLU A 56 2.19 -23.93 -7.05
N SER A 57 1.34 -23.22 -6.36
CA SER A 57 0.24 -22.50 -7.04
C SER A 57 0.06 -21.12 -6.43
N TRP A 58 0.17 -20.08 -7.21
CA TRP A 58 -0.01 -18.72 -6.63
C TRP A 58 -1.26 -18.71 -5.76
N SER A 59 -2.19 -19.57 -6.04
CA SER A 59 -3.44 -19.63 -5.24
C SER A 59 -3.22 -20.52 -4.01
N ASP A 60 -2.22 -21.36 -4.04
CA ASP A 60 -1.96 -22.25 -2.87
C ASP A 60 -1.00 -21.57 -1.89
N LEU A 61 -0.42 -20.46 -2.28
CA LEU A 61 0.53 -19.76 -1.37
C LEU A 61 -0.14 -18.54 -0.78
N LEU A 62 -0.50 -17.61 -1.63
CA LEU A 62 -1.15 -16.36 -1.14
C LEU A 62 -2.07 -16.63 0.05
N ARG A 63 -1.76 -16.08 1.18
CA ARG A 63 -2.63 -16.27 2.36
C ARG A 63 -3.39 -14.98 2.64
N PRO A 64 -4.66 -15.01 2.35
CA PRO A 64 -5.50 -13.80 2.56
C PRO A 64 -5.83 -13.66 4.04
N VAL A 65 -5.39 -12.60 4.66
CA VAL A 65 -5.66 -12.45 6.11
C VAL A 65 -5.93 -10.99 6.52
N THR A 66 -5.41 -10.60 7.65
CA THR A 66 -5.60 -9.23 8.21
C THR A 66 -6.15 -8.22 7.21
N SER A 67 -7.33 -7.75 7.46
CA SER A 67 -7.94 -6.73 6.58
C SER A 67 -8.63 -5.71 7.46
N PHE A 68 -7.92 -4.68 7.83
CA PHE A 68 -8.54 -3.68 8.73
C PHE A 68 -8.12 -2.24 8.42
N GLN A 69 -8.54 -1.34 9.26
CA GLN A 69 -8.21 0.09 9.12
C GLN A 69 -7.29 0.46 10.29
N THR A 70 -6.13 -0.12 10.34
CA THR A 70 -5.21 0.17 11.46
C THR A 70 -3.76 -0.05 11.04
N VAL A 71 -2.91 0.87 11.35
CA VAL A 71 -1.47 0.71 10.99
C VAL A 71 -0.90 -0.45 11.78
N GLU A 72 -1.43 -0.71 12.94
CA GLU A 72 -0.93 -1.85 13.76
C GLU A 72 -0.89 -3.14 12.95
N GLU A 73 -2.02 -3.59 12.49
CA GLU A 73 -2.06 -4.86 11.70
C GLU A 73 -0.96 -4.82 10.64
N PHE A 74 -1.04 -3.88 9.75
CA PHE A 74 0.01 -3.78 8.69
C PHE A 74 1.38 -3.84 9.35
N TRP A 75 1.57 -3.09 10.40
CA TRP A 75 2.88 -3.10 11.11
C TRP A 75 3.21 -4.53 11.50
N ALA A 76 2.20 -5.32 11.72
CA ALA A 76 2.44 -6.75 12.10
C ALA A 76 3.28 -7.41 11.01
N ILE A 77 2.77 -7.45 9.81
CA ILE A 77 3.56 -8.07 8.71
C ILE A 77 4.98 -7.50 8.74
N ILE A 78 5.12 -6.27 9.18
CA ILE A 78 6.49 -5.67 9.27
C ILE A 78 7.16 -6.14 10.56
N GLN A 79 6.39 -6.39 11.58
CA GLN A 79 6.99 -6.87 12.86
C GLN A 79 7.95 -8.01 12.57
N ASN A 80 7.66 -8.78 11.56
CA ASN A 80 8.55 -9.91 11.18
C ASN A 80 9.86 -9.38 10.58
N ILE A 81 9.86 -8.11 10.29
CA ILE A 81 11.05 -7.48 9.65
C ILE A 81 11.80 -8.46 8.75
N PRO A 82 11.08 -9.10 7.85
CA PRO A 82 11.70 -10.05 6.92
C PRO A 82 12.14 -9.32 5.66
N GLU A 83 11.53 -8.20 5.41
CA GLU A 83 11.86 -7.38 4.21
C GLU A 83 13.26 -6.76 4.28
N PRO A 84 13.60 -6.20 5.41
CA PRO A 84 14.93 -5.56 5.54
C PRO A 84 16.03 -6.61 5.48
N HIS A 85 16.06 -7.39 4.43
CA HIS A 85 17.11 -8.44 4.30
C HIS A 85 16.92 -9.48 5.41
N GLU A 86 15.71 -9.93 5.59
CA GLU A 86 15.45 -10.92 6.66
C GLU A 86 14.52 -12.03 6.14
N LEU A 87 14.15 -11.97 4.89
CA LEU A 87 13.25 -13.01 4.32
C LEU A 87 14.03 -13.94 3.38
N PRO A 88 13.42 -15.05 3.07
CA PRO A 88 14.04 -16.03 2.15
C PRO A 88 13.83 -15.59 0.70
N LEU A 89 14.02 -14.32 0.41
CA LEU A 89 13.83 -13.80 -0.96
C LEU A 89 12.63 -14.45 -1.65
N LYS A 90 12.52 -14.28 -2.94
CA LYS A 90 11.38 -14.88 -3.68
C LYS A 90 10.07 -14.65 -2.92
N SER A 91 10.04 -13.65 -2.12
CA SER A 91 8.81 -13.37 -1.31
C SER A 91 7.80 -12.54 -2.12
N ASP A 92 6.60 -12.41 -1.63
CA ASP A 92 5.57 -11.62 -2.36
C ASP A 92 4.43 -11.21 -1.42
N TYR A 93 4.47 -10.03 -0.85
CA TYR A 93 3.38 -9.60 0.06
C TYR A 93 2.38 -8.70 -0.68
N HIS A 94 1.15 -8.67 -0.26
CA HIS A 94 0.14 -7.82 -0.97
C HIS A 94 -0.89 -7.27 0.02
N VAL A 95 -0.98 -5.97 0.12
CA VAL A 95 -2.00 -5.38 1.05
C VAL A 95 -2.67 -4.18 0.37
N PHE A 96 -3.96 -4.20 0.25
CA PHE A 96 -4.66 -3.09 -0.45
C PHE A 96 -6.17 -3.36 -0.51
N ARG A 97 -6.81 -3.03 -1.62
CA ARG A 97 -8.28 -3.26 -1.77
C ARG A 97 -9.06 -2.10 -1.16
N ASN A 98 -8.38 -1.07 -0.74
CA ASN A 98 -9.08 0.09 -0.14
C ASN A 98 -10.21 0.53 -1.08
N ASP A 99 -10.10 0.19 -2.34
CA ASP A 99 -11.16 0.59 -3.32
C ASP A 99 -10.91 -0.03 -4.70
N VAL A 100 -10.11 -1.06 -4.80
CA VAL A 100 -9.87 -1.67 -6.13
C VAL A 100 -10.58 -3.02 -6.21
N ARG A 101 -9.96 -3.97 -6.83
CA ARG A 101 -10.57 -5.33 -6.95
C ARG A 101 -10.03 -6.25 -5.85
N PRO A 102 -10.37 -7.50 -5.94
CA PRO A 102 -9.95 -8.49 -4.92
C PRO A 102 -8.62 -9.19 -5.24
N GLU A 103 -7.85 -8.76 -6.22
CA GLU A 103 -6.56 -9.50 -6.46
C GLU A 103 -5.72 -8.86 -7.56
N TRP A 104 -4.44 -9.11 -7.53
CA TRP A 104 -3.53 -8.54 -8.57
C TRP A 104 -4.12 -8.88 -9.94
N GLU A 105 -4.92 -9.90 -9.99
CA GLU A 105 -5.54 -10.30 -11.28
C GLU A 105 -6.82 -9.48 -11.49
N ASP A 106 -7.00 -8.47 -10.68
CA ASP A 106 -8.20 -7.60 -10.81
C ASP A 106 -7.89 -6.22 -10.24
N GLU A 107 -7.24 -6.17 -9.11
CA GLU A 107 -6.87 -4.85 -8.53
C GLU A 107 -6.08 -4.08 -9.56
N ALA A 108 -5.27 -4.77 -10.31
CA ALA A 108 -4.47 -4.10 -11.36
C ALA A 108 -5.39 -3.77 -12.52
N ASN A 109 -6.49 -4.45 -12.60
CA ASN A 109 -7.48 -4.19 -13.68
C ASN A 109 -8.21 -2.90 -13.33
N ALA A 110 -8.31 -2.63 -12.07
CA ALA A 110 -8.99 -1.39 -11.59
C ALA A 110 -7.99 -0.25 -11.47
N LYS A 111 -6.92 -0.47 -10.75
CA LYS A 111 -5.89 0.59 -10.58
C LYS A 111 -5.11 0.76 -11.89
N GLY A 112 -5.08 -0.26 -12.69
CA GLY A 112 -4.36 -0.21 -14.00
C GLY A 112 -3.01 0.52 -13.91
N GLY A 113 -2.44 0.66 -12.74
CA GLY A 113 -1.13 1.36 -12.63
C GLY A 113 -0.25 0.62 -11.62
N LYS A 114 0.66 -0.20 -12.08
CA LYS A 114 1.54 -0.95 -11.14
C LYS A 114 2.99 -0.53 -11.30
N TRP A 115 3.52 0.21 -10.37
CA TRP A 115 4.95 0.64 -10.48
C TRP A 115 5.85 -0.34 -9.74
N SER A 116 6.81 -0.92 -10.40
CA SER A 116 7.71 -1.89 -9.73
C SER A 116 9.09 -1.29 -9.51
N PHE A 117 9.78 -1.73 -8.49
CA PHE A 117 11.15 -1.21 -8.22
C PHE A 117 12.08 -2.37 -7.92
N GLN A 118 13.02 -2.63 -8.80
CA GLN A 118 13.96 -3.78 -8.58
C GLN A 118 15.25 -3.27 -7.92
N LEU A 119 15.66 -3.90 -6.86
CA LEU A 119 16.90 -3.47 -6.16
C LEU A 119 17.93 -4.60 -6.17
N ARG A 120 19.20 -4.26 -6.10
CA ARG A 120 20.26 -5.30 -6.10
C ARG A 120 21.31 -4.99 -5.04
N GLY A 121 21.59 -3.74 -4.82
CA GLY A 121 22.61 -3.37 -3.80
C GLY A 121 22.17 -3.88 -2.42
N LYS A 122 22.27 -3.05 -1.41
CA LYS A 122 21.86 -3.49 -0.05
C LYS A 122 21.61 -2.26 0.85
N GLY A 123 21.63 -2.45 2.14
CA GLY A 123 21.38 -1.31 3.06
C GLY A 123 21.15 -1.85 4.48
N ALA A 124 20.67 -3.07 4.59
CA ALA A 124 20.41 -3.69 5.93
C ALA A 124 19.11 -3.17 6.55
N ASP A 125 18.57 -2.10 6.02
CA ASP A 125 17.31 -1.56 6.59
C ASP A 125 16.59 -0.67 5.57
N ILE A 126 16.63 -1.04 4.31
CA ILE A 126 15.96 -0.21 3.28
C ILE A 126 14.47 -0.56 3.20
N ASP A 127 14.15 -1.82 3.31
CA ASP A 127 12.72 -2.25 3.23
C ASP A 127 11.94 -1.78 4.46
N GLU A 128 12.62 -1.31 5.48
CA GLU A 128 11.88 -0.85 6.69
C GLU A 128 11.47 0.61 6.52
N LEU A 129 12.20 1.33 5.73
CA LEU A 129 11.86 2.75 5.50
C LEU A 129 10.93 2.85 4.29
N TRP A 130 11.21 2.08 3.28
CA TRP A 130 10.34 2.09 2.08
C TRP A 130 8.96 1.57 2.46
N LEU A 131 8.90 0.69 3.42
CA LEU A 131 7.59 0.14 3.87
C LEU A 131 6.85 1.19 4.70
N ARG A 132 7.48 1.69 5.73
CA ARG A 132 6.82 2.72 6.57
C ARG A 132 6.12 3.72 5.66
N THR A 133 6.64 3.89 4.48
CA THR A 133 6.01 4.85 3.53
C THR A 133 4.84 4.18 2.79
N LEU A 134 4.94 2.90 2.54
CA LEU A 134 3.83 2.20 1.83
C LEU A 134 2.72 1.84 2.83
N LEU A 135 3.08 1.29 3.96
CA LEU A 135 2.03 0.93 4.96
C LEU A 135 1.29 2.18 5.40
N ALA A 136 1.96 3.29 5.49
CA ALA A 136 1.27 4.55 5.90
C ALA A 136 0.39 5.09 4.76
N VAL A 137 0.84 4.92 3.55
CA VAL A 137 0.06 5.42 2.39
C VAL A 137 -1.26 4.64 2.21
N ILE A 138 -1.35 3.44 2.72
CA ILE A 138 -2.61 2.67 2.57
C ILE A 138 -3.80 3.50 3.05
N GLY A 139 -3.61 4.25 4.09
CA GLY A 139 -4.71 5.10 4.63
C GLY A 139 -5.32 5.91 3.49
N GLU A 140 -4.59 6.11 2.42
CA GLU A 140 -5.11 6.90 1.28
C GLU A 140 -5.17 8.38 1.64
N THR A 141 -4.10 8.90 2.18
CA THR A 141 -4.07 10.33 2.56
C THR A 141 -4.72 11.17 1.45
N ILE A 142 -4.58 10.73 0.22
CA ILE A 142 -5.17 11.46 -0.93
C ILE A 142 -4.33 12.70 -1.28
N ASP A 143 -3.48 13.15 -0.39
CA ASP A 143 -2.64 14.33 -0.69
C ASP A 143 -1.40 14.33 0.22
N GLU A 144 -0.37 13.64 -0.18
CA GLU A 144 0.86 13.59 0.65
C GLU A 144 1.95 12.76 -0.04
N ASP A 145 1.56 11.78 -0.80
CA ASP A 145 2.56 10.93 -1.50
C ASP A 145 1.90 10.14 -2.64
N ASP A 146 1.32 9.02 -2.33
CA ASP A 146 0.65 8.20 -3.38
C ASP A 146 -0.26 9.09 -4.24
N SER A 147 -1.04 9.94 -3.62
CA SER A 147 -1.94 10.83 -4.40
C SER A 147 -3.05 10.01 -5.06
N GLN A 148 -4.07 9.68 -4.34
CA GLN A 148 -5.19 8.87 -4.93
C GLN A 148 -4.67 7.53 -5.44
N ILE A 149 -4.42 6.60 -4.55
CA ILE A 149 -3.91 5.26 -4.97
C ILE A 149 -4.88 4.17 -4.50
N ASN A 150 -4.57 2.92 -4.76
CA ASN A 150 -5.48 1.83 -4.33
C ASN A 150 -4.73 0.86 -3.41
N GLY A 151 -3.47 0.61 -3.66
CA GLY A 151 -2.77 -0.35 -2.78
C GLY A 151 -1.31 -0.53 -3.19
N VAL A 152 -0.60 -1.33 -2.45
CA VAL A 152 0.82 -1.58 -2.77
C VAL A 152 1.14 -3.08 -2.64
N VAL A 153 2.26 -3.48 -3.16
CA VAL A 153 2.63 -4.92 -3.08
C VAL A 153 4.16 -5.07 -2.97
N LEU A 154 4.61 -6.15 -2.41
CA LEU A 154 6.07 -6.36 -2.28
C LEU A 154 6.45 -7.76 -2.79
N SER A 155 7.61 -7.90 -3.37
CA SER A 155 8.00 -9.24 -3.87
C SER A 155 9.51 -9.33 -4.06
N ILE A 156 10.15 -10.17 -3.31
CA ILE A 156 11.63 -10.32 -3.45
C ILE A 156 11.95 -11.53 -4.33
N ARG A 157 13.10 -11.54 -4.94
CA ARG A 157 13.47 -12.69 -5.81
C ARG A 157 14.96 -13.00 -5.65
N LYS A 158 15.27 -14.04 -4.91
CA LYS A 158 16.71 -14.42 -4.70
C LYS A 158 17.58 -13.17 -4.56
N GLY A 159 18.15 -12.69 -5.63
CA GLY A 159 19.00 -11.47 -5.55
C GLY A 159 18.37 -10.35 -6.37
N GLY A 160 17.29 -9.79 -5.91
CA GLY A 160 16.63 -8.70 -6.66
C GLY A 160 15.26 -8.40 -6.05
N ASN A 161 15.21 -7.54 -5.06
CA ASN A 161 13.92 -7.21 -4.42
C ASN A 161 13.03 -6.44 -5.40
N LYS A 162 11.74 -6.61 -5.29
CA LYS A 162 10.82 -5.89 -6.22
C LYS A 162 9.52 -5.56 -5.52
N PHE A 163 9.15 -4.31 -5.49
CA PHE A 163 7.86 -3.93 -4.83
C PHE A 163 6.86 -3.45 -5.88
N ALA A 164 5.64 -3.87 -5.79
CA ALA A 164 4.63 -3.43 -6.82
C ALA A 164 3.65 -2.42 -6.21
N LEU A 165 3.74 -1.18 -6.62
CA LEU A 165 2.81 -0.16 -6.07
C LEU A 165 1.57 -0.08 -6.97
N TRP A 166 0.40 -0.23 -6.40
CA TRP A 166 -0.82 -0.16 -7.24
C TRP A 166 -1.42 1.23 -7.19
N THR A 167 -1.79 1.76 -8.33
CA THR A 167 -2.35 3.13 -8.35
C THR A 167 -3.73 3.16 -9.00
N LYS A 168 -4.67 3.77 -8.34
CA LYS A 168 -6.05 3.87 -8.89
C LYS A 168 -6.04 4.35 -10.35
N SER A 169 -4.94 4.89 -10.83
CA SER A 169 -4.87 5.38 -12.25
C SER A 169 -5.59 6.71 -12.39
N GLU A 170 -6.20 7.19 -11.34
CA GLU A 170 -6.91 8.50 -11.42
C GLU A 170 -6.03 9.51 -12.17
N ASP A 171 -4.75 9.28 -12.21
CA ASP A 171 -3.83 10.20 -12.93
C ASP A 171 -2.43 9.58 -12.98
N LYS A 172 -1.91 9.38 -14.15
CA LYS A 172 -0.55 8.77 -14.26
C LYS A 172 0.54 9.81 -14.01
N GLU A 173 0.21 11.07 -14.07
CA GLU A 173 1.24 12.11 -13.81
C GLU A 173 1.90 11.84 -12.46
N PRO A 174 1.09 11.63 -11.44
CA PRO A 174 1.65 11.34 -10.11
C PRO A 174 2.37 9.99 -10.11
N LEU A 175 2.11 9.15 -11.09
CA LEU A 175 2.81 7.84 -11.13
C LEU A 175 4.27 8.08 -11.51
N LEU A 176 4.51 8.65 -12.66
CA LEU A 176 5.92 8.92 -13.05
C LEU A 176 6.59 9.67 -11.90
N ARG A 177 5.81 10.33 -11.11
CA ARG A 177 6.38 11.08 -9.94
C ARG A 177 6.54 10.12 -8.76
N ILE A 178 5.64 9.18 -8.64
CA ILE A 178 5.74 8.20 -7.52
C ILE A 178 6.89 7.22 -7.80
N GLY A 179 7.10 6.88 -9.04
CA GLY A 179 8.21 5.94 -9.38
C GLY A 179 9.56 6.63 -9.14
N GLY A 180 9.78 7.77 -9.75
CA GLY A 180 11.07 8.47 -9.54
C GLY A 180 11.39 8.54 -8.04
N LYS A 181 10.44 8.97 -7.25
CA LYS A 181 10.69 9.05 -5.78
C LYS A 181 10.93 7.65 -5.22
N PHE A 182 10.03 6.73 -5.46
CA PHE A 182 10.21 5.35 -4.94
C PHE A 182 11.46 4.72 -5.56
N LYS A 183 11.99 5.32 -6.59
CA LYS A 183 13.21 4.77 -7.23
C LYS A 183 14.42 5.00 -6.32
N GLN A 184 14.70 6.22 -5.98
CA GLN A 184 15.86 6.51 -5.09
C GLN A 184 15.58 6.05 -3.66
N VAL A 185 14.34 6.09 -3.25
CA VAL A 185 14.02 5.63 -1.87
C VAL A 185 14.69 4.29 -1.62
N LEU A 186 14.83 3.50 -2.65
CA LEU A 186 15.49 2.18 -2.49
C LEU A 186 16.94 2.39 -2.07
N LYS A 187 17.42 3.59 -2.18
CA LYS A 187 18.83 3.90 -1.79
C LYS A 187 19.80 3.30 -2.82
N LEU A 188 19.44 3.33 -4.07
CA LEU A 188 20.34 2.77 -5.11
C LEU A 188 21.26 3.86 -5.66
N THR A 189 21.89 3.61 -6.77
CA THR A 189 22.80 4.63 -7.37
C THR A 189 23.50 4.05 -8.60
N ASP A 190 22.83 3.23 -9.36
CA ASP A 190 23.47 2.64 -10.57
C ASP A 190 22.77 3.12 -11.84
N ASP A 191 21.71 3.86 -11.70
CA ASP A 191 20.97 4.36 -12.90
C ASP A 191 19.64 4.97 -12.48
N GLY A 192 18.87 4.27 -11.70
CA GLY A 192 17.56 4.81 -11.25
C GLY A 192 16.69 3.66 -10.73
N HIS A 193 16.72 2.53 -11.38
CA HIS A 193 15.91 1.38 -10.92
C HIS A 193 14.43 1.77 -10.85
N LEU A 194 13.61 1.15 -11.64
CA LEU A 194 12.15 1.48 -11.62
C LEU A 194 11.40 0.63 -12.65
N GLU A 195 10.10 0.52 -12.52
CA GLU A 195 9.33 -0.28 -13.51
C GLU A 195 7.89 0.23 -13.59
N PHE A 196 7.35 0.33 -14.78
CA PHE A 196 5.96 0.81 -14.93
C PHE A 196 5.10 -0.27 -15.58
N PHE A 197 4.13 -0.76 -14.86
CA PHE A 197 3.24 -1.83 -15.42
C PHE A 197 1.78 -1.40 -15.34
N PRO A 198 1.29 -0.84 -16.41
CA PRO A 198 -0.12 -0.37 -16.45
C PRO A 198 -1.06 -1.57 -16.61
N HIS A 199 -2.34 -1.35 -16.45
CA HIS A 199 -3.32 -2.47 -16.60
C HIS A 199 -2.93 -3.33 -17.79
N SER A 200 -2.29 -2.74 -18.76
CA SER A 200 -1.87 -3.50 -19.98
C SER A 200 -1.07 -4.74 -19.57
N SER A 201 -0.54 -4.74 -18.38
CA SER A 201 0.25 -5.93 -17.93
C SER A 201 -0.62 -6.82 -17.03
N ALA A 202 -1.88 -6.50 -16.91
CA ALA A 202 -2.77 -7.33 -16.05
C ALA A 202 -4.22 -6.87 -16.19
N ASN A 203 -4.82 -7.08 -17.33
CA ASN A 203 -6.23 -6.65 -17.53
C ASN A 203 -6.91 -7.53 -18.58
N GLY A 204 -6.21 -7.89 -19.62
CA GLY A 204 -6.81 -8.75 -20.67
C GLY A 204 -6.07 -10.08 -20.74
N ARG A 205 -4.79 -10.04 -21.00
CA ARG A 205 -4.00 -11.29 -21.08
C ARG A 205 -2.56 -10.99 -21.52
N HIS A 206 -2.40 -10.30 -22.61
CA HIS A 206 -1.04 -9.98 -23.09
C HIS A 206 -0.31 -9.09 -22.07
N PRO A 207 0.74 -9.62 -21.51
CA PRO A 207 1.53 -8.87 -20.51
C PRO A 207 2.33 -7.76 -21.17
N GLN A 208 1.87 -6.54 -21.08
CA GLN A 208 2.62 -5.42 -21.72
C GLN A 208 2.84 -4.29 -20.70
N PRO A 209 4.02 -4.27 -20.14
CA PRO A 209 4.37 -3.23 -19.13
C PRO A 209 4.57 -1.89 -19.81
N SER A 210 5.29 -0.99 -19.17
CA SER A 210 5.54 0.34 -19.79
C SER A 210 7.04 0.56 -19.90
N ILE A 211 7.75 0.41 -18.82
CA ILE A 211 9.23 0.61 -18.88
C ILE A 211 9.88 0.03 -17.62
N THR A 212 11.18 -0.01 -17.59
CA THR A 212 11.89 -0.56 -16.40
C THR A 212 13.27 0.08 -16.26
N LEU A 213 13.37 1.06 -15.41
CA LEU A 213 14.69 1.74 -15.21
C LEU A 213 15.48 1.03 -14.12
N MET A 1 -26.43 7.15 49.25
CA MET A 1 -25.92 6.21 50.29
C MET A 1 -26.94 5.12 50.57
N SER A 2 -28.06 5.14 49.90
CA SER A 2 -29.10 4.10 50.13
C SER A 2 -29.44 3.39 48.84
N VAL A 3 -29.76 4.13 47.81
CA VAL A 3 -30.11 3.50 46.50
C VAL A 3 -29.00 3.76 45.48
N GLU A 4 -27.82 4.08 45.93
CA GLU A 4 -26.69 4.33 44.99
C GLU A 4 -26.99 5.57 44.15
N GLU A 5 -27.67 6.54 44.71
CA GLU A 5 -27.99 7.77 43.93
C GLU A 5 -27.29 8.98 44.56
N VAL A 6 -26.00 9.07 44.41
CA VAL A 6 -25.26 10.22 45.00
C VAL A 6 -24.53 11.00 43.90
N SER A 7 -24.99 10.91 42.68
CA SER A 7 -24.32 11.64 41.56
C SER A 7 -24.32 13.15 41.84
N LYS A 8 -23.34 13.63 42.56
CA LYS A 8 -23.29 15.09 42.86
C LYS A 8 -22.78 15.86 41.64
N LYS A 9 -23.64 16.13 40.69
CA LYS A 9 -23.21 16.87 39.48
C LYS A 9 -24.40 17.64 38.87
N PHE A 10 -24.85 18.67 39.53
CA PHE A 10 -26.00 19.45 39.00
C PHE A 10 -25.80 20.94 39.25
N GLU A 11 -25.45 21.31 40.45
CA GLU A 11 -25.23 22.76 40.76
C GLU A 11 -24.14 23.33 39.85
N GLU A 12 -24.09 24.63 39.72
CA GLU A 12 -23.06 25.26 38.85
C GLU A 12 -22.29 26.32 39.62
N ASN A 13 -21.32 26.95 39.00
CA ASN A 13 -20.54 28.00 39.70
C ASN A 13 -19.96 29.00 38.69
N VAL A 14 -19.24 28.51 37.71
CA VAL A 14 -18.65 29.42 36.69
C VAL A 14 -17.91 30.58 37.38
N SER A 15 -17.43 30.35 38.56
CA SER A 15 -16.69 31.43 39.29
C SER A 15 -15.25 31.54 38.76
N VAL A 16 -14.70 30.45 38.31
CA VAL A 16 -13.30 30.48 37.78
C VAL A 16 -13.21 29.71 36.47
N ASP A 17 -14.16 29.89 35.59
CA ASP A 17 -14.12 29.16 34.29
C ASP A 17 -14.10 30.15 33.13
N ASP A 18 -13.01 30.22 32.41
CA ASP A 18 -12.94 31.17 31.26
C ASP A 18 -12.08 30.58 30.14
N THR A 19 -12.16 29.30 29.93
CA THR A 19 -11.34 28.66 28.86
C THR A 19 -12.19 28.46 27.60
N THR A 20 -12.79 29.50 27.09
CA THR A 20 -13.62 29.37 25.88
C THR A 20 -13.38 30.56 24.94
N ALA A 21 -12.56 30.38 23.94
CA ALA A 21 -12.28 31.50 23.00
C ALA A 21 -13.30 31.48 21.84
N THR A 22 -14.55 31.68 22.14
CA THR A 22 -15.59 31.66 21.07
C THR A 22 -15.46 32.91 20.18
N PRO A 23 -15.50 34.05 20.80
CA PRO A 23 -15.40 35.33 20.06
C PRO A 23 -13.96 35.55 19.58
N LYS A 24 -13.00 34.90 20.20
CA LYS A 24 -11.59 35.09 19.78
C LYS A 24 -11.14 33.92 18.88
N THR A 25 -10.62 32.88 19.46
CA THR A 25 -10.18 31.72 18.64
C THR A 25 -9.66 30.59 19.54
N VAL A 26 -10.15 29.40 19.35
CA VAL A 26 -9.69 28.26 20.19
C VAL A 26 -8.27 27.84 19.80
N LEU A 27 -8.02 27.66 18.53
CA LEU A 27 -6.66 27.27 18.09
C LEU A 27 -6.30 25.88 18.65
N SER A 28 -6.69 24.84 17.97
CA SER A 28 -6.36 23.47 18.47
C SER A 28 -5.82 22.62 17.32
N ASP A 29 -5.14 21.54 17.64
CA ASP A 29 -4.58 20.66 16.56
C ASP A 29 -5.26 19.30 16.60
N SER A 30 -6.38 19.16 15.94
CA SER A 30 -7.09 17.85 15.92
C SER A 30 -6.78 17.09 14.62
N ALA A 31 -5.78 16.26 14.63
CA ALA A 31 -5.44 15.50 13.39
C ALA A 31 -6.30 14.24 13.28
N HIS A 32 -6.24 13.57 12.17
CA HIS A 32 -7.06 12.32 12.00
C HIS A 32 -6.43 11.17 12.79
N PHE A 33 -6.58 11.16 14.08
CA PHE A 33 -5.99 10.07 14.90
C PHE A 33 -7.07 9.42 15.77
N ASP A 34 -7.99 8.71 15.17
CA ASP A 34 -9.06 8.05 15.96
C ASP A 34 -8.46 7.06 16.95
N VAL A 35 -7.95 5.96 16.46
CA VAL A 35 -7.34 4.95 17.38
C VAL A 35 -5.92 4.63 16.93
N LYS A 36 -5.10 5.63 16.81
CA LYS A 36 -3.68 5.42 16.36
C LYS A 36 -3.64 5.10 14.86
N HIS A 37 -4.49 4.23 14.42
CA HIS A 37 -4.52 3.88 12.97
C HIS A 37 -4.43 5.16 12.15
N PRO A 38 -3.42 5.23 11.34
CA PRO A 38 -3.23 6.43 10.51
C PRO A 38 -4.28 6.52 9.40
N LEU A 39 -5.19 5.58 9.31
CA LEU A 39 -6.20 5.68 8.25
C LEU A 39 -7.52 5.12 8.75
N ASN A 40 -8.40 4.79 7.86
CA ASN A 40 -9.71 4.25 8.27
C ASN A 40 -10.37 3.58 7.08
N THR A 41 -9.57 3.08 6.17
CA THR A 41 -10.17 2.42 4.97
C THR A 41 -10.13 0.90 5.08
N LYS A 42 -11.01 0.26 4.37
CA LYS A 42 -11.09 -1.22 4.43
C LYS A 42 -10.24 -1.93 3.37
N TRP A 43 -9.36 -2.79 3.81
CA TRP A 43 -8.52 -3.57 2.85
C TRP A 43 -7.96 -4.81 3.57
N THR A 44 -7.28 -5.68 2.87
CA THR A 44 -6.76 -6.91 3.55
C THR A 44 -5.26 -7.11 3.34
N LEU A 45 -4.67 -7.99 4.10
CA LEU A 45 -3.21 -8.24 4.00
C LEU A 45 -2.94 -9.63 3.39
N TRP A 46 -2.50 -9.68 2.17
CA TRP A 46 -2.21 -11.01 1.55
C TRP A 46 -0.72 -11.16 1.23
N TYR A 47 -0.05 -12.06 1.90
CA TYR A 47 1.40 -12.26 1.59
C TYR A 47 1.63 -13.67 1.03
N THR A 48 2.53 -13.80 0.09
CA THR A 48 2.79 -15.14 -0.51
C THR A 48 4.21 -15.60 -0.17
N LYS A 49 4.37 -16.84 0.20
CA LYS A 49 5.74 -17.34 0.54
C LYS A 49 6.23 -18.31 -0.54
N PRO A 50 5.60 -19.45 -0.64
CA PRO A 50 6.01 -20.44 -1.67
C PRO A 50 5.56 -19.98 -3.05
N ALA A 51 5.45 -20.89 -3.99
CA ALA A 51 5.01 -20.51 -5.35
C ALA A 51 4.54 -21.75 -6.11
N VAL A 52 5.43 -22.60 -6.46
CA VAL A 52 5.06 -23.83 -7.18
C VAL A 52 4.77 -24.94 -6.16
N ASP A 53 4.48 -24.55 -4.94
CA ASP A 53 4.19 -25.53 -3.86
C ASP A 53 3.46 -26.75 -4.41
N LYS A 54 4.21 -27.72 -4.86
CA LYS A 54 3.58 -28.94 -5.42
C LYS A 54 2.64 -28.54 -6.57
N SER A 55 2.83 -27.36 -7.09
CA SER A 55 1.94 -26.86 -8.19
C SER A 55 0.63 -26.43 -7.58
N GLU A 56 0.64 -26.15 -6.31
CA GLU A 56 -0.61 -25.73 -5.63
C GLU A 56 -1.34 -24.69 -6.47
N SER A 57 -0.97 -23.46 -6.32
CA SER A 57 -1.63 -22.36 -7.11
C SER A 57 -1.32 -21.02 -6.47
N TRP A 58 -1.00 -20.02 -7.25
CA TRP A 58 -0.71 -18.70 -6.65
C TRP A 58 -1.82 -18.38 -5.63
N SER A 59 -2.98 -18.93 -5.84
CA SER A 59 -4.11 -18.68 -4.90
C SER A 59 -4.03 -19.64 -3.72
N ASP A 60 -3.31 -20.72 -3.87
CA ASP A 60 -3.18 -21.69 -2.74
C ASP A 60 -2.03 -21.27 -1.83
N LEU A 61 -1.22 -20.34 -2.26
CA LEU A 61 -0.09 -19.87 -1.42
C LEU A 61 -0.46 -18.57 -0.74
N LEU A 62 -0.69 -17.55 -1.52
CA LEU A 62 -1.07 -16.24 -0.94
C LEU A 62 -1.94 -16.41 0.31
N ARG A 63 -1.49 -15.94 1.44
CA ARG A 63 -2.29 -16.07 2.67
C ARG A 63 -3.06 -14.76 2.92
N PRO A 64 -4.34 -14.82 2.70
CA PRO A 64 -5.18 -13.62 2.90
C PRO A 64 -5.44 -13.44 4.40
N VAL A 65 -4.98 -12.37 4.98
CA VAL A 65 -5.20 -12.21 6.44
C VAL A 65 -5.50 -10.75 6.86
N THR A 66 -4.91 -10.35 7.96
CA THR A 66 -5.12 -8.97 8.54
C THR A 66 -5.71 -7.97 7.55
N SER A 67 -6.91 -7.55 7.82
CA SER A 67 -7.55 -6.54 6.95
C SER A 67 -8.00 -5.36 7.81
N PHE A 68 -7.22 -4.33 7.84
CA PHE A 68 -7.59 -3.15 8.68
C PHE A 68 -6.93 -1.89 8.16
N GLN A 69 -7.39 -0.75 8.58
CA GLN A 69 -6.78 0.52 8.12
C GLN A 69 -6.06 1.12 9.32
N THR A 70 -4.98 0.52 9.68
CA THR A 70 -4.22 0.98 10.84
C THR A 70 -2.75 0.66 10.65
N VAL A 71 -2.01 0.77 11.70
CA VAL A 71 -0.56 0.44 11.64
C VAL A 71 -0.33 -0.85 12.41
N GLU A 72 -1.23 -1.17 13.29
CA GLU A 72 -1.08 -2.44 14.08
C GLU A 72 -0.92 -3.63 13.13
N GLU A 73 -1.86 -3.85 12.25
CA GLU A 73 -1.75 -4.98 11.30
C GLU A 73 -0.46 -4.87 10.49
N PHE A 74 -0.31 -3.81 9.75
CA PHE A 74 0.93 -3.64 8.95
C PHE A 74 2.13 -4.00 9.82
N TRP A 75 2.16 -3.52 11.04
CA TRP A 75 3.30 -3.85 11.94
C TRP A 75 3.45 -5.37 12.01
N ALA A 76 2.36 -6.07 11.88
CA ALA A 76 2.40 -7.55 11.92
C ALA A 76 3.35 -8.06 10.83
N ILE A 77 3.04 -7.74 9.60
CA ILE A 77 3.93 -8.20 8.50
C ILE A 77 5.38 -7.79 8.79
N ILE A 78 5.57 -6.81 9.64
CA ILE A 78 6.96 -6.40 10.00
C ILE A 78 7.52 -7.36 11.04
N GLN A 79 6.72 -7.73 12.00
CA GLN A 79 7.22 -8.69 13.03
C GLN A 79 7.86 -9.89 12.33
N ASN A 80 7.47 -10.10 11.12
CA ASN A 80 8.05 -11.22 10.32
C ASN A 80 9.52 -10.93 10.02
N ILE A 81 9.94 -9.72 10.33
CA ILE A 81 11.35 -9.30 10.05
C ILE A 81 11.87 -9.96 8.77
N PRO A 82 11.13 -9.80 7.70
CA PRO A 82 11.55 -10.37 6.41
C PRO A 82 12.44 -9.36 5.70
N GLU A 83 11.97 -8.16 5.60
CA GLU A 83 12.78 -7.09 4.94
C GLU A 83 13.22 -7.53 3.54
N PRO A 84 14.04 -6.73 2.94
CA PRO A 84 14.55 -7.01 1.58
C PRO A 84 15.76 -7.94 1.67
N HIS A 85 16.12 -8.35 2.86
CA HIS A 85 17.29 -9.25 3.02
C HIS A 85 17.21 -10.00 4.35
N GLU A 86 16.02 -10.19 4.86
CA GLU A 86 15.86 -10.90 6.15
C GLU A 86 14.88 -12.07 5.98
N LEU A 87 14.35 -12.25 4.81
CA LEU A 87 13.40 -13.37 4.57
C LEU A 87 13.97 -14.33 3.53
N PRO A 88 13.38 -15.49 3.40
CA PRO A 88 13.85 -16.50 2.42
C PRO A 88 13.57 -16.02 0.99
N LEU A 89 13.98 -14.83 0.65
CA LEU A 89 13.77 -14.29 -0.71
C LEU A 89 12.44 -14.75 -1.31
N LYS A 90 12.33 -14.67 -2.61
CA LYS A 90 11.09 -15.10 -3.31
C LYS A 90 9.86 -14.67 -2.52
N SER A 91 9.98 -13.65 -1.76
CA SER A 91 8.82 -13.17 -0.95
C SER A 91 7.86 -12.37 -1.83
N ASP A 92 6.62 -12.21 -1.41
CA ASP A 92 5.65 -11.44 -2.23
C ASP A 92 4.47 -10.99 -1.36
N TYR A 93 4.53 -9.79 -0.83
CA TYR A 93 3.39 -9.31 0.02
C TYR A 93 2.39 -8.54 -0.84
N HIS A 94 1.14 -8.55 -0.46
CA HIS A 94 0.11 -7.82 -1.26
C HIS A 94 -0.99 -7.29 -0.33
N VAL A 95 -0.96 -6.01 -0.05
CA VAL A 95 -2.01 -5.43 0.84
C VAL A 95 -2.80 -4.36 0.10
N PHE A 96 -4.08 -4.55 -0.04
CA PHE A 96 -4.92 -3.57 -0.77
C PHE A 96 -6.37 -4.07 -0.86
N ARG A 97 -7.27 -3.24 -1.36
CA ARG A 97 -8.71 -3.62 -1.50
C ARG A 97 -9.60 -2.36 -1.43
N ASN A 98 -9.05 -1.29 -0.96
CA ASN A 98 -9.83 -0.03 -0.83
C ASN A 98 -10.44 0.40 -2.17
N ASP A 99 -9.86 0.00 -3.27
CA ASP A 99 -10.42 0.43 -4.59
C ASP A 99 -10.87 -0.78 -5.42
N VAL A 100 -10.02 -1.74 -5.62
CA VAL A 100 -10.42 -2.91 -6.43
C VAL A 100 -10.84 -4.04 -5.50
N ARG A 101 -10.29 -5.22 -5.61
CA ARG A 101 -10.73 -6.31 -4.68
C ARG A 101 -10.06 -7.66 -4.97
N PRO A 102 -10.17 -8.12 -6.18
CA PRO A 102 -9.60 -9.45 -6.56
C PRO A 102 -8.08 -9.56 -6.33
N GLU A 103 -7.24 -9.05 -7.21
CA GLU A 103 -5.77 -9.22 -6.94
C GLU A 103 -4.93 -8.70 -8.10
N TRP A 104 -3.64 -8.86 -8.03
CA TRP A 104 -2.77 -8.38 -9.14
C TRP A 104 -3.36 -8.77 -10.50
N GLU A 105 -4.24 -9.74 -10.51
CA GLU A 105 -4.86 -10.18 -11.78
C GLU A 105 -6.05 -9.27 -12.10
N ASP A 106 -6.59 -8.62 -11.11
CA ASP A 106 -7.75 -7.70 -11.34
C ASP A 106 -7.62 -6.42 -10.50
N GLU A 107 -6.71 -6.38 -9.57
CA GLU A 107 -6.52 -5.16 -8.76
C GLU A 107 -6.25 -3.99 -9.69
N ALA A 108 -5.45 -4.22 -10.68
CA ALA A 108 -5.13 -3.16 -11.67
C ALA A 108 -6.29 -3.06 -12.64
N ASN A 109 -6.94 -4.15 -12.93
CA ASN A 109 -8.11 -4.10 -13.83
C ASN A 109 -9.02 -2.98 -13.32
N ALA A 110 -8.93 -2.73 -12.04
CA ALA A 110 -9.72 -1.65 -11.42
C ALA A 110 -8.94 -0.33 -11.53
N LYS A 111 -8.03 -0.12 -10.62
CA LYS A 111 -7.20 1.11 -10.66
C LYS A 111 -6.59 1.26 -12.06
N GLY A 112 -5.86 0.28 -12.51
CA GLY A 112 -5.29 0.34 -13.88
C GLY A 112 -3.78 0.66 -13.87
N GLY A 113 -3.15 0.87 -12.73
CA GLY A 113 -1.69 1.20 -12.76
C GLY A 113 -0.91 0.27 -11.80
N LYS A 114 0.30 -0.08 -12.15
CA LYS A 114 1.11 -0.97 -11.26
C LYS A 114 2.59 -0.61 -11.37
N TRP A 115 3.10 0.14 -10.43
CA TRP A 115 4.54 0.53 -10.47
C TRP A 115 5.40 -0.58 -9.88
N SER A 116 6.67 -0.60 -10.18
CA SER A 116 7.55 -1.67 -9.62
C SER A 116 8.98 -1.15 -9.45
N PHE A 117 9.77 -1.81 -8.65
CA PHE A 117 11.18 -1.36 -8.43
C PHE A 117 12.04 -2.54 -8.03
N GLN A 118 12.88 -3.02 -8.91
CA GLN A 118 13.74 -4.18 -8.57
C GLN A 118 15.01 -3.71 -7.85
N LEU A 119 15.80 -4.63 -7.39
CA LEU A 119 17.05 -4.24 -6.68
C LEU A 119 18.02 -5.43 -6.67
N ARG A 120 19.31 -5.16 -6.72
CA ARG A 120 20.30 -6.27 -6.72
C ARG A 120 21.32 -6.06 -5.60
N GLY A 121 21.01 -5.24 -4.63
CA GLY A 121 21.97 -4.99 -3.52
C GLY A 121 21.20 -4.64 -2.24
N LYS A 122 21.15 -5.55 -1.31
CA LYS A 122 20.42 -5.27 -0.03
C LYS A 122 21.08 -4.11 0.71
N GLY A 123 20.75 -3.93 1.96
CA GLY A 123 21.37 -2.81 2.74
C GLY A 123 21.27 -3.11 4.23
N ALA A 124 20.08 -3.24 4.75
CA ALA A 124 19.92 -3.53 6.21
C ALA A 124 18.45 -3.40 6.60
N ASP A 125 17.70 -2.60 5.90
CA ASP A 125 16.26 -2.42 6.24
C ASP A 125 15.59 -1.47 5.24
N ILE A 126 15.72 -1.77 3.97
CA ILE A 126 15.10 -0.89 2.95
C ILE A 126 13.59 -1.14 2.85
N ASP A 127 13.12 -2.24 3.39
CA ASP A 127 11.66 -2.53 3.33
C ASP A 127 10.91 -1.68 4.36
N GLU A 128 11.62 -1.07 5.26
CA GLU A 128 10.93 -0.23 6.28
C GLU A 128 10.70 1.16 5.70
N LEU A 129 11.63 1.62 4.92
CA LEU A 129 11.48 2.97 4.30
C LEU A 129 10.48 2.89 3.15
N TRP A 130 10.55 1.86 2.36
CA TRP A 130 9.59 1.72 1.23
C TRP A 130 8.18 1.49 1.80
N LEU A 131 8.10 0.86 2.94
CA LEU A 131 6.78 0.62 3.58
C LEU A 131 6.24 1.94 4.12
N ARG A 132 7.01 2.63 4.91
CA ARG A 132 6.54 3.93 5.45
C ARG A 132 5.95 4.74 4.30
N THR A 133 6.41 4.47 3.11
CA THR A 133 5.89 5.20 1.92
C THR A 133 4.59 4.56 1.45
N LEU A 134 4.46 3.26 1.58
CA LEU A 134 3.20 2.60 1.14
C LEU A 134 2.12 2.85 2.19
N LEU A 135 2.31 2.36 3.39
CA LEU A 135 1.28 2.60 4.44
C LEU A 135 0.93 4.08 4.46
N ALA A 136 1.90 4.93 4.23
CA ALA A 136 1.62 6.39 4.22
C ALA A 136 0.77 6.73 3.01
N VAL A 137 0.88 5.95 1.98
CA VAL A 137 0.09 6.21 0.74
C VAL A 137 -1.41 5.93 1.00
N ILE A 138 -1.72 4.96 1.81
CA ILE A 138 -3.16 4.65 2.07
C ILE A 138 -3.69 5.52 3.22
N GLY A 139 -2.89 5.73 4.21
CA GLY A 139 -3.35 6.55 5.38
C GLY A 139 -2.82 7.99 5.27
N GLU A 140 -1.80 8.20 4.50
CA GLU A 140 -1.25 9.56 4.35
C GLU A 140 -1.30 9.99 2.89
N THR A 141 -2.46 9.90 2.30
CA THR A 141 -2.60 10.31 0.88
C THR A 141 -2.43 11.81 0.74
N ILE A 142 -2.40 12.51 1.84
CA ILE A 142 -2.23 13.99 1.79
C ILE A 142 -1.18 14.36 0.74
N ASP A 143 -0.08 13.66 0.72
CA ASP A 143 0.99 13.96 -0.28
C ASP A 143 0.45 13.74 -1.70
N GLU A 144 0.50 14.75 -2.53
CA GLU A 144 0.00 14.59 -3.92
C GLU A 144 0.48 13.27 -4.52
N ASP A 145 1.74 12.96 -4.38
CA ASP A 145 2.26 11.69 -4.93
C ASP A 145 1.49 10.49 -4.36
N ASP A 146 0.83 10.69 -3.25
CA ASP A 146 0.06 9.58 -2.63
C ASP A 146 -1.44 9.84 -2.76
N SER A 147 -1.89 10.20 -3.93
CA SER A 147 -3.34 10.48 -4.12
C SER A 147 -4.18 9.30 -3.65
N GLN A 148 -5.45 9.27 -3.98
CA GLN A 148 -6.31 8.14 -3.54
C GLN A 148 -5.85 6.83 -4.20
N ILE A 149 -4.66 6.39 -3.91
CA ILE A 149 -4.17 5.12 -4.51
C ILE A 149 -5.14 3.98 -4.21
N ASN A 150 -4.81 2.78 -4.58
CA ASN A 150 -5.75 1.64 -4.31
C ASN A 150 -5.03 0.52 -3.59
N GLY A 151 -3.78 0.26 -3.89
CA GLY A 151 -3.10 -0.85 -3.17
C GLY A 151 -1.59 -0.83 -3.39
N VAL A 152 -0.89 -1.69 -2.69
CA VAL A 152 0.59 -1.77 -2.83
C VAL A 152 1.05 -3.23 -2.80
N VAL A 153 2.28 -3.48 -3.14
CA VAL A 153 2.76 -4.89 -3.14
C VAL A 153 4.29 -4.95 -2.99
N LEU A 154 4.79 -6.06 -2.53
CA LEU A 154 6.26 -6.23 -2.35
C LEU A 154 6.64 -7.62 -2.86
N SER A 155 7.86 -7.82 -3.32
CA SER A 155 8.23 -9.18 -3.80
C SER A 155 9.74 -9.36 -3.85
N ILE A 156 10.25 -10.31 -3.12
CA ILE A 156 11.72 -10.54 -3.14
C ILE A 156 12.04 -11.80 -3.95
N ARG A 157 13.26 -11.93 -4.39
CA ARG A 157 13.66 -13.11 -5.19
C ARG A 157 15.16 -13.38 -4.99
N LYS A 158 15.57 -14.62 -5.11
CA LYS A 158 17.02 -14.95 -4.92
C LYS A 158 17.90 -13.87 -5.54
N GLY A 159 18.51 -13.04 -4.75
CA GLY A 159 19.39 -11.97 -5.30
C GLY A 159 18.57 -11.08 -6.22
N GLY A 160 17.36 -10.75 -5.85
CA GLY A 160 16.53 -9.88 -6.72
C GLY A 160 15.31 -9.38 -5.94
N ASN A 161 15.49 -8.41 -5.08
CA ASN A 161 14.35 -7.88 -4.30
C ASN A 161 13.58 -6.84 -5.13
N LYS A 162 12.30 -6.75 -4.94
CA LYS A 162 11.51 -5.76 -5.73
C LYS A 162 10.18 -5.45 -5.05
N PHE A 163 9.50 -4.43 -5.48
CA PHE A 163 8.20 -4.07 -4.86
C PHE A 163 7.26 -3.52 -5.93
N ALA A 164 5.97 -3.58 -5.72
CA ALA A 164 5.02 -3.06 -6.72
C ALA A 164 4.01 -2.13 -6.07
N LEU A 165 3.82 -0.96 -6.62
CA LEU A 165 2.84 -0.01 -6.04
C LEU A 165 1.64 0.09 -6.99
N TRP A 166 0.45 0.00 -6.49
CA TRP A 166 -0.71 0.08 -7.41
C TRP A 166 -1.34 1.46 -7.34
N THR A 167 -1.90 1.91 -8.42
CA THR A 167 -2.51 3.25 -8.38
C THR A 167 -3.67 3.37 -9.38
N LYS A 168 -4.65 4.15 -9.05
CA LYS A 168 -5.81 4.34 -9.97
C LYS A 168 -5.30 4.59 -11.40
N SER A 169 -4.10 5.09 -11.52
CA SER A 169 -3.54 5.36 -12.88
C SER A 169 -4.30 6.49 -13.59
N GLU A 170 -5.27 7.06 -12.94
CA GLU A 170 -6.04 8.17 -13.59
C GLU A 170 -5.07 9.09 -14.34
N ASP A 171 -3.85 9.14 -13.91
CA ASP A 171 -2.84 10.01 -14.59
C ASP A 171 -1.43 9.48 -14.29
N LYS A 172 -0.78 8.90 -15.26
CA LYS A 172 0.58 8.36 -15.01
C LYS A 172 1.59 9.49 -14.80
N GLU A 173 1.23 10.68 -15.19
CA GLU A 173 2.18 11.82 -15.00
C GLU A 173 2.56 11.92 -13.51
N PRO A 174 1.56 12.08 -12.70
CA PRO A 174 1.80 12.17 -11.25
C PRO A 174 2.38 10.84 -10.75
N LEU A 175 2.21 9.79 -11.50
CA LEU A 175 2.78 8.49 -11.08
C LEU A 175 4.31 8.53 -11.24
N LEU A 176 4.77 8.75 -12.44
CA LEU A 176 6.24 8.84 -12.65
C LEU A 176 6.82 9.71 -11.55
N ARG A 177 6.02 10.58 -11.00
CA ARG A 177 6.50 11.46 -9.89
C ARG A 177 6.62 10.63 -8.61
N ILE A 178 5.69 9.74 -8.37
CA ILE A 178 5.77 8.90 -7.14
C ILE A 178 6.87 7.86 -7.30
N GLY A 179 6.89 7.17 -8.40
CA GLY A 179 7.95 6.15 -8.62
C GLY A 179 9.30 6.80 -8.29
N GLY A 180 9.54 7.97 -8.82
CA GLY A 180 10.83 8.66 -8.52
C GLY A 180 11.04 8.70 -7.01
N LYS A 181 10.05 9.15 -6.27
CA LYS A 181 10.20 9.20 -4.79
C LYS A 181 10.34 7.78 -4.23
N PHE A 182 9.37 6.94 -4.48
CA PHE A 182 9.45 5.54 -3.97
C PHE A 182 10.81 4.93 -4.34
N LYS A 183 11.42 5.42 -5.38
CA LYS A 183 12.74 4.89 -5.80
C LYS A 183 13.79 5.23 -4.73
N GLN A 184 14.05 6.48 -4.53
CA GLN A 184 15.06 6.88 -3.50
C GLN A 184 14.88 6.03 -2.24
N VAL A 185 13.66 5.85 -1.81
CA VAL A 185 13.44 5.01 -0.60
C VAL A 185 14.18 3.69 -0.73
N LEU A 186 14.24 3.17 -1.93
CA LEU A 186 14.96 1.88 -2.15
C LEU A 186 16.47 2.14 -2.14
N LYS A 187 16.84 3.39 -2.05
CA LYS A 187 18.29 3.73 -2.04
C LYS A 187 18.92 3.44 -3.40
N LEU A 188 18.18 3.63 -4.45
CA LEU A 188 18.73 3.37 -5.81
C LEU A 188 19.05 4.69 -6.51
N THR A 189 19.13 4.67 -7.82
CA THR A 189 19.45 5.92 -8.56
C THR A 189 19.51 5.65 -10.07
N ASP A 190 18.39 5.59 -10.71
CA ASP A 190 18.39 5.31 -12.18
C ASP A 190 19.14 4.01 -12.46
N ASP A 191 19.34 3.20 -11.45
CA ASP A 191 20.06 1.92 -11.66
C ASP A 191 19.35 1.06 -12.71
N GLY A 192 18.08 1.26 -12.89
CA GLY A 192 17.33 0.46 -13.90
C GLY A 192 16.49 -0.62 -13.22
N HIS A 193 15.60 -0.22 -12.34
CA HIS A 193 14.74 -1.23 -11.65
C HIS A 193 13.31 -0.72 -11.50
N LEU A 194 13.12 0.58 -11.40
CA LEU A 194 11.73 1.10 -11.27
C LEU A 194 10.93 0.71 -12.50
N GLU A 195 10.13 -0.30 -12.40
CA GLU A 195 9.36 -0.76 -13.59
C GLU A 195 7.91 -0.26 -13.55
N PHE A 196 7.52 0.53 -14.51
CA PHE A 196 6.12 1.01 -14.55
C PHE A 196 5.28 -0.02 -15.31
N PHE A 197 4.16 -0.42 -14.76
CA PHE A 197 3.33 -1.45 -15.45
C PHE A 197 1.87 -1.01 -15.58
N PRO A 198 1.37 -1.07 -16.79
CA PRO A 198 -0.04 -0.71 -17.04
C PRO A 198 -0.91 -1.94 -16.74
N HIS A 199 -1.96 -1.78 -15.99
CA HIS A 199 -2.82 -2.96 -15.68
C HIS A 199 -3.07 -3.77 -16.96
N SER A 200 -3.10 -3.12 -18.08
CA SER A 200 -3.33 -3.84 -19.37
C SER A 200 -2.37 -5.02 -19.50
N SER A 201 -1.29 -5.02 -18.76
CA SER A 201 -0.33 -6.16 -18.85
C SER A 201 -0.82 -7.35 -18.04
N ALA A 202 -1.42 -7.10 -16.90
CA ALA A 202 -1.92 -8.23 -16.07
C ALA A 202 -3.37 -8.56 -16.44
N ASN A 203 -3.70 -8.53 -17.70
CA ASN A 203 -5.09 -8.84 -18.12
C ASN A 203 -5.30 -8.48 -19.59
N GLY A 204 -4.54 -7.56 -20.11
CA GLY A 204 -4.71 -7.18 -21.54
C GLY A 204 -3.85 -8.08 -22.42
N ARG A 205 -3.73 -9.34 -22.06
CA ARG A 205 -2.90 -10.27 -22.88
C ARG A 205 -1.46 -9.77 -22.93
N HIS A 206 -0.51 -10.66 -22.79
CA HIS A 206 0.92 -10.25 -22.83
C HIS A 206 1.19 -9.22 -21.72
N PRO A 207 2.01 -9.61 -20.78
CA PRO A 207 2.35 -8.71 -19.65
C PRO A 207 3.26 -7.57 -20.13
N GLN A 208 4.55 -7.75 -20.08
CA GLN A 208 5.47 -6.67 -20.54
C GLN A 208 5.27 -5.41 -19.69
N PRO A 209 6.34 -4.95 -19.12
CA PRO A 209 6.28 -3.72 -18.27
C PRO A 209 6.10 -2.49 -19.15
N SER A 210 6.42 -1.33 -18.63
CA SER A 210 6.27 -0.09 -19.43
C SER A 210 7.60 0.65 -19.43
N ILE A 211 8.17 0.81 -18.28
CA ILE A 211 9.48 1.52 -18.19
C ILE A 211 10.39 0.83 -17.16
N THR A 212 11.59 1.30 -17.02
CA THR A 212 12.52 0.69 -16.04
C THR A 212 13.57 1.72 -15.61
N LEU A 213 13.31 2.39 -14.54
CA LEU A 213 14.25 3.43 -14.03
C LEU A 213 15.23 2.84 -13.03
N MET A 1 -31.29 16.88 9.72
CA MET A 1 -32.74 16.60 9.49
C MET A 1 -33.09 15.19 10.01
N SER A 2 -32.57 14.17 9.38
CA SER A 2 -32.87 12.79 9.84
C SER A 2 -32.74 12.70 11.36
N VAL A 3 -33.83 12.43 12.05
CA VAL A 3 -33.76 12.32 13.53
C VAL A 3 -33.55 10.87 13.96
N GLU A 4 -32.45 10.28 13.55
CA GLU A 4 -32.17 8.88 13.94
C GLU A 4 -30.68 8.68 14.24
N GLU A 5 -29.99 9.76 14.51
CA GLU A 5 -28.53 9.64 14.81
C GLU A 5 -28.32 9.53 16.33
N VAL A 6 -29.38 9.36 17.07
CA VAL A 6 -29.23 9.24 18.56
C VAL A 6 -28.11 8.26 18.90
N SER A 7 -26.97 8.76 19.28
CA SER A 7 -25.84 7.85 19.64
C SER A 7 -25.94 7.41 21.10
N LYS A 8 -26.14 8.35 22.00
CA LYS A 8 -26.25 7.99 23.44
C LYS A 8 -25.09 7.07 23.84
N LYS A 9 -24.07 7.62 24.42
CA LYS A 9 -22.91 6.78 24.85
C LYS A 9 -22.97 6.52 26.35
N PHE A 10 -23.30 7.51 27.13
CA PHE A 10 -23.38 7.30 28.60
C PHE A 10 -24.83 7.44 29.08
N GLU A 11 -25.03 7.54 30.37
CA GLU A 11 -26.42 7.68 30.89
C GLU A 11 -26.90 9.12 30.74
N GLU A 12 -26.27 10.05 31.43
CA GLU A 12 -26.70 11.48 31.33
C GLU A 12 -26.10 12.11 30.07
N ASN A 13 -26.85 12.17 29.01
CA ASN A 13 -26.33 12.78 27.75
C ASN A 13 -27.00 14.14 27.50
N VAL A 14 -28.30 14.15 27.35
CA VAL A 14 -29.01 15.43 27.09
C VAL A 14 -30.52 15.25 27.26
N SER A 15 -30.92 14.39 28.15
CA SER A 15 -32.38 14.17 28.37
C SER A 15 -33.00 15.35 29.11
N VAL A 16 -32.30 15.90 30.07
CA VAL A 16 -32.85 17.06 30.82
C VAL A 16 -32.16 18.35 30.39
N ASP A 17 -31.56 18.35 29.23
CA ASP A 17 -30.87 19.59 28.74
C ASP A 17 -31.20 19.83 27.27
N ASP A 18 -32.38 20.31 26.99
CA ASP A 18 -32.76 20.57 25.57
C ASP A 18 -32.39 22.01 25.18
N THR A 19 -31.34 22.53 25.76
CA THR A 19 -30.92 23.92 25.42
C THR A 19 -30.27 23.95 24.03
N THR A 20 -30.17 25.11 23.44
CA THR A 20 -29.55 25.21 22.09
C THR A 20 -28.04 25.46 22.21
N ALA A 21 -27.43 24.93 23.24
CA ALA A 21 -25.96 25.13 23.41
C ALA A 21 -25.61 26.61 23.26
N THR A 22 -26.48 27.49 23.70
CA THR A 22 -26.20 28.95 23.58
C THR A 22 -24.75 29.23 23.98
N PRO A 23 -24.43 28.86 25.19
CA PRO A 23 -23.05 29.08 25.72
C PRO A 23 -22.06 28.12 25.05
N LYS A 24 -22.54 27.03 24.51
CA LYS A 24 -21.63 26.07 23.85
C LYS A 24 -21.49 26.40 22.36
N THR A 25 -20.87 27.51 22.05
CA THR A 25 -20.71 27.90 20.62
C THR A 25 -19.62 27.04 19.96
N VAL A 26 -19.68 26.89 18.67
CA VAL A 26 -18.65 26.06 17.98
C VAL A 26 -18.58 24.67 18.60
N LEU A 27 -19.14 23.69 17.95
CA LEU A 27 -19.10 22.30 18.52
C LEU A 27 -17.77 21.62 18.16
N SER A 28 -17.35 21.74 16.93
CA SER A 28 -16.07 21.10 16.52
C SER A 28 -16.04 19.64 16.96
N ASP A 29 -16.31 18.73 16.07
CA ASP A 29 -16.30 17.28 16.44
C ASP A 29 -15.79 16.44 15.27
N SER A 30 -14.58 16.69 14.84
CA SER A 30 -14.02 15.90 13.70
C SER A 30 -12.51 15.73 13.86
N ALA A 31 -11.99 14.57 13.53
CA ALA A 31 -10.53 14.35 13.67
C ALA A 31 -10.08 13.18 12.77
N HIS A 32 -9.33 13.47 11.75
CA HIS A 32 -8.87 12.39 10.83
C HIS A 32 -7.36 12.50 10.59
N PHE A 33 -6.56 12.00 11.49
CA PHE A 33 -5.09 12.08 11.32
C PHE A 33 -4.38 11.38 12.47
N ASP A 34 -4.59 10.10 12.63
CA ASP A 34 -3.93 9.36 13.74
C ASP A 34 -2.82 8.48 13.19
N VAL A 35 -3.13 7.65 12.23
CA VAL A 35 -2.09 6.76 11.65
C VAL A 35 -1.45 5.89 12.72
N LYS A 36 -2.08 5.79 13.86
CA LYS A 36 -1.51 4.94 14.96
C LYS A 36 -2.45 3.77 15.26
N HIS A 37 -3.56 3.70 14.57
CA HIS A 37 -4.53 2.59 14.80
C HIS A 37 -5.79 2.81 13.96
N PRO A 38 -6.28 4.02 14.01
CA PRO A 38 -7.50 4.38 13.26
C PRO A 38 -7.15 5.00 11.90
N LEU A 39 -6.73 4.21 10.94
CA LEU A 39 -6.40 4.78 9.60
C LEU A 39 -7.64 5.48 9.01
N ASN A 40 -8.09 5.04 7.86
CA ASN A 40 -9.28 5.66 7.23
C ASN A 40 -9.67 4.91 5.95
N THR A 41 -9.37 3.64 5.88
CA THR A 41 -9.72 2.86 4.66
C THR A 41 -9.92 1.38 5.01
N LYS A 42 -10.28 0.57 4.07
CA LYS A 42 -10.49 -0.87 4.38
C LYS A 42 -9.72 -1.75 3.37
N TRP A 43 -8.93 -2.68 3.84
CA TRP A 43 -8.19 -3.55 2.90
C TRP A 43 -7.73 -4.84 3.59
N THR A 44 -7.14 -5.74 2.84
CA THR A 44 -6.69 -7.03 3.44
C THR A 44 -5.18 -7.22 3.26
N LEU A 45 -4.62 -8.23 3.86
CA LEU A 45 -3.16 -8.45 3.76
C LEU A 45 -2.84 -9.84 3.20
N TRP A 46 -2.43 -9.92 1.95
CA TRP A 46 -2.08 -11.25 1.37
C TRP A 46 -0.58 -11.33 1.10
N TYR A 47 0.10 -12.28 1.67
CA TYR A 47 1.57 -12.41 1.42
C TYR A 47 1.88 -13.79 0.85
N THR A 48 2.86 -13.88 0.00
CA THR A 48 3.20 -15.21 -0.61
C THR A 48 4.60 -15.63 -0.20
N LYS A 49 4.98 -16.83 -0.58
CA LYS A 49 6.34 -17.33 -0.24
C LYS A 49 6.81 -18.36 -1.27
N PRO A 50 6.13 -19.48 -1.33
CA PRO A 50 6.50 -20.54 -2.30
C PRO A 50 6.20 -20.08 -3.72
N ALA A 51 6.12 -21.01 -4.66
CA ALA A 51 5.83 -20.62 -6.08
C ALA A 51 6.22 -21.75 -7.04
N VAL A 52 7.03 -22.68 -6.58
CA VAL A 52 7.47 -23.80 -7.46
C VAL A 52 6.34 -24.25 -8.39
N ASP A 53 5.12 -24.09 -7.97
CA ASP A 53 3.98 -24.51 -8.83
C ASP A 53 4.04 -26.00 -9.10
N LYS A 54 3.46 -26.75 -8.22
CA LYS A 54 3.46 -28.23 -8.33
C LYS A 54 2.98 -28.76 -7.00
N SER A 55 3.39 -28.05 -5.99
CA SER A 55 2.99 -28.38 -4.60
C SER A 55 2.56 -27.09 -3.90
N GLU A 56 2.62 -25.98 -4.60
CA GLU A 56 2.23 -24.69 -3.99
C GLU A 56 1.79 -23.73 -5.10
N SER A 57 0.52 -23.71 -5.39
CA SER A 57 0.01 -22.82 -6.48
C SER A 57 -0.16 -21.41 -5.97
N TRP A 58 -0.05 -20.43 -6.83
CA TRP A 58 -0.22 -19.02 -6.36
C TRP A 58 -1.42 -18.93 -5.42
N SER A 59 -2.40 -19.76 -5.65
CA SER A 59 -3.60 -19.75 -4.76
C SER A 59 -3.28 -20.50 -3.46
N ASP A 60 -2.31 -21.36 -3.48
CA ASP A 60 -1.94 -22.11 -2.26
C ASP A 60 -0.85 -21.34 -1.49
N LEU A 61 -0.19 -20.43 -2.14
CA LEU A 61 0.87 -19.65 -1.44
C LEU A 61 0.23 -18.41 -0.84
N LEU A 62 -0.25 -17.54 -1.67
CA LEU A 62 -0.90 -16.29 -1.19
C LEU A 62 -1.75 -16.57 0.05
N ARG A 63 -1.45 -15.91 1.14
CA ARG A 63 -2.27 -16.11 2.35
C ARG A 63 -3.00 -14.81 2.67
N PRO A 64 -4.29 -14.83 2.42
CA PRO A 64 -5.10 -13.62 2.68
C PRO A 64 -5.36 -13.50 4.18
N VAL A 65 -4.90 -12.44 4.78
CA VAL A 65 -5.10 -12.32 6.25
C VAL A 65 -5.40 -10.87 6.69
N THR A 66 -4.76 -10.44 7.75
CA THR A 66 -4.95 -9.07 8.33
C THR A 66 -5.59 -8.07 7.37
N SER A 67 -6.82 -7.75 7.61
CA SER A 67 -7.50 -6.74 6.75
C SER A 67 -8.06 -5.66 7.66
N PHE A 68 -7.32 -4.61 7.82
CA PHE A 68 -7.78 -3.52 8.74
C PHE A 68 -7.28 -2.15 8.28
N GLN A 69 -7.52 -1.15 9.10
CA GLN A 69 -7.09 0.22 8.76
C GLN A 69 -6.38 0.81 9.97
N THR A 70 -5.36 0.15 10.43
CA THR A 70 -4.62 0.64 11.61
C THR A 70 -3.12 0.53 11.36
N VAL A 71 -2.35 0.43 12.39
CA VAL A 71 -0.88 0.31 12.22
C VAL A 71 -0.42 -1.01 12.82
N GLU A 72 -1.09 -1.47 13.83
CA GLU A 72 -0.70 -2.77 14.47
C GLU A 72 -0.72 -3.89 13.44
N GLU A 73 -1.82 -4.06 12.75
CA GLU A 73 -1.90 -5.12 11.71
C GLU A 73 -0.69 -5.01 10.78
N PHE A 74 -0.59 -3.93 10.06
CA PHE A 74 0.58 -3.75 9.16
C PHE A 74 1.84 -4.11 9.94
N TRP A 75 1.94 -3.64 11.16
CA TRP A 75 3.12 -3.97 12.00
C TRP A 75 3.30 -5.48 12.03
N ALA A 76 2.21 -6.19 11.98
CA ALA A 76 2.28 -7.68 11.99
C ALA A 76 3.20 -8.15 10.87
N ILE A 77 2.87 -7.80 9.65
CA ILE A 77 3.74 -8.22 8.52
C ILE A 77 5.18 -7.76 8.78
N ILE A 78 5.36 -6.75 9.61
CA ILE A 78 6.75 -6.28 9.92
C ILE A 78 7.35 -7.20 10.97
N GLN A 79 6.59 -7.59 11.95
CA GLN A 79 7.14 -8.50 13.00
C GLN A 79 7.82 -9.69 12.32
N ASN A 80 7.42 -9.96 11.10
CA ASN A 80 8.03 -11.07 10.32
C ASN A 80 9.48 -10.70 9.97
N ILE A 81 9.84 -9.47 10.23
CA ILE A 81 11.21 -8.98 9.90
C ILE A 81 11.76 -9.66 8.65
N PRO A 82 11.01 -9.57 7.58
CA PRO A 82 11.44 -10.15 6.30
C PRO A 82 12.21 -9.09 5.51
N GLU A 83 11.59 -7.97 5.32
CA GLU A 83 12.26 -6.84 4.59
C GLU A 83 12.86 -7.34 3.27
N PRO A 84 13.58 -6.47 2.61
CA PRO A 84 14.21 -6.82 1.32
C PRO A 84 15.54 -7.54 1.57
N HIS A 85 15.86 -7.82 2.80
CA HIS A 85 17.14 -8.52 3.10
C HIS A 85 17.05 -9.21 4.45
N GLU A 86 15.87 -9.60 4.86
CA GLU A 86 15.72 -10.29 6.17
C GLU A 86 14.87 -11.55 6.01
N LEU A 87 14.42 -11.82 4.81
CA LEU A 87 13.60 -13.05 4.60
C LEU A 87 14.29 -13.95 3.57
N PRO A 88 13.84 -15.18 3.50
CA PRO A 88 14.42 -16.14 2.52
C PRO A 88 14.01 -15.77 1.10
N LEU A 89 14.28 -14.55 0.71
CA LEU A 89 13.92 -14.06 -0.66
C LEU A 89 12.62 -14.70 -1.15
N LYS A 90 12.44 -14.73 -2.44
CA LYS A 90 11.20 -15.33 -3.03
C LYS A 90 9.99 -15.03 -2.16
N SER A 91 10.03 -13.91 -1.50
CA SER A 91 8.90 -13.53 -0.60
C SER A 91 7.90 -12.62 -1.33
N ASP A 92 6.79 -12.34 -0.69
CA ASP A 92 5.78 -11.45 -1.33
C ASP A 92 4.85 -10.87 -0.26
N TYR A 93 4.57 -9.60 -0.35
CA TYR A 93 3.67 -8.95 0.65
C TYR A 93 2.64 -8.09 -0.08
N HIS A 94 1.38 -8.36 0.10
CA HIS A 94 0.34 -7.55 -0.61
C HIS A 94 -0.72 -7.05 0.37
N VAL A 95 -1.09 -5.79 0.26
CA VAL A 95 -2.13 -5.23 1.16
C VAL A 95 -2.88 -4.13 0.40
N PHE A 96 -4.14 -4.33 0.13
CA PHE A 96 -4.91 -3.31 -0.62
C PHE A 96 -6.36 -3.75 -0.80
N ARG A 97 -7.19 -2.90 -1.39
CA ARG A 97 -8.64 -3.22 -1.66
C ARG A 97 -9.48 -1.93 -1.66
N ASN A 98 -8.93 -0.84 -1.19
CA ASN A 98 -9.70 0.43 -1.15
C ASN A 98 -10.21 0.84 -2.53
N ASP A 99 -9.51 0.50 -3.56
CA ASP A 99 -9.97 0.91 -4.93
C ASP A 99 -10.42 -0.31 -5.74
N VAL A 100 -9.79 -1.43 -5.58
CA VAL A 100 -10.20 -2.63 -6.35
C VAL A 100 -10.66 -3.74 -5.40
N ARG A 101 -10.16 -4.94 -5.53
CA ARG A 101 -10.65 -6.01 -4.60
C ARG A 101 -10.05 -7.39 -4.90
N PRO A 102 -10.17 -7.83 -6.12
CA PRO A 102 -9.67 -9.18 -6.51
C PRO A 102 -8.17 -9.37 -6.22
N GLU A 103 -7.29 -8.90 -7.07
CA GLU A 103 -5.82 -9.13 -6.78
C GLU A 103 -4.94 -8.60 -7.92
N TRP A 104 -3.66 -8.80 -7.84
CA TRP A 104 -2.77 -8.30 -8.92
C TRP A 104 -3.35 -8.72 -10.28
N GLU A 105 -4.19 -9.73 -10.29
CA GLU A 105 -4.79 -10.19 -11.56
C GLU A 105 -5.95 -9.26 -11.93
N ASP A 106 -6.36 -8.42 -11.02
CA ASP A 106 -7.46 -7.48 -11.30
C ASP A 106 -7.23 -6.14 -10.56
N GLU A 107 -6.60 -6.18 -9.42
CA GLU A 107 -6.31 -4.93 -8.67
C GLU A 107 -5.82 -3.87 -9.66
N ALA A 108 -5.23 -4.33 -10.72
CA ALA A 108 -4.75 -3.41 -11.78
C ALA A 108 -5.94 -2.98 -12.65
N ASN A 109 -6.80 -3.91 -12.97
CA ASN A 109 -8.00 -3.56 -13.78
C ASN A 109 -8.60 -2.30 -13.16
N ALA A 110 -8.42 -2.17 -11.89
CA ALA A 110 -8.95 -1.02 -11.14
C ALA A 110 -7.91 0.11 -11.10
N LYS A 111 -6.78 -0.14 -10.52
CA LYS A 111 -5.72 0.90 -10.43
C LYS A 111 -5.28 1.34 -11.84
N GLY A 112 -5.22 0.42 -12.75
CA GLY A 112 -4.80 0.79 -14.13
C GLY A 112 -3.26 0.89 -14.21
N GLY A 113 -2.59 1.34 -13.18
CA GLY A 113 -1.10 1.45 -13.27
C GLY A 113 -0.42 0.52 -12.26
N LYS A 114 0.59 -0.19 -12.68
CA LYS A 114 1.31 -1.10 -11.75
C LYS A 114 2.80 -0.72 -11.71
N TRP A 115 3.23 -0.05 -10.67
CA TRP A 115 4.66 0.34 -10.60
C TRP A 115 5.51 -0.84 -10.13
N SER A 116 6.79 -0.81 -10.40
CA SER A 116 7.65 -1.93 -9.96
C SER A 116 9.10 -1.47 -9.80
N PHE A 117 9.76 -1.92 -8.78
CA PHE A 117 11.18 -1.50 -8.57
C PHE A 117 12.07 -2.74 -8.49
N GLN A 118 12.83 -3.00 -9.51
CA GLN A 118 13.71 -4.20 -9.52
C GLN A 118 15.05 -3.87 -8.86
N LEU A 119 15.43 -4.60 -7.85
CA LEU A 119 16.73 -4.33 -7.18
C LEU A 119 17.60 -5.58 -7.17
N ARG A 120 18.88 -5.43 -7.39
CA ARG A 120 19.77 -6.63 -7.39
C ARG A 120 20.44 -6.81 -6.03
N GLY A 121 21.20 -5.85 -5.60
CA GLY A 121 21.88 -5.97 -4.28
C GLY A 121 20.90 -5.61 -3.16
N LYS A 122 21.35 -4.86 -2.19
CA LYS A 122 20.44 -4.48 -1.07
C LYS A 122 21.08 -3.37 -0.23
N GLY A 123 20.45 -3.01 0.86
CA GLY A 123 21.04 -1.94 1.72
C GLY A 123 20.98 -2.37 3.18
N ALA A 124 19.85 -2.18 3.83
CA ALA A 124 19.71 -2.57 5.25
C ALA A 124 18.52 -1.86 5.85
N ASP A 125 17.45 -2.54 5.91
CA ASP A 125 16.19 -1.98 6.48
C ASP A 125 15.59 -0.95 5.51
N ILE A 126 15.33 -1.34 4.30
CA ILE A 126 14.75 -0.39 3.31
C ILE A 126 13.24 -0.57 3.22
N ASP A 127 12.72 -1.62 3.79
CA ASP A 127 11.25 -1.85 3.73
C ASP A 127 10.51 -0.92 4.68
N GLU A 128 11.21 -0.26 5.57
CA GLU A 128 10.51 0.66 6.52
C GLU A 128 10.20 1.98 5.83
N LEU A 129 11.10 2.43 4.98
CA LEU A 129 10.88 3.71 4.26
C LEU A 129 9.93 3.48 3.10
N TRP A 130 10.12 2.40 2.37
CA TRP A 130 9.22 2.11 1.21
C TRP A 130 7.78 1.95 1.74
N LEU A 131 7.64 1.49 2.94
CA LEU A 131 6.28 1.29 3.52
C LEU A 131 5.76 2.60 4.11
N ARG A 132 6.51 3.20 5.00
CA ARG A 132 6.06 4.49 5.60
C ARG A 132 5.43 5.36 4.53
N THR A 133 5.88 5.20 3.32
CA THR A 133 5.31 6.01 2.21
C THR A 133 4.06 5.34 1.65
N LEU A 134 4.07 4.04 1.55
CA LEU A 134 2.86 3.33 1.02
C LEU A 134 1.83 3.20 2.13
N LEU A 135 2.22 2.67 3.26
CA LEU A 135 1.24 2.55 4.39
C LEU A 135 0.65 3.93 4.70
N ALA A 136 1.45 4.95 4.58
CA ALA A 136 0.93 6.33 4.84
C ALA A 136 -0.15 6.65 3.81
N VAL A 137 0.03 6.21 2.60
CA VAL A 137 -0.97 6.47 1.54
C VAL A 137 -2.35 5.94 1.96
N ILE A 138 -2.41 4.74 2.49
CA ILE A 138 -3.73 4.19 2.92
C ILE A 138 -4.09 4.69 4.32
N GLY A 139 -3.12 4.72 5.20
CA GLY A 139 -3.39 5.19 6.59
C GLY A 139 -3.61 6.70 6.59
N GLU A 140 -2.94 7.41 5.73
CA GLU A 140 -3.10 8.88 5.68
C GLU A 140 -3.42 9.33 4.26
N THR A 141 -4.43 8.78 3.66
CA THR A 141 -4.79 9.18 2.28
C THR A 141 -5.18 10.65 2.25
N ILE A 142 -5.40 11.23 3.40
CA ILE A 142 -5.77 12.67 3.46
C ILE A 142 -4.91 13.47 2.46
N ASP A 143 -3.63 13.19 2.42
CA ASP A 143 -2.74 13.93 1.48
C ASP A 143 -1.32 13.36 1.54
N GLU A 144 -0.99 12.47 0.64
CA GLU A 144 0.38 11.88 0.63
C GLU A 144 0.84 11.64 -0.81
N ASP A 145 -0.04 11.18 -1.65
CA ASP A 145 0.34 10.93 -3.07
C ASP A 145 -0.87 11.15 -3.98
N ASP A 146 -1.76 10.19 -4.04
CA ASP A 146 -2.97 10.35 -4.90
C ASP A 146 -4.20 10.52 -4.02
N SER A 147 -4.07 10.27 -2.74
CA SER A 147 -5.24 10.42 -1.82
C SER A 147 -6.26 9.30 -2.09
N GLN A 148 -5.79 8.13 -2.44
CA GLN A 148 -6.72 7.01 -2.72
C GLN A 148 -5.94 5.82 -3.28
N ILE A 149 -5.18 6.03 -4.31
CA ILE A 149 -4.39 4.91 -4.90
C ILE A 149 -5.27 3.65 -4.98
N ASN A 150 -4.67 2.51 -5.23
CA ASN A 150 -5.47 1.26 -5.32
C ASN A 150 -4.88 0.21 -4.37
N GLY A 151 -3.60 0.22 -4.16
CA GLY A 151 -3.01 -0.80 -3.26
C GLY A 151 -1.50 -0.90 -3.45
N VAL A 152 -0.86 -1.70 -2.65
CA VAL A 152 0.62 -1.85 -2.78
C VAL A 152 1.02 -3.33 -2.77
N VAL A 153 2.16 -3.65 -3.29
CA VAL A 153 2.61 -5.07 -3.30
C VAL A 153 4.13 -5.17 -3.13
N LEU A 154 4.61 -6.31 -2.69
CA LEU A 154 6.07 -6.51 -2.50
C LEU A 154 6.43 -7.95 -2.91
N SER A 155 7.61 -8.17 -3.42
CA SER A 155 7.97 -9.56 -3.82
C SER A 155 9.48 -9.72 -3.93
N ILE A 156 10.07 -10.55 -3.13
CA ILE A 156 11.54 -10.75 -3.21
C ILE A 156 11.84 -12.05 -3.96
N ARG A 157 13.05 -12.20 -4.43
CA ARG A 157 13.42 -13.43 -5.18
C ARG A 157 14.93 -13.70 -5.03
N LYS A 158 15.41 -14.75 -5.62
CA LYS A 158 16.86 -15.06 -5.51
C LYS A 158 17.69 -13.86 -5.98
N GLY A 159 18.39 -13.23 -5.08
CA GLY A 159 19.22 -12.06 -5.48
C GLY A 159 18.42 -11.16 -6.43
N GLY A 160 17.23 -10.81 -6.06
CA GLY A 160 16.40 -9.94 -6.94
C GLY A 160 15.12 -9.53 -6.21
N ASN A 161 15.21 -8.55 -5.35
CA ASN A 161 14.01 -8.10 -4.60
C ASN A 161 13.28 -7.01 -5.40
N LYS A 162 11.98 -6.99 -5.36
CA LYS A 162 11.24 -5.95 -6.13
C LYS A 162 9.90 -5.63 -5.47
N PHE A 163 9.41 -4.45 -5.63
CA PHE A 163 8.10 -4.09 -5.01
C PHE A 163 7.13 -3.60 -6.09
N ALA A 164 5.86 -3.69 -5.84
CA ALA A 164 4.87 -3.24 -6.86
C ALA A 164 3.90 -2.22 -6.27
N LEU A 165 3.83 -1.04 -6.83
CA LEU A 165 2.89 -0.01 -6.30
C LEU A 165 1.65 0.08 -7.19
N TRP A 166 0.48 0.03 -6.63
CA TRP A 166 -0.73 0.12 -7.48
C TRP A 166 -1.41 1.45 -7.31
N THR A 167 -1.93 1.99 -8.38
CA THR A 167 -2.58 3.32 -8.28
C THR A 167 -3.98 3.29 -8.87
N LYS A 168 -4.95 3.72 -8.11
CA LYS A 168 -6.34 3.75 -8.63
C LYS A 168 -6.34 4.29 -10.06
N SER A 169 -5.51 5.29 -10.31
CA SER A 169 -5.42 5.92 -11.67
C SER A 169 -4.91 7.35 -11.50
N GLU A 170 -5.80 8.26 -11.21
CA GLU A 170 -5.41 9.69 -11.01
C GLU A 170 -4.30 10.12 -11.97
N ASP A 171 -4.28 9.59 -13.17
CA ASP A 171 -3.22 9.98 -14.13
C ASP A 171 -1.86 9.53 -13.59
N LYS A 172 -1.10 8.84 -14.39
CA LYS A 172 0.24 8.35 -13.94
C LYS A 172 1.26 9.49 -13.80
N GLU A 173 0.95 10.66 -14.30
CA GLU A 173 1.94 11.76 -14.17
C GLU A 173 2.47 11.82 -12.73
N PRO A 174 1.57 12.02 -11.81
CA PRO A 174 1.94 12.08 -10.38
C PRO A 174 2.46 10.72 -9.91
N LEU A 175 2.26 9.69 -10.70
CA LEU A 175 2.77 8.36 -10.29
C LEU A 175 4.24 8.27 -10.62
N LEU A 176 4.60 8.48 -11.86
CA LEU A 176 6.04 8.46 -12.21
C LEU A 176 6.77 9.34 -11.23
N ARG A 177 6.07 10.27 -10.64
CA ARG A 177 6.71 11.18 -9.64
C ARG A 177 6.94 10.41 -8.34
N ILE A 178 6.01 9.56 -7.96
CA ILE A 178 6.19 8.79 -6.70
C ILE A 178 7.17 7.64 -6.94
N GLY A 179 6.98 6.91 -8.02
CA GLY A 179 7.90 5.79 -8.32
C GLY A 179 9.34 6.30 -8.32
N GLY A 180 9.56 7.44 -8.92
CA GLY A 180 10.95 8.00 -8.95
C GLY A 180 11.43 8.22 -7.51
N LYS A 181 10.67 8.95 -6.73
CA LYS A 181 11.09 9.17 -5.33
C LYS A 181 11.47 7.83 -4.71
N PHE A 182 10.67 6.83 -4.93
CA PHE A 182 11.01 5.50 -4.39
C PHE A 182 12.36 5.07 -4.97
N LYS A 183 12.61 5.41 -6.21
CA LYS A 183 13.91 5.03 -6.81
C LYS A 183 15.02 5.39 -5.83
N GLN A 184 14.79 6.41 -5.04
CA GLN A 184 15.80 6.82 -4.02
C GLN A 184 15.54 6.10 -2.72
N VAL A 185 14.34 6.20 -2.19
CA VAL A 185 14.02 5.51 -0.92
C VAL A 185 14.50 4.06 -0.98
N LEU A 186 14.28 3.40 -2.09
CA LEU A 186 14.73 1.99 -2.21
C LEU A 186 16.24 1.96 -2.49
N LYS A 187 16.87 3.10 -2.52
CA LYS A 187 18.34 3.14 -2.79
C LYS A 187 18.69 2.15 -3.90
N LEU A 188 17.85 2.05 -4.89
CA LEU A 188 18.11 1.11 -6.00
C LEU A 188 18.65 1.85 -7.23
N THR A 189 18.89 3.12 -7.10
CA THR A 189 19.41 3.90 -8.25
C THR A 189 20.58 3.17 -8.91
N ASP A 190 21.23 2.30 -8.19
CA ASP A 190 22.39 1.55 -8.78
C ASP A 190 21.93 0.18 -9.28
N ASP A 191 20.69 0.06 -9.68
CA ASP A 191 20.19 -1.26 -10.19
C ASP A 191 18.67 -1.20 -10.38
N GLY A 192 18.20 -1.62 -11.53
CA GLY A 192 16.73 -1.59 -11.78
C GLY A 192 16.16 -0.25 -11.31
N HIS A 193 16.54 0.83 -11.95
CA HIS A 193 16.03 2.16 -11.52
C HIS A 193 14.51 2.15 -11.38
N LEU A 194 13.82 1.34 -12.12
CA LEU A 194 12.34 1.33 -11.98
C LEU A 194 11.68 0.37 -12.98
N GLU A 195 10.39 0.23 -12.88
CA GLU A 195 9.66 -0.67 -13.81
C GLU A 195 8.19 -0.24 -13.87
N PHE A 196 7.73 0.14 -15.04
CA PHE A 196 6.32 0.58 -15.18
C PHE A 196 5.47 -0.53 -15.81
N PHE A 197 4.36 -0.86 -15.20
CA PHE A 197 3.51 -1.95 -15.77
C PHE A 197 2.04 -1.49 -15.81
N PRO A 198 1.51 -1.41 -17.00
CA PRO A 198 0.10 -1.01 -17.18
C PRO A 198 -0.82 -2.16 -16.77
N HIS A 199 -1.86 -1.88 -16.03
CA HIS A 199 -2.79 -2.97 -15.60
C HIS A 199 -3.07 -3.90 -16.78
N SER A 200 -2.97 -3.38 -17.99
CA SER A 200 -3.23 -4.23 -19.18
C SER A 200 -2.26 -5.41 -19.22
N SER A 201 -1.18 -5.34 -18.49
CA SER A 201 -0.20 -6.46 -18.49
C SER A 201 -0.70 -7.61 -17.62
N ALA A 202 -1.05 -7.32 -16.40
CA ALA A 202 -1.55 -8.40 -15.49
C ALA A 202 -2.79 -9.08 -16.10
N ASN A 203 -3.88 -8.38 -16.18
CA ASN A 203 -5.11 -8.99 -16.76
C ASN A 203 -4.80 -9.64 -18.10
N GLY A 204 -4.24 -8.90 -19.02
CA GLY A 204 -3.91 -9.49 -20.35
C GLY A 204 -4.08 -8.42 -21.44
N ARG A 205 -5.08 -7.60 -21.34
CA ARG A 205 -5.29 -6.54 -22.37
C ARG A 205 -3.94 -5.89 -22.72
N HIS A 206 -3.57 -5.91 -23.98
CA HIS A 206 -2.28 -5.30 -24.38
C HIS A 206 -1.16 -5.79 -23.45
N PRO A 207 -0.48 -6.81 -23.88
CA PRO A 207 0.64 -7.38 -23.07
C PRO A 207 1.83 -6.44 -23.07
N GLN A 208 2.97 -6.92 -22.63
CA GLN A 208 4.18 -6.05 -22.59
C GLN A 208 4.00 -4.94 -21.55
N PRO A 209 4.99 -4.80 -20.71
CA PRO A 209 4.96 -3.75 -19.65
C PRO A 209 5.16 -2.36 -20.27
N SER A 210 5.65 -1.42 -19.51
CA SER A 210 5.88 -0.06 -20.08
C SER A 210 7.38 0.18 -20.16
N ILE A 211 8.07 0.06 -19.07
CA ILE A 211 9.53 0.27 -19.09
C ILE A 211 10.15 -0.34 -17.84
N THR A 212 11.43 -0.49 -17.84
CA THR A 212 12.13 -1.07 -16.67
C THR A 212 13.57 -0.57 -16.65
N LEU A 213 13.85 0.38 -15.82
CA LEU A 213 15.22 0.92 -15.77
C LEU A 213 15.98 0.27 -14.62
N MET A 1 -6.89 20.12 35.35
CA MET A 1 -6.24 18.77 35.27
C MET A 1 -6.12 18.17 36.68
N SER A 2 -7.21 18.04 37.38
CA SER A 2 -7.15 17.45 38.75
C SER A 2 -7.88 16.10 38.77
N VAL A 3 -8.37 15.71 39.92
CA VAL A 3 -9.09 14.41 40.02
C VAL A 3 -10.61 14.64 40.02
N GLU A 4 -11.02 15.87 39.94
CA GLU A 4 -12.48 16.17 39.95
C GLU A 4 -13.19 15.35 38.86
N GLU A 5 -12.60 15.25 37.71
CA GLU A 5 -13.23 14.46 36.60
C GLU A 5 -12.40 14.58 35.33
N VAL A 6 -11.64 13.57 35.01
CA VAL A 6 -10.81 13.61 33.78
C VAL A 6 -11.69 13.49 32.53
N SER A 7 -12.56 14.44 32.32
CA SER A 7 -13.45 14.39 31.12
C SER A 7 -13.09 15.51 30.14
N LYS A 8 -12.87 15.17 28.90
CA LYS A 8 -12.51 16.22 27.90
C LYS A 8 -13.56 16.27 26.79
N LYS A 9 -14.27 15.19 26.58
CA LYS A 9 -15.30 15.18 25.51
C LYS A 9 -16.22 16.39 25.65
N PHE A 10 -16.10 17.35 24.78
CA PHE A 10 -16.97 18.57 24.86
C PHE A 10 -18.42 18.19 24.57
N GLU A 11 -19.22 18.02 25.59
CA GLU A 11 -20.65 17.65 25.37
C GLU A 11 -21.57 18.61 26.12
N GLU A 12 -22.86 18.53 25.88
CA GLU A 12 -23.80 19.44 26.58
C GLU A 12 -23.45 19.53 28.06
N ASN A 13 -23.39 18.42 28.74
CA ASN A 13 -23.05 18.44 30.19
C ASN A 13 -22.24 17.20 30.57
N VAL A 14 -21.46 17.29 31.61
CA VAL A 14 -20.64 16.11 32.03
C VAL A 14 -21.08 15.63 33.42
N SER A 15 -22.37 15.53 33.64
CA SER A 15 -22.85 15.06 34.97
C SER A 15 -23.12 13.56 34.94
N VAL A 16 -24.26 13.15 34.49
CA VAL A 16 -24.58 11.70 34.44
C VAL A 16 -23.55 10.97 33.58
N ASP A 17 -22.84 11.69 32.75
CA ASP A 17 -21.82 11.04 31.88
C ASP A 17 -22.41 9.77 31.24
N ASP A 18 -21.59 8.78 31.00
CA ASP A 18 -22.11 7.53 30.38
C ASP A 18 -21.63 6.31 31.16
N THR A 19 -21.34 6.48 32.43
CA THR A 19 -20.87 5.33 33.25
C THR A 19 -22.04 4.68 33.99
N THR A 20 -23.03 4.22 33.26
CA THR A 20 -24.21 3.58 33.92
C THR A 20 -25.02 2.78 32.90
N ALA A 21 -25.08 1.49 33.07
CA ALA A 21 -25.86 0.65 32.11
C ALA A 21 -27.02 -0.05 32.83
N THR A 22 -27.48 0.52 33.91
CA THR A 22 -28.60 -0.10 34.66
C THR A 22 -29.67 -0.63 33.70
N PRO A 23 -30.17 0.26 32.89
CA PRO A 23 -31.21 -0.12 31.89
C PRO A 23 -30.60 -0.95 30.76
N LYS A 24 -29.31 -0.92 30.63
CA LYS A 24 -28.65 -1.72 29.54
C LYS A 24 -29.33 -1.44 28.21
N THR A 25 -28.72 -0.62 27.38
CA THR A 25 -29.33 -0.32 26.05
C THR A 25 -28.49 -0.92 24.93
N VAL A 26 -28.26 -2.21 24.97
CA VAL A 26 -27.44 -2.86 23.91
C VAL A 26 -28.15 -4.10 23.36
N LEU A 27 -27.85 -4.48 22.16
CA LEU A 27 -28.52 -5.69 21.57
C LEU A 27 -27.47 -6.60 20.92
N SER A 28 -26.62 -6.05 20.10
CA SER A 28 -25.58 -6.88 19.43
C SER A 28 -24.20 -6.22 19.58
N ASP A 29 -23.90 -5.27 18.74
CA ASP A 29 -22.58 -4.59 18.83
C ASP A 29 -22.74 -3.09 18.57
N SER A 30 -22.99 -2.33 19.60
CA SER A 30 -23.15 -0.85 19.41
C SER A 30 -21.82 -0.14 19.64
N ALA A 31 -20.78 -0.88 19.93
CA ALA A 31 -19.45 -0.23 20.16
C ALA A 31 -18.55 -0.44 18.94
N HIS A 32 -17.70 0.52 18.66
CA HIS A 32 -16.80 0.38 17.49
C HIS A 32 -15.89 1.61 17.38
N PHE A 33 -15.15 1.73 16.31
CA PHE A 33 -14.25 2.91 16.17
C PHE A 33 -14.07 3.26 14.68
N ASP A 34 -13.70 2.31 13.88
CA ASP A 34 -13.51 2.59 12.42
C ASP A 34 -12.33 3.55 12.22
N VAL A 35 -11.58 3.80 13.25
CA VAL A 35 -10.41 4.72 13.13
C VAL A 35 -9.36 4.35 14.17
N LYS A 36 -8.71 3.25 13.98
CA LYS A 36 -7.68 2.81 14.96
C LYS A 36 -6.62 3.90 15.15
N HIS A 37 -5.72 4.07 14.23
CA HIS A 37 -4.67 5.11 14.43
C HIS A 37 -4.41 5.95 13.16
N PRO A 38 -3.99 5.30 12.10
CA PRO A 38 -3.65 6.04 10.86
C PRO A 38 -4.87 6.37 9.98
N LEU A 39 -5.76 5.43 9.73
CA LEU A 39 -6.90 5.77 8.84
C LEU A 39 -8.19 5.10 9.29
N ASN A 40 -9.07 4.87 8.37
CA ASN A 40 -10.38 4.22 8.71
C ASN A 40 -10.94 3.50 7.47
N THR A 41 -10.13 3.32 6.46
CA THR A 41 -10.62 2.62 5.24
C THR A 41 -10.59 1.11 5.47
N LYS A 42 -11.06 0.36 4.53
CA LYS A 42 -11.06 -1.12 4.71
C LYS A 42 -10.26 -1.82 3.62
N TRP A 43 -9.17 -2.44 3.98
CA TRP A 43 -8.37 -3.18 2.97
C TRP A 43 -8.02 -4.56 3.55
N THR A 44 -7.40 -5.39 2.77
CA THR A 44 -7.04 -6.74 3.29
C THR A 44 -5.55 -6.99 3.11
N LEU A 45 -5.04 -8.03 3.73
CA LEU A 45 -3.58 -8.30 3.65
C LEU A 45 -3.30 -9.69 3.08
N TRP A 46 -2.74 -9.75 1.89
CA TRP A 46 -2.42 -11.08 1.28
C TRP A 46 -0.91 -11.23 1.13
N TYR A 47 -0.33 -12.26 1.67
CA TYR A 47 1.14 -12.44 1.51
C TYR A 47 1.46 -13.81 0.90
N THR A 48 2.64 -13.98 0.39
CA THR A 48 3.01 -15.28 -0.23
C THR A 48 4.44 -15.68 0.18
N LYS A 49 4.75 -16.93 0.08
CA LYS A 49 6.13 -17.39 0.46
C LYS A 49 6.57 -18.52 -0.48
N PRO A 50 5.91 -19.65 -0.36
CA PRO A 50 6.25 -20.81 -1.23
C PRO A 50 5.88 -20.49 -2.68
N ALA A 51 5.70 -21.51 -3.50
CA ALA A 51 5.33 -21.30 -4.94
C ALA A 51 5.75 -22.50 -5.82
N VAL A 52 6.50 -23.41 -5.28
CA VAL A 52 6.96 -24.60 -6.08
C VAL A 52 5.88 -25.04 -7.08
N ASP A 53 4.64 -24.91 -6.70
CA ASP A 53 3.50 -25.30 -7.60
C ASP A 53 3.34 -26.83 -7.65
N LYS A 54 4.28 -27.56 -7.14
CA LYS A 54 4.14 -29.04 -7.14
C LYS A 54 2.87 -29.41 -6.37
N SER A 55 2.64 -28.68 -5.33
CA SER A 55 1.44 -28.89 -4.49
C SER A 55 1.04 -27.57 -3.83
N GLU A 56 1.62 -26.49 -4.28
CA GLU A 56 1.30 -25.16 -3.70
C GLU A 56 1.47 -24.10 -4.80
N SER A 57 0.43 -23.83 -5.51
CA SER A 57 0.50 -22.83 -6.62
C SER A 57 0.26 -21.43 -6.10
N TRP A 58 0.48 -20.43 -6.90
CA TRP A 58 0.26 -19.04 -6.44
C TRP A 58 -1.04 -18.98 -5.63
N SER A 59 -1.95 -19.86 -5.92
CA SER A 59 -3.24 -19.87 -5.19
C SER A 59 -3.11 -20.68 -3.89
N ASP A 60 -2.12 -21.52 -3.77
CA ASP A 60 -1.97 -22.29 -2.51
C ASP A 60 -1.06 -21.54 -1.55
N LEU A 61 -0.28 -20.63 -2.07
CA LEU A 61 0.62 -19.84 -1.19
C LEU A 61 -0.13 -18.65 -0.65
N LEU A 62 -0.37 -17.73 -1.53
CA LEU A 62 -1.10 -16.48 -1.17
C LEU A 62 -2.10 -16.73 -0.05
N ARG A 63 -2.05 -15.93 0.98
CA ARG A 63 -3.03 -16.09 2.09
C ARG A 63 -3.67 -14.74 2.38
N PRO A 64 -4.93 -14.64 2.06
CA PRO A 64 -5.68 -13.39 2.28
C PRO A 64 -6.03 -13.29 3.77
N VAL A 65 -5.54 -12.27 4.44
CA VAL A 65 -5.81 -12.19 5.90
C VAL A 65 -6.04 -10.75 6.39
N THR A 66 -5.40 -10.41 7.48
CA THR A 66 -5.54 -9.06 8.12
C THR A 66 -6.15 -7.99 7.21
N SER A 67 -7.32 -7.57 7.54
CA SER A 67 -7.99 -6.48 6.77
C SER A 67 -8.39 -5.40 7.77
N PHE A 68 -7.65 -4.33 7.82
CA PHE A 68 -7.98 -3.27 8.83
C PHE A 68 -7.67 -1.87 8.30
N GLN A 69 -7.81 -0.87 9.15
CA GLN A 69 -7.53 0.53 8.73
C GLN A 69 -6.43 1.10 9.60
N THR A 70 -5.41 0.35 9.82
CA THR A 70 -4.33 0.84 10.70
C THR A 70 -2.98 0.46 10.13
N VAL A 71 -1.95 0.76 10.85
CA VAL A 71 -0.58 0.41 10.42
C VAL A 71 -0.03 -0.66 11.36
N GLU A 72 -0.63 -0.77 12.51
CA GLU A 72 -0.17 -1.79 13.50
C GLU A 72 -0.09 -3.18 12.84
N GLU A 73 -1.20 -3.67 12.35
CA GLU A 73 -1.18 -5.01 11.70
C GLU A 73 -0.18 -5.02 10.52
N PHE A 74 -0.31 -4.08 9.62
CA PHE A 74 0.65 -4.04 8.49
C PHE A 74 2.05 -4.15 9.07
N TRP A 75 2.29 -3.46 10.16
CA TRP A 75 3.61 -3.53 10.81
C TRP A 75 3.92 -5.00 11.10
N ALA A 76 2.91 -5.76 11.41
CA ALA A 76 3.11 -7.20 11.70
C ALA A 76 3.91 -7.82 10.55
N ILE A 77 3.38 -7.78 9.36
CA ILE A 77 4.11 -8.35 8.22
C ILE A 77 5.53 -7.77 8.19
N ILE A 78 5.73 -6.61 8.77
CA ILE A 78 7.10 -6.01 8.79
C ILE A 78 7.88 -6.54 10.00
N GLN A 79 7.21 -6.76 11.10
CA GLN A 79 7.92 -7.27 12.30
C GLN A 79 8.66 -8.55 11.92
N ASN A 80 8.27 -9.17 10.85
CA ASN A 80 8.97 -10.38 10.38
C ASN A 80 10.38 -9.99 9.91
N ILE A 81 10.61 -8.72 9.81
CA ILE A 81 11.91 -8.19 9.34
C ILE A 81 12.54 -9.11 8.29
N PRO A 82 11.76 -9.42 7.28
CA PRO A 82 12.28 -10.27 6.19
C PRO A 82 13.06 -9.36 5.25
N GLU A 83 12.54 -8.17 5.06
CA GLU A 83 13.23 -7.18 4.20
C GLU A 83 13.67 -7.80 2.88
N PRO A 84 14.23 -6.97 2.03
CA PRO A 84 14.71 -7.42 0.71
C PRO A 84 15.98 -8.26 0.85
N HIS A 85 16.42 -8.52 2.06
CA HIS A 85 17.66 -9.34 2.23
C HIS A 85 17.72 -9.92 3.65
N GLU A 86 16.61 -10.19 4.25
CA GLU A 86 16.63 -10.76 5.62
C GLU A 86 15.81 -12.05 5.67
N LEU A 87 15.12 -12.37 4.61
CA LEU A 87 14.30 -13.62 4.61
C LEU A 87 14.80 -14.57 3.50
N PRO A 88 14.06 -15.61 3.28
CA PRO A 88 14.44 -16.60 2.22
C PRO A 88 14.04 -16.09 0.84
N LEU A 89 14.20 -14.81 0.60
CA LEU A 89 13.83 -14.23 -0.74
C LEU A 89 12.56 -14.89 -1.29
N LYS A 90 12.33 -14.74 -2.57
CA LYS A 90 11.12 -15.35 -3.18
C LYS A 90 9.89 -14.93 -2.38
N SER A 91 10.00 -13.87 -1.67
CA SER A 91 8.86 -13.39 -0.83
C SER A 91 7.83 -12.66 -1.69
N ASP A 92 6.64 -12.46 -1.18
CA ASP A 92 5.59 -11.75 -1.96
C ASP A 92 4.48 -11.23 -1.04
N TYR A 93 4.54 -10.01 -0.59
CA TYR A 93 3.46 -9.48 0.30
C TYR A 93 2.49 -8.64 -0.52
N HIS A 94 1.26 -8.52 -0.09
CA HIS A 94 0.27 -7.72 -0.87
C HIS A 94 -0.79 -7.11 0.06
N VAL A 95 -1.11 -5.87 -0.14
CA VAL A 95 -2.16 -5.22 0.73
C VAL A 95 -2.88 -4.14 -0.07
N PHE A 96 -4.19 -4.21 -0.15
CA PHE A 96 -4.94 -3.18 -0.92
C PHE A 96 -6.34 -2.97 -0.32
N ARG A 97 -7.04 -1.97 -0.79
CA ARG A 97 -8.41 -1.71 -0.27
C ARG A 97 -9.44 -2.24 -1.25
N ASN A 98 -10.64 -1.72 -1.20
CA ASN A 98 -11.70 -2.21 -2.13
C ASN A 98 -11.82 -1.25 -3.32
N ASP A 99 -10.95 -0.28 -3.40
CA ASP A 99 -11.00 0.67 -4.53
C ASP A 99 -10.64 -0.04 -5.84
N VAL A 100 -9.90 -1.11 -5.76
CA VAL A 100 -9.52 -1.84 -7.00
C VAL A 100 -10.21 -3.22 -7.03
N ARG A 101 -9.49 -4.25 -7.34
CA ARG A 101 -10.10 -5.61 -7.39
C ARG A 101 -9.57 -6.50 -6.26
N PRO A 102 -9.84 -7.77 -6.35
CA PRO A 102 -9.41 -8.73 -5.30
C PRO A 102 -8.01 -9.33 -5.52
N GLU A 103 -7.29 -9.02 -6.58
CA GLU A 103 -5.93 -9.66 -6.71
C GLU A 103 -5.11 -9.04 -7.84
N TRP A 104 -3.82 -9.26 -7.82
CA TRP A 104 -2.95 -8.72 -8.90
C TRP A 104 -3.53 -9.14 -10.25
N GLU A 105 -4.33 -10.16 -10.24
CA GLU A 105 -4.95 -10.63 -11.51
C GLU A 105 -6.19 -9.78 -11.80
N ASP A 106 -6.39 -8.76 -11.00
CA ASP A 106 -7.56 -7.86 -11.21
C ASP A 106 -7.26 -6.50 -10.59
N GLU A 107 -6.74 -6.47 -9.41
CA GLU A 107 -6.37 -5.17 -8.79
C GLU A 107 -5.44 -4.44 -9.73
N ALA A 108 -4.57 -5.18 -10.34
CA ALA A 108 -3.61 -4.58 -11.31
C ALA A 108 -4.32 -4.34 -12.63
N ASN A 109 -5.48 -4.89 -12.77
CA ASN A 109 -6.28 -4.69 -14.00
C ASN A 109 -7.15 -3.46 -13.80
N ALA A 110 -7.42 -3.14 -12.56
CA ALA A 110 -8.25 -1.96 -12.24
C ALA A 110 -7.37 -0.73 -12.04
N LYS A 111 -6.44 -0.77 -11.12
CA LYS A 111 -5.56 0.40 -10.89
C LYS A 111 -4.93 0.85 -12.21
N GLY A 112 -4.68 -0.07 -13.10
CA GLY A 112 -4.12 0.31 -14.42
C GLY A 112 -2.59 0.54 -14.35
N GLY A 113 -2.06 1.01 -13.25
CA GLY A 113 -0.58 1.26 -13.22
C GLY A 113 0.10 0.39 -12.16
N LYS A 114 1.08 -0.38 -12.56
CA LYS A 114 1.81 -1.23 -11.58
C LYS A 114 3.26 -0.71 -11.42
N TRP A 115 3.49 0.11 -10.44
CA TRP A 115 4.86 0.65 -10.25
C TRP A 115 5.70 -0.34 -9.43
N SER A 116 6.73 -0.89 -10.01
CA SER A 116 7.58 -1.85 -9.25
C SER A 116 9.00 -1.33 -9.13
N PHE A 117 9.81 -1.95 -8.31
CA PHE A 117 11.22 -1.50 -8.15
C PHE A 117 12.14 -2.72 -8.08
N GLN A 118 13.09 -2.81 -8.98
CA GLN A 118 14.00 -3.98 -8.98
C GLN A 118 15.28 -3.65 -8.19
N LEU A 119 15.68 -4.52 -7.31
CA LEU A 119 16.92 -4.25 -6.51
C LEU A 119 17.83 -5.49 -6.52
N ARG A 120 19.12 -5.28 -6.61
CA ARG A 120 20.06 -6.44 -6.61
C ARG A 120 20.87 -6.45 -5.32
N GLY A 121 20.22 -6.58 -4.19
CA GLY A 121 20.97 -6.60 -2.90
C GLY A 121 21.56 -5.22 -2.63
N LYS A 122 21.44 -4.73 -1.43
CA LYS A 122 21.99 -3.39 -1.10
C LYS A 122 22.31 -3.30 0.39
N GLY A 123 21.32 -3.09 1.21
CA GLY A 123 21.58 -2.99 2.68
C GLY A 123 20.90 -4.16 3.40
N ALA A 124 19.67 -4.00 3.80
CA ALA A 124 18.96 -5.11 4.50
C ALA A 124 17.68 -4.58 5.15
N ASP A 125 17.63 -3.31 5.45
CA ASP A 125 16.40 -2.74 6.09
C ASP A 125 15.74 -1.74 5.15
N ILE A 126 15.94 -1.89 3.87
CA ILE A 126 15.31 -0.95 2.90
C ILE A 126 13.80 -1.21 2.83
N ASP A 127 13.35 -2.30 3.39
CA ASP A 127 11.89 -2.60 3.34
C ASP A 127 11.14 -1.79 4.39
N GLU A 128 11.84 -1.16 5.30
CA GLU A 128 11.14 -0.34 6.33
C GLU A 128 10.89 1.06 5.80
N LEU A 129 11.81 1.57 5.04
CA LEU A 129 11.65 2.94 4.47
C LEU A 129 10.65 2.90 3.31
N TRP A 130 10.76 1.93 2.45
CA TRP A 130 9.81 1.82 1.33
C TRP A 130 8.41 1.57 1.86
N LEU A 131 8.30 0.80 2.91
CA LEU A 131 6.96 0.53 3.51
C LEU A 131 6.47 1.78 4.23
N ARG A 132 7.28 2.36 5.08
CA ARG A 132 6.86 3.59 5.79
C ARG A 132 6.19 4.53 4.79
N THR A 133 6.54 4.41 3.55
CA THR A 133 5.94 5.28 2.51
C THR A 133 4.59 4.71 2.07
N LEU A 134 4.47 3.41 2.03
CA LEU A 134 3.17 2.79 1.62
C LEU A 134 2.15 2.93 2.75
N LEU A 135 2.42 2.33 3.88
CA LEU A 135 1.47 2.45 5.02
C LEU A 135 1.13 3.92 5.26
N ALA A 136 2.11 4.79 5.10
CA ALA A 136 1.85 6.24 5.30
C ALA A 136 0.85 6.73 4.24
N VAL A 137 0.94 6.20 3.06
CA VAL A 137 0.02 6.63 1.98
C VAL A 137 -1.44 6.44 2.44
N ILE A 138 -1.78 5.26 2.88
CA ILE A 138 -3.19 5.03 3.34
C ILE A 138 -3.40 5.64 4.73
N GLY A 139 -2.42 5.54 5.57
CA GLY A 139 -2.55 6.11 6.95
C GLY A 139 -2.57 7.63 6.86
N GLU A 140 -1.85 8.18 5.93
CA GLU A 140 -1.82 9.66 5.78
C GLU A 140 -2.14 10.05 4.33
N THR A 141 -3.24 9.58 3.82
CA THR A 141 -3.62 9.92 2.42
C THR A 141 -3.45 11.42 2.18
N ILE A 142 -3.52 12.20 3.24
CA ILE A 142 -3.35 13.67 3.09
C ILE A 142 -2.22 13.97 2.11
N ASP A 143 -1.16 13.21 2.16
CA ASP A 143 -0.02 13.46 1.23
C ASP A 143 -0.53 13.80 -0.17
N GLU A 144 0.29 14.40 -0.98
CA GLU A 144 -0.15 14.75 -2.36
C GLU A 144 0.20 13.63 -3.34
N ASP A 145 0.54 12.48 -2.84
CA ASP A 145 0.89 11.35 -3.75
C ASP A 145 -0.18 11.19 -4.82
N ASP A 146 -1.41 11.30 -4.42
CA ASP A 146 -2.55 11.17 -5.38
C ASP A 146 -3.83 10.92 -4.58
N SER A 147 -3.67 10.34 -3.42
CA SER A 147 -4.85 10.06 -2.55
C SER A 147 -5.90 9.23 -3.31
N GLN A 148 -5.51 8.64 -4.41
CA GLN A 148 -6.48 7.81 -5.19
C GLN A 148 -5.92 6.40 -5.41
N ILE A 149 -4.65 6.22 -5.14
CA ILE A 149 -4.04 4.87 -5.32
C ILE A 149 -4.95 3.79 -4.74
N ASN A 150 -4.60 2.55 -4.91
CA ASN A 150 -5.44 1.46 -4.36
C ASN A 150 -4.64 0.62 -3.36
N GLY A 151 -3.40 0.33 -3.67
CA GLY A 151 -2.59 -0.48 -2.73
C GLY A 151 -1.21 -0.77 -3.33
N VAL A 152 -0.36 -1.40 -2.57
CA VAL A 152 1.00 -1.70 -3.08
C VAL A 152 1.33 -3.20 -2.92
N VAL A 153 2.47 -3.62 -3.41
CA VAL A 153 2.85 -5.05 -3.31
C VAL A 153 4.36 -5.19 -3.08
N LEU A 154 4.79 -6.29 -2.54
CA LEU A 154 6.24 -6.50 -2.30
C LEU A 154 6.59 -7.95 -2.66
N SER A 155 7.74 -8.19 -3.24
CA SER A 155 8.09 -9.59 -3.60
C SER A 155 9.59 -9.75 -3.81
N ILE A 156 10.22 -10.65 -3.10
CA ILE A 156 11.68 -10.86 -3.30
C ILE A 156 11.91 -12.14 -4.10
N ARG A 157 13.09 -12.34 -4.61
CA ARG A 157 13.37 -13.58 -5.40
C ARG A 157 14.87 -13.81 -5.59
N LYS A 158 15.46 -14.60 -4.72
CA LYS A 158 16.92 -14.92 -4.83
C LYS A 158 17.72 -13.76 -5.40
N GLY A 159 18.38 -13.01 -4.55
CA GLY A 159 19.20 -11.86 -5.06
C GLY A 159 18.39 -11.05 -6.07
N GLY A 160 17.16 -10.76 -5.75
CA GLY A 160 16.32 -9.97 -6.69
C GLY A 160 15.10 -9.44 -5.94
N ASN A 161 15.30 -8.55 -5.02
CA ASN A 161 14.15 -8.00 -4.26
C ASN A 161 13.34 -7.07 -5.16
N LYS A 162 12.04 -7.16 -5.14
CA LYS A 162 11.22 -6.28 -6.01
C LYS A 162 9.88 -5.98 -5.35
N PHE A 163 9.49 -4.74 -5.33
CA PHE A 163 8.18 -4.40 -4.71
C PHE A 163 7.30 -3.71 -5.74
N ALA A 164 6.03 -3.98 -5.73
CA ALA A 164 5.13 -3.34 -6.72
C ALA A 164 4.27 -2.26 -6.06
N LEU A 165 3.60 -1.47 -6.85
CA LEU A 165 2.75 -0.40 -6.30
C LEU A 165 1.55 -0.21 -7.23
N TRP A 166 0.35 -0.42 -6.76
CA TRP A 166 -0.82 -0.27 -7.66
C TRP A 166 -1.47 1.08 -7.49
N THR A 167 -1.84 1.68 -8.57
CA THR A 167 -2.49 3.01 -8.49
C THR A 167 -3.85 2.97 -9.18
N LYS A 168 -4.90 3.29 -8.46
CA LYS A 168 -6.25 3.29 -9.08
C LYS A 168 -6.19 3.83 -10.51
N SER A 169 -5.36 4.82 -10.72
CA SER A 169 -5.21 5.43 -12.09
C SER A 169 -4.67 6.86 -11.94
N GLU A 170 -5.52 7.80 -11.68
CA GLU A 170 -5.08 9.22 -11.51
C GLU A 170 -4.09 9.61 -12.61
N ASP A 171 -4.09 8.94 -13.72
CA ASP A 171 -3.14 9.30 -14.81
C ASP A 171 -1.71 8.95 -14.39
N LYS A 172 -0.96 8.39 -15.28
CA LYS A 172 0.44 8.02 -14.95
C LYS A 172 1.29 9.26 -14.69
N GLU A 173 0.88 10.39 -15.18
CA GLU A 173 1.67 11.62 -14.95
C GLU A 173 2.05 11.71 -13.47
N PRO A 174 1.04 11.78 -12.64
CA PRO A 174 1.27 11.85 -11.18
C PRO A 174 1.93 10.55 -10.70
N LEU A 175 1.89 9.51 -11.49
CA LEU A 175 2.55 8.24 -11.07
C LEU A 175 4.05 8.38 -11.30
N LEU A 176 4.45 8.72 -12.50
CA LEU A 176 5.90 8.92 -12.76
C LEU A 176 6.46 9.78 -11.64
N ARG A 177 5.61 10.57 -11.03
CA ARG A 177 6.06 11.44 -9.91
C ARG A 177 6.25 10.58 -8.66
N ILE A 178 5.30 9.72 -8.38
CA ILE A 178 5.41 8.85 -7.18
C ILE A 178 6.59 7.88 -7.36
N GLY A 179 6.59 7.13 -8.44
CA GLY A 179 7.72 6.18 -8.67
C GLY A 179 9.04 6.89 -8.37
N GLY A 180 9.19 8.10 -8.84
CA GLY A 180 10.46 8.84 -8.58
C GLY A 180 10.74 8.85 -7.08
N LYS A 181 9.85 9.42 -6.31
CA LYS A 181 10.07 9.46 -4.82
C LYS A 181 10.14 8.03 -4.27
N PHE A 182 9.13 7.24 -4.51
CA PHE A 182 9.14 5.84 -4.02
C PHE A 182 10.48 5.17 -4.35
N LYS A 183 11.13 5.62 -5.39
CA LYS A 183 12.43 5.00 -5.77
C LYS A 183 13.50 5.36 -4.73
N GLN A 184 13.75 6.63 -4.54
CA GLN A 184 14.77 7.05 -3.54
C GLN A 184 14.61 6.26 -2.25
N VAL A 185 13.39 6.11 -1.78
CA VAL A 185 13.17 5.34 -0.53
C VAL A 185 13.89 3.99 -0.64
N LEU A 186 13.92 3.44 -1.82
CA LEU A 186 14.61 2.13 -2.01
C LEU A 186 16.13 2.34 -1.96
N LYS A 187 16.55 3.57 -1.85
CA LYS A 187 18.01 3.89 -1.80
C LYS A 187 18.62 3.72 -3.19
N LEU A 188 17.89 4.09 -4.20
CA LEU A 188 18.42 3.96 -5.59
C LEU A 188 18.58 5.36 -6.20
N THR A 189 19.20 5.45 -7.34
CA THR A 189 19.40 6.78 -8.00
C THR A 189 20.31 6.63 -9.23
N ASP A 190 20.26 5.51 -9.89
CA ASP A 190 21.13 5.32 -11.08
C ASP A 190 20.29 4.91 -12.30
N ASP A 191 18.98 4.92 -12.15
CA ASP A 191 18.11 4.53 -13.30
C ASP A 191 18.38 3.08 -13.70
N GLY A 192 17.40 2.42 -14.26
CA GLY A 192 17.60 1.01 -14.68
C GLY A 192 17.20 0.08 -13.53
N HIS A 193 16.42 0.57 -12.60
CA HIS A 193 16.01 -0.28 -11.45
C HIS A 193 14.49 -0.29 -11.32
N LEU A 194 13.89 0.86 -11.17
CA LEU A 194 12.41 0.91 -11.05
C LEU A 194 11.79 0.22 -12.25
N GLU A 195 10.54 -0.15 -12.16
CA GLU A 195 9.90 -0.82 -13.32
C GLU A 195 8.45 -0.39 -13.45
N PHE A 196 8.12 0.31 -14.50
CA PHE A 196 6.72 0.77 -14.69
C PHE A 196 5.95 -0.26 -15.51
N PHE A 197 4.87 -0.75 -14.98
CA PHE A 197 4.07 -1.78 -15.71
C PHE A 197 2.58 -1.41 -15.71
N PRO A 198 2.05 -1.20 -16.89
CA PRO A 198 0.62 -0.88 -17.02
C PRO A 198 -0.21 -2.16 -16.89
N HIS A 199 -1.39 -2.06 -16.32
CA HIS A 199 -2.24 -3.27 -16.16
C HIS A 199 -2.21 -4.10 -17.45
N SER A 200 -1.95 -3.46 -18.56
CA SER A 200 -1.91 -4.20 -19.86
C SER A 200 -0.93 -5.39 -19.78
N SER A 201 -0.08 -5.41 -18.79
CA SER A 201 0.90 -6.54 -18.68
C SER A 201 0.30 -7.73 -17.93
N ALA A 202 -0.50 -7.48 -16.93
CA ALA A 202 -1.10 -8.61 -16.16
C ALA A 202 -2.23 -9.27 -16.96
N ASN A 203 -2.45 -8.85 -18.17
CA ASN A 203 -3.53 -9.47 -19.00
C ASN A 203 -3.28 -9.19 -20.47
N GLY A 204 -2.05 -9.03 -20.86
CA GLY A 204 -1.73 -8.75 -22.28
C GLY A 204 -0.22 -8.87 -22.49
N ARG A 205 0.56 -8.33 -21.60
CA ARG A 205 2.03 -8.40 -21.74
C ARG A 205 2.69 -8.52 -20.36
N HIS A 206 2.49 -9.63 -19.69
CA HIS A 206 3.08 -9.81 -18.33
C HIS A 206 4.56 -9.41 -18.34
N PRO A 207 5.30 -10.02 -19.22
CA PRO A 207 6.76 -9.73 -19.32
C PRO A 207 7.00 -8.36 -19.95
N GLN A 208 8.23 -7.93 -19.99
CA GLN A 208 8.54 -6.61 -20.60
C GLN A 208 7.77 -5.49 -19.88
N PRO A 209 8.47 -4.79 -19.04
CA PRO A 209 7.86 -3.67 -18.28
C PRO A 209 7.60 -2.48 -19.21
N SER A 210 7.53 -1.28 -18.68
CA SER A 210 7.30 -0.10 -19.54
C SER A 210 8.45 0.88 -19.36
N ILE A 211 8.82 1.13 -18.13
CA ILE A 211 9.93 2.08 -17.88
C ILE A 211 10.96 1.42 -16.96
N THR A 212 12.04 2.12 -16.72
CA THR A 212 13.09 1.57 -15.82
C THR A 212 13.83 2.73 -15.16
N LEU A 213 13.45 3.05 -13.96
CA LEU A 213 14.11 4.18 -13.25
C LEU A 213 15.01 3.67 -12.12
N MET A 1 13.90 32.42 38.10
CA MET A 1 14.46 31.18 37.49
C MET A 1 13.49 30.01 37.69
N SER A 2 12.63 29.77 36.74
CA SER A 2 11.66 28.65 36.87
C SER A 2 11.52 27.91 35.53
N VAL A 3 12.34 28.24 34.57
CA VAL A 3 12.26 27.55 33.25
C VAL A 3 12.27 26.03 33.43
N GLU A 4 13.02 25.54 34.38
CA GLU A 4 13.08 24.08 34.61
C GLU A 4 12.45 23.73 35.97
N GLU A 5 12.35 24.69 36.84
CA GLU A 5 11.76 24.42 38.18
C GLU A 5 10.39 25.08 38.30
N VAL A 6 9.56 24.63 39.21
CA VAL A 6 8.22 25.24 39.37
C VAL A 6 7.53 25.36 38.00
N SER A 7 6.94 24.30 37.53
CA SER A 7 6.25 24.35 36.21
C SER A 7 4.89 23.65 36.29
N LYS A 8 3.83 24.37 36.07
CA LYS A 8 2.48 23.74 36.14
C LYS A 8 2.36 22.63 35.09
N LYS A 9 3.24 22.62 34.13
CA LYS A 9 3.18 21.56 33.07
C LYS A 9 4.47 20.74 33.07
N PHE A 10 4.68 19.95 34.07
CA PHE A 10 5.92 19.12 34.13
C PHE A 10 5.57 17.64 33.91
N GLU A 11 4.59 17.13 34.60
CA GLU A 11 4.21 15.70 34.43
C GLU A 11 2.84 15.60 33.75
N GLU A 12 2.27 14.43 33.72
CA GLU A 12 0.94 14.26 33.07
C GLU A 12 0.07 13.32 33.90
N ASN A 13 0.47 13.02 35.10
CA ASN A 13 -0.34 12.10 35.96
C ASN A 13 -1.77 12.63 36.07
N VAL A 14 -2.56 12.04 36.93
CA VAL A 14 -3.97 12.50 37.10
C VAL A 14 -4.01 13.78 37.92
N SER A 15 -3.99 13.66 39.23
CA SER A 15 -4.03 14.87 40.09
C SER A 15 -5.11 15.85 39.59
N VAL A 16 -6.33 15.39 39.50
CA VAL A 16 -7.42 16.29 39.02
C VAL A 16 -6.95 17.09 37.79
N ASP A 17 -6.27 16.44 36.89
CA ASP A 17 -5.78 17.17 35.67
C ASP A 17 -6.98 17.71 34.88
N ASP A 18 -7.99 16.92 34.71
CA ASP A 18 -9.18 17.38 33.94
C ASP A 18 -10.43 17.39 34.84
N THR A 19 -11.55 17.81 34.31
CA THR A 19 -12.78 17.84 35.13
C THR A 19 -14.01 17.99 34.24
N THR A 20 -14.04 19.02 33.43
CA THR A 20 -15.22 19.24 32.53
C THR A 20 -14.77 19.93 31.25
N ALA A 21 -13.51 19.85 30.91
CA ALA A 21 -13.02 20.51 29.67
C ALA A 21 -12.18 19.53 28.84
N THR A 22 -12.36 18.25 29.06
CA THR A 22 -11.57 17.25 28.29
C THR A 22 -11.58 17.60 26.79
N PRO A 23 -12.77 17.65 26.26
CA PRO A 23 -12.94 17.98 24.82
C PRO A 23 -12.64 19.46 24.56
N LYS A 24 -12.38 20.21 25.59
CA LYS A 24 -12.08 21.66 25.40
C LYS A 24 -10.57 21.89 25.29
N THR A 25 -9.97 21.46 24.21
CA THR A 25 -8.49 21.65 24.07
C THR A 25 -8.13 21.81 22.59
N VAL A 26 -7.92 23.01 22.15
CA VAL A 26 -7.56 23.23 20.72
C VAL A 26 -6.09 23.66 20.59
N LEU A 27 -5.31 23.39 21.60
CA LEU A 27 -3.87 23.79 21.54
C LEU A 27 -3.06 22.76 20.74
N SER A 28 -3.37 21.51 20.89
CA SER A 28 -2.63 20.47 20.13
C SER A 28 -3.16 20.37 18.70
N ASP A 29 -2.92 21.37 17.89
CA ASP A 29 -3.41 21.34 16.49
C ASP A 29 -4.90 21.00 16.46
N SER A 30 -5.44 20.78 15.28
CA SER A 30 -6.89 20.45 15.18
C SER A 30 -7.17 19.75 13.86
N ALA A 31 -6.19 19.11 13.29
CA ALA A 31 -6.42 18.40 11.99
C ALA A 31 -6.46 16.89 12.22
N HIS A 32 -7.01 16.16 11.28
CA HIS A 32 -7.08 14.67 11.45
C HIS A 32 -5.68 14.05 11.31
N PHE A 33 -5.01 13.85 12.41
CA PHE A 33 -3.65 13.25 12.35
C PHE A 33 -3.59 11.99 13.22
N ASP A 34 -3.77 10.84 12.62
CA ASP A 34 -3.72 9.57 13.41
C ASP A 34 -2.62 8.65 12.87
N VAL A 35 -2.96 7.83 11.91
CA VAL A 35 -1.94 6.90 11.34
C VAL A 35 -1.38 5.99 12.44
N LYS A 36 -2.02 5.94 13.56
CA LYS A 36 -1.53 5.07 14.67
C LYS A 36 -2.53 3.94 14.95
N HIS A 37 -3.63 3.95 14.26
CA HIS A 37 -4.65 2.87 14.47
C HIS A 37 -5.91 3.17 13.66
N PRO A 38 -6.39 4.38 13.76
CA PRO A 38 -7.60 4.80 13.03
C PRO A 38 -7.23 5.35 11.65
N LEU A 39 -6.82 4.50 10.73
CA LEU A 39 -6.47 4.99 9.37
C LEU A 39 -7.64 5.75 8.74
N ASN A 40 -8.12 5.31 7.61
CA ASN A 40 -9.26 6.00 6.95
C ASN A 40 -9.67 5.26 5.67
N THR A 41 -9.42 3.97 5.61
CA THR A 41 -9.79 3.21 4.38
C THR A 41 -10.01 1.73 4.73
N LYS A 42 -10.42 0.95 3.77
CA LYS A 42 -10.65 -0.50 4.04
C LYS A 42 -9.80 -1.35 3.08
N TRP A 43 -9.00 -2.23 3.61
CA TRP A 43 -8.17 -3.08 2.70
C TRP A 43 -7.83 -4.40 3.40
N THR A 44 -7.16 -5.28 2.70
CA THR A 44 -6.81 -6.59 3.31
C THR A 44 -5.30 -6.85 3.21
N LEU A 45 -4.84 -7.87 3.85
CA LEU A 45 -3.38 -8.16 3.84
C LEU A 45 -3.11 -9.53 3.21
N TRP A 46 -2.66 -9.56 1.98
CA TRP A 46 -2.39 -10.87 1.31
C TRP A 46 -0.89 -11.03 1.05
N TYR A 47 -0.26 -11.98 1.69
CA TYR A 47 1.20 -12.17 1.43
C TYR A 47 1.42 -13.52 0.73
N THR A 48 2.49 -13.67 0.00
CA THR A 48 2.73 -14.95 -0.70
C THR A 48 4.13 -15.48 -0.46
N LYS A 49 4.30 -16.76 -0.62
CA LYS A 49 5.64 -17.38 -0.42
C LYS A 49 5.80 -18.57 -1.38
N PRO A 50 6.63 -18.38 -2.37
CA PRO A 50 6.85 -19.44 -3.38
C PRO A 50 7.59 -20.62 -2.75
N ALA A 51 6.87 -21.66 -2.42
CA ALA A 51 7.53 -22.86 -1.80
C ALA A 51 6.49 -23.82 -1.22
N VAL A 52 5.32 -23.34 -0.94
CA VAL A 52 4.25 -24.22 -0.37
C VAL A 52 4.30 -25.60 -1.03
N ASP A 53 4.56 -25.64 -2.31
CA ASP A 53 4.64 -26.95 -3.02
C ASP A 53 5.00 -26.72 -4.49
N LYS A 54 6.25 -26.54 -4.77
CA LYS A 54 6.65 -26.30 -6.18
C LYS A 54 5.88 -25.09 -6.71
N SER A 55 5.36 -24.29 -5.82
CA SER A 55 4.56 -23.09 -6.24
C SER A 55 3.19 -23.55 -6.70
N GLU A 56 2.79 -24.71 -6.23
CA GLU A 56 1.46 -25.31 -6.58
C GLU A 56 0.57 -24.35 -7.36
N SER A 57 0.24 -23.24 -6.77
CA SER A 57 -0.62 -22.26 -7.48
C SER A 57 -0.48 -20.88 -6.85
N TRP A 58 -0.21 -19.87 -7.64
CA TRP A 58 -0.07 -18.51 -7.05
C TRP A 58 -1.26 -18.26 -6.12
N SER A 59 -2.39 -18.80 -6.44
CA SER A 59 -3.60 -18.61 -5.58
C SER A 59 -3.54 -19.58 -4.39
N ASP A 60 -2.70 -20.56 -4.47
CA ASP A 60 -2.59 -21.54 -3.35
C ASP A 60 -1.58 -21.02 -2.32
N LEU A 61 -0.77 -20.07 -2.68
CA LEU A 61 0.23 -19.53 -1.72
C LEU A 61 -0.33 -18.26 -1.09
N LEU A 62 -0.60 -17.28 -1.90
CA LEU A 62 -1.13 -15.99 -1.36
C LEU A 62 -2.11 -16.25 -0.22
N ARG A 63 -1.78 -15.78 0.95
CA ARG A 63 -2.69 -15.97 2.11
C ARG A 63 -3.41 -14.66 2.41
N PRO A 64 -4.69 -14.64 2.14
CA PRO A 64 -5.47 -13.42 2.39
C PRO A 64 -5.81 -13.30 3.88
N VAL A 65 -5.37 -12.25 4.53
CA VAL A 65 -5.63 -12.12 5.99
C VAL A 65 -5.92 -10.67 6.40
N THR A 66 -5.37 -10.27 7.53
CA THR A 66 -5.56 -8.91 8.10
C THR A 66 -6.15 -7.89 7.13
N SER A 67 -7.31 -7.41 7.43
CA SER A 67 -7.96 -6.37 6.59
C SER A 67 -8.47 -5.29 7.52
N PHE A 68 -7.68 -4.29 7.75
CA PHE A 68 -8.12 -3.22 8.71
C PHE A 68 -7.70 -1.82 8.25
N GLN A 69 -7.92 -0.85 9.10
CA GLN A 69 -7.57 0.56 8.79
C GLN A 69 -6.69 1.07 9.93
N THR A 70 -5.66 0.35 10.25
CA THR A 70 -4.76 0.78 11.34
C THR A 70 -3.32 0.63 10.91
N VAL A 71 -2.42 0.63 11.84
CA VAL A 71 -0.99 0.47 11.49
C VAL A 71 -0.43 -0.76 12.21
N GLU A 72 -0.91 -1.02 13.39
CA GLU A 72 -0.41 -2.21 14.15
C GLU A 72 -0.49 -3.46 13.27
N GLU A 73 -1.59 -3.66 12.59
CA GLU A 73 -1.70 -4.86 11.72
C GLU A 73 -0.57 -4.87 10.68
N PHE A 74 -0.63 -3.95 9.76
CA PHE A 74 0.44 -3.89 8.73
C PHE A 74 1.82 -3.95 9.39
N TRP A 75 2.03 -3.14 10.40
CA TRP A 75 3.35 -3.17 11.09
C TRP A 75 3.65 -4.59 11.55
N ALA A 76 2.63 -5.35 11.80
CA ALA A 76 2.85 -6.76 12.24
C ALA A 76 3.64 -7.49 11.16
N ILE A 77 3.12 -7.54 9.96
CA ILE A 77 3.86 -8.21 8.86
C ILE A 77 5.30 -7.69 8.84
N ILE A 78 5.49 -6.45 9.26
CA ILE A 78 6.86 -5.88 9.29
C ILE A 78 7.56 -6.32 10.58
N GLN A 79 6.80 -6.52 11.61
CA GLN A 79 7.42 -6.95 12.90
C GLN A 79 8.35 -8.13 12.64
N ASN A 80 8.01 -8.92 11.65
CA ASN A 80 8.88 -10.09 11.30
C ASN A 80 10.12 -9.62 10.56
N ILE A 81 10.11 -8.38 10.16
CA ILE A 81 11.24 -7.80 9.40
C ILE A 81 11.93 -8.85 8.52
N PRO A 82 11.13 -9.56 7.74
CA PRO A 82 11.69 -10.60 6.83
C PRO A 82 11.93 -9.98 5.45
N GLU A 83 11.38 -8.83 5.23
CA GLU A 83 11.55 -8.16 3.91
C GLU A 83 12.92 -7.48 3.79
N PRO A 84 13.35 -6.80 4.82
CA PRO A 84 14.65 -6.11 4.77
C PRO A 84 15.79 -7.13 4.72
N HIS A 85 15.75 -8.03 3.77
CA HIS A 85 16.81 -9.06 3.66
C HIS A 85 16.81 -9.93 4.91
N GLU A 86 15.68 -10.50 5.24
CA GLU A 86 15.61 -11.36 6.45
C GLU A 86 14.83 -12.65 6.18
N LEU A 87 14.28 -12.79 5.00
CA LEU A 87 13.51 -14.02 4.70
C LEU A 87 14.18 -14.80 3.56
N PRO A 88 13.53 -15.85 3.14
CA PRO A 88 14.08 -16.68 2.03
C PRO A 88 13.80 -16.01 0.68
N LEU A 89 14.02 -14.73 0.59
CA LEU A 89 13.78 -13.97 -0.68
C LEU A 89 12.58 -14.54 -1.43
N LYS A 90 12.53 -14.31 -2.71
CA LYS A 90 11.37 -14.83 -3.51
C LYS A 90 10.06 -14.54 -2.80
N SER A 91 10.06 -13.56 -1.96
CA SER A 91 8.83 -13.21 -1.20
C SER A 91 7.86 -12.41 -2.06
N ASP A 92 6.63 -12.25 -1.63
CA ASP A 92 5.65 -11.46 -2.42
C ASP A 92 4.48 -11.03 -1.54
N TYR A 93 4.54 -9.83 -0.98
CA TYR A 93 3.42 -9.38 -0.11
C TYR A 93 2.41 -8.58 -0.94
N HIS A 94 1.17 -8.54 -0.52
CA HIS A 94 0.15 -7.79 -1.31
C HIS A 94 -0.94 -7.25 -0.38
N VAL A 95 -0.91 -5.98 -0.08
CA VAL A 95 -1.97 -5.40 0.81
C VAL A 95 -2.72 -4.29 0.07
N PHE A 96 -3.99 -4.46 -0.14
CA PHE A 96 -4.77 -3.43 -0.87
C PHE A 96 -6.23 -3.87 -1.02
N ARG A 97 -7.07 -2.98 -1.52
CA ARG A 97 -8.53 -3.31 -1.72
C ARG A 97 -9.35 -2.00 -1.74
N ASN A 98 -8.78 -0.92 -1.29
CA ASN A 98 -9.52 0.37 -1.25
C ASN A 98 -9.95 0.82 -2.65
N ASP A 99 -9.49 0.16 -3.69
CA ASP A 99 -9.89 0.60 -5.06
C ASP A 99 -10.23 -0.60 -5.95
N VAL A 100 -9.34 -1.55 -6.07
CA VAL A 100 -9.63 -2.72 -6.93
C VAL A 100 -10.09 -3.90 -6.06
N ARG A 101 -9.50 -5.05 -6.18
CA ARG A 101 -9.96 -6.18 -5.33
C ARG A 101 -9.25 -7.51 -5.65
N PRO A 102 -9.29 -7.90 -6.91
CA PRO A 102 -8.67 -9.18 -7.34
C PRO A 102 -7.18 -9.28 -7.01
N GLU A 103 -6.29 -8.70 -7.78
CA GLU A 103 -4.83 -8.84 -7.45
C GLU A 103 -3.95 -8.31 -8.57
N TRP A 104 -2.68 -8.56 -8.51
CA TRP A 104 -1.77 -8.07 -9.58
C TRP A 104 -2.37 -8.41 -10.95
N GLU A 105 -3.28 -9.34 -11.00
CA GLU A 105 -3.90 -9.73 -12.28
C GLU A 105 -5.02 -8.74 -12.63
N ASP A 106 -5.48 -8.00 -11.64
CA ASP A 106 -6.56 -7.01 -11.90
C ASP A 106 -6.46 -5.78 -10.97
N GLU A 107 -5.62 -5.83 -9.96
CA GLU A 107 -5.48 -4.67 -9.03
C GLU A 107 -5.23 -3.39 -9.81
N ALA A 108 -4.48 -3.49 -10.85
CA ALA A 108 -4.20 -2.30 -11.70
C ALA A 108 -5.29 -2.20 -12.75
N ASN A 109 -5.90 -3.31 -13.06
CA ASN A 109 -7.00 -3.33 -14.05
C ASN A 109 -8.16 -2.53 -13.49
N ALA A 110 -8.27 -2.49 -12.20
CA ALA A 110 -9.38 -1.74 -11.57
C ALA A 110 -9.50 -0.37 -12.24
N LYS A 111 -8.41 0.31 -12.43
CA LYS A 111 -8.47 1.64 -13.11
C LYS A 111 -7.15 2.40 -13.00
N GLY A 112 -6.04 1.73 -12.79
CA GLY A 112 -4.77 2.49 -12.68
C GLY A 112 -3.61 1.75 -13.34
N GLY A 113 -2.78 1.12 -12.56
CA GLY A 113 -1.60 0.40 -13.13
C GLY A 113 -0.78 -0.25 -12.00
N LYS A 114 0.26 -0.98 -12.36
CA LYS A 114 1.09 -1.65 -11.31
C LYS A 114 2.55 -1.21 -11.42
N TRP A 115 3.04 -0.46 -10.46
CA TRP A 115 4.46 -0.01 -10.51
C TRP A 115 5.37 -1.14 -10.03
N SER A 116 6.64 -1.07 -10.30
CA SER A 116 7.55 -2.16 -9.83
C SER A 116 9.01 -1.67 -9.82
N PHE A 117 9.69 -1.87 -8.74
CA PHE A 117 11.11 -1.41 -8.66
C PHE A 117 12.03 -2.62 -8.47
N GLN A 118 12.85 -2.93 -9.45
CA GLN A 118 13.76 -4.09 -9.33
C GLN A 118 15.06 -3.66 -8.63
N LEU A 119 15.41 -4.31 -7.55
CA LEU A 119 16.66 -3.94 -6.83
C LEU A 119 17.63 -5.12 -6.82
N ARG A 120 18.89 -4.87 -7.05
CA ARG A 120 19.89 -5.97 -7.05
C ARG A 120 21.13 -5.56 -6.25
N GLY A 121 20.97 -5.40 -4.96
CA GLY A 121 22.14 -5.01 -4.11
C GLY A 121 21.64 -4.63 -2.71
N LYS A 122 22.55 -4.42 -1.80
CA LYS A 122 22.14 -4.05 -0.41
C LYS A 122 21.16 -5.09 0.15
N GLY A 123 20.44 -4.76 1.19
CA GLY A 123 19.48 -5.73 1.77
C GLY A 123 19.73 -5.87 3.27
N ALA A 124 19.08 -5.07 4.07
CA ALA A 124 19.29 -5.16 5.54
C ALA A 124 18.20 -4.38 6.29
N ASP A 125 17.76 -3.28 5.74
CA ASP A 125 16.70 -2.48 6.42
C ASP A 125 16.06 -1.50 5.44
N ILE A 126 16.13 -1.79 4.16
CA ILE A 126 15.52 -0.87 3.16
C ILE A 126 14.04 -1.20 2.98
N ASP A 127 13.67 -2.44 3.14
CA ASP A 127 12.24 -2.83 2.98
C ASP A 127 11.41 -2.24 4.12
N GLU A 128 12.05 -1.76 5.15
CA GLU A 128 11.28 -1.17 6.28
C GLU A 128 10.95 0.28 5.96
N LEU A 129 11.85 0.97 5.32
CA LEU A 129 11.62 2.39 4.96
C LEU A 129 10.60 2.46 3.81
N TRP A 130 10.77 1.63 2.82
CA TRP A 130 9.82 1.63 1.67
C TRP A 130 8.42 1.28 2.19
N LEU A 131 8.35 0.43 3.20
CA LEU A 131 7.03 0.06 3.76
C LEU A 131 6.39 1.27 4.43
N ARG A 132 7.08 1.88 5.37
CA ARG A 132 6.50 3.07 6.04
C ARG A 132 5.92 3.99 4.98
N THR A 133 6.44 3.91 3.79
CA THR A 133 5.92 4.78 2.69
C THR A 133 4.66 4.15 2.09
N LEU A 134 4.59 2.84 2.03
CA LEU A 134 3.38 2.20 1.46
C LEU A 134 2.24 2.24 2.48
N LEU A 135 2.42 1.62 3.62
CA LEU A 135 1.36 1.64 4.66
C LEU A 135 0.93 3.07 4.93
N ALA A 136 1.83 4.01 4.81
CA ALA A 136 1.47 5.43 5.04
C ALA A 136 0.62 5.95 3.87
N VAL A 137 0.94 5.53 2.68
CA VAL A 137 0.17 6.00 1.49
C VAL A 137 -1.32 5.67 1.65
N ILE A 138 -1.66 4.45 1.97
CA ILE A 138 -3.09 4.09 2.13
C ILE A 138 -3.68 4.83 3.34
N GLY A 139 -2.93 4.91 4.40
CA GLY A 139 -3.44 5.61 5.61
C GLY A 139 -3.80 7.06 5.25
N GLU A 140 -3.33 7.53 4.13
CA GLU A 140 -3.64 8.93 3.72
C GLU A 140 -2.90 9.91 4.62
N THR A 141 -1.62 9.77 4.73
CA THR A 141 -0.82 10.70 5.58
C THR A 141 0.57 10.89 4.98
N ILE A 142 0.74 10.51 3.73
CA ILE A 142 2.06 10.66 3.08
C ILE A 142 2.13 12.01 2.33
N ASP A 143 0.99 12.54 1.97
CA ASP A 143 0.99 13.84 1.23
C ASP A 143 2.10 13.88 0.19
N GLU A 144 1.80 13.50 -1.02
CA GLU A 144 2.85 13.51 -2.08
C GLU A 144 2.20 13.37 -3.46
N ASP A 145 1.19 12.56 -3.57
CA ASP A 145 0.51 12.38 -4.88
C ASP A 145 -0.49 11.22 -4.82
N ASP A 146 -0.07 10.10 -4.30
CA ASP A 146 -0.99 8.93 -4.21
C ASP A 146 -2.38 9.38 -3.75
N SER A 147 -2.46 10.00 -2.60
CA SER A 147 -3.79 10.47 -2.10
C SER A 147 -4.74 9.29 -1.93
N GLN A 148 -5.30 8.80 -3.00
CA GLN A 148 -6.22 7.63 -2.89
C GLN A 148 -5.54 6.35 -3.38
N ILE A 149 -4.84 6.42 -4.48
CA ILE A 149 -4.14 5.21 -5.00
C ILE A 149 -5.07 3.98 -4.90
N ASN A 150 -4.55 2.81 -5.09
CA ASN A 150 -5.40 1.59 -5.01
C ASN A 150 -4.77 0.57 -4.06
N GLY A 151 -3.50 0.34 -4.17
CA GLY A 151 -2.88 -0.67 -3.27
C GLY A 151 -1.37 -0.73 -3.48
N VAL A 152 -0.70 -1.52 -2.69
CA VAL A 152 0.78 -1.65 -2.82
C VAL A 152 1.17 -3.13 -2.78
N VAL A 153 2.36 -3.43 -3.19
CA VAL A 153 2.82 -4.84 -3.17
C VAL A 153 4.33 -4.90 -2.98
N LEU A 154 4.82 -6.03 -2.58
CA LEU A 154 6.28 -6.20 -2.37
C LEU A 154 6.68 -7.61 -2.78
N SER A 155 7.89 -7.80 -3.26
CA SER A 155 8.29 -9.18 -3.66
C SER A 155 9.81 -9.30 -3.73
N ILE A 156 10.37 -10.17 -2.94
CA ILE A 156 11.85 -10.35 -2.97
C ILE A 156 12.20 -11.53 -3.88
N ARG A 157 13.44 -11.63 -4.28
CA ARG A 157 13.84 -12.76 -5.16
C ARG A 157 15.32 -13.10 -4.95
N LYS A 158 15.81 -14.12 -5.61
CA LYS A 158 17.24 -14.48 -5.44
C LYS A 158 18.14 -13.29 -5.78
N GLY A 159 18.80 -12.73 -4.80
CA GLY A 159 19.69 -11.57 -5.06
C GLY A 159 18.98 -10.59 -6.01
N GLY A 160 17.76 -10.24 -5.71
CA GLY A 160 17.03 -9.28 -6.59
C GLY A 160 15.64 -9.03 -6.00
N ASN A 161 15.53 -8.15 -5.05
CA ASN A 161 14.19 -7.88 -4.45
C ASN A 161 13.50 -6.77 -5.23
N LYS A 162 12.21 -6.66 -5.09
CA LYS A 162 11.47 -5.59 -5.83
C LYS A 162 10.12 -5.34 -5.18
N PHE A 163 9.60 -4.15 -5.33
CA PHE A 163 8.28 -3.83 -4.73
C PHE A 163 7.33 -3.32 -5.82
N ALA A 164 6.06 -3.43 -5.63
CA ALA A 164 5.10 -2.96 -6.67
C ALA A 164 4.10 -1.96 -6.08
N LEU A 165 3.99 -0.80 -6.68
CA LEU A 165 3.02 0.22 -6.17
C LEU A 165 1.76 0.18 -7.03
N TRP A 166 0.63 -0.10 -6.46
CA TRP A 166 -0.60 -0.16 -7.29
C TRP A 166 -1.45 1.09 -7.09
N THR A 167 -1.67 1.80 -8.15
CA THR A 167 -2.46 3.05 -8.07
C THR A 167 -3.84 2.84 -8.67
N LYS A 168 -4.84 3.36 -8.03
CA LYS A 168 -6.22 3.20 -8.55
C LYS A 168 -6.40 4.02 -9.84
N SER A 169 -5.64 5.06 -9.99
CA SER A 169 -5.73 5.91 -11.22
C SER A 169 -5.04 7.26 -10.96
N GLU A 170 -5.76 8.19 -10.42
CA GLU A 170 -5.17 9.54 -10.12
C GLU A 170 -4.24 9.99 -11.25
N ASP A 171 -4.45 9.52 -12.46
CA ASP A 171 -3.57 9.94 -13.57
C ASP A 171 -2.16 9.39 -13.36
N LYS A 172 -1.60 8.79 -14.38
CA LYS A 172 -0.24 8.21 -14.24
C LYS A 172 0.81 9.31 -14.06
N GLU A 173 0.50 10.51 -14.44
CA GLU A 173 1.49 11.60 -14.26
C GLU A 173 1.98 11.62 -12.81
N PRO A 174 1.07 11.78 -11.90
CA PRO A 174 1.41 11.78 -10.48
C PRO A 174 1.94 10.40 -10.07
N LEU A 175 1.71 9.39 -10.87
CA LEU A 175 2.24 8.04 -10.51
C LEU A 175 3.73 8.00 -10.82
N LEU A 176 4.09 8.26 -12.04
CA LEU A 176 5.53 8.26 -12.39
C LEU A 176 6.26 9.16 -11.39
N ARG A 177 5.53 10.04 -10.77
CA ARG A 177 6.16 10.94 -9.75
C ARG A 177 6.41 10.16 -8.45
N ILE A 178 5.53 9.26 -8.12
CA ILE A 178 5.72 8.46 -6.87
C ILE A 178 6.74 7.36 -7.13
N GLY A 179 6.61 6.64 -8.21
CA GLY A 179 7.58 5.57 -8.52
C GLY A 179 8.99 6.15 -8.44
N GLY A 180 9.19 7.33 -8.95
CA GLY A 180 10.53 7.96 -8.90
C GLY A 180 10.95 8.17 -7.43
N LYS A 181 10.21 8.97 -6.71
CA LYS A 181 10.55 9.21 -5.28
C LYS A 181 10.64 7.87 -4.54
N PHE A 182 9.58 7.11 -4.55
CA PHE A 182 9.60 5.80 -3.85
C PHE A 182 10.92 5.09 -4.14
N LYS A 183 11.47 5.30 -5.31
CA LYS A 183 12.77 4.63 -5.65
C LYS A 183 13.86 5.15 -4.70
N GLN A 184 13.92 6.44 -4.51
CA GLN A 184 14.95 6.99 -3.58
C GLN A 184 14.87 6.30 -2.23
N VAL A 185 13.68 6.13 -1.72
CA VAL A 185 13.53 5.45 -0.40
C VAL A 185 14.31 4.14 -0.42
N LEU A 186 14.32 3.48 -1.55
CA LEU A 186 15.07 2.19 -1.64
C LEU A 186 16.57 2.49 -1.64
N LYS A 187 16.92 3.75 -1.67
CA LYS A 187 18.37 4.12 -1.68
C LYS A 187 19.05 3.63 -2.95
N LEU A 188 18.35 3.69 -4.05
CA LEU A 188 18.95 3.22 -5.33
C LEU A 188 19.45 4.40 -6.16
N THR A 189 19.37 5.59 -5.62
CA THR A 189 19.84 6.78 -6.38
C THR A 189 21.16 6.46 -7.09
N ASP A 190 21.92 5.55 -6.56
CA ASP A 190 23.22 5.19 -7.21
C ASP A 190 23.06 3.92 -8.05
N ASP A 191 21.93 3.75 -8.69
CA ASP A 191 21.72 2.54 -9.52
C ASP A 191 20.82 2.87 -10.71
N GLY A 192 19.75 3.58 -10.49
CA GLY A 192 18.84 3.94 -11.60
C GLY A 192 18.11 2.69 -12.09
N HIS A 193 17.07 2.29 -11.41
CA HIS A 193 16.31 1.08 -11.84
C HIS A 193 14.85 1.21 -11.37
N LEU A 194 13.93 0.72 -12.16
CA LEU A 194 12.49 0.80 -11.78
C LEU A 194 11.64 0.34 -12.97
N GLU A 195 10.36 0.12 -12.76
CA GLU A 195 9.52 -0.32 -13.89
C GLU A 195 8.03 -0.06 -13.59
N PHE A 196 7.34 0.52 -14.52
CA PHE A 196 5.89 0.81 -14.31
C PHE A 196 5.08 -0.07 -15.27
N PHE A 197 4.03 -0.69 -14.78
CA PHE A 197 3.22 -1.58 -15.65
C PHE A 197 1.72 -1.37 -15.40
N PRO A 198 1.09 -0.66 -16.29
CA PRO A 198 -0.36 -0.39 -16.16
C PRO A 198 -1.13 -1.68 -16.46
N HIS A 199 -2.34 -1.78 -15.99
CA HIS A 199 -3.15 -3.02 -16.25
C HIS A 199 -2.98 -3.44 -17.72
N SER A 200 -2.70 -2.50 -18.57
CA SER A 200 -2.52 -2.81 -20.01
C SER A 200 -1.72 -4.10 -20.20
N SER A 201 -0.91 -4.47 -19.25
CA SER A 201 -0.11 -5.72 -19.40
C SER A 201 -0.69 -6.86 -18.56
N ALA A 202 -0.53 -6.80 -17.27
CA ALA A 202 -1.06 -7.88 -16.40
C ALA A 202 -2.49 -8.25 -16.78
N ASN A 203 -3.22 -7.35 -17.39
CA ASN A 203 -4.63 -7.67 -17.77
C ASN A 203 -4.66 -8.83 -18.77
N GLY A 204 -3.52 -9.19 -19.30
CA GLY A 204 -3.49 -10.33 -20.27
C GLY A 204 -2.68 -9.92 -21.51
N ARG A 205 -2.94 -8.76 -22.04
CA ARG A 205 -2.19 -8.30 -23.24
C ARG A 205 -0.75 -7.97 -22.87
N HIS A 206 0.04 -7.55 -23.83
CA HIS A 206 1.45 -7.21 -23.53
C HIS A 206 2.00 -6.26 -24.60
N PRO A 207 1.24 -5.24 -24.90
CA PRO A 207 1.66 -4.24 -25.91
C PRO A 207 2.76 -3.34 -25.34
N GLN A 208 2.54 -2.80 -24.17
CA GLN A 208 3.57 -1.91 -23.55
C GLN A 208 3.14 -1.52 -22.14
N PRO A 209 4.02 -1.72 -21.20
CA PRO A 209 3.72 -1.39 -19.79
C PRO A 209 3.74 0.14 -19.60
N SER A 210 4.84 0.70 -19.18
CA SER A 210 4.91 2.16 -19.00
C SER A 210 6.38 2.61 -19.08
N ILE A 211 7.19 2.20 -18.15
CA ILE A 211 8.62 2.61 -18.20
C ILE A 211 9.50 1.54 -17.56
N THR A 212 10.79 1.68 -17.67
CA THR A 212 11.70 0.69 -17.06
C THR A 212 13.07 1.29 -16.82
N LEU A 213 13.31 1.72 -15.62
CA LEU A 213 14.64 2.34 -15.30
C LEU A 213 15.69 1.24 -15.10
N MET A 1 -51.44 23.83 -7.46
CA MET A 1 -50.13 23.17 -7.20
C MET A 1 -50.28 22.08 -6.13
N SER A 2 -49.52 21.03 -6.23
CA SER A 2 -49.62 19.94 -5.22
C SER A 2 -48.30 19.78 -4.46
N VAL A 3 -47.20 19.86 -5.15
CA VAL A 3 -45.88 19.72 -4.46
C VAL A 3 -45.91 18.52 -3.51
N GLU A 4 -45.76 17.33 -4.02
CA GLU A 4 -45.77 16.13 -3.14
C GLU A 4 -44.59 15.21 -3.46
N GLU A 5 -43.61 15.73 -4.15
CA GLU A 5 -42.43 14.90 -4.51
C GLU A 5 -41.33 15.06 -3.45
N VAL A 6 -41.39 14.30 -2.39
CA VAL A 6 -40.34 14.42 -1.34
C VAL A 6 -39.45 13.17 -1.33
N SER A 7 -38.19 13.33 -1.02
CA SER A 7 -37.27 12.16 -1.00
C SER A 7 -36.26 12.30 0.14
N LYS A 8 -36.64 11.95 1.33
CA LYS A 8 -35.69 12.07 2.49
C LYS A 8 -35.52 10.71 3.16
N LYS A 9 -35.75 9.64 2.44
CA LYS A 9 -35.59 8.29 3.06
C LYS A 9 -34.22 7.70 2.71
N PHE A 10 -33.88 7.65 1.46
CA PHE A 10 -32.55 7.10 1.08
C PHE A 10 -32.45 5.62 1.48
N GLU A 11 -32.98 4.74 0.68
CA GLU A 11 -32.93 3.29 1.02
C GLU A 11 -31.48 2.79 0.98
N GLU A 12 -31.24 1.60 1.44
CA GLU A 12 -29.85 1.06 1.43
C GLU A 12 -28.93 1.93 2.29
N ASN A 13 -27.68 1.57 2.39
CA ASN A 13 -26.74 2.38 3.21
C ASN A 13 -27.12 2.30 4.69
N VAL A 14 -28.26 2.84 5.03
CA VAL A 14 -28.70 2.80 6.46
C VAL A 14 -29.76 1.72 6.65
N SER A 15 -29.58 0.58 6.06
CA SER A 15 -30.57 -0.52 6.21
C SER A 15 -30.47 -1.14 7.61
N VAL A 16 -29.28 -1.44 8.05
CA VAL A 16 -29.12 -2.05 9.41
C VAL A 16 -27.94 -1.39 10.14
N ASP A 17 -27.70 -0.13 9.89
CA ASP A 17 -26.57 0.56 10.58
C ASP A 17 -27.10 1.67 11.48
N ASP A 18 -27.41 1.36 12.71
CA ASP A 18 -27.93 2.41 13.64
C ASP A 18 -26.85 3.46 13.89
N THR A 19 -27.07 4.67 13.43
CA THR A 19 -26.06 5.74 13.65
C THR A 19 -26.59 6.79 14.62
N THR A 20 -27.21 6.37 15.68
CA THR A 20 -27.75 7.34 16.67
C THR A 20 -26.88 7.38 17.93
N ALA A 21 -25.75 8.03 17.87
CA ALA A 21 -24.86 8.10 19.05
C ALA A 21 -23.97 9.33 18.97
N THR A 22 -24.54 10.50 19.06
CA THR A 22 -23.72 11.74 18.99
C THR A 22 -22.90 11.92 20.27
N PRO A 23 -23.58 11.87 21.38
CA PRO A 23 -22.90 12.02 22.69
C PRO A 23 -22.10 10.77 23.04
N LYS A 24 -22.60 9.62 22.66
CA LYS A 24 -21.86 8.36 22.96
C LYS A 24 -21.38 7.70 21.66
N THR A 25 -20.29 8.18 21.12
CA THR A 25 -19.77 7.58 19.85
C THR A 25 -18.62 6.62 20.15
N VAL A 26 -18.93 5.39 20.45
CA VAL A 26 -17.86 4.40 20.75
C VAL A 26 -16.95 4.92 21.87
N LEU A 27 -15.84 5.53 21.53
CA LEU A 27 -14.93 6.05 22.59
C LEU A 27 -15.30 7.50 22.94
N SER A 28 -15.52 8.33 21.96
CA SER A 28 -15.88 9.74 22.23
C SER A 28 -14.70 10.47 22.88
N ASP A 29 -13.79 10.96 22.09
CA ASP A 29 -12.61 11.69 22.66
C ASP A 29 -12.17 12.80 21.70
N SER A 30 -10.89 13.08 21.66
CA SER A 30 -10.40 14.15 20.75
C SER A 30 -9.27 13.62 19.88
N ALA A 31 -9.51 12.57 19.14
CA ALA A 31 -8.45 12.00 18.26
C ALA A 31 -8.49 12.67 16.89
N HIS A 32 -7.51 13.47 16.58
CA HIS A 32 -7.49 14.16 15.25
C HIS A 32 -6.49 13.48 14.31
N PHE A 33 -6.04 12.31 14.66
CA PHE A 33 -5.05 11.60 13.80
C PHE A 33 -5.55 10.18 13.48
N ASP A 34 -6.03 9.97 12.28
CA ASP A 34 -6.53 8.60 11.92
C ASP A 34 -5.36 7.62 11.83
N VAL A 35 -4.22 8.08 11.37
CA VAL A 35 -3.05 7.17 11.26
C VAL A 35 -2.57 6.72 12.64
N LYS A 36 -3.16 7.22 13.69
CA LYS A 36 -2.74 6.83 15.06
C LYS A 36 -3.55 5.61 15.53
N HIS A 37 -3.79 4.68 14.63
CA HIS A 37 -4.57 3.42 14.90
C HIS A 37 -5.91 3.42 14.16
N PRO A 38 -6.58 4.54 14.17
CA PRO A 38 -7.88 4.65 13.46
C PRO A 38 -7.66 5.15 12.03
N LEU A 39 -7.29 4.29 11.12
CA LEU A 39 -7.06 4.74 9.71
C LEU A 39 -8.33 5.39 9.14
N ASN A 40 -8.73 5.00 7.96
CA ASN A 40 -9.95 5.58 7.35
C ASN A 40 -10.32 4.80 6.09
N THR A 41 -9.95 3.54 6.03
CA THR A 41 -10.28 2.73 4.83
C THR A 41 -10.29 1.24 5.18
N LYS A 42 -10.64 0.40 4.25
CA LYS A 42 -10.66 -1.05 4.53
C LYS A 42 -9.77 -1.80 3.54
N TRP A 43 -8.77 -2.50 4.02
CA TRP A 43 -7.90 -3.25 3.09
C TRP A 43 -7.57 -4.64 3.68
N THR A 44 -6.88 -5.44 2.93
CA THR A 44 -6.54 -6.81 3.42
C THR A 44 -5.03 -7.05 3.31
N LEU A 45 -4.54 -8.05 3.99
CA LEU A 45 -3.09 -8.33 3.98
C LEU A 45 -2.81 -9.70 3.35
N TRP A 46 -2.44 -9.73 2.10
CA TRP A 46 -2.16 -11.03 1.43
C TRP A 46 -0.68 -11.14 1.06
N TYR A 47 0.04 -12.01 1.70
CA TYR A 47 1.49 -12.15 1.39
C TYR A 47 1.78 -13.56 0.84
N THR A 48 2.66 -13.66 -0.12
CA THR A 48 2.98 -14.98 -0.70
C THR A 48 4.39 -15.40 -0.26
N LYS A 49 4.80 -16.60 -0.61
CA LYS A 49 6.16 -17.06 -0.22
C LYS A 49 6.65 -18.12 -1.22
N PRO A 50 5.98 -19.23 -1.24
CA PRO A 50 6.35 -20.31 -2.19
C PRO A 50 5.88 -19.95 -3.59
N ALA A 51 5.73 -20.91 -4.46
CA ALA A 51 5.25 -20.63 -5.83
C ALA A 51 4.77 -21.91 -6.48
N VAL A 52 5.68 -22.80 -6.74
CA VAL A 52 5.30 -24.09 -7.35
C VAL A 52 5.03 -25.10 -6.24
N ASP A 53 4.76 -24.61 -5.06
CA ASP A 53 4.48 -25.49 -3.88
C ASP A 53 3.78 -26.78 -4.31
N LYS A 54 4.56 -27.75 -4.67
CA LYS A 54 3.96 -29.04 -5.12
C LYS A 54 2.99 -28.79 -6.27
N SER A 55 3.13 -27.65 -6.91
CA SER A 55 2.21 -27.28 -8.03
C SER A 55 0.90 -26.81 -7.44
N GLU A 56 0.93 -26.40 -6.21
CA GLU A 56 -0.31 -25.92 -5.56
C GLU A 56 -1.02 -24.92 -6.46
N SER A 57 -0.65 -23.67 -6.36
CA SER A 57 -1.29 -22.63 -7.22
C SER A 57 -0.97 -21.25 -6.66
N TRP A 58 -0.68 -20.29 -7.49
CA TRP A 58 -0.39 -18.93 -6.96
C TRP A 58 -1.47 -18.58 -5.93
N SER A 59 -2.62 -19.17 -6.08
CA SER A 59 -3.74 -18.89 -5.14
C SER A 59 -3.64 -19.81 -3.92
N ASP A 60 -2.92 -20.90 -4.04
CA ASP A 60 -2.78 -21.83 -2.88
C ASP A 60 -1.62 -21.39 -1.98
N LEU A 61 -0.86 -20.44 -2.43
CA LEU A 61 0.29 -19.94 -1.61
C LEU A 61 -0.10 -18.66 -0.92
N LEU A 62 -0.36 -17.63 -1.68
CA LEU A 62 -0.76 -16.32 -1.08
C LEU A 62 -1.63 -16.53 0.15
N ARG A 63 -1.21 -16.02 1.27
CA ARG A 63 -2.02 -16.17 2.50
C ARG A 63 -2.82 -14.90 2.77
N PRO A 64 -4.11 -15.01 2.57
CA PRO A 64 -5.00 -13.84 2.77
C PRO A 64 -5.27 -13.66 4.26
N VAL A 65 -4.87 -12.55 4.83
CA VAL A 65 -5.09 -12.37 6.28
C VAL A 65 -5.44 -10.91 6.65
N THR A 66 -4.93 -10.48 7.77
CA THR A 66 -5.17 -9.10 8.31
C THR A 66 -5.79 -8.13 7.30
N SER A 67 -6.99 -7.73 7.58
CA SER A 67 -7.68 -6.74 6.71
C SER A 67 -8.35 -5.71 7.61
N PHE A 68 -7.63 -4.69 7.95
CA PHE A 68 -8.20 -3.67 8.87
C PHE A 68 -7.84 -2.23 8.46
N GLN A 69 -8.17 -1.28 9.28
CA GLN A 69 -7.87 0.13 9.00
C GLN A 69 -7.08 0.69 10.18
N THR A 70 -6.01 0.06 10.51
CA THR A 70 -5.18 0.51 11.64
C THR A 70 -3.71 0.54 11.23
N VAL A 71 -2.84 0.63 12.18
CA VAL A 71 -1.39 0.65 11.86
C VAL A 71 -0.72 -0.58 12.47
N GLU A 72 -1.16 -0.97 13.63
CA GLU A 72 -0.56 -2.17 14.28
C GLU A 72 -0.59 -3.36 13.33
N GLU A 73 -1.68 -3.57 12.64
CA GLU A 73 -1.76 -4.72 11.70
C GLU A 73 -0.65 -4.61 10.65
N PHE A 74 -0.73 -3.63 9.80
CA PHE A 74 0.32 -3.46 8.77
C PHE A 74 1.70 -3.48 9.43
N TRP A 75 1.88 -2.71 10.46
CA TRP A 75 3.20 -2.70 11.16
C TRP A 75 3.56 -4.13 11.55
N ALA A 76 2.56 -4.94 11.77
CA ALA A 76 2.83 -6.36 12.15
C ALA A 76 3.69 -7.01 11.08
N ILE A 77 3.18 -7.09 9.88
CA ILE A 77 3.97 -7.69 8.77
C ILE A 77 5.37 -7.07 8.73
N ILE A 78 5.50 -5.85 9.18
CA ILE A 78 6.85 -5.19 9.18
C ILE A 78 7.67 -5.69 10.37
N GLN A 79 7.05 -5.80 11.51
CA GLN A 79 7.82 -6.27 12.71
C GLN A 79 8.58 -7.54 12.36
N ASN A 80 8.10 -8.27 11.39
CA ASN A 80 8.80 -9.52 10.98
C ASN A 80 10.07 -9.16 10.22
N ILE A 81 10.19 -7.91 9.85
CA ILE A 81 11.36 -7.44 9.07
C ILE A 81 11.94 -8.58 8.21
N PRO A 82 11.09 -9.23 7.44
CA PRO A 82 11.54 -10.34 6.58
C PRO A 82 11.79 -9.82 5.17
N GLU A 83 11.40 -8.61 4.91
CA GLU A 83 11.58 -8.03 3.55
C GLU A 83 12.99 -7.47 3.35
N PRO A 84 13.53 -6.83 4.35
CA PRO A 84 14.89 -6.24 4.21
C PRO A 84 15.94 -7.35 4.17
N HIS A 85 15.77 -8.32 3.31
CA HIS A 85 16.77 -9.42 3.22
C HIS A 85 16.79 -10.19 4.54
N GLU A 86 15.65 -10.54 5.04
CA GLU A 86 15.60 -11.29 6.33
C GLU A 86 14.75 -12.55 6.17
N LEU A 87 14.14 -12.72 5.03
CA LEU A 87 13.30 -13.92 4.82
C LEU A 87 13.73 -14.66 3.54
N PRO A 88 13.03 -15.73 3.25
CA PRO A 88 13.34 -16.51 2.03
C PRO A 88 12.98 -15.69 0.80
N LEU A 89 13.89 -15.55 -0.12
CA LEU A 89 13.60 -14.74 -1.33
C LEU A 89 12.36 -15.25 -2.04
N LYS A 90 12.17 -14.87 -3.27
CA LYS A 90 10.97 -15.32 -4.02
C LYS A 90 9.74 -15.11 -3.16
N SER A 91 9.82 -14.18 -2.26
CA SER A 91 8.68 -13.91 -1.35
C SER A 91 7.75 -12.84 -1.93
N ASP A 92 6.65 -12.58 -1.26
CA ASP A 92 5.70 -11.55 -1.78
C ASP A 92 4.78 -11.06 -0.65
N TYR A 93 4.49 -9.78 -0.64
CA TYR A 93 3.59 -9.22 0.41
C TYR A 93 2.63 -8.24 -0.25
N HIS A 94 1.35 -8.44 -0.13
CA HIS A 94 0.39 -7.51 -0.78
C HIS A 94 -0.65 -6.99 0.22
N VAL A 95 -1.05 -5.76 0.07
CA VAL A 95 -2.08 -5.19 0.99
C VAL A 95 -2.87 -4.12 0.24
N PHE A 96 -4.13 -4.36 0.01
CA PHE A 96 -4.94 -3.36 -0.74
C PHE A 96 -6.41 -3.80 -0.84
N ARG A 97 -7.26 -2.97 -1.43
CA ARG A 97 -8.71 -3.32 -1.60
C ARG A 97 -9.55 -2.05 -1.67
N ASN A 98 -9.12 -1.00 -1.02
CA ASN A 98 -9.90 0.27 -1.02
C ASN A 98 -10.49 0.59 -2.39
N ASP A 99 -9.88 0.13 -3.45
CA ASP A 99 -10.44 0.45 -4.80
C ASP A 99 -10.86 -0.82 -5.54
N VAL A 100 -10.11 -1.87 -5.44
CA VAL A 100 -10.47 -3.13 -6.16
C VAL A 100 -10.58 -4.28 -5.16
N ARG A 101 -9.93 -5.40 -5.37
CA ARG A 101 -10.09 -6.50 -4.34
C ARG A 101 -9.33 -7.79 -4.70
N PRO A 102 -9.58 -8.32 -5.85
CA PRO A 102 -8.96 -9.62 -6.26
C PRO A 102 -7.42 -9.66 -6.15
N GLU A 103 -6.67 -9.19 -7.11
CA GLU A 103 -5.18 -9.29 -6.97
C GLU A 103 -4.47 -8.76 -8.21
N TRP A 104 -3.18 -8.94 -8.29
CA TRP A 104 -2.44 -8.46 -9.48
C TRP A 104 -3.17 -8.89 -10.76
N GLU A 105 -4.05 -9.86 -10.66
CA GLU A 105 -4.79 -10.33 -11.86
C GLU A 105 -6.04 -9.47 -12.05
N ASP A 106 -6.36 -8.65 -11.09
CA ASP A 106 -7.55 -7.76 -11.21
C ASP A 106 -7.31 -6.47 -10.39
N GLU A 107 -6.68 -6.58 -9.26
CA GLU A 107 -6.38 -5.35 -8.48
C GLU A 107 -5.63 -4.41 -9.40
N ALA A 108 -4.87 -4.96 -10.30
CA ALA A 108 -4.14 -4.14 -11.27
C ALA A 108 -5.12 -3.71 -12.36
N ASN A 109 -6.03 -4.58 -12.69
CA ASN A 109 -7.06 -4.24 -13.70
C ASN A 109 -7.80 -2.99 -13.23
N ALA A 110 -7.80 -2.81 -11.94
CA ALA A 110 -8.50 -1.65 -11.33
C ALA A 110 -7.57 -0.44 -11.29
N LYS A 111 -6.48 -0.55 -10.58
CA LYS A 111 -5.53 0.58 -10.48
C LYS A 111 -5.15 1.07 -11.87
N GLY A 112 -4.95 0.17 -12.77
CA GLY A 112 -4.56 0.58 -14.15
C GLY A 112 -3.03 0.67 -14.25
N GLY A 113 -2.37 1.17 -13.23
CA GLY A 113 -0.88 1.29 -13.31
C GLY A 113 -0.21 0.32 -12.33
N LYS A 114 0.83 -0.35 -12.74
CA LYS A 114 1.52 -1.31 -11.83
C LYS A 114 3.01 -0.98 -11.76
N TRP A 115 3.44 -0.31 -10.71
CA TRP A 115 4.88 0.05 -10.59
C TRP A 115 5.68 -1.16 -10.11
N SER A 116 6.98 -1.12 -10.26
CA SER A 116 7.82 -2.26 -9.83
C SER A 116 9.28 -1.81 -9.65
N PHE A 117 9.77 -1.82 -8.44
CA PHE A 117 11.19 -1.40 -8.22
C PHE A 117 12.09 -2.62 -8.23
N GLN A 118 13.01 -2.69 -9.16
CA GLN A 118 13.92 -3.88 -9.21
C GLN A 118 15.20 -3.60 -8.42
N LEU A 119 15.53 -4.47 -7.52
CA LEU A 119 16.76 -4.28 -6.71
C LEU A 119 17.69 -5.50 -6.86
N ARG A 120 18.91 -5.28 -7.25
CA ARG A 120 19.86 -6.41 -7.42
C ARG A 120 19.71 -7.41 -6.27
N GLY A 121 19.62 -6.92 -5.06
CA GLY A 121 19.47 -7.84 -3.89
C GLY A 121 19.92 -7.11 -2.62
N LYS A 122 19.32 -5.99 -2.34
CA LYS A 122 19.71 -5.25 -1.11
C LYS A 122 18.47 -4.85 -0.32
N GLY A 123 18.54 -4.91 0.99
CA GLY A 123 17.35 -4.54 1.83
C GLY A 123 17.84 -3.99 3.17
N ALA A 124 18.95 -3.32 3.18
CA ALA A 124 19.47 -2.75 4.46
C ALA A 124 18.33 -2.16 5.29
N ASP A 125 17.38 -1.53 4.63
CA ASP A 125 16.23 -0.93 5.37
C ASP A 125 15.29 -0.23 4.39
N ILE A 126 15.19 -0.73 3.19
CA ILE A 126 14.29 -0.10 2.18
C ILE A 126 12.85 -0.54 2.40
N ASP A 127 12.63 -1.80 2.66
CA ASP A 127 11.24 -2.28 2.89
C ASP A 127 10.60 -1.47 4.02
N GLU A 128 11.40 -0.81 4.82
CA GLU A 128 10.83 -0.01 5.93
C GLU A 128 10.31 1.31 5.37
N LEU A 129 11.01 1.87 4.43
CA LEU A 129 10.58 3.15 3.82
C LEU A 129 9.50 2.87 2.78
N TRP A 130 9.66 1.81 2.03
CA TRP A 130 8.64 1.46 1.01
C TRP A 130 7.29 1.30 1.71
N LEU A 131 7.31 0.86 2.94
CA LEU A 131 6.04 0.67 3.69
C LEU A 131 5.56 1.99 4.29
N ARG A 132 6.33 2.56 5.20
CA ARG A 132 5.90 3.84 5.83
C ARG A 132 5.30 4.76 4.77
N THR A 133 5.76 4.64 3.56
CA THR A 133 5.21 5.52 2.48
C THR A 133 3.97 4.89 1.86
N LEU A 134 3.91 3.58 1.79
CA LEU A 134 2.70 2.93 1.21
C LEU A 134 1.64 2.76 2.30
N LEU A 135 2.02 2.20 3.41
CA LEU A 135 1.03 2.04 4.51
C LEU A 135 0.45 3.41 4.86
N ALA A 136 1.27 4.44 4.84
CA ALA A 136 0.75 5.80 5.14
C ALA A 136 -0.21 6.23 4.04
N VAL A 137 0.08 5.86 2.82
CA VAL A 137 -0.80 6.24 1.68
C VAL A 137 -2.26 5.83 1.97
N ILE A 138 -2.47 4.62 2.42
CA ILE A 138 -3.88 4.18 2.71
C ILE A 138 -4.31 4.71 4.07
N GLY A 139 -3.43 4.68 5.04
CA GLY A 139 -3.78 5.17 6.40
C GLY A 139 -4.04 6.67 6.35
N GLU A 140 -3.34 7.38 5.51
CA GLU A 140 -3.55 8.84 5.41
C GLU A 140 -3.86 9.23 3.97
N THR A 141 -4.82 8.60 3.38
CA THR A 141 -5.20 8.92 1.97
C THR A 141 -5.54 10.40 1.85
N ILE A 142 -5.80 11.03 2.96
CA ILE A 142 -6.15 12.49 2.94
C ILE A 142 -5.24 13.21 1.93
N ASP A 143 -3.97 12.91 1.94
CA ASP A 143 -3.04 13.58 1.00
C ASP A 143 -3.52 13.41 -0.44
N GLU A 144 -3.23 14.35 -1.29
CA GLU A 144 -3.68 14.24 -2.70
C GLU A 144 -2.89 13.15 -3.44
N ASP A 145 -1.67 12.93 -3.03
CA ASP A 145 -0.83 11.87 -3.70
C ASP A 145 -1.22 10.49 -3.17
N ASP A 146 -1.95 10.43 -2.10
CA ASP A 146 -2.36 9.11 -1.54
C ASP A 146 -3.85 8.89 -1.72
N SER A 147 -4.43 9.50 -2.73
CA SER A 147 -5.89 9.32 -2.97
C SER A 147 -6.11 8.60 -4.30
N GLN A 148 -5.29 8.85 -5.27
CA GLN A 148 -5.46 8.18 -6.59
C GLN A 148 -4.84 6.78 -6.56
N ILE A 149 -4.41 6.34 -5.40
CA ILE A 149 -3.80 4.98 -5.31
C ILE A 149 -4.88 3.94 -5.02
N ASN A 150 -4.54 2.69 -5.11
CA ASN A 150 -5.54 1.62 -4.85
C ASN A 150 -4.92 0.50 -4.02
N GLY A 151 -3.66 0.21 -4.21
CA GLY A 151 -3.05 -0.88 -3.40
C GLY A 151 -1.54 -0.98 -3.65
N VAL A 152 -0.87 -1.80 -2.88
CA VAL A 152 0.61 -1.95 -3.07
C VAL A 152 1.01 -3.43 -3.04
N VAL A 153 2.22 -3.73 -3.45
CA VAL A 153 2.67 -5.14 -3.45
C VAL A 153 4.19 -5.23 -3.25
N LEU A 154 4.66 -6.36 -2.80
CA LEU A 154 6.13 -6.56 -2.59
C LEU A 154 6.51 -7.96 -3.05
N SER A 155 7.72 -8.17 -3.51
CA SER A 155 8.10 -9.52 -3.96
C SER A 155 9.61 -9.69 -4.02
N ILE A 156 10.16 -10.61 -3.27
CA ILE A 156 11.62 -10.84 -3.33
C ILE A 156 11.90 -12.00 -4.27
N ARG A 157 13.10 -12.13 -4.76
CA ARG A 157 13.42 -13.24 -5.69
C ARG A 157 14.81 -13.80 -5.39
N LYS A 158 15.13 -14.94 -5.94
CA LYS A 158 16.47 -15.55 -5.68
C LYS A 158 17.56 -14.47 -5.67
N GLY A 159 17.61 -13.66 -6.70
CA GLY A 159 18.65 -12.59 -6.74
C GLY A 159 18.06 -11.33 -7.38
N GLY A 160 17.04 -10.77 -6.78
CA GLY A 160 16.43 -9.54 -7.36
C GLY A 160 15.11 -9.23 -6.64
N ASN A 161 15.19 -8.54 -5.53
CA ASN A 161 13.94 -8.19 -4.79
C ASN A 161 13.29 -6.97 -5.42
N LYS A 162 12.00 -6.84 -5.31
CA LYS A 162 11.33 -5.66 -5.93
C LYS A 162 9.95 -5.42 -5.28
N PHE A 163 9.45 -4.22 -5.39
CA PHE A 163 8.11 -3.92 -4.80
C PHE A 163 7.18 -3.38 -5.89
N ALA A 164 5.92 -3.69 -5.82
CA ALA A 164 4.98 -3.20 -6.88
C ALA A 164 3.95 -2.22 -6.29
N LEU A 165 3.88 -1.03 -6.82
CA LEU A 165 2.91 -0.03 -6.30
C LEU A 165 1.72 0.09 -7.26
N TRP A 166 0.51 -0.12 -6.78
CA TRP A 166 -0.65 0.00 -7.69
C TRP A 166 -1.34 1.35 -7.52
N THR A 167 -1.83 1.90 -8.58
CA THR A 167 -2.49 3.22 -8.47
C THR A 167 -3.94 3.16 -8.97
N LYS A 168 -4.86 3.61 -8.16
CA LYS A 168 -6.30 3.59 -8.56
C LYS A 168 -6.55 4.42 -9.83
N SER A 169 -5.60 5.21 -10.25
CA SER A 169 -5.82 6.05 -11.47
C SER A 169 -4.75 5.80 -12.52
N GLU A 170 -3.71 5.12 -12.18
CA GLU A 170 -2.61 4.86 -13.16
C GLU A 170 -2.34 6.12 -14.00
N ASP A 171 -2.70 7.27 -13.51
CA ASP A 171 -2.43 8.51 -14.29
C ASP A 171 -0.93 8.63 -14.57
N LYS A 172 -0.14 7.91 -13.83
CA LYS A 172 1.33 7.92 -14.00
C LYS A 172 1.95 9.27 -13.60
N GLU A 173 1.19 10.32 -13.56
CA GLU A 173 1.79 11.61 -13.16
C GLU A 173 2.20 11.50 -11.69
N PRO A 174 1.23 11.21 -10.87
CA PRO A 174 1.51 11.05 -9.43
C PRO A 174 2.30 9.76 -9.21
N LEU A 175 2.36 8.92 -10.21
CA LEU A 175 3.14 7.65 -10.06
C LEU A 175 4.61 7.96 -10.31
N LEU A 176 4.94 8.47 -11.47
CA LEU A 176 6.36 8.82 -11.73
C LEU A 176 6.87 9.61 -10.53
N ARG A 177 5.98 10.25 -9.83
CA ARG A 177 6.40 11.02 -8.63
C ARG A 177 6.78 10.03 -7.51
N ILE A 178 5.98 9.00 -7.32
CA ILE A 178 6.29 8.02 -6.25
C ILE A 178 7.48 7.17 -6.70
N GLY A 179 7.46 6.69 -7.91
CA GLY A 179 8.59 5.86 -8.40
C GLY A 179 9.89 6.61 -8.16
N GLY A 180 9.90 7.90 -8.42
CA GLY A 180 11.13 8.70 -8.20
C GLY A 180 11.60 8.53 -6.76
N LYS A 181 10.79 8.92 -5.82
CA LYS A 181 11.20 8.75 -4.38
C LYS A 181 11.42 7.27 -4.08
N PHE A 182 10.46 6.45 -4.40
CA PHE A 182 10.58 4.99 -4.13
C PHE A 182 11.74 4.39 -4.94
N LYS A 183 12.28 5.13 -5.86
CA LYS A 183 13.40 4.59 -6.68
C LYS A 183 14.73 4.74 -5.92
N GLN A 184 14.94 5.87 -5.28
CA GLN A 184 16.22 6.06 -4.53
C GLN A 184 16.08 5.58 -3.08
N VAL A 185 14.97 5.88 -2.45
CA VAL A 185 14.79 5.45 -1.04
C VAL A 185 15.29 4.02 -0.84
N LEU A 186 15.19 3.22 -1.87
CA LEU A 186 15.66 1.81 -1.75
C LEU A 186 17.16 1.79 -1.48
N LYS A 187 17.80 2.92 -1.62
CA LYS A 187 19.27 2.98 -1.39
C LYS A 187 20.00 2.17 -2.45
N LEU A 188 19.50 2.20 -3.65
CA LEU A 188 20.13 1.44 -4.75
C LEU A 188 20.76 2.40 -5.77
N THR A 189 21.46 1.86 -6.73
CA THR A 189 22.11 2.71 -7.77
C THR A 189 23.08 1.86 -8.59
N ASP A 190 22.77 0.62 -8.82
CA ASP A 190 23.68 -0.24 -9.61
C ASP A 190 22.88 -1.26 -10.43
N ASP A 191 21.67 -0.94 -10.78
CA ASP A 191 20.84 -1.89 -11.57
C ASP A 191 19.46 -1.30 -11.83
N GLY A 192 18.50 -2.11 -12.17
CA GLY A 192 17.13 -1.57 -12.44
C GLY A 192 16.76 -0.57 -11.36
N HIS A 193 16.64 0.68 -11.71
CA HIS A 193 16.28 1.71 -10.69
C HIS A 193 14.77 1.79 -10.55
N LEU A 194 14.06 1.21 -11.47
CA LEU A 194 12.57 1.24 -11.39
C LEU A 194 11.96 0.55 -12.62
N GLU A 195 10.70 0.27 -12.58
CA GLU A 195 10.04 -0.38 -13.74
C GLU A 195 8.54 -0.08 -13.72
N PHE A 196 8.08 0.71 -14.65
CA PHE A 196 6.63 1.05 -14.69
C PHE A 196 5.89 0.06 -15.60
N PHE A 197 4.78 -0.45 -15.15
CA PHE A 197 4.01 -1.42 -15.96
C PHE A 197 2.52 -1.06 -15.99
N PRO A 198 1.98 -0.94 -17.17
CA PRO A 198 0.55 -0.61 -17.31
C PRO A 198 -0.30 -1.86 -17.03
N HIS A 199 -1.34 -1.72 -16.25
CA HIS A 199 -2.20 -2.90 -15.95
C HIS A 199 -2.43 -3.72 -17.22
N SER A 200 -2.38 -3.08 -18.35
CA SER A 200 -2.60 -3.80 -19.63
C SER A 200 -1.72 -5.06 -19.68
N SER A 201 -0.66 -5.08 -18.92
CA SER A 201 0.23 -6.27 -18.91
C SER A 201 -0.35 -7.36 -18.00
N ALA A 202 -1.51 -7.12 -17.46
CA ALA A 202 -2.14 -8.14 -16.58
C ALA A 202 -3.66 -8.11 -16.72
N ASN A 203 -4.16 -8.23 -17.92
CA ASN A 203 -5.64 -8.21 -18.13
C ASN A 203 -5.97 -8.39 -19.61
N GLY A 204 -5.15 -9.12 -20.33
CA GLY A 204 -5.43 -9.34 -21.78
C GLY A 204 -5.14 -8.05 -22.56
N ARG A 205 -3.91 -7.83 -22.93
CA ARG A 205 -3.58 -6.60 -23.70
C ARG A 205 -2.08 -6.51 -23.97
N HIS A 206 -1.46 -7.63 -24.27
CA HIS A 206 0.00 -7.62 -24.54
C HIS A 206 0.75 -7.06 -23.33
N PRO A 207 2.01 -7.41 -23.24
CA PRO A 207 2.86 -6.93 -22.12
C PRO A 207 3.19 -5.46 -22.30
N GLN A 208 4.27 -5.16 -22.97
CA GLN A 208 4.64 -3.73 -23.18
C GLN A 208 4.58 -2.96 -21.86
N PRO A 209 5.71 -2.89 -21.21
CA PRO A 209 5.80 -2.16 -19.92
C PRO A 209 5.76 -0.66 -20.17
N SER A 210 6.27 0.13 -19.25
CA SER A 210 6.26 1.60 -19.46
C SER A 210 7.70 2.11 -19.46
N ILE A 211 8.43 1.89 -18.41
CA ILE A 211 9.84 2.36 -18.39
C ILE A 211 10.66 1.58 -17.37
N THR A 212 11.95 1.69 -17.48
CA THR A 212 12.84 0.98 -16.52
C THR A 212 14.06 1.85 -16.25
N LEU A 213 14.12 2.46 -15.10
CA LEU A 213 15.29 3.33 -14.79
C LEU A 213 16.48 2.48 -14.35
N MET A 1 -28.38 34.29 -12.23
CA MET A 1 -29.88 34.32 -12.34
C MET A 1 -30.45 32.93 -12.08
N SER A 2 -29.61 31.94 -11.98
CA SER A 2 -30.10 30.56 -11.73
C SER A 2 -29.11 29.77 -10.89
N VAL A 3 -29.54 29.17 -9.82
CA VAL A 3 -28.60 28.40 -8.96
C VAL A 3 -29.16 26.99 -8.69
N GLU A 4 -29.81 26.41 -9.67
CA GLU A 4 -30.39 25.05 -9.46
C GLU A 4 -30.50 24.33 -10.81
N GLU A 5 -30.22 23.05 -10.82
CA GLU A 5 -30.32 22.29 -12.10
C GLU A 5 -31.35 21.16 -11.98
N VAL A 6 -31.77 20.86 -10.77
CA VAL A 6 -32.76 19.77 -10.58
C VAL A 6 -33.78 20.17 -9.51
N SER A 7 -34.97 19.63 -9.57
CA SER A 7 -36.00 19.97 -8.55
C SER A 7 -37.23 19.07 -8.71
N LYS A 8 -37.75 18.57 -7.63
CA LYS A 8 -38.95 17.69 -7.73
C LYS A 8 -39.45 17.31 -6.33
N LYS A 9 -40.66 17.67 -6.00
CA LYS A 9 -41.19 17.33 -4.65
C LYS A 9 -42.26 16.23 -4.77
N PHE A 10 -41.88 15.00 -4.54
CA PHE A 10 -42.86 13.89 -4.64
C PHE A 10 -43.72 13.82 -3.38
N GLU A 11 -45.00 13.60 -3.52
CA GLU A 11 -45.89 13.53 -2.33
C GLU A 11 -45.65 14.74 -1.42
N GLU A 12 -46.40 14.84 -0.35
CA GLU A 12 -46.21 15.99 0.57
C GLU A 12 -46.01 15.50 2.00
N ASN A 13 -45.34 14.39 2.16
CA ASN A 13 -45.10 13.85 3.53
C ASN A 13 -44.09 14.73 4.29
N VAL A 14 -44.29 14.92 5.55
CA VAL A 14 -43.34 15.77 6.34
C VAL A 14 -42.18 14.91 6.85
N SER A 15 -41.43 14.31 5.96
CA SER A 15 -40.29 13.46 6.40
C SER A 15 -38.96 14.14 6.03
N VAL A 16 -38.92 14.82 4.92
CA VAL A 16 -37.66 15.50 4.51
C VAL A 16 -37.94 16.97 4.18
N ASP A 17 -38.96 17.54 4.76
CA ASP A 17 -39.28 18.97 4.49
C ASP A 17 -39.12 19.80 5.77
N ASP A 18 -38.91 21.08 5.62
CA ASP A 18 -38.75 21.94 6.82
C ASP A 18 -37.52 21.51 7.63
N THR A 19 -36.64 20.75 7.03
CA THR A 19 -35.44 20.28 7.75
C THR A 19 -34.30 21.30 7.59
N THR A 20 -33.52 21.52 8.62
CA THR A 20 -32.40 22.50 8.52
C THR A 20 -31.51 22.41 9.75
N ALA A 21 -30.89 23.50 10.13
CA ALA A 21 -30.00 23.47 11.33
C ALA A 21 -30.40 24.58 12.30
N THR A 22 -31.34 24.32 13.16
CA THR A 22 -31.77 25.37 14.14
C THR A 22 -30.57 25.86 14.93
N PRO A 23 -29.94 24.95 15.63
CA PRO A 23 -28.75 25.30 16.45
C PRO A 23 -27.55 25.59 15.55
N LYS A 24 -27.38 24.81 14.51
CA LYS A 24 -26.23 25.04 13.59
C LYS A 24 -24.95 25.28 14.39
N THR A 25 -24.57 24.35 15.23
CA THR A 25 -23.33 24.52 16.04
C THR A 25 -22.13 23.97 15.27
N VAL A 26 -20.96 24.48 15.56
CA VAL A 26 -19.74 23.98 14.85
C VAL A 26 -19.70 22.45 14.88
N LEU A 27 -19.37 21.87 16.00
CA LEU A 27 -19.31 20.39 16.08
C LEU A 27 -18.25 19.85 15.13
N SER A 28 -17.00 20.14 15.39
CA SER A 28 -15.91 19.64 14.50
C SER A 28 -14.63 19.41 15.31
N ASP A 29 -13.81 18.49 14.87
CA ASP A 29 -12.54 18.22 15.61
C ASP A 29 -11.41 17.87 14.63
N SER A 30 -10.37 18.65 14.61
CA SER A 30 -9.25 18.36 13.67
C SER A 30 -8.27 17.37 14.31
N ALA A 31 -8.67 16.14 14.46
CA ALA A 31 -7.77 15.12 15.07
C ALA A 31 -6.60 14.83 14.14
N HIS A 32 -5.96 13.71 14.30
CA HIS A 32 -4.80 13.37 13.43
C HIS A 32 -5.17 12.24 12.47
N PHE A 33 -5.45 11.08 12.98
CA PHE A 33 -5.82 9.93 12.09
C PHE A 33 -7.13 9.30 12.56
N ASP A 34 -7.37 8.07 12.18
CA ASP A 34 -8.63 7.41 12.61
C ASP A 34 -8.64 7.21 14.13
N VAL A 35 -7.61 6.62 14.66
CA VAL A 35 -7.55 6.41 16.13
C VAL A 35 -6.17 6.79 16.67
N LYS A 36 -5.30 5.84 16.80
CA LYS A 36 -3.93 6.15 17.31
C LYS A 36 -3.07 6.61 16.14
N HIS A 37 -2.64 5.69 15.34
CA HIS A 37 -1.84 6.06 14.14
C HIS A 37 -2.21 5.12 12.97
N PRO A 38 -3.47 4.78 12.88
CA PRO A 38 -3.91 3.88 11.79
C PRO A 38 -3.99 4.68 10.48
N LEU A 39 -5.12 4.68 9.83
CA LEU A 39 -5.25 5.46 8.57
C LEU A 39 -6.69 5.96 8.44
N ASN A 40 -7.39 5.52 7.44
CA ASN A 40 -8.80 5.93 7.25
C ASN A 40 -9.35 5.20 6.03
N THR A 41 -8.94 3.97 5.87
CA THR A 41 -9.37 3.17 4.69
C THR A 41 -9.59 1.70 5.09
N LYS A 42 -10.05 0.90 4.18
CA LYS A 42 -10.26 -0.54 4.48
C LYS A 42 -9.44 -1.40 3.51
N TRP A 43 -8.49 -2.14 4.00
CA TRP A 43 -7.68 -2.98 3.06
C TRP A 43 -7.45 -4.37 3.65
N THR A 44 -6.83 -5.23 2.90
CA THR A 44 -6.57 -6.62 3.37
C THR A 44 -5.09 -6.97 3.23
N LEU A 45 -4.67 -8.09 3.74
CA LEU A 45 -3.24 -8.45 3.67
C LEU A 45 -3.03 -9.84 3.08
N TRP A 46 -2.72 -9.91 1.80
CA TRP A 46 -2.48 -11.24 1.18
C TRP A 46 -0.99 -11.38 0.83
N TYR A 47 -0.27 -12.20 1.54
CA TYR A 47 1.18 -12.37 1.23
C TYR A 47 1.40 -13.68 0.50
N THR A 48 2.59 -13.94 0.04
CA THR A 48 2.83 -15.21 -0.69
C THR A 48 4.27 -15.68 -0.58
N LYS A 49 4.50 -16.91 -0.96
CA LYS A 49 5.87 -17.49 -0.92
C LYS A 49 5.87 -18.81 -1.70
N PRO A 50 6.24 -18.71 -2.95
CA PRO A 50 6.25 -19.91 -3.84
C PRO A 50 7.35 -20.89 -3.41
N ALA A 51 6.99 -22.13 -3.21
CA ALA A 51 8.01 -23.14 -2.78
C ALA A 51 7.31 -24.40 -2.27
N VAL A 52 6.11 -24.26 -1.81
CA VAL A 52 5.36 -25.44 -1.30
C VAL A 52 5.44 -26.57 -2.33
N ASP A 53 5.56 -26.23 -3.58
CA ASP A 53 5.65 -27.28 -4.64
C ASP A 53 4.71 -28.43 -4.33
N LYS A 54 3.54 -28.37 -4.86
CA LYS A 54 2.52 -29.42 -4.62
C LYS A 54 1.23 -28.91 -5.23
N SER A 55 1.05 -27.64 -5.09
CA SER A 55 -0.13 -26.96 -5.65
C SER A 55 0.33 -25.91 -6.65
N GLU A 56 1.62 -25.58 -6.61
CA GLU A 56 2.20 -24.57 -7.55
C GLU A 56 1.12 -23.60 -8.07
N SER A 57 0.32 -23.05 -7.19
CA SER A 57 -0.74 -22.12 -7.64
C SER A 57 -0.66 -20.82 -6.85
N TRP A 58 -0.43 -19.72 -7.49
CA TRP A 58 -0.36 -18.45 -6.74
C TRP A 58 -1.53 -18.37 -5.76
N SER A 59 -2.62 -19.03 -6.09
CA SER A 59 -3.80 -19.01 -5.19
C SER A 59 -3.65 -20.07 -4.10
N ASP A 60 -2.78 -21.01 -4.31
CA ASP A 60 -2.59 -22.08 -3.28
C ASP A 60 -1.49 -21.69 -2.30
N LEU A 61 -0.70 -20.70 -2.64
CA LEU A 61 0.40 -20.28 -1.73
C LEU A 61 0.03 -18.98 -1.03
N LEU A 62 -0.22 -17.96 -1.78
CA LEU A 62 -0.56 -16.66 -1.18
C LEU A 62 -1.71 -16.86 -0.18
N ARG A 63 -1.58 -16.28 0.97
CA ARG A 63 -2.67 -16.43 1.99
C ARG A 63 -3.25 -15.06 2.32
N PRO A 64 -4.52 -14.90 2.04
CA PRO A 64 -5.20 -13.62 2.32
C PRO A 64 -5.55 -13.54 3.81
N VAL A 65 -5.15 -12.47 4.47
CA VAL A 65 -5.46 -12.37 5.92
C VAL A 65 -5.72 -10.92 6.36
N THR A 66 -5.14 -10.53 7.47
CA THR A 66 -5.32 -9.16 8.05
C THR A 66 -5.93 -8.16 7.08
N SER A 67 -7.02 -7.59 7.47
CA SER A 67 -7.68 -6.57 6.63
C SER A 67 -8.29 -5.52 7.54
N PHE A 68 -7.51 -4.57 7.90
CA PHE A 68 -8.03 -3.52 8.84
C PHE A 68 -7.49 -2.14 8.50
N GLN A 69 -7.81 -1.19 9.32
CA GLN A 69 -7.35 0.20 9.13
C GLN A 69 -6.40 0.54 10.28
N THR A 70 -5.32 -0.16 10.39
CA THR A 70 -4.39 0.14 11.50
C THR A 70 -2.96 -0.26 11.15
N VAL A 71 -2.04 0.63 11.36
CA VAL A 71 -0.62 0.31 11.07
C VAL A 71 -0.17 -0.83 11.97
N GLU A 72 -0.76 -0.93 13.13
CA GLU A 72 -0.39 -2.03 14.07
C GLU A 72 -0.36 -3.37 13.31
N GLU A 73 -1.42 -3.71 12.63
CA GLU A 73 -1.44 -4.99 11.88
C GLU A 73 -0.35 -4.98 10.81
N PHE A 74 -0.37 -3.99 9.95
CA PHE A 74 0.67 -3.92 8.90
C PHE A 74 2.04 -4.15 9.55
N TRP A 75 2.27 -3.53 10.67
CA TRP A 75 3.55 -3.72 11.39
C TRP A 75 3.77 -5.21 11.63
N ALA A 76 2.68 -5.93 11.80
CA ALA A 76 2.80 -7.40 12.01
C ALA A 76 3.59 -8.00 10.85
N ILE A 77 3.10 -7.83 9.65
CA ILE A 77 3.86 -8.39 8.50
C ILE A 77 5.32 -7.95 8.62
N ILE A 78 5.55 -6.84 9.29
CA ILE A 78 6.96 -6.39 9.50
C ILE A 78 7.54 -7.14 10.69
N GLN A 79 6.72 -7.47 11.65
CA GLN A 79 7.23 -8.23 12.83
C GLN A 79 8.05 -9.40 12.33
N ASN A 80 7.77 -9.83 11.13
CA ASN A 80 8.53 -10.95 10.50
C ASN A 80 9.96 -10.52 10.21
N ILE A 81 10.23 -9.26 10.38
CA ILE A 81 11.58 -8.73 10.08
C ILE A 81 12.16 -9.42 8.84
N PRO A 82 11.38 -9.40 7.79
CA PRO A 82 11.81 -10.00 6.51
C PRO A 82 12.68 -8.99 5.79
N GLU A 83 12.19 -7.79 5.72
CA GLU A 83 12.97 -6.69 5.06
C GLU A 83 13.33 -7.07 3.62
N PRO A 84 14.19 -6.28 3.04
CA PRO A 84 14.62 -6.51 1.64
C PRO A 84 15.79 -7.50 1.61
N HIS A 85 16.19 -7.98 2.76
CA HIS A 85 17.33 -8.94 2.81
C HIS A 85 17.35 -9.67 4.15
N GLU A 86 16.21 -9.80 4.77
CA GLU A 86 16.15 -10.50 6.08
C GLU A 86 15.20 -11.69 6.00
N LEU A 87 14.61 -11.92 4.85
CA LEU A 87 13.67 -13.06 4.70
C LEU A 87 14.23 -14.05 3.67
N PRO A 88 13.63 -15.21 3.60
CA PRO A 88 14.09 -16.24 2.63
C PRO A 88 13.73 -15.83 1.19
N LEU A 89 14.10 -14.64 0.80
CA LEU A 89 13.80 -14.14 -0.58
C LEU A 89 12.46 -14.65 -1.09
N LYS A 90 12.27 -14.60 -2.38
CA LYS A 90 11.00 -15.07 -3.00
C LYS A 90 9.80 -14.66 -2.17
N SER A 91 9.93 -13.63 -1.42
CA SER A 91 8.79 -13.16 -0.56
C SER A 91 7.78 -12.40 -1.40
N ASP A 92 6.58 -12.23 -0.91
CA ASP A 92 5.54 -11.48 -1.70
C ASP A 92 4.43 -10.98 -0.79
N TYR A 93 4.49 -9.74 -0.36
CA TYR A 93 3.41 -9.21 0.53
C TYR A 93 2.46 -8.32 -0.28
N HIS A 94 1.18 -8.42 -0.03
CA HIS A 94 0.22 -7.57 -0.81
C HIS A 94 -0.88 -7.03 0.11
N VAL A 95 -0.97 -5.73 0.23
CA VAL A 95 -2.03 -5.14 1.10
C VAL A 95 -2.68 -3.96 0.37
N PHE A 96 -3.98 -3.95 0.28
CA PHE A 96 -4.66 -2.83 -0.43
C PHE A 96 -6.17 -3.07 -0.47
N ARG A 97 -6.81 -2.86 -1.61
CA ARG A 97 -8.30 -3.07 -1.72
C ARG A 97 -9.03 -1.85 -1.16
N ASN A 98 -8.31 -0.84 -0.77
CA ASN A 98 -8.98 0.38 -0.23
C ASN A 98 -10.07 0.83 -1.20
N ASP A 99 -9.95 0.45 -2.44
CA ASP A 99 -10.98 0.86 -3.44
C ASP A 99 -10.72 0.21 -4.81
N VAL A 100 -9.96 -0.85 -4.88
CA VAL A 100 -9.69 -1.49 -6.19
C VAL A 100 -10.45 -2.83 -6.27
N ARG A 101 -9.81 -3.84 -6.79
CA ARG A 101 -10.47 -5.17 -6.90
C ARG A 101 -9.98 -6.10 -5.79
N PRO A 102 -10.34 -7.35 -5.90
CA PRO A 102 -9.97 -8.36 -4.89
C PRO A 102 -8.63 -9.07 -5.16
N GLU A 103 -7.81 -8.63 -6.08
CA GLU A 103 -6.52 -9.39 -6.28
C GLU A 103 -5.64 -8.74 -7.35
N TRP A 104 -4.36 -8.98 -7.28
CA TRP A 104 -3.44 -8.40 -8.31
C TRP A 104 -4.01 -8.75 -9.69
N GLU A 105 -4.79 -9.79 -9.74
CA GLU A 105 -5.40 -10.21 -11.03
C GLU A 105 -6.70 -9.43 -11.25
N ASP A 106 -6.88 -8.38 -10.48
CA ASP A 106 -8.10 -7.54 -10.62
C ASP A 106 -7.79 -6.14 -10.06
N GLU A 107 -7.08 -6.07 -8.98
CA GLU A 107 -6.72 -4.74 -8.40
C GLU A 107 -5.89 -3.97 -9.43
N ALA A 108 -5.15 -4.69 -10.20
CA ALA A 108 -4.32 -4.04 -11.26
C ALA A 108 -5.18 -3.90 -12.52
N ASN A 109 -6.32 -4.54 -12.50
CA ASN A 109 -7.25 -4.48 -13.66
C ASN A 109 -8.20 -3.31 -13.43
N ALA A 110 -8.37 -2.93 -12.20
CA ALA A 110 -9.27 -1.81 -11.87
C ALA A 110 -8.60 -0.48 -12.21
N LYS A 111 -7.64 -0.08 -11.42
CA LYS A 111 -6.93 1.21 -11.70
C LYS A 111 -5.96 1.02 -12.87
N GLY A 112 -5.22 -0.05 -12.85
CA GLY A 112 -4.27 -0.32 -13.98
C GLY A 112 -2.96 0.47 -13.83
N GLY A 113 -2.42 0.58 -12.64
CA GLY A 113 -1.13 1.31 -12.50
C GLY A 113 -0.24 0.60 -11.48
N LYS A 114 0.69 -0.22 -11.94
CA LYS A 114 1.57 -0.95 -10.98
C LYS A 114 3.02 -0.48 -11.11
N TRP A 115 3.50 0.31 -10.18
CA TRP A 115 4.91 0.79 -10.24
C TRP A 115 5.81 -0.19 -9.48
N SER A 116 6.57 -0.99 -10.17
CA SER A 116 7.44 -1.97 -9.47
C SER A 116 8.86 -1.41 -9.29
N PHE A 117 9.65 -2.07 -8.48
CA PHE A 117 11.05 -1.57 -8.25
C PHE A 117 12.00 -2.77 -8.15
N GLN A 118 12.84 -2.97 -9.13
CA GLN A 118 13.78 -4.11 -9.08
C GLN A 118 15.08 -3.71 -8.37
N LEU A 119 15.46 -4.42 -7.35
CA LEU A 119 16.72 -4.06 -6.62
C LEU A 119 17.63 -5.28 -6.49
N ARG A 120 18.89 -5.08 -6.28
CA ARG A 120 19.83 -6.22 -6.13
C ARG A 120 21.14 -5.74 -5.50
N GLY A 121 21.07 -4.87 -4.53
CA GLY A 121 22.31 -4.38 -3.87
C GLY A 121 22.10 -4.26 -2.37
N LYS A 122 21.59 -3.14 -1.91
CA LYS A 122 21.36 -2.97 -0.45
C LYS A 122 20.61 -4.19 0.12
N GLY A 123 20.33 -4.18 1.39
CA GLY A 123 19.61 -5.32 2.00
C GLY A 123 19.86 -5.36 3.51
N ALA A 124 19.07 -4.63 4.27
CA ALA A 124 19.26 -4.62 5.74
C ALA A 124 18.04 -4.00 6.43
N ASP A 125 17.59 -2.87 5.94
CA ASP A 125 16.40 -2.22 6.56
C ASP A 125 15.84 -1.16 5.61
N ILE A 126 15.76 -1.47 4.34
CA ILE A 126 15.22 -0.48 3.36
C ILE A 126 13.71 -0.70 3.14
N ASP A 127 13.25 -1.91 3.33
CA ASP A 127 11.80 -2.19 3.12
C ASP A 127 10.98 -1.70 4.31
N GLU A 128 11.63 -1.33 5.40
CA GLU A 128 10.87 -0.84 6.57
C GLU A 128 10.55 0.63 6.37
N LEU A 129 11.35 1.29 5.57
CA LEU A 129 11.12 2.72 5.29
C LEU A 129 10.21 2.87 4.07
N TRP A 130 10.45 2.09 3.05
CA TRP A 130 9.61 2.16 1.84
C TRP A 130 8.20 1.67 2.20
N LEU A 131 8.11 0.78 3.14
CA LEU A 131 6.78 0.27 3.56
C LEU A 131 6.06 1.34 4.37
N ARG A 132 6.69 1.86 5.40
CA ARG A 132 6.03 2.93 6.19
C ARG A 132 5.40 3.93 5.23
N THR A 133 5.98 4.05 4.07
CA THR A 133 5.43 5.00 3.06
C THR A 133 4.24 4.35 2.34
N LEU A 134 4.29 3.08 2.10
CA LEU A 134 3.15 2.41 1.41
C LEU A 134 1.98 2.25 2.39
N LEU A 135 2.15 1.45 3.41
CA LEU A 135 1.04 1.28 4.39
C LEU A 135 0.50 2.65 4.78
N ALA A 136 1.34 3.66 4.77
CA ALA A 136 0.86 5.02 5.13
C ALA A 136 0.09 5.63 3.96
N VAL A 137 0.51 5.33 2.76
CA VAL A 137 -0.17 5.89 1.56
C VAL A 137 -1.56 5.26 1.37
N ILE A 138 -1.84 4.18 2.04
CA ILE A 138 -3.18 3.54 1.86
C ILE A 138 -4.26 4.53 2.30
N GLY A 139 -4.04 5.23 3.37
CA GLY A 139 -5.05 6.22 3.85
C GLY A 139 -4.53 6.92 5.10
N GLU A 140 -3.25 7.19 5.17
CA GLU A 140 -2.70 7.86 6.38
C GLU A 140 -2.48 9.34 6.08
N THR A 141 -3.38 9.95 5.38
CA THR A 141 -3.26 11.40 5.06
C THR A 141 -1.79 11.79 4.82
N ILE A 142 -1.02 10.89 4.28
CA ILE A 142 0.42 11.19 4.03
C ILE A 142 0.56 12.35 3.04
N ASP A 143 -0.34 12.46 2.11
CA ASP A 143 -0.27 13.56 1.11
C ASP A 143 -1.45 13.48 0.14
N GLU A 144 -1.88 14.60 -0.37
CA GLU A 144 -3.03 14.59 -1.31
C GLU A 144 -2.63 13.93 -2.64
N ASP A 145 -1.35 13.89 -2.92
CA ASP A 145 -0.90 13.26 -4.19
C ASP A 145 -0.46 11.81 -3.94
N ASP A 146 -0.62 11.34 -2.73
CA ASP A 146 -0.22 9.93 -2.43
C ASP A 146 -1.30 9.24 -1.60
N SER A 147 -2.52 9.29 -2.05
CA SER A 147 -3.62 8.64 -1.29
C SER A 147 -4.68 8.08 -2.25
N GLN A 148 -4.94 8.77 -3.32
CA GLN A 148 -5.96 8.28 -4.29
C GLN A 148 -5.59 6.88 -4.78
N ILE A 149 -4.35 6.50 -4.63
CA ILE A 149 -3.92 5.15 -5.09
C ILE A 149 -4.90 4.07 -4.60
N ASN A 150 -4.71 2.83 -4.98
CA ASN A 150 -5.65 1.77 -4.55
C ASN A 150 -4.92 0.65 -3.81
N GLY A 151 -3.64 0.47 -4.01
CA GLY A 151 -2.96 -0.62 -3.28
C GLY A 151 -1.46 -0.64 -3.50
N VAL A 152 -0.78 -1.47 -2.75
CA VAL A 152 0.69 -1.61 -2.86
C VAL A 152 1.08 -3.07 -2.73
N VAL A 153 2.28 -3.42 -3.07
CA VAL A 153 2.71 -4.84 -2.96
C VAL A 153 4.23 -4.95 -2.82
N LEU A 154 4.69 -6.03 -2.29
CA LEU A 154 6.15 -6.24 -2.12
C LEU A 154 6.51 -7.67 -2.55
N SER A 155 7.68 -7.89 -3.06
CA SER A 155 8.04 -9.27 -3.50
C SER A 155 9.55 -9.42 -3.62
N ILE A 156 10.13 -10.29 -2.85
CA ILE A 156 11.59 -10.48 -2.95
C ILE A 156 11.91 -11.76 -3.73
N ARG A 157 13.10 -11.87 -4.25
CA ARG A 157 13.49 -13.07 -5.03
C ARG A 157 14.99 -13.32 -4.86
N LYS A 158 15.43 -14.53 -5.05
CA LYS A 158 16.88 -14.85 -4.91
C LYS A 158 17.74 -13.71 -5.46
N GLY A 159 17.41 -13.21 -6.63
CA GLY A 159 18.20 -12.10 -7.23
C GLY A 159 18.46 -11.03 -6.17
N GLY A 160 17.43 -10.48 -5.60
CA GLY A 160 17.62 -9.42 -4.57
C GLY A 160 16.28 -9.11 -3.92
N ASN A 161 15.53 -8.19 -4.48
CA ASN A 161 14.20 -7.85 -3.88
C ASN A 161 13.48 -6.83 -4.76
N LYS A 162 12.17 -6.78 -4.69
CA LYS A 162 11.42 -5.80 -5.53
C LYS A 162 10.03 -5.59 -4.93
N PHE A 163 9.41 -4.50 -5.26
CA PHE A 163 8.04 -4.23 -4.71
C PHE A 163 7.13 -3.74 -5.84
N ALA A 164 5.84 -3.89 -5.67
CA ALA A 164 4.89 -3.43 -6.73
C ALA A 164 3.87 -2.48 -6.12
N LEU A 165 3.87 -1.24 -6.53
CA LEU A 165 2.88 -0.28 -5.97
C LEU A 165 1.73 -0.10 -6.96
N TRP A 166 0.52 -0.13 -6.50
CA TRP A 166 -0.60 0.05 -7.45
C TRP A 166 -1.07 1.49 -7.40
N THR A 167 -1.70 1.94 -8.44
CA THR A 167 -2.17 3.35 -8.45
C THR A 167 -3.43 3.50 -9.29
N LYS A 168 -4.31 4.37 -8.89
CA LYS A 168 -5.57 4.59 -9.65
C LYS A 168 -5.27 4.65 -11.15
N SER A 169 -4.07 5.01 -11.51
CA SER A 169 -3.71 5.09 -12.95
C SER A 169 -4.49 6.19 -13.67
N GLU A 170 -5.32 6.91 -12.97
CA GLU A 170 -6.10 7.99 -13.62
C GLU A 170 -5.18 8.85 -14.49
N ASP A 171 -3.91 8.81 -14.24
CA ASP A 171 -2.95 9.62 -15.04
C ASP A 171 -1.52 9.19 -14.71
N LYS A 172 -0.80 8.69 -15.67
CA LYS A 172 0.60 8.25 -15.40
C LYS A 172 1.49 9.46 -15.14
N GLU A 173 1.05 10.63 -15.50
CA GLU A 173 1.90 11.83 -15.26
C GLU A 173 2.28 11.89 -13.78
N PRO A 174 1.27 11.95 -12.94
CA PRO A 174 1.51 12.00 -11.48
C PRO A 174 2.18 10.69 -11.04
N LEU A 175 2.10 9.66 -11.84
CA LEU A 175 2.77 8.39 -11.47
C LEU A 175 4.28 8.54 -11.66
N LEU A 176 4.70 8.81 -12.87
CA LEU A 176 6.15 9.00 -13.11
C LEU A 176 6.71 9.90 -12.01
N ARG A 177 5.87 10.70 -11.42
CA ARG A 177 6.34 11.59 -10.32
C ARG A 177 6.53 10.76 -9.04
N ILE A 178 5.67 9.80 -8.80
CA ILE A 178 5.82 8.96 -7.59
C ILE A 178 6.95 7.94 -7.81
N GLY A 179 6.94 7.29 -8.94
CA GLY A 179 8.02 6.31 -9.22
C GLY A 179 9.38 6.95 -8.94
N GLY A 180 9.55 8.18 -9.35
CA GLY A 180 10.85 8.86 -9.11
C GLY A 180 11.09 8.98 -7.60
N LYS A 181 10.21 9.64 -6.89
CA LYS A 181 10.41 9.78 -5.43
C LYS A 181 10.50 8.39 -4.79
N PHE A 182 9.47 7.59 -4.97
CA PHE A 182 9.50 6.22 -4.38
C PHE A 182 10.83 5.55 -4.73
N LYS A 183 11.41 5.88 -5.85
CA LYS A 183 12.70 5.27 -6.24
C LYS A 183 13.77 5.55 -5.19
N GLN A 184 13.84 6.77 -4.73
CA GLN A 184 14.85 7.12 -3.70
C GLN A 184 14.58 6.39 -2.39
N VAL A 185 13.34 6.30 -2.01
CA VAL A 185 13.01 5.59 -0.75
C VAL A 185 13.70 4.23 -0.73
N LEU A 186 13.81 3.61 -1.87
CA LEU A 186 14.48 2.28 -1.93
C LEU A 186 15.99 2.48 -2.01
N LYS A 187 16.43 3.71 -1.95
CA LYS A 187 17.89 3.98 -2.03
C LYS A 187 18.49 3.25 -3.23
N LEU A 188 17.71 3.10 -4.26
CA LEU A 188 18.21 2.39 -5.48
C LEU A 188 18.86 3.38 -6.45
N THR A 189 18.98 4.62 -6.04
CA THR A 189 19.60 5.65 -6.92
C THR A 189 20.78 5.05 -7.69
N ASP A 190 21.43 4.07 -7.14
CA ASP A 190 22.58 3.45 -7.85
C ASP A 190 22.14 2.98 -9.24
N ASP A 191 20.85 2.83 -9.44
CA ASP A 191 20.35 2.39 -10.76
C ASP A 191 18.94 2.93 -10.98
N GLY A 192 18.44 2.85 -12.19
CA GLY A 192 17.06 3.37 -12.45
C GLY A 192 16.06 2.57 -11.63
N HIS A 193 16.21 1.27 -11.59
CA HIS A 193 15.27 0.40 -10.81
C HIS A 193 13.88 1.02 -10.71
N LEU A 194 13.00 0.62 -11.59
CA LEU A 194 11.61 1.17 -11.57
C LEU A 194 10.81 0.58 -12.72
N GLU A 195 9.93 -0.34 -12.43
CA GLU A 195 9.13 -0.96 -13.53
C GLU A 195 7.75 -0.29 -13.60
N PHE A 196 7.32 0.07 -14.77
CA PHE A 196 5.98 0.71 -14.92
C PHE A 196 5.04 -0.25 -15.63
N PHE A 197 4.04 -0.73 -14.96
CA PHE A 197 3.09 -1.70 -15.60
C PHE A 197 1.64 -1.31 -15.33
N PRO A 198 1.01 -0.77 -16.33
CA PRO A 198 -0.41 -0.37 -16.23
C PRO A 198 -1.30 -1.61 -16.34
N HIS A 199 -2.59 -1.45 -16.27
CA HIS A 199 -3.50 -2.63 -16.38
C HIS A 199 -3.14 -3.44 -17.63
N SER A 200 -2.45 -2.84 -18.56
CA SER A 200 -2.08 -3.56 -19.81
C SER A 200 -1.19 -4.77 -19.48
N SER A 201 -0.60 -4.79 -18.33
CA SER A 201 0.28 -5.93 -17.96
C SER A 201 -0.55 -7.05 -17.34
N ALA A 202 -1.05 -6.84 -16.16
CA ALA A 202 -1.87 -7.88 -15.48
C ALA A 202 -3.01 -8.33 -16.40
N ASN A 203 -3.58 -7.42 -17.14
CA ASN A 203 -4.70 -7.79 -18.06
C ASN A 203 -4.16 -8.59 -19.25
N GLY A 204 -3.48 -7.94 -20.15
CA GLY A 204 -2.94 -8.65 -21.34
C GLY A 204 -3.57 -8.08 -22.61
N ARG A 205 -3.43 -6.80 -22.82
CA ARG A 205 -4.03 -6.18 -24.04
C ARG A 205 -3.20 -6.53 -25.27
N HIS A 206 -1.98 -6.07 -25.34
CA HIS A 206 -1.13 -6.39 -26.53
C HIS A 206 0.20 -5.61 -26.46
N PRO A 207 0.09 -4.31 -26.36
CA PRO A 207 1.30 -3.46 -26.30
C PRO A 207 2.02 -3.64 -24.96
N GLN A 208 3.24 -3.17 -24.86
CA GLN A 208 4.01 -3.30 -23.59
C GLN A 208 3.37 -2.47 -22.48
N PRO A 209 3.89 -2.64 -21.29
CA PRO A 209 3.36 -1.89 -20.13
C PRO A 209 3.76 -0.41 -20.22
N SER A 210 4.89 -0.04 -19.67
CA SER A 210 5.33 1.37 -19.74
C SER A 210 6.85 1.43 -19.86
N ILE A 211 7.54 0.89 -18.89
CA ILE A 211 9.03 0.89 -18.96
C ILE A 211 9.61 0.09 -17.81
N THR A 212 10.91 -0.05 -17.78
CA THR A 212 11.55 -0.83 -16.68
C THR A 212 12.98 -0.33 -16.44
N LEU A 213 13.14 0.52 -15.47
CA LEU A 213 14.50 1.06 -15.16
C LEU A 213 15.19 0.19 -14.11
N MET A 1 -27.61 34.09 7.44
CA MET A 1 -26.49 33.36 6.80
C MET A 1 -26.00 32.24 7.72
N SER A 2 -26.84 31.29 8.02
CA SER A 2 -26.43 30.17 8.91
C SER A 2 -27.64 29.29 9.27
N VAL A 3 -28.80 29.88 9.35
CA VAL A 3 -30.01 29.07 9.69
C VAL A 3 -30.38 28.15 8.52
N GLU A 4 -30.60 26.90 8.79
CA GLU A 4 -30.96 25.96 7.69
C GLU A 4 -32.37 26.26 7.17
N GLU A 5 -32.60 26.07 5.90
CA GLU A 5 -33.95 26.35 5.34
C GLU A 5 -34.08 25.71 3.96
N VAL A 6 -33.15 25.94 3.07
CA VAL A 6 -33.24 25.34 1.72
C VAL A 6 -32.80 23.87 1.76
N SER A 7 -33.61 23.02 2.34
CA SER A 7 -33.24 21.58 2.42
C SER A 7 -34.40 20.77 3.02
N LYS A 8 -34.19 19.51 3.27
CA LYS A 8 -35.27 18.67 3.86
C LYS A 8 -34.66 17.58 4.75
N LYS A 9 -35.09 17.50 5.98
CA LYS A 9 -34.53 16.46 6.89
C LYS A 9 -35.41 15.19 6.84
N PHE A 10 -34.89 14.13 6.32
CA PHE A 10 -35.69 12.87 6.24
C PHE A 10 -34.89 11.70 6.83
N GLU A 11 -34.64 11.72 8.11
CA GLU A 11 -33.87 10.61 8.73
C GLU A 11 -34.74 9.87 9.75
N GLU A 12 -34.13 9.17 10.67
CA GLU A 12 -34.93 8.42 11.68
C GLU A 12 -34.57 8.90 13.09
N ASN A 13 -35.45 9.63 13.73
CA ASN A 13 -35.15 10.12 15.10
C ASN A 13 -36.43 10.66 15.75
N VAL A 14 -37.48 9.90 15.72
CA VAL A 14 -38.76 10.37 16.34
C VAL A 14 -39.16 9.44 17.49
N SER A 15 -38.25 8.64 17.97
CA SER A 15 -38.58 7.71 19.09
C SER A 15 -38.67 8.49 20.41
N VAL A 16 -39.74 9.21 20.61
CA VAL A 16 -39.88 9.98 21.88
C VAL A 16 -38.65 10.86 22.11
N ASP A 17 -38.05 11.34 21.05
CA ASP A 17 -36.84 12.20 21.20
C ASP A 17 -36.87 13.34 20.18
N ASP A 18 -36.84 14.56 20.66
CA ASP A 18 -36.88 15.72 19.72
C ASP A 18 -35.60 16.54 19.84
N THR A 19 -34.55 16.15 19.17
CA THR A 19 -33.27 16.91 19.25
C THR A 19 -33.09 17.79 18.01
N THR A 20 -31.91 18.30 17.80
CA THR A 20 -31.68 19.17 16.61
C THR A 20 -30.22 19.62 16.56
N ALA A 21 -29.32 18.73 16.25
CA ALA A 21 -27.88 19.11 16.19
C ALA A 21 -27.03 17.91 15.77
N THR A 22 -27.49 17.16 14.80
CA THR A 22 -26.70 15.97 14.34
C THR A 22 -25.30 16.41 13.89
N PRO A 23 -25.27 17.31 12.95
CA PRO A 23 -23.99 17.81 12.42
C PRO A 23 -23.30 18.73 13.44
N LYS A 24 -24.00 19.11 14.47
CA LYS A 24 -23.38 20.00 15.50
C LYS A 24 -22.85 19.17 16.67
N THR A 25 -23.72 18.56 17.42
CA THR A 25 -23.26 17.74 18.57
C THR A 25 -23.01 16.29 18.12
N VAL A 26 -21.94 15.69 18.57
CA VAL A 26 -21.65 14.28 18.16
C VAL A 26 -20.88 13.56 19.28
N LEU A 27 -20.87 12.26 19.24
CA LEU A 27 -20.14 11.49 20.29
C LEU A 27 -19.81 10.09 19.79
N SER A 28 -19.42 9.97 18.55
CA SER A 28 -19.09 8.62 17.98
C SER A 28 -17.77 8.68 17.22
N ASP A 29 -17.81 9.01 15.96
CA ASP A 29 -16.56 9.09 15.16
C ASP A 29 -16.28 10.53 14.74
N SER A 30 -15.47 11.23 15.48
CA SER A 30 -15.17 12.65 15.12
C SER A 30 -13.69 12.79 14.76
N ALA A 31 -12.97 11.71 14.70
CA ALA A 31 -11.52 11.79 14.34
C ALA A 31 -11.25 11.00 13.06
N HIS A 32 -10.79 11.67 12.03
CA HIS A 32 -10.50 10.96 10.76
C HIS A 32 -9.02 11.08 10.40
N PHE A 33 -8.16 10.80 11.34
CA PHE A 33 -6.69 10.90 11.06
C PHE A 33 -5.89 10.52 12.31
N ASP A 34 -5.08 9.50 12.22
CA ASP A 34 -4.27 9.08 13.40
C ASP A 34 -3.08 8.24 12.96
N VAL A 35 -3.28 7.38 11.99
CA VAL A 35 -2.16 6.51 11.51
C VAL A 35 -1.59 5.67 12.65
N LYS A 36 -2.28 5.61 13.74
CA LYS A 36 -1.78 4.80 14.90
C LYS A 36 -2.70 3.61 15.14
N HIS A 37 -3.84 3.59 14.51
CA HIS A 37 -4.79 2.44 14.69
C HIS A 37 -6.08 2.72 13.92
N PRO A 38 -6.61 3.90 14.11
CA PRO A 38 -7.85 4.30 13.42
C PRO A 38 -7.53 5.00 12.10
N LEU A 39 -7.07 4.30 11.11
CA LEU A 39 -6.76 4.95 9.80
C LEU A 39 -8.02 5.60 9.23
N ASN A 40 -8.29 5.40 7.98
CA ASN A 40 -9.51 6.00 7.38
C ASN A 40 -9.95 5.17 6.17
N THR A 41 -9.48 3.95 6.06
CA THR A 41 -9.88 3.10 4.90
C THR A 41 -9.88 1.63 5.30
N LYS A 42 -10.34 0.79 4.42
CA LYS A 42 -10.34 -0.68 4.74
C LYS A 42 -9.53 -1.45 3.69
N TRP A 43 -8.53 -2.17 4.12
CA TRP A 43 -7.72 -2.96 3.15
C TRP A 43 -7.51 -4.37 3.68
N THR A 44 -6.89 -5.21 2.90
CA THR A 44 -6.66 -6.62 3.35
C THR A 44 -5.20 -7.00 3.23
N LEU A 45 -4.80 -8.07 3.84
CA LEU A 45 -3.37 -8.47 3.81
C LEU A 45 -3.19 -9.87 3.21
N TRP A 46 -2.88 -9.94 1.93
CA TRP A 46 -2.70 -11.27 1.28
C TRP A 46 -1.22 -11.45 0.92
N TYR A 47 -0.53 -12.30 1.63
CA TYR A 47 0.91 -12.52 1.32
C TYR A 47 1.13 -13.93 0.79
N THR A 48 2.26 -14.16 0.16
CA THR A 48 2.52 -15.52 -0.41
C THR A 48 3.94 -15.98 -0.08
N LYS A 49 4.10 -17.25 0.17
CA LYS A 49 5.46 -17.80 0.47
C LYS A 49 5.89 -18.75 -0.65
N PRO A 50 7.16 -19.04 -0.66
CA PRO A 50 7.72 -19.95 -1.70
C PRO A 50 7.30 -21.40 -1.42
N ALA A 51 6.24 -21.85 -2.03
CA ALA A 51 5.80 -23.25 -1.81
C ALA A 51 5.48 -23.93 -3.14
N VAL A 52 4.26 -23.84 -3.57
CA VAL A 52 3.84 -24.46 -4.88
C VAL A 52 3.65 -25.98 -4.75
N ASP A 53 4.31 -26.61 -3.81
CA ASP A 53 4.16 -28.08 -3.66
C ASP A 53 2.95 -28.39 -2.77
N LYS A 54 2.48 -27.42 -2.06
CA LYS A 54 1.31 -27.61 -1.18
C LYS A 54 0.01 -27.50 -1.99
N SER A 55 0.14 -27.39 -3.28
CA SER A 55 -1.05 -27.25 -4.19
C SER A 55 -0.63 -26.58 -5.49
N GLU A 56 0.56 -26.01 -5.53
CA GLU A 56 1.04 -25.32 -6.76
C GLU A 56 -0.04 -24.40 -7.32
N SER A 57 -0.71 -23.69 -6.45
CA SER A 57 -1.77 -22.75 -6.91
C SER A 57 -1.54 -21.39 -6.23
N TRP A 58 -1.34 -20.36 -7.01
CA TRP A 58 -1.11 -19.04 -6.38
C TRP A 58 -2.16 -18.80 -5.30
N SER A 59 -3.33 -19.37 -5.47
CA SER A 59 -4.40 -19.20 -4.47
C SER A 59 -4.17 -20.14 -3.28
N ASP A 60 -3.35 -21.14 -3.47
CA ASP A 60 -3.07 -22.09 -2.36
C ASP A 60 -1.87 -21.62 -1.55
N LEU A 61 -1.07 -20.73 -2.11
CA LEU A 61 0.10 -20.23 -1.35
C LEU A 61 -0.22 -18.88 -0.74
N LEU A 62 -0.57 -17.93 -1.56
CA LEU A 62 -0.90 -16.60 -1.03
C LEU A 62 -2.04 -16.75 -0.02
N ARG A 63 -1.83 -16.31 1.19
CA ARG A 63 -2.91 -16.44 2.21
C ARG A 63 -3.54 -15.08 2.51
N PRO A 64 -4.81 -15.00 2.29
CA PRO A 64 -5.53 -13.74 2.54
C PRO A 64 -5.83 -13.58 4.03
N VAL A 65 -5.38 -12.51 4.65
CA VAL A 65 -5.63 -12.35 6.10
C VAL A 65 -5.87 -10.88 6.50
N THR A 66 -5.29 -10.49 7.61
CA THR A 66 -5.44 -9.11 8.17
C THR A 66 -6.02 -8.10 7.19
N SER A 67 -7.17 -7.59 7.51
CA SER A 67 -7.79 -6.55 6.66
C SER A 67 -8.37 -5.49 7.58
N PHE A 68 -7.60 -4.51 7.90
CA PHE A 68 -8.10 -3.45 8.83
C PHE A 68 -7.75 -2.03 8.36
N GLN A 69 -8.02 -1.08 9.19
CA GLN A 69 -7.73 0.33 8.87
C GLN A 69 -6.84 0.89 9.98
N THR A 70 -5.84 0.15 10.32
CA THR A 70 -4.93 0.57 11.41
C THR A 70 -3.48 0.51 10.93
N VAL A 71 -2.57 0.42 11.85
CA VAL A 71 -1.13 0.34 11.48
C VAL A 71 -0.48 -0.87 12.17
N GLU A 72 -0.95 -1.21 13.34
CA GLU A 72 -0.37 -2.38 14.06
C GLU A 72 -0.44 -3.62 13.16
N GLU A 73 -1.52 -3.79 12.45
CA GLU A 73 -1.65 -4.98 11.55
C GLU A 73 -0.54 -4.94 10.50
N PHE A 74 -0.59 -3.99 9.61
CA PHE A 74 0.46 -3.89 8.57
C PHE A 74 1.83 -3.98 9.23
N TRP A 75 2.03 -3.22 10.28
CA TRP A 75 3.33 -3.25 10.98
C TRP A 75 3.64 -4.69 11.39
N ALA A 76 2.62 -5.47 11.59
CA ALA A 76 2.84 -6.90 11.97
C ALA A 76 3.65 -7.58 10.89
N ILE A 77 3.14 -7.62 9.68
CA ILE A 77 3.90 -8.26 8.57
C ILE A 77 5.33 -7.72 8.58
N ILE A 78 5.52 -6.50 9.02
CA ILE A 78 6.89 -5.93 9.08
C ILE A 78 7.61 -6.44 10.33
N GLN A 79 6.86 -6.64 11.39
CA GLN A 79 7.49 -7.15 12.64
C GLN A 79 8.37 -8.35 12.31
N ASN A 80 7.99 -9.10 11.32
CA ASN A 80 8.79 -10.29 10.92
C ASN A 80 10.04 -9.85 10.17
N ILE A 81 10.08 -8.60 9.80
CA ILE A 81 11.23 -8.05 9.04
C ILE A 81 11.84 -9.11 8.11
N PRO A 82 11.00 -9.76 7.33
CA PRO A 82 11.48 -10.80 6.39
C PRO A 82 11.71 -10.18 5.02
N GLU A 83 11.23 -8.99 4.83
CA GLU A 83 11.41 -8.30 3.52
C GLU A 83 12.82 -7.73 3.35
N PRO A 84 13.38 -7.19 4.42
CA PRO A 84 14.74 -6.60 4.31
C PRO A 84 15.78 -7.72 4.12
N HIS A 85 15.58 -8.55 3.13
CA HIS A 85 16.54 -9.66 2.90
C HIS A 85 16.61 -10.54 4.13
N GLU A 86 15.47 -10.82 4.71
CA GLU A 86 15.45 -11.66 5.94
C GLU A 86 14.61 -12.92 5.69
N LEU A 87 14.05 -13.05 4.52
CA LEU A 87 13.22 -14.25 4.24
C LEU A 87 13.67 -14.92 2.93
N PRO A 88 12.98 -15.97 2.57
CA PRO A 88 13.30 -16.69 1.32
C PRO A 88 12.89 -15.84 0.13
N LEU A 89 13.74 -15.71 -0.85
CA LEU A 89 13.39 -14.87 -2.03
C LEU A 89 12.07 -15.32 -2.64
N LYS A 90 11.79 -14.88 -3.84
CA LYS A 90 10.52 -15.28 -4.50
C LYS A 90 9.33 -14.93 -3.60
N SER A 91 9.56 -14.07 -2.66
CA SER A 91 8.47 -13.68 -1.72
C SER A 91 7.38 -12.87 -2.44
N ASP A 92 6.24 -12.73 -1.84
CA ASP A 92 5.14 -11.94 -2.51
C ASP A 92 4.09 -11.50 -1.51
N TYR A 93 4.20 -10.31 -0.98
CA TYR A 93 3.17 -9.83 -0.01
C TYR A 93 2.21 -8.87 -0.71
N HIS A 94 0.96 -8.83 -0.33
CA HIS A 94 0.01 -7.90 -1.01
C HIS A 94 -1.00 -7.32 -0.02
N VAL A 95 -1.25 -6.04 -0.12
CA VAL A 95 -2.23 -5.41 0.80
C VAL A 95 -2.94 -4.27 0.05
N PHE A 96 -4.24 -4.32 -0.03
CA PHE A 96 -4.97 -3.24 -0.77
C PHE A 96 -6.46 -3.56 -0.85
N ARG A 97 -7.23 -2.67 -1.44
CA ARG A 97 -8.71 -2.87 -1.59
C ARG A 97 -9.42 -1.51 -1.72
N ASN A 98 -8.73 -0.44 -1.38
CA ASN A 98 -9.36 0.91 -1.47
C ASN A 98 -9.86 1.22 -2.89
N ASP A 99 -9.50 0.43 -3.86
CA ASP A 99 -9.96 0.72 -5.25
C ASP A 99 -10.41 -0.55 -5.96
N VAL A 100 -9.59 -1.57 -5.96
CA VAL A 100 -9.96 -2.83 -6.65
C VAL A 100 -10.36 -3.88 -5.61
N ARG A 101 -9.82 -5.07 -5.65
CA ARG A 101 -10.22 -6.07 -4.63
C ARG A 101 -9.64 -7.48 -4.87
N PRO A 102 -9.86 -8.00 -6.05
CA PRO A 102 -9.38 -9.37 -6.39
C PRO A 102 -7.87 -9.59 -6.12
N GLU A 103 -6.98 -9.20 -7.01
CA GLU A 103 -5.54 -9.48 -6.72
C GLU A 103 -4.64 -9.01 -7.87
N TRP A 104 -3.37 -9.27 -7.79
CA TRP A 104 -2.46 -8.85 -8.89
C TRP A 104 -3.07 -9.25 -10.25
N GLU A 105 -3.98 -10.17 -10.25
CA GLU A 105 -4.62 -10.62 -11.52
C GLU A 105 -5.78 -9.67 -11.86
N ASP A 106 -6.12 -8.80 -10.96
CA ASP A 106 -7.21 -7.82 -11.21
C ASP A 106 -6.88 -6.51 -10.46
N GLU A 107 -6.34 -6.61 -9.29
CA GLU A 107 -5.95 -5.38 -8.54
C GLU A 107 -5.22 -4.46 -9.51
N ALA A 108 -4.46 -5.04 -10.38
CA ALA A 108 -3.72 -4.24 -11.39
C ALA A 108 -4.72 -3.84 -12.47
N ASN A 109 -5.58 -4.75 -12.84
CA ASN A 109 -6.61 -4.45 -13.86
C ASN A 109 -7.34 -3.17 -13.44
N ALA A 110 -7.32 -2.88 -12.17
CA ALA A 110 -7.99 -1.68 -11.64
C ALA A 110 -7.05 -0.48 -11.65
N LYS A 111 -6.06 -0.50 -10.80
CA LYS A 111 -5.10 0.64 -10.75
C LYS A 111 -4.57 0.94 -12.15
N GLY A 112 -4.30 -0.08 -12.91
CA GLY A 112 -3.80 0.14 -14.30
C GLY A 112 -2.28 0.38 -14.29
N GLY A 113 -1.73 1.00 -13.27
CA GLY A 113 -0.25 1.25 -13.28
C GLY A 113 0.43 0.53 -12.12
N LYS A 114 1.34 -0.37 -12.41
CA LYS A 114 2.05 -1.09 -11.32
C LYS A 114 3.53 -0.69 -11.28
N TRP A 115 3.91 0.12 -10.33
CA TRP A 115 5.35 0.54 -10.24
C TRP A 115 6.16 -0.57 -9.59
N SER A 116 6.95 -1.27 -10.37
CA SER A 116 7.76 -2.38 -9.79
C SER A 116 9.21 -1.93 -9.55
N PHE A 117 9.76 -2.23 -8.41
CA PHE A 117 11.17 -1.82 -8.12
C PHE A 117 12.05 -3.07 -8.04
N GLN A 118 12.86 -3.30 -9.04
CA GLN A 118 13.75 -4.50 -9.02
C GLN A 118 15.12 -4.13 -8.45
N LEU A 119 15.41 -4.58 -7.24
CA LEU A 119 16.73 -4.25 -6.63
C LEU A 119 17.62 -5.49 -6.62
N ARG A 120 18.89 -5.33 -6.91
CA ARG A 120 19.81 -6.51 -6.92
C ARG A 120 20.40 -6.72 -5.52
N GLY A 121 20.23 -5.77 -4.64
CA GLY A 121 20.78 -5.93 -3.26
C GLY A 121 21.30 -4.58 -2.77
N LYS A 122 21.28 -4.36 -1.48
CA LYS A 122 21.78 -3.06 -0.94
C LYS A 122 22.21 -3.23 0.52
N GLY A 123 21.29 -3.56 1.39
CA GLY A 123 21.65 -3.73 2.82
C GLY A 123 20.51 -4.44 3.56
N ALA A 124 19.51 -3.72 3.98
CA ALA A 124 18.38 -4.36 4.70
C ALA A 124 17.47 -3.29 5.34
N ASP A 125 17.99 -2.12 5.58
CA ASP A 125 17.15 -1.05 6.21
C ASP A 125 16.24 -0.41 5.16
N ILE A 126 16.24 -0.94 3.97
CA ILE A 126 15.36 -0.37 2.89
C ILE A 126 13.90 -0.67 3.19
N ASP A 127 13.64 -1.59 4.08
CA ASP A 127 12.24 -1.94 4.41
C ASP A 127 11.60 -0.88 5.31
N GLU A 128 12.38 0.02 5.83
CA GLU A 128 11.79 1.07 6.71
C GLU A 128 11.25 2.21 5.87
N LEU A 129 12.01 2.63 4.89
CA LEU A 129 11.56 3.73 4.01
C LEU A 129 10.62 3.16 2.95
N TRP A 130 10.82 1.91 2.62
CA TRP A 130 9.95 1.24 1.64
C TRP A 130 8.53 1.17 2.21
N LEU A 131 8.43 0.73 3.43
CA LEU A 131 7.10 0.63 4.07
C LEU A 131 6.61 1.99 4.57
N ARG A 132 7.44 2.69 5.31
CA ARG A 132 7.02 4.02 5.83
C ARG A 132 6.31 4.78 4.71
N THR A 133 6.65 4.49 3.50
CA THR A 133 5.99 5.18 2.36
C THR A 133 4.72 4.43 1.96
N LEU A 134 4.73 3.13 2.06
CA LEU A 134 3.52 2.34 1.69
C LEU A 134 2.52 2.38 2.86
N LEU A 135 2.96 2.02 4.04
CA LEU A 135 2.03 2.04 5.21
C LEU A 135 1.51 3.46 5.41
N ALA A 136 2.30 4.45 5.10
CA ALA A 136 1.84 5.86 5.26
C ALA A 136 0.89 6.22 4.12
N VAL A 137 1.08 5.62 2.99
CA VAL A 137 0.22 5.91 1.81
C VAL A 137 -1.24 5.43 2.04
N ILE A 138 -1.44 4.45 2.88
CA ILE A 138 -2.84 3.96 3.09
C ILE A 138 -3.51 4.71 4.24
N GLY A 139 -2.78 4.99 5.28
CA GLY A 139 -3.38 5.71 6.44
C GLY A 139 -2.86 7.15 6.50
N GLU A 140 -1.87 7.47 5.71
CA GLU A 140 -1.33 8.86 5.75
C GLU A 140 -1.12 9.38 4.32
N THR A 141 -2.15 9.37 3.53
CA THR A 141 -2.03 9.86 2.14
C THR A 141 -3.06 10.97 1.86
N ILE A 142 -3.49 11.65 2.89
CA ILE A 142 -4.50 12.73 2.70
C ILE A 142 -4.13 13.57 1.46
N ASP A 143 -2.90 13.98 1.36
CA ASP A 143 -2.48 14.80 0.18
C ASP A 143 -3.00 14.16 -1.12
N GLU A 144 -2.79 14.82 -2.22
CA GLU A 144 -3.26 14.26 -3.52
C GLU A 144 -2.21 13.32 -4.12
N ASP A 145 -1.38 12.73 -3.29
CA ASP A 145 -0.33 11.82 -3.81
C ASP A 145 -0.94 10.42 -4.07
N ASP A 146 -1.11 9.65 -3.04
CA ASP A 146 -1.70 8.29 -3.22
C ASP A 146 -3.00 8.15 -2.43
N SER A 147 -3.72 9.22 -2.26
CA SER A 147 -4.99 9.16 -1.49
C SER A 147 -6.01 8.27 -2.23
N GLN A 148 -6.14 8.45 -3.51
CA GLN A 148 -7.11 7.62 -4.29
C GLN A 148 -6.37 6.47 -4.98
N ILE A 149 -5.20 6.13 -4.52
CA ILE A 149 -4.43 5.01 -5.15
C ILE A 149 -5.31 3.74 -5.17
N ASN A 150 -4.72 2.61 -5.43
CA ASN A 150 -5.51 1.35 -5.46
C ASN A 150 -4.94 0.34 -4.49
N GLY A 151 -3.65 0.17 -4.46
CA GLY A 151 -3.06 -0.82 -3.52
C GLY A 151 -1.55 -0.93 -3.73
N VAL A 152 -0.90 -1.70 -2.91
CA VAL A 152 0.57 -1.88 -3.03
C VAL A 152 0.93 -3.36 -2.95
N VAL A 153 2.10 -3.71 -3.38
CA VAL A 153 2.51 -5.15 -3.32
C VAL A 153 4.02 -5.28 -3.09
N LEU A 154 4.44 -6.42 -2.63
CA LEU A 154 5.89 -6.66 -2.38
C LEU A 154 6.24 -8.07 -2.86
N SER A 155 7.39 -8.27 -3.43
CA SER A 155 7.73 -9.64 -3.91
C SER A 155 9.23 -9.77 -4.14
N ILE A 156 9.87 -10.70 -3.48
CA ILE A 156 11.32 -10.90 -3.69
C ILE A 156 11.51 -12.00 -4.74
N ARG A 157 12.66 -12.08 -5.32
CA ARG A 157 12.91 -13.14 -6.36
C ARG A 157 14.40 -13.46 -6.45
N LYS A 158 15.16 -12.61 -7.11
CA LYS A 158 16.62 -12.88 -7.23
C LYS A 158 17.30 -12.77 -5.87
N GLY A 159 18.47 -12.19 -5.82
CA GLY A 159 19.18 -12.07 -4.52
C GLY A 159 18.93 -10.68 -3.93
N GLY A 160 17.84 -10.07 -4.28
CA GLY A 160 17.54 -8.71 -3.73
C GLY A 160 16.07 -8.63 -3.31
N ASN A 161 15.22 -8.13 -4.18
CA ASN A 161 13.78 -8.03 -3.84
C ASN A 161 13.04 -7.21 -4.91
N LYS A 162 11.73 -7.30 -4.95
CA LYS A 162 10.97 -6.52 -5.96
C LYS A 162 9.60 -6.13 -5.40
N PHE A 163 9.30 -4.86 -5.37
CA PHE A 163 7.98 -4.43 -4.82
C PHE A 163 7.08 -3.92 -5.95
N ALA A 164 5.79 -4.01 -5.79
CA ALA A 164 4.87 -3.55 -6.87
C ALA A 164 3.84 -2.54 -6.33
N LEU A 165 3.93 -1.31 -6.77
CA LEU A 165 2.96 -0.28 -6.30
C LEU A 165 1.78 -0.18 -7.28
N TRP A 166 0.57 -0.22 -6.79
CA TRP A 166 -0.59 -0.12 -7.71
C TRP A 166 -1.29 1.22 -7.56
N THR A 167 -1.59 1.84 -8.67
CA THR A 167 -2.25 3.17 -8.60
C THR A 167 -3.63 3.11 -9.25
N LYS A 168 -4.65 3.42 -8.49
CA LYS A 168 -6.04 3.40 -9.04
C LYS A 168 -6.05 3.91 -10.48
N SER A 169 -5.25 4.90 -10.77
CA SER A 169 -5.17 5.48 -12.16
C SER A 169 -4.67 6.93 -12.06
N GLU A 170 -5.56 7.83 -11.77
CA GLU A 170 -5.18 9.27 -11.66
C GLU A 170 -4.12 9.65 -12.69
N ASP A 171 -4.10 8.99 -13.83
CA ASP A 171 -3.10 9.32 -14.86
C ASP A 171 -1.71 8.94 -14.36
N LYS A 172 -0.94 8.28 -15.17
CA LYS A 172 0.42 7.87 -14.75
C LYS A 172 1.31 9.09 -14.52
N GLU A 173 0.98 10.21 -15.11
CA GLU A 173 1.82 11.42 -14.89
C GLU A 173 2.11 11.58 -13.40
N PRO A 174 1.07 11.75 -12.64
CA PRO A 174 1.22 11.90 -11.18
C PRO A 174 1.76 10.60 -10.59
N LEU A 175 1.71 9.52 -11.32
CA LEU A 175 2.27 8.25 -10.78
C LEU A 175 3.78 8.26 -10.95
N LEU A 176 4.25 8.46 -12.15
CA LEU A 176 5.71 8.53 -12.36
C LEU A 176 6.28 9.49 -11.32
N ARG A 177 5.47 10.38 -10.82
CA ARG A 177 5.95 11.33 -9.79
C ARG A 177 6.13 10.58 -8.46
N ILE A 178 5.18 9.78 -8.08
CA ILE A 178 5.33 9.01 -6.82
C ILE A 178 6.43 7.96 -7.01
N GLY A 179 6.40 7.25 -8.10
CA GLY A 179 7.45 6.24 -8.35
C GLY A 179 8.81 6.90 -8.13
N GLY A 180 9.00 8.07 -8.67
CA GLY A 180 10.30 8.77 -8.47
C GLY A 180 10.63 8.78 -6.98
N LYS A 181 9.70 9.17 -6.16
CA LYS A 181 9.95 9.16 -4.70
C LYS A 181 10.33 7.75 -4.26
N PHE A 182 9.60 6.77 -4.72
CA PHE A 182 9.92 5.36 -4.37
C PHE A 182 11.20 4.93 -5.09
N LYS A 183 11.59 5.67 -6.08
CA LYS A 183 12.82 5.31 -6.84
C LYS A 183 14.04 5.43 -5.92
N GLN A 184 14.09 6.46 -5.12
CA GLN A 184 15.25 6.64 -4.20
C GLN A 184 14.98 5.98 -2.86
N VAL A 185 13.75 6.01 -2.41
CA VAL A 185 13.43 5.39 -1.09
C VAL A 185 14.11 4.03 -0.95
N LEU A 186 14.30 3.34 -2.03
CA LEU A 186 14.97 2.01 -1.95
C LEU A 186 16.44 2.19 -1.58
N LYS A 187 16.88 3.41 -1.54
CA LYS A 187 18.30 3.68 -1.20
C LYS A 187 19.23 2.97 -2.19
N LEU A 188 18.85 2.95 -3.44
CA LEU A 188 19.71 2.26 -4.44
C LEU A 188 20.93 3.14 -4.79
N THR A 189 21.41 3.06 -5.99
CA THR A 189 22.59 3.87 -6.38
C THR A 189 22.17 5.26 -6.84
N ASP A 190 21.10 5.78 -6.31
CA ASP A 190 20.64 7.14 -6.74
C ASP A 190 20.40 7.14 -8.26
N ASP A 191 20.41 5.98 -8.87
CA ASP A 191 20.18 5.92 -10.34
C ASP A 191 18.70 6.11 -10.67
N GLY A 192 17.83 5.57 -9.87
CA GLY A 192 16.37 5.72 -10.13
C GLY A 192 15.79 4.38 -10.59
N HIS A 193 16.50 3.31 -10.38
CA HIS A 193 15.99 1.97 -10.81
C HIS A 193 14.49 1.86 -10.55
N LEU A 194 13.79 1.17 -11.39
CA LEU A 194 12.32 1.03 -11.22
C LEU A 194 11.73 0.29 -12.42
N GLU A 195 10.46 0.00 -12.39
CA GLU A 195 9.83 -0.71 -13.53
C GLU A 195 8.37 -0.27 -13.69
N PHE A 196 8.09 0.53 -14.67
CA PHE A 196 6.67 0.98 -14.88
C PHE A 196 5.94 -0.05 -15.73
N PHE A 197 4.91 -0.64 -15.19
CA PHE A 197 4.15 -1.67 -15.96
C PHE A 197 2.64 -1.42 -15.85
N PRO A 198 1.99 -1.41 -16.98
CA PRO A 198 0.53 -1.20 -17.01
C PRO A 198 -0.18 -2.50 -16.63
N HIS A 199 -1.28 -2.42 -15.94
CA HIS A 199 -2.00 -3.66 -15.53
C HIS A 199 -2.09 -4.62 -16.72
N SER A 200 -2.05 -4.11 -17.91
CA SER A 200 -2.13 -4.98 -19.11
C SER A 200 -1.01 -6.04 -19.09
N SER A 201 -0.03 -5.85 -18.26
CA SER A 201 1.08 -6.84 -18.19
C SER A 201 0.69 -8.05 -17.34
N ALA A 202 -0.24 -7.87 -16.44
CA ALA A 202 -0.67 -9.01 -15.58
C ALA A 202 -1.77 -9.82 -16.27
N ASN A 203 -2.95 -9.27 -16.37
CA ASN A 203 -4.06 -10.01 -17.03
C ASN A 203 -3.57 -10.67 -18.32
N GLY A 204 -2.54 -10.14 -18.92
CA GLY A 204 -2.01 -10.74 -20.18
C GLY A 204 -2.46 -9.91 -21.38
N ARG A 205 -3.34 -8.97 -21.17
CA ARG A 205 -3.82 -8.13 -22.30
C ARG A 205 -2.72 -7.15 -22.73
N HIS A 206 -2.14 -7.36 -23.88
CA HIS A 206 -1.06 -6.45 -24.35
C HIS A 206 -0.04 -6.23 -23.24
N PRO A 207 0.91 -7.13 -23.16
CA PRO A 207 1.97 -7.03 -22.13
C PRO A 207 2.96 -5.92 -22.49
N GLN A 208 2.49 -4.72 -22.63
CA GLN A 208 3.40 -3.59 -22.97
C GLN A 208 3.75 -2.79 -21.73
N PRO A 209 4.98 -2.92 -21.30
CA PRO A 209 5.45 -2.21 -20.09
C PRO A 209 5.58 -0.70 -20.37
N SER A 210 6.33 0.00 -19.55
CA SER A 210 6.50 1.46 -19.77
C SER A 210 7.98 1.80 -19.70
N ILE A 211 8.61 1.57 -18.58
CA ILE A 211 10.06 1.88 -18.49
C ILE A 211 10.71 1.00 -17.43
N THR A 212 12.01 1.00 -17.36
CA THR A 212 12.70 0.17 -16.34
C THR A 212 14.08 0.74 -16.04
N LEU A 213 14.19 1.44 -14.96
CA LEU A 213 15.51 2.02 -14.58
C LEU A 213 16.42 0.95 -13.98
#